data_9EVA
#
_entry.id   9EVA
#
_cell.length_a   1.00
_cell.length_b   1.00
_cell.length_c   1.00
_cell.angle_alpha   90.00
_cell.angle_beta   90.00
_cell.angle_gamma   90.00
#
_symmetry.space_group_name_H-M   'P 1'
#
loop_
_entity.id
_entity.type
_entity.pdbx_description
1 polymer 'Neur_chan_LBD domain-containing protein'
2 non-polymer 'CALCIUM ION'
#
_entity_poly.entity_id   1
_entity_poly.type   'polypeptide(L)'
_entity_poly.pdbx_seq_one_letter_code
;MHNLQQLLPTRSLIWIFSFLTSISIWCTVAHAETEGRVQHFTGYIEDGRGIFYSLPDMKQGDIIYASMQNTGGNLDPLVG
IMAEEIDPAVSLGQVLEKALASENDLISELTAVADRIFLGWDDDGGKGYSASLEFTIPRDGTYHIFAGSTITNQRLDKFQ
PTYTTGSFQLILGLNAPQVISGEGEPEGEVFASLASLEIKPEAHVQELEIRLDKDTRYLTQHTRNLQPGDTFHALVEPIG
EAPLPRLRLTDSGGKPLAFGLIDQPGESVELNYTCDQDICELVVHVDGTDGQKDSGEAVYRLLVGINAPNLRESGQTPVG
SSVFLESDLVTVGLAVDQIVGVDQRSENFSVVGTLKLSWHDPKLGFSPDQCGCTVKSFEDASIRAVAGEINLPLPSFSFY
NQQGNRWSQNQVIFVTPDGRASYFERFTVTLQAPDFDFLAYPFDRQKFSIKVDLAVPTNMFIFNEIERFQQVVGDQLGEE
EWVVTSYSQEITEVPFERGSTNSRFTTTLLVKRNLEYYILRIFVPLFLIISVSWVIFFLKDYGRQLEVASGNLLVFVAFN
FTISGDLPRLGYLTVLDRFMIVSFCLTAIVVLISVCQKRLGAVGKQAVAAQIDTWVLVIYPLVYSLYIIWVYLRFFTDHI
GW
;
_entity_poly.pdbx_strand_id   A,B,C,D,E
#
loop_
_chem_comp.id
_chem_comp.type
_chem_comp.name
_chem_comp.formula
CA non-polymer 'CALCIUM ION' 'Ca 2'
#
# COMPACT_ATOMS: atom_id res chain seq x y z
N ARG A 37 -41.94 33.62 -34.03
CA ARG A 37 -41.70 32.48 -34.90
C ARG A 37 -40.26 31.97 -34.73
N VAL A 38 -40.11 30.89 -33.97
CA VAL A 38 -38.81 30.34 -33.62
C VAL A 38 -38.78 28.86 -33.96
N GLN A 39 -37.66 28.41 -34.52
CA GLN A 39 -37.51 27.02 -34.92
C GLN A 39 -36.10 26.54 -34.54
N HIS A 40 -35.99 25.27 -34.17
CA HIS A 40 -34.72 24.67 -33.77
C HIS A 40 -34.29 23.61 -34.77
N PHE A 41 -32.97 23.49 -34.94
CA PHE A 41 -32.37 22.48 -35.80
C PHE A 41 -31.08 21.98 -35.16
N THR A 42 -30.74 20.73 -35.44
CA THR A 42 -29.50 20.13 -34.97
C THR A 42 -28.87 19.33 -36.10
N GLY A 43 -27.55 19.36 -36.20
CA GLY A 43 -26.87 18.66 -37.26
C GLY A 43 -25.44 18.33 -36.89
N TYR A 44 -24.69 17.87 -37.89
CA TYR A 44 -23.29 17.48 -37.75
C TYR A 44 -22.52 17.94 -38.97
N ILE A 45 -21.32 18.47 -38.74
CA ILE A 45 -20.45 18.96 -39.81
C ILE A 45 -19.22 18.08 -39.87
N GLU A 46 -18.87 17.64 -41.08
CA GLU A 46 -17.72 16.77 -41.30
C GLU A 46 -16.79 17.41 -42.31
N ASP A 47 -15.60 17.79 -41.87
CA ASP A 47 -14.52 18.27 -42.73
C ASP A 47 -14.98 19.42 -43.63
N GLY A 48 -15.72 20.36 -43.05
CA GLY A 48 -16.16 21.53 -43.78
C GLY A 48 -17.14 21.25 -44.90
N ARG A 49 -18.13 20.41 -44.63
CA ARG A 49 -19.23 20.15 -45.57
C ARG A 49 -20.49 20.72 -44.94
N GLY A 50 -20.98 21.82 -45.51
CA GLY A 50 -22.07 22.56 -44.92
C GLY A 50 -23.44 21.96 -45.20
N ILE A 51 -24.44 22.55 -44.55
CA ILE A 51 -25.83 22.13 -44.67
C ILE A 51 -26.66 23.33 -45.08
N PHE A 52 -27.49 23.15 -46.10
CA PHE A 52 -28.38 24.20 -46.58
C PHE A 52 -29.76 24.06 -45.96
N TYR A 53 -30.36 25.20 -45.62
CA TYR A 53 -31.73 25.26 -45.14
C TYR A 53 -32.52 26.23 -46.00
N SER A 54 -33.74 25.85 -46.35
CA SER A 54 -34.57 26.61 -47.28
C SER A 54 -35.59 27.46 -46.52
N LEU A 55 -35.72 28.71 -46.93
CA LEU A 55 -36.70 29.64 -46.37
C LEU A 55 -37.70 30.02 -47.46
N PRO A 56 -38.75 29.23 -47.65
CA PRO A 56 -39.64 29.45 -48.80
C PRO A 56 -40.49 30.71 -48.64
N ASP A 57 -40.49 31.54 -49.69
CA ASP A 57 -41.38 32.68 -49.85
C ASP A 57 -41.40 33.62 -48.66
N MET A 58 -40.26 34.23 -48.35
CA MET A 58 -40.26 35.35 -47.41
C MET A 58 -40.82 36.59 -48.09
N LYS A 59 -41.30 37.52 -47.26
CA LYS A 59 -41.87 38.77 -47.74
C LYS A 59 -40.93 39.93 -47.43
N GLN A 60 -40.93 40.93 -48.32
CA GLN A 60 -40.13 42.12 -48.12
C GLN A 60 -40.52 42.82 -46.84
N GLY A 61 -39.51 43.26 -46.07
CA GLY A 61 -39.73 43.87 -44.78
C GLY A 61 -39.54 42.95 -43.59
N ASP A 62 -39.42 41.64 -43.82
CA ASP A 62 -39.19 40.72 -42.72
C ASP A 62 -37.75 40.81 -42.23
N ILE A 63 -37.54 40.42 -40.98
CA ILE A 63 -36.22 40.41 -40.36
C ILE A 63 -35.88 38.97 -39.97
N ILE A 64 -34.76 38.46 -40.49
CA ILE A 64 -34.29 37.13 -40.15
C ILE A 64 -33.27 37.22 -39.02
N TYR A 65 -33.31 36.26 -38.11
CA TYR A 65 -32.33 36.14 -37.04
C TYR A 65 -31.74 34.73 -37.05
N ALA A 66 -30.45 34.63 -36.77
CA ALA A 66 -29.76 33.34 -36.76
C ALA A 66 -28.77 33.29 -35.61
N SER A 67 -28.59 32.11 -35.06
CA SER A 67 -27.59 31.87 -34.02
C SER A 67 -27.16 30.41 -34.08
N MET A 68 -25.85 30.17 -33.99
CA MET A 68 -25.29 28.84 -34.11
C MET A 68 -24.26 28.62 -33.02
N GLN A 69 -24.43 27.57 -32.23
CA GLN A 69 -23.58 27.29 -31.08
C GLN A 69 -22.97 25.90 -31.19
N ASN A 70 -21.75 25.76 -30.69
CA ASN A 70 -21.05 24.48 -30.69
C ASN A 70 -21.52 23.64 -29.52
N THR A 71 -21.86 22.37 -29.80
CA THR A 71 -22.33 21.45 -28.78
C THR A 71 -21.45 20.21 -28.64
N GLY A 72 -20.32 20.15 -29.35
CA GLY A 72 -19.43 19.02 -29.26
C GLY A 72 -18.35 19.08 -30.31
N GLY A 73 -17.13 18.68 -29.96
CA GLY A 73 -16.01 18.76 -30.89
C GLY A 73 -15.37 20.14 -30.90
N ASN A 74 -14.62 20.39 -31.96
CA ASN A 74 -13.89 21.65 -32.14
C ASN A 74 -14.51 22.54 -33.20
N LEU A 75 -15.80 22.39 -33.49
CA LEU A 75 -16.45 23.14 -34.56
C LEU A 75 -16.42 24.64 -34.28
N ASP A 76 -16.15 25.41 -35.32
CA ASP A 76 -16.21 26.87 -35.28
C ASP A 76 -17.33 27.35 -36.19
N PRO A 77 -18.48 27.77 -35.65
CA PRO A 77 -19.65 28.02 -36.49
C PRO A 77 -19.46 29.19 -37.47
N LEU A 78 -20.14 29.08 -38.61
CA LEU A 78 -20.25 30.15 -39.60
C LEU A 78 -21.62 30.05 -40.25
N VAL A 79 -22.25 31.20 -40.48
CA VAL A 79 -23.60 31.26 -41.05
C VAL A 79 -23.63 32.32 -42.16
N GLY A 80 -24.33 32.00 -43.24
CA GLY A 80 -24.49 32.94 -44.34
C GLY A 80 -25.83 32.75 -45.01
N ILE A 81 -26.33 33.81 -45.64
CA ILE A 81 -27.64 33.82 -46.28
C ILE A 81 -27.49 34.28 -47.72
N MET A 82 -28.24 33.63 -48.62
CA MET A 82 -28.13 33.91 -50.04
C MET A 82 -29.43 33.53 -50.73
N ALA A 83 -29.62 34.04 -51.95
CA ALA A 83 -30.82 33.76 -52.72
C ALA A 83 -30.72 32.45 -53.48
N GLU A 84 -29.77 32.35 -54.40
CA GLU A 84 -29.63 31.13 -55.20
C GLU A 84 -28.67 30.16 -54.52
N GLU A 85 -29.10 28.90 -54.41
CA GLU A 85 -28.33 27.88 -53.71
C GLU A 85 -27.15 27.43 -54.58
N ILE A 86 -25.94 27.74 -54.14
CA ILE A 86 -24.72 27.27 -54.78
C ILE A 86 -23.76 26.79 -53.70
N ASP A 87 -23.06 25.70 -53.96
CA ASP A 87 -22.15 25.12 -52.98
C ASP A 87 -20.92 26.00 -52.81
N PRO A 88 -20.65 26.52 -51.61
CA PRO A 88 -19.47 27.37 -51.42
C PRO A 88 -18.15 26.61 -51.39
N ALA A 89 -18.17 25.27 -51.49
CA ALA A 89 -16.96 24.49 -51.28
C ALA A 89 -15.87 24.86 -52.28
N VAL A 90 -16.23 25.01 -53.56
CA VAL A 90 -15.23 25.30 -54.59
C VAL A 90 -14.58 26.66 -54.34
N SER A 91 -15.36 27.66 -53.94
CA SER A 91 -14.81 28.99 -53.72
C SER A 91 -13.99 29.05 -52.43
N LEU A 92 -14.50 28.45 -51.36
CA LEU A 92 -13.79 28.48 -50.08
C LEU A 92 -12.51 27.66 -50.12
N GLY A 93 -12.46 26.62 -50.95
CA GLY A 93 -11.24 25.83 -51.06
C GLY A 93 -10.04 26.63 -51.54
N GLN A 94 -10.26 27.59 -52.44
CA GLN A 94 -9.17 28.43 -52.92
C GLN A 94 -8.57 29.28 -51.82
N VAL A 95 -9.35 29.62 -50.79
CA VAL A 95 -8.81 30.37 -49.66
C VAL A 95 -7.82 29.51 -48.88
N LEU A 96 -8.16 28.24 -48.67
CA LEU A 96 -7.21 27.33 -48.04
C LEU A 96 -6.01 27.06 -48.93
N GLU A 97 -6.20 27.10 -50.25
CA GLU A 97 -5.10 26.89 -51.18
C GLU A 97 -4.08 28.01 -51.13
N LYS A 98 -4.51 29.22 -50.82
CA LYS A 98 -3.60 30.33 -50.89
C LYS A 98 -2.85 30.49 -49.61
N ALA A 99 -3.50 30.24 -48.50
CA ALA A 99 -2.90 30.46 -47.23
C ALA A 99 -1.91 29.40 -46.99
N LEU A 100 -2.21 28.19 -47.45
CA LEU A 100 -1.31 27.08 -47.24
C LEU A 100 0.01 27.28 -47.95
N ALA A 101 0.10 28.26 -48.81
CA ALA A 101 1.33 28.37 -49.58
C ALA A 101 2.06 29.63 -49.31
N SER A 102 1.44 30.53 -48.57
CA SER A 102 2.08 31.81 -48.41
C SER A 102 1.69 32.50 -47.17
N GLU A 103 1.76 33.82 -47.19
CA GLU A 103 1.33 34.59 -46.05
C GLU A 103 -0.13 34.76 -46.33
N ASN A 104 -0.46 35.47 -47.40
CA ASN A 104 -1.84 35.64 -47.85
C ASN A 104 -2.85 36.28 -46.91
N ASP A 105 -2.61 36.27 -45.60
CA ASP A 105 -3.50 36.93 -44.67
C ASP A 105 -4.92 36.42 -44.76
N LEU A 106 -5.16 35.22 -44.30
CA LEU A 106 -6.50 34.67 -44.23
C LEU A 106 -7.63 35.59 -43.90
N ILE A 107 -7.50 36.47 -42.91
CA ILE A 107 -8.65 37.28 -42.48
C ILE A 107 -9.01 38.27 -43.53
N SER A 108 -8.09 38.57 -44.41
CA SER A 108 -8.44 39.42 -45.52
C SER A 108 -9.08 38.57 -46.57
N GLU A 109 -8.42 37.51 -47.01
CA GLU A 109 -9.00 36.72 -48.10
C GLU A 109 -10.39 36.09 -47.82
N LEU A 110 -10.67 35.73 -46.60
CA LEU A 110 -11.95 35.17 -46.22
C LEU A 110 -13.06 36.22 -46.29
N THR A 111 -12.77 37.43 -45.82
CA THR A 111 -13.78 38.49 -45.86
C THR A 111 -14.14 38.84 -47.31
N ALA A 112 -13.14 38.94 -48.18
CA ALA A 112 -13.41 39.27 -49.58
C ALA A 112 -14.23 38.20 -50.26
N VAL A 113 -13.93 36.93 -50.00
CA VAL A 113 -14.69 35.85 -50.62
C VAL A 113 -16.10 35.78 -50.05
N ALA A 114 -16.25 35.98 -48.74
CA ALA A 114 -17.56 35.91 -48.12
C ALA A 114 -18.46 37.04 -48.60
N ASP A 115 -17.91 38.24 -48.74
CA ASP A 115 -18.70 39.37 -49.22
C ASP A 115 -19.18 39.19 -50.65
N ARG A 116 -18.63 38.24 -51.38
CA ARG A 116 -19.08 37.90 -52.72
C ARG A 116 -20.08 36.74 -52.70
N ILE A 117 -19.78 35.69 -51.91
CA ILE A 117 -20.63 34.50 -51.90
C ILE A 117 -21.98 34.81 -51.26
N PHE A 118 -21.98 35.51 -50.12
CA PHE A 118 -23.17 35.70 -49.32
C PHE A 118 -23.63 37.15 -49.36
N LEU A 119 -24.95 37.33 -49.19
CA LEU A 119 -25.49 38.66 -48.99
C LEU A 119 -25.27 39.15 -47.56
N GLY A 120 -25.18 38.22 -46.62
CA GLY A 120 -24.93 38.55 -45.23
C GLY A 120 -24.38 37.38 -44.45
N TRP A 121 -23.53 37.63 -43.46
CA TRP A 121 -22.84 36.55 -42.77
C TRP A 121 -22.30 37.07 -41.45
N ASP A 122 -21.89 36.13 -40.59
CA ASP A 122 -21.30 36.47 -39.31
C ASP A 122 -20.44 35.30 -38.85
N ASP A 123 -19.28 35.61 -38.26
CA ASP A 123 -18.35 34.59 -37.80
C ASP A 123 -18.40 34.43 -36.28
N ASP A 124 -18.13 35.49 -35.51
CA ASP A 124 -17.91 35.39 -34.08
C ASP A 124 -18.72 36.43 -33.30
N GLY A 125 -19.93 36.71 -33.76
CA GLY A 125 -20.73 37.75 -33.13
C GLY A 125 -21.35 37.40 -31.80
N GLY A 126 -21.30 36.12 -31.41
CA GLY A 126 -21.92 35.67 -30.19
C GLY A 126 -20.93 35.39 -29.08
N LYS A 127 -21.38 34.62 -28.09
CA LYS A 127 -20.55 34.28 -26.94
C LYS A 127 -19.49 33.28 -27.39
N GLY A 128 -18.23 33.72 -27.35
CA GLY A 128 -17.15 32.87 -27.82
C GLY A 128 -17.03 32.93 -29.33
N TYR A 129 -16.95 31.77 -29.96
CA TYR A 129 -16.83 31.67 -31.42
C TYR A 129 -18.18 31.47 -32.10
N SER A 130 -19.28 31.59 -31.36
CA SER A 130 -20.60 31.40 -31.92
C SER A 130 -21.01 32.60 -32.77
N ALA A 131 -21.84 32.34 -33.77
CA ALA A 131 -22.28 33.36 -34.72
C ALA A 131 -23.69 33.83 -34.41
N SER A 132 -23.98 35.08 -34.78
CA SER A 132 -25.30 35.65 -34.65
C SER A 132 -25.50 36.65 -35.77
N LEU A 133 -26.66 36.62 -36.41
CA LEU A 133 -26.89 37.37 -37.64
C LEU A 133 -28.27 37.99 -37.67
N GLU A 134 -28.34 39.26 -38.09
CA GLU A 134 -29.59 39.95 -38.37
C GLU A 134 -29.59 40.36 -39.83
N PHE A 135 -30.67 40.07 -40.54
CA PHE A 135 -30.73 40.31 -41.98
C PHE A 135 -32.14 40.73 -42.36
N THR A 136 -32.28 41.94 -42.90
CA THR A 136 -33.56 42.44 -43.39
C THR A 136 -33.80 41.93 -44.81
N ILE A 137 -34.95 41.30 -45.02
CA ILE A 137 -35.29 40.69 -46.31
C ILE A 137 -35.40 41.76 -47.38
N PRO A 138 -34.51 41.78 -48.39
CA PRO A 138 -34.48 42.88 -49.36
C PRO A 138 -35.76 43.04 -50.16
N ARG A 139 -36.12 42.01 -50.93
CA ARG A 139 -37.30 41.99 -51.78
C ARG A 139 -38.13 40.76 -51.45
N ASP A 140 -39.15 40.48 -52.25
CA ASP A 140 -40.04 39.35 -52.04
C ASP A 140 -39.51 38.14 -52.81
N GLY A 141 -39.49 36.99 -52.14
CA GLY A 141 -39.02 35.76 -52.74
C GLY A 141 -38.56 34.79 -51.67
N THR A 142 -37.81 33.78 -52.11
CA THR A 142 -37.26 32.75 -51.23
C THR A 142 -35.74 32.89 -51.13
N TYR A 143 -35.18 32.41 -50.04
CA TYR A 143 -33.75 32.50 -49.79
C TYR A 143 -33.25 31.21 -49.16
N HIS A 144 -31.92 31.10 -49.06
CA HIS A 144 -31.25 29.94 -48.50
C HIS A 144 -30.32 30.35 -47.37
N ILE A 145 -30.25 29.52 -46.33
CA ILE A 145 -29.37 29.72 -45.19
C ILE A 145 -28.31 28.63 -45.22
N PHE A 146 -27.05 29.02 -45.08
CA PHE A 146 -25.91 28.11 -45.15
C PHE A 146 -25.24 28.04 -43.78
N ALA A 147 -25.12 26.84 -43.23
CA ALA A 147 -24.42 26.60 -41.98
C ALA A 147 -23.23 25.70 -42.24
N GLY A 148 -22.12 25.98 -41.57
CA GLY A 148 -20.90 25.25 -41.83
C GLY A 148 -19.77 25.67 -40.93
N SER A 149 -18.54 25.45 -41.40
CA SER A 149 -17.33 25.71 -40.64
C SER A 149 -16.49 26.77 -41.33
N THR A 150 -15.94 27.70 -40.54
CA THR A 150 -15.01 28.68 -41.06
C THR A 150 -13.59 28.10 -41.11
N ILE A 151 -12.66 28.91 -41.60
CA ILE A 151 -11.25 28.54 -41.67
C ILE A 151 -10.52 29.23 -40.53
N THR A 152 -9.90 28.44 -39.66
CA THR A 152 -9.27 28.97 -38.45
C THR A 152 -7.97 28.22 -38.17
N ASN A 153 -7.17 28.81 -37.29
CA ASN A 153 -5.97 28.18 -36.75
C ASN A 153 -6.17 27.92 -35.27
N GLN A 154 -5.73 26.75 -34.80
CA GLN A 154 -5.92 26.35 -33.41
C GLN A 154 -4.63 25.82 -32.80
N ARG A 155 -3.48 26.35 -33.19
CA ARG A 155 -2.19 25.91 -32.68
C ARG A 155 -1.30 27.11 -32.40
N LEU A 156 -0.36 26.94 -31.48
CA LEU A 156 0.60 27.97 -31.14
C LEU A 156 2.04 27.61 -31.51
N ASP A 157 2.31 26.36 -31.87
CA ASP A 157 3.64 25.97 -32.29
C ASP A 157 3.91 26.30 -33.76
N LYS A 158 2.89 26.18 -34.61
CA LYS A 158 3.00 26.52 -36.01
C LYS A 158 1.64 26.99 -36.50
N PHE A 159 1.64 27.66 -37.66
CA PHE A 159 0.43 28.20 -38.25
C PHE A 159 -0.05 27.27 -39.35
N GLN A 160 -1.29 26.79 -39.22
CA GLN A 160 -1.87 25.86 -40.19
C GLN A 160 -3.38 26.04 -40.20
N PRO A 161 -3.92 26.80 -41.17
CA PRO A 161 -5.38 26.94 -41.26
C PRO A 161 -6.04 25.66 -41.71
N THR A 162 -7.17 25.33 -41.08
CA THR A 162 -7.90 24.09 -41.34
C THR A 162 -9.38 24.30 -41.11
N TYR A 163 -10.17 23.32 -41.52
CA TYR A 163 -11.59 23.28 -41.21
C TYR A 163 -11.81 22.68 -39.81
N THR A 164 -13.07 22.56 -39.41
CA THR A 164 -13.43 22.05 -38.10
C THR A 164 -14.61 21.09 -38.23
N THR A 165 -14.76 20.22 -37.23
CA THR A 165 -15.80 19.20 -37.23
C THR A 165 -16.49 19.17 -35.87
N GLY A 166 -17.77 18.84 -35.88
CA GLY A 166 -18.51 18.71 -34.64
C GLY A 166 -20.00 18.87 -34.86
N SER A 167 -20.73 18.80 -33.75
CA SER A 167 -22.18 18.97 -33.74
C SER A 167 -22.53 20.42 -33.41
N PHE A 168 -23.74 20.83 -33.79
CA PHE A 168 -24.15 22.21 -33.61
C PHE A 168 -25.64 22.29 -33.34
N GLN A 169 -26.04 23.42 -32.75
CA GLN A 169 -27.43 23.76 -32.53
C GLN A 169 -27.72 25.09 -33.23
N LEU A 170 -28.77 25.12 -34.05
CA LEU A 170 -29.11 26.29 -34.86
C LEU A 170 -30.50 26.76 -34.48
N ILE A 171 -30.62 28.05 -34.16
CA ILE A 171 -31.91 28.67 -33.82
C ILE A 171 -32.18 29.75 -34.85
N LEU A 172 -33.32 29.64 -35.54
CA LEU A 172 -33.73 30.61 -36.54
C LEU A 172 -35.01 31.30 -36.09
N GLY A 173 -35.08 32.61 -36.33
CA GLY A 173 -36.25 33.39 -35.96
C GLY A 173 -36.69 34.30 -37.10
N LEU A 174 -37.97 34.61 -37.12
CA LEU A 174 -38.55 35.54 -38.08
C LEU A 174 -39.30 36.62 -37.32
N ASN A 175 -38.81 37.86 -37.42
CA ASN A 175 -39.38 39.00 -36.69
C ASN A 175 -39.47 38.71 -35.20
N ALA A 176 -38.43 38.07 -34.66
CA ALA A 176 -38.33 37.73 -33.25
C ALA A 176 -37.00 38.23 -32.73
N PRO A 177 -36.93 39.48 -32.26
CA PRO A 177 -35.64 40.08 -31.89
C PRO A 177 -34.95 39.40 -30.71
N GLN A 178 -35.61 38.48 -30.01
CA GLN A 178 -34.97 37.82 -28.88
C GLN A 178 -34.06 36.68 -29.31
N VAL A 179 -34.03 36.34 -30.61
CA VAL A 179 -33.21 35.24 -31.08
C VAL A 179 -31.71 35.56 -30.95
N ILE A 180 -31.32 36.81 -31.17
CA ILE A 180 -29.91 37.18 -31.17
C ILE A 180 -29.32 37.04 -29.77
N SER A 181 -30.18 36.94 -28.76
CA SER A 181 -29.71 36.64 -27.41
C SER A 181 -29.31 35.18 -27.28
N GLY A 182 -29.73 34.31 -28.20
CA GLY A 182 -29.41 32.90 -28.15
C GLY A 182 -30.31 32.06 -27.28
N GLU A 183 -31.39 32.63 -26.74
CA GLU A 183 -32.27 31.93 -25.82
C GLU A 183 -33.70 31.83 -26.32
N GLY A 184 -33.93 31.95 -27.62
CA GLY A 184 -35.27 31.93 -28.15
C GLY A 184 -35.90 30.54 -28.07
N GLU A 185 -37.04 30.44 -27.39
CA GLU A 185 -37.81 29.21 -27.29
C GLU A 185 -38.72 29.07 -28.51
N PRO A 186 -38.96 27.84 -28.98
CA PRO A 186 -39.81 27.66 -30.17
C PRO A 186 -41.21 28.22 -29.96
N GLU A 187 -41.73 28.88 -31.00
CA GLU A 187 -43.04 29.51 -30.93
C GLU A 187 -43.60 29.66 -32.33
N GLY A 188 -44.92 29.82 -32.40
CA GLY A 188 -45.56 30.10 -33.68
C GLY A 188 -45.58 28.89 -34.61
N GLU A 189 -45.77 29.19 -35.89
CA GLU A 189 -45.85 28.18 -36.93
C GLU A 189 -44.59 28.20 -37.77
N VAL A 190 -44.07 27.02 -38.11
CA VAL A 190 -42.78 26.85 -38.76
C VAL A 190 -42.74 27.60 -40.08
N PHE A 191 -41.53 27.96 -40.52
CA PHE A 191 -41.34 28.70 -41.77
C PHE A 191 -40.17 28.21 -42.61
N ALA A 192 -39.27 27.40 -42.08
CA ALA A 192 -38.11 26.91 -42.81
C ALA A 192 -38.00 25.39 -42.63
N SER A 193 -37.35 24.75 -43.59
CA SER A 193 -37.23 23.29 -43.59
C SER A 193 -35.88 22.89 -44.17
N LEU A 194 -35.52 21.63 -43.93
CA LEU A 194 -34.29 21.08 -44.48
C LEU A 194 -34.33 21.05 -46.01
N ALA A 195 -33.26 21.51 -46.63
CA ALA A 195 -33.19 21.54 -48.09
C ALA A 195 -32.90 20.17 -48.69
N SER A 196 -32.11 19.34 -48.00
CA SER A 196 -31.69 18.07 -48.58
C SER A 196 -32.86 17.13 -48.81
N LEU A 197 -33.97 17.32 -48.09
CA LEU A 197 -35.13 16.47 -48.23
C LEU A 197 -35.82 16.60 -49.59
N GLU A 198 -35.48 17.64 -50.37
CA GLU A 198 -36.13 17.86 -51.66
C GLU A 198 -35.61 16.95 -52.76
N ILE A 199 -34.49 16.26 -52.56
CA ILE A 199 -33.84 15.48 -53.60
C ILE A 199 -33.54 14.08 -53.08
N LYS A 200 -33.07 13.22 -53.99
CA LYS A 200 -32.76 11.85 -53.64
C LYS A 200 -31.61 11.80 -52.64
N PRO A 201 -31.66 10.90 -51.65
CA PRO A 201 -30.55 10.81 -50.68
C PRO A 201 -29.26 10.35 -51.34
N GLU A 202 -28.14 10.76 -50.74
CA GLU A 202 -26.83 10.45 -51.28
C GLU A 202 -26.43 9.02 -50.92
N ALA A 203 -26.02 8.25 -51.93
CA ALA A 203 -25.67 6.85 -51.71
C ALA A 203 -24.22 6.72 -51.25
N HIS A 204 -23.97 5.67 -50.46
CA HIS A 204 -22.63 5.26 -50.07
C HIS A 204 -22.45 3.80 -50.46
N VAL A 205 -21.31 3.49 -51.08
CA VAL A 205 -21.03 2.13 -51.54
C VAL A 205 -19.61 1.76 -51.11
N GLN A 206 -19.45 0.54 -50.62
CA GLN A 206 -18.15 0.04 -50.19
C GLN A 206 -18.03 -1.43 -50.56
N GLU A 207 -16.83 -1.82 -50.98
CA GLU A 207 -16.55 -3.19 -51.37
C GLU A 207 -15.38 -3.73 -50.57
N LEU A 208 -15.50 -4.98 -50.14
CA LEU A 208 -14.48 -5.65 -49.36
C LEU A 208 -14.25 -7.06 -49.87
N GLU A 209 -13.01 -7.52 -49.79
CA GLU A 209 -12.65 -8.89 -50.11
C GLU A 209 -12.36 -9.63 -48.81
N ILE A 210 -13.03 -10.77 -48.61
CA ILE A 210 -12.93 -11.52 -47.36
C ILE A 210 -12.61 -12.98 -47.68
N ARG A 211 -11.92 -13.63 -46.75
CA ARG A 211 -11.50 -15.01 -46.91
C ARG A 211 -11.85 -15.80 -45.65
N LEU A 212 -12.43 -16.98 -45.84
CA LEU A 212 -12.83 -17.84 -44.73
C LEU A 212 -11.83 -18.99 -44.60
N ASP A 213 -10.86 -18.80 -43.72
CA ASP A 213 -9.88 -19.84 -43.45
C ASP A 213 -10.52 -21.03 -42.75
N LYS A 214 -9.71 -22.08 -42.53
CA LYS A 214 -10.22 -23.30 -41.91
C LYS A 214 -10.76 -23.03 -40.51
N ASP A 215 -10.05 -22.22 -39.73
CA ASP A 215 -10.45 -21.91 -38.36
C ASP A 215 -11.22 -20.60 -38.23
N THR A 216 -11.50 -19.91 -39.35
CA THR A 216 -12.15 -18.61 -39.33
C THR A 216 -13.32 -18.60 -40.31
N ARG A 217 -14.19 -19.60 -40.17
CA ARG A 217 -15.33 -19.75 -41.07
C ARG A 217 -16.48 -18.79 -40.77
N TYR A 218 -16.40 -18.00 -39.70
CA TYR A 218 -17.46 -17.08 -39.33
C TYR A 218 -16.89 -15.67 -39.26
N LEU A 219 -17.58 -14.71 -39.86
CA LEU A 219 -17.12 -13.32 -39.91
C LEU A 219 -18.29 -12.38 -39.67
N THR A 220 -18.02 -11.30 -38.93
CA THR A 220 -19.02 -10.29 -38.62
C THR A 220 -18.44 -8.90 -38.80
N GLN A 221 -19.28 -7.97 -39.24
CA GLN A 221 -18.89 -6.58 -39.44
C GLN A 221 -19.98 -5.65 -38.92
N HIS A 222 -19.57 -4.52 -38.36
CA HIS A 222 -20.48 -3.53 -37.81
C HIS A 222 -20.64 -2.34 -38.76
N THR A 223 -21.85 -1.84 -38.87
CA THR A 223 -22.18 -0.73 -39.74
C THR A 223 -22.35 0.55 -38.93
N ARG A 224 -22.22 1.68 -39.62
CA ARG A 224 -22.52 2.97 -39.01
C ARG A 224 -24.03 3.10 -38.78
N ASN A 225 -24.41 4.11 -37.99
CA ASN A 225 -25.81 4.30 -37.66
C ASN A 225 -26.63 4.68 -38.88
N LEU A 226 -27.86 4.20 -38.93
CA LEU A 226 -28.81 4.51 -39.99
C LEU A 226 -29.97 5.34 -39.44
N GLN A 227 -30.33 6.39 -40.17
CA GLN A 227 -31.47 7.22 -39.81
C GLN A 227 -32.78 6.58 -40.28
N PRO A 228 -33.90 6.93 -39.66
CA PRO A 228 -35.19 6.36 -40.08
C PRO A 228 -35.50 6.71 -41.53
N GLY A 229 -36.08 5.74 -42.23
CA GLY A 229 -36.38 5.89 -43.64
C GLY A 229 -35.29 5.43 -44.58
N ASP A 230 -34.09 5.16 -44.07
CA ASP A 230 -32.99 4.72 -44.91
C ASP A 230 -33.18 3.27 -45.33
N THR A 231 -32.35 2.83 -46.28
CA THR A 231 -32.41 1.47 -46.79
C THR A 231 -31.00 0.89 -46.85
N PHE A 232 -30.90 -0.43 -46.76
CA PHE A 232 -29.63 -1.13 -46.71
C PHE A 232 -29.64 -2.27 -47.73
N HIS A 233 -28.55 -2.41 -48.46
CA HIS A 233 -28.40 -3.46 -49.46
C HIS A 233 -27.04 -4.11 -49.33
N ALA A 234 -26.98 -5.42 -49.58
CA ALA A 234 -25.74 -6.17 -49.53
C ALA A 234 -25.82 -7.37 -50.47
N LEU A 235 -24.67 -7.76 -50.99
CA LEU A 235 -24.59 -8.92 -51.87
C LEU A 235 -23.19 -9.52 -51.78
N VAL A 236 -23.10 -10.82 -52.07
CA VAL A 236 -21.85 -11.56 -52.00
C VAL A 236 -21.68 -12.39 -53.27
N GLU A 237 -20.47 -12.36 -53.84
CA GLU A 237 -20.14 -13.12 -55.03
C GLU A 237 -18.74 -13.72 -54.85
N PRO A 238 -18.60 -15.03 -55.03
CA PRO A 238 -17.29 -15.66 -54.81
C PRO A 238 -16.29 -15.29 -55.89
N ILE A 239 -15.01 -15.31 -55.51
CA ILE A 239 -13.94 -15.05 -56.46
C ILE A 239 -13.87 -16.15 -57.51
N GLY A 240 -13.99 -17.41 -57.11
CA GLY A 240 -13.89 -18.51 -58.04
C GLY A 240 -14.93 -19.59 -57.82
N GLU A 241 -14.46 -20.83 -57.68
CA GLU A 241 -15.33 -21.99 -57.52
C GLU A 241 -15.76 -22.23 -56.08
N ALA A 242 -15.53 -21.27 -55.18
CA ALA A 242 -15.88 -21.45 -53.79
C ALA A 242 -17.40 -21.59 -53.63
N PRO A 243 -17.86 -22.41 -52.70
CA PRO A 243 -19.31 -22.57 -52.51
C PRO A 243 -19.94 -21.31 -51.94
N LEU A 244 -21.23 -21.13 -52.24
CA LEU A 244 -21.94 -19.94 -51.77
C LEU A 244 -22.17 -20.03 -50.27
N PRO A 245 -21.73 -19.05 -49.49
CA PRO A 245 -21.98 -19.06 -48.06
C PRO A 245 -23.35 -18.45 -47.71
N ARG A 246 -23.72 -18.58 -46.45
CA ARG A 246 -24.97 -18.01 -45.96
C ARG A 246 -24.74 -16.58 -45.49
N LEU A 247 -25.75 -15.73 -45.67
CA LEU A 247 -25.69 -14.32 -45.34
C LEU A 247 -26.93 -13.92 -44.56
N ARG A 248 -26.75 -13.11 -43.52
CA ARG A 248 -27.87 -12.64 -42.71
C ARG A 248 -27.52 -11.32 -42.06
N LEU A 249 -28.55 -10.61 -41.60
CA LEU A 249 -28.41 -9.29 -40.99
C LEU A 249 -29.09 -9.28 -39.63
N THR A 250 -28.37 -8.81 -38.61
CA THR A 250 -28.89 -8.68 -37.26
C THR A 250 -28.50 -7.33 -36.69
N ASP A 251 -29.25 -6.89 -35.67
CA ASP A 251 -28.90 -5.67 -34.97
C ASP A 251 -27.76 -5.94 -33.99
N SER A 252 -27.45 -4.94 -33.16
CA SER A 252 -26.35 -5.05 -32.22
C SER A 252 -26.64 -5.98 -31.06
N GLY A 253 -27.89 -6.40 -30.87
CA GLY A 253 -28.22 -7.34 -29.82
C GLY A 253 -28.27 -8.77 -30.31
N GLY A 254 -28.28 -8.96 -31.62
CA GLY A 254 -28.42 -10.27 -32.21
C GLY A 254 -29.78 -10.60 -32.76
N LYS A 255 -30.74 -9.69 -32.67
CA LYS A 255 -32.08 -9.94 -33.21
C LYS A 255 -32.03 -9.97 -34.72
N PRO A 256 -32.52 -11.04 -35.37
CA PRO A 256 -32.51 -11.10 -36.83
C PRO A 256 -33.45 -10.08 -37.44
N LEU A 257 -33.06 -9.55 -38.59
CA LEU A 257 -33.83 -8.56 -39.32
C LEU A 257 -34.08 -8.95 -40.78
N ALA A 258 -33.11 -9.59 -41.44
CA ALA A 258 -33.26 -10.02 -42.82
C ALA A 258 -32.37 -11.23 -43.06
N PHE A 259 -32.71 -11.98 -44.11
CA PHE A 259 -31.96 -13.17 -44.49
C PHE A 259 -31.69 -13.14 -45.99
N GLY A 260 -30.57 -13.73 -46.40
CA GLY A 260 -30.15 -13.64 -47.79
C GLY A 260 -30.91 -14.60 -48.68
N LEU A 261 -31.20 -14.14 -49.90
CA LEU A 261 -31.91 -14.93 -50.90
C LEU A 261 -30.97 -15.27 -52.04
N ILE A 262 -30.93 -16.55 -52.42
CA ILE A 262 -30.11 -16.98 -53.54
C ILE A 262 -30.82 -16.64 -54.84
N ASP A 263 -30.10 -15.98 -55.75
CA ASP A 263 -30.70 -15.55 -57.01
C ASP A 263 -30.92 -16.75 -57.94
N GLN A 264 -31.84 -16.56 -58.90
CA GLN A 264 -32.12 -17.61 -59.87
C GLN A 264 -30.89 -18.01 -60.67
N PRO A 265 -30.08 -17.08 -61.20
CA PRO A 265 -28.75 -17.48 -61.66
C PRO A 265 -27.83 -17.70 -60.48
N GLY A 266 -27.87 -18.89 -59.91
CA GLY A 266 -27.40 -19.11 -58.55
C GLY A 266 -25.90 -18.95 -58.37
N GLU A 267 -25.43 -17.71 -58.49
CA GLU A 267 -24.04 -17.38 -58.25
C GLU A 267 -23.84 -16.30 -57.19
N SER A 268 -24.89 -15.75 -56.60
CA SER A 268 -24.76 -14.70 -55.60
C SER A 268 -25.95 -14.74 -54.65
N VAL A 269 -25.78 -14.10 -53.50
CA VAL A 269 -26.81 -13.98 -52.48
C VAL A 269 -26.98 -12.49 -52.14
N GLU A 270 -28.22 -12.06 -51.97
CA GLU A 270 -28.53 -10.65 -51.76
C GLU A 270 -29.48 -10.49 -50.60
N LEU A 271 -29.49 -9.27 -50.03
CA LEU A 271 -30.26 -8.97 -48.84
C LEU A 271 -30.74 -7.52 -48.90
N ASN A 272 -31.85 -7.24 -48.23
CA ASN A 272 -32.44 -5.90 -48.25
C ASN A 272 -33.13 -5.63 -46.92
N TYR A 273 -33.11 -4.36 -46.50
CA TYR A 273 -33.74 -3.97 -45.25
C TYR A 273 -34.08 -2.48 -45.31
N THR A 274 -35.03 -2.07 -44.46
CA THR A 274 -35.44 -0.69 -44.35
C THR A 274 -35.57 -0.31 -42.88
N CYS A 275 -35.20 0.92 -42.54
CA CYS A 275 -35.04 1.34 -41.15
C CYS A 275 -36.33 1.91 -40.59
N ASP A 276 -36.76 1.37 -39.45
CA ASP A 276 -37.97 1.85 -38.78
C ASP A 276 -37.67 2.63 -37.51
N GLN A 277 -36.67 2.23 -36.73
CA GLN A 277 -36.40 2.86 -35.45
C GLN A 277 -35.69 4.19 -35.63
N ASP A 278 -35.61 4.95 -34.54
CA ASP A 278 -34.93 6.23 -34.58
C ASP A 278 -33.44 6.08 -34.88
N ILE A 279 -32.78 5.10 -34.27
CA ILE A 279 -31.39 4.77 -34.57
C ILE A 279 -31.27 3.26 -34.73
N CYS A 280 -30.71 2.84 -35.86
CA CYS A 280 -30.49 1.42 -36.14
C CYS A 280 -29.00 1.15 -36.29
N GLU A 281 -28.50 0.19 -35.52
CA GLU A 281 -27.13 -0.29 -35.59
C GLU A 281 -27.17 -1.72 -36.08
N LEU A 282 -26.50 -2.00 -37.20
CA LEU A 282 -26.64 -3.27 -37.90
C LEU A 282 -25.32 -4.04 -37.90
N VAL A 283 -25.44 -5.37 -37.95
CA VAL A 283 -24.30 -6.26 -38.04
C VAL A 283 -24.54 -7.24 -39.18
N VAL A 284 -23.57 -7.36 -40.08
CA VAL A 284 -23.65 -8.25 -41.23
C VAL A 284 -22.90 -9.53 -40.89
N HIS A 285 -23.57 -10.67 -41.05
CA HIS A 285 -23.00 -11.98 -40.80
C HIS A 285 -22.76 -12.69 -42.12
N VAL A 286 -21.54 -13.19 -42.31
CA VAL A 286 -21.22 -14.05 -43.44
C VAL A 286 -20.53 -15.29 -42.89
N ASP A 287 -21.10 -16.45 -43.16
CA ASP A 287 -20.58 -17.70 -42.60
C ASP A 287 -20.63 -18.79 -43.64
N GLY A 288 -19.63 -19.67 -43.59
CA GLY A 288 -19.59 -20.84 -44.45
C GLY A 288 -19.46 -22.12 -43.66
N THR A 289 -19.98 -22.13 -42.44
CA THR A 289 -19.90 -23.30 -41.56
C THR A 289 -21.09 -24.24 -41.78
N ASP A 290 -21.28 -24.66 -43.02
CA ASP A 290 -22.34 -25.62 -43.33
C ASP A 290 -22.05 -26.97 -42.68
N GLU A 297 -8.82 -22.17 -48.68
CA GLU A 297 -8.64 -20.73 -48.82
C GLU A 297 -9.73 -20.07 -49.66
N ALA A 298 -10.99 -20.41 -49.39
CA ALA A 298 -12.10 -19.79 -50.11
C ALA A 298 -12.12 -18.30 -49.87
N VAL A 299 -12.37 -17.53 -50.93
CA VAL A 299 -12.32 -16.08 -50.88
C VAL A 299 -13.52 -15.53 -51.63
N TYR A 300 -14.15 -14.51 -51.04
CA TYR A 300 -15.41 -13.97 -51.56
C TYR A 300 -15.32 -12.45 -51.65
N ARG A 301 -16.16 -11.88 -52.49
CA ARG A 301 -16.31 -10.43 -52.62
C ARG A 301 -17.62 -10.01 -51.98
N LEU A 302 -17.53 -9.04 -51.06
CA LEU A 302 -18.70 -8.51 -50.38
C LEU A 302 -18.92 -7.06 -50.80
N LEU A 303 -20.12 -6.76 -51.26
CA LEU A 303 -20.49 -5.41 -51.67
C LEU A 303 -21.65 -4.93 -50.81
N VAL A 304 -21.54 -3.70 -50.30
CA VAL A 304 -22.51 -3.15 -49.37
C VAL A 304 -22.78 -1.70 -49.73
N GLY A 305 -24.03 -1.27 -49.52
CA GLY A 305 -24.40 0.09 -49.84
C GLY A 305 -25.54 0.59 -48.97
N ILE A 306 -25.56 1.90 -48.78
CA ILE A 306 -26.64 2.60 -48.08
C ILE A 306 -27.30 3.55 -49.08
N ASN A 307 -28.63 3.44 -49.17
CA ASN A 307 -29.41 4.24 -50.13
C ASN A 307 -28.91 4.04 -51.56
N ALA A 308 -28.48 2.81 -51.87
CA ALA A 308 -27.93 2.49 -53.17
C ALA A 308 -28.53 1.18 -53.67
N PRO A 309 -29.73 1.23 -54.26
CA PRO A 309 -30.33 0.00 -54.81
C PRO A 309 -29.65 -0.50 -56.06
N ASN A 310 -28.72 0.25 -56.64
CA ASN A 310 -28.06 -0.12 -57.88
C ASN A 310 -26.76 -0.90 -57.65
N LEU A 311 -26.65 -1.62 -56.53
CA LEU A 311 -25.42 -2.38 -56.27
C LEU A 311 -25.17 -3.46 -57.30
N ARG A 312 -26.22 -3.91 -58.01
CA ARG A 312 -26.01 -4.90 -59.07
C ARG A 312 -25.08 -4.37 -60.15
N GLU A 313 -25.30 -3.14 -60.60
CA GLU A 313 -24.44 -2.47 -61.56
C GLU A 313 -24.14 -1.07 -61.03
N SER A 322 -17.10 5.44 -45.74
CA SER A 322 -17.13 4.00 -45.53
C SER A 322 -18.40 3.59 -44.82
N VAL A 323 -18.96 2.45 -45.25
CA VAL A 323 -20.17 1.92 -44.63
C VAL A 323 -19.86 1.21 -43.33
N PHE A 324 -18.82 0.39 -43.31
CA PHE A 324 -18.42 -0.32 -42.11
C PHE A 324 -17.51 0.55 -41.24
N LEU A 325 -17.63 0.38 -39.93
CA LEU A 325 -16.77 1.10 -39.00
C LEU A 325 -15.31 0.66 -39.17
N GLU A 326 -14.40 1.58 -38.90
CA GLU A 326 -12.97 1.33 -39.04
C GLU A 326 -12.28 1.39 -37.68
N SER A 327 -11.24 0.57 -37.53
CA SER A 327 -10.45 0.58 -36.30
C SER A 327 -9.57 1.82 -36.23
N ASP A 328 -9.33 2.29 -35.02
CA ASP A 328 -8.45 3.44 -34.80
C ASP A 328 -6.99 2.99 -34.87
N LEU A 329 -6.16 3.79 -35.55
CA LEU A 329 -4.78 3.43 -35.83
C LEU A 329 -3.85 4.04 -34.79
N VAL A 330 -2.94 3.23 -34.24
CA VAL A 330 -2.04 3.64 -33.17
C VAL A 330 -0.60 3.54 -33.66
N THR A 331 0.20 4.55 -33.35
CA THR A 331 1.64 4.54 -33.61
C THR A 331 2.38 4.25 -32.31
N VAL A 332 3.38 3.38 -32.38
CA VAL A 332 4.08 2.90 -31.19
C VAL A 332 5.59 2.96 -31.41
N GLY A 333 6.32 3.17 -30.32
CA GLY A 333 7.77 3.15 -30.36
C GLY A 333 8.34 2.85 -28.98
N LEU A 334 9.50 2.21 -28.96
CA LEU A 334 10.15 1.81 -27.72
C LEU A 334 11.66 1.94 -27.86
N ALA A 335 12.32 2.34 -26.77
CA ALA A 335 13.76 2.47 -26.72
C ALA A 335 14.28 1.85 -25.43
N VAL A 336 15.45 1.21 -25.50
CA VAL A 336 16.09 0.56 -24.36
C VAL A 336 17.29 1.38 -23.95
N ASP A 337 17.37 1.71 -22.66
CA ASP A 337 18.48 2.51 -22.14
C ASP A 337 19.56 1.65 -21.50
N GLN A 338 19.18 0.71 -20.64
CA GLN A 338 20.16 -0.07 -19.89
C GLN A 338 19.55 -1.39 -19.45
N ILE A 339 20.30 -2.48 -19.62
CA ILE A 339 19.97 -3.76 -19.02
C ILE A 339 20.59 -3.78 -17.63
N VAL A 340 19.76 -3.90 -16.60
CA VAL A 340 20.22 -3.71 -15.22
C VAL A 340 20.36 -5.00 -14.44
N GLY A 341 20.03 -6.15 -15.00
CA GLY A 341 20.22 -7.39 -14.30
C GLY A 341 19.67 -8.57 -15.08
N VAL A 342 20.29 -9.72 -14.85
CA VAL A 342 19.88 -11.00 -15.41
C VAL A 342 19.95 -12.05 -14.32
N ASP A 343 18.88 -12.82 -14.15
CA ASP A 343 18.80 -13.89 -13.15
C ASP A 343 18.82 -15.22 -13.89
N GLN A 344 19.91 -15.96 -13.76
CA GLN A 344 20.09 -17.19 -14.54
C GLN A 344 19.43 -18.40 -13.92
N ARG A 345 19.03 -18.33 -12.64
CA ARG A 345 18.33 -19.46 -12.03
C ARG A 345 16.82 -19.36 -12.19
N SER A 346 16.26 -18.18 -12.02
CA SER A 346 14.82 -17.97 -12.19
C SER A 346 14.46 -17.56 -13.62
N GLU A 347 15.45 -17.31 -14.46
CA GLU A 347 15.25 -17.00 -15.88
C GLU A 347 14.37 -15.76 -16.07
N ASN A 348 14.89 -14.63 -15.62
CA ASN A 348 14.25 -13.34 -15.84
C ASN A 348 15.33 -12.26 -15.91
N PHE A 349 14.97 -11.11 -16.48
CA PHE A 349 15.88 -9.99 -16.62
C PHE A 349 15.12 -8.69 -16.43
N SER A 350 15.86 -7.61 -16.15
CA SER A 350 15.30 -6.29 -15.88
C SER A 350 15.92 -5.27 -16.82
N VAL A 351 15.10 -4.31 -17.26
CA VAL A 351 15.50 -3.36 -18.29
C VAL A 351 14.87 -1.99 -18.00
N VAL A 352 15.58 -0.93 -18.42
CA VAL A 352 15.13 0.45 -18.28
C VAL A 352 14.95 1.03 -19.68
N GLY A 353 13.83 1.70 -19.92
CA GLY A 353 13.58 2.23 -21.24
C GLY A 353 12.45 3.23 -21.27
N THR A 354 12.04 3.58 -22.50
CA THR A 354 11.02 4.59 -22.75
C THR A 354 10.01 4.08 -23.78
N LEU A 355 8.74 4.42 -23.59
CA LEU A 355 7.65 3.98 -24.46
C LEU A 355 6.80 5.17 -24.88
N LYS A 356 6.30 5.14 -26.11
CA LYS A 356 5.51 6.23 -26.68
C LYS A 356 4.36 5.67 -27.51
N LEU A 357 3.17 6.26 -27.34
CA LEU A 357 1.98 5.91 -28.12
C LEU A 357 1.33 7.18 -28.65
N SER A 358 0.70 7.08 -29.82
CA SER A 358 0.04 8.22 -30.46
C SER A 358 -1.12 7.73 -31.32
N TRP A 359 -2.26 8.41 -31.24
CA TRP A 359 -3.44 8.05 -32.01
C TRP A 359 -4.33 9.28 -32.19
N HIS A 360 -5.39 9.10 -32.99
CA HIS A 360 -6.30 10.18 -33.33
C HIS A 360 -7.73 9.76 -33.04
N ASP A 361 -8.47 10.60 -32.32
CA ASP A 361 -9.85 10.31 -31.95
C ASP A 361 -10.68 11.59 -31.92
N PRO A 362 -11.62 11.77 -32.84
CA PRO A 362 -12.42 13.01 -32.85
C PRO A 362 -13.32 13.19 -31.64
N LYS A 363 -13.65 12.11 -30.92
CA LYS A 363 -14.48 12.24 -29.72
C LYS A 363 -13.74 12.96 -28.60
N LEU A 364 -12.42 12.98 -28.62
CA LEU A 364 -11.64 13.66 -27.60
C LEU A 364 -11.46 15.15 -27.88
N GLY A 365 -11.92 15.64 -29.03
CA GLY A 365 -11.71 17.03 -29.37
C GLY A 365 -12.50 17.96 -28.46
N PHE A 366 -11.99 19.18 -28.31
CA PHE A 366 -12.65 20.21 -27.51
C PHE A 366 -12.55 21.54 -28.25
N SER A 367 -13.23 22.55 -27.70
CA SER A 367 -13.23 23.89 -28.27
C SER A 367 -12.39 24.81 -27.40
N PRO A 368 -11.37 25.46 -27.96
CA PRO A 368 -10.45 26.27 -27.15
C PRO A 368 -11.11 27.40 -26.37
N ASP A 369 -12.18 27.98 -26.93
CA ASP A 369 -12.80 29.16 -26.32
C ASP A 369 -13.48 28.85 -24.99
N GLN A 370 -13.49 27.58 -24.58
CA GLN A 370 -14.06 27.19 -23.30
C GLN A 370 -13.00 26.98 -22.24
N CYS A 371 -11.73 27.02 -22.63
CA CYS A 371 -10.65 26.82 -21.67
C CYS A 371 -9.53 27.83 -21.90
N GLY A 372 -9.53 28.49 -23.05
CA GLY A 372 -8.45 29.41 -23.39
C GLY A 372 -7.11 28.74 -23.52
N CYS A 373 -7.07 27.46 -23.90
CA CYS A 373 -5.84 26.71 -23.98
C CYS A 373 -5.85 25.85 -25.24
N THR A 374 -4.65 25.46 -25.67
CA THR A 374 -4.48 24.61 -26.84
C THR A 374 -4.14 23.17 -26.47
N VAL A 375 -3.70 22.90 -25.25
CA VAL A 375 -3.30 21.55 -24.85
C VAL A 375 -3.92 21.22 -23.51
N LYS A 376 -4.59 20.07 -23.44
CA LYS A 376 -5.16 19.54 -22.21
C LYS A 376 -4.38 18.29 -21.81
N SER A 377 -4.05 18.17 -20.53
CA SER A 377 -3.10 17.15 -20.10
C SER A 377 -3.62 16.40 -18.87
N PHE A 378 -3.19 15.15 -18.76
CA PHE A 378 -3.39 14.31 -17.59
C PHE A 378 -2.04 13.78 -17.15
N GLU A 379 -1.79 13.77 -15.84
CA GLU A 379 -0.48 13.43 -15.32
C GLU A 379 -0.58 12.36 -14.23
N ASP A 380 0.46 11.51 -14.18
CA ASP A 380 0.64 10.51 -13.13
C ASP A 380 -0.54 9.55 -13.03
N ALA A 381 -1.15 9.22 -14.18
CA ALA A 381 -2.27 8.30 -14.21
C ALA A 381 -2.10 7.33 -15.37
N SER A 382 -2.53 6.09 -15.16
CA SER A 382 -2.53 5.11 -16.22
C SER A 382 -3.66 5.41 -17.21
N ILE A 383 -3.55 4.81 -18.40
CA ILE A 383 -4.56 5.01 -19.42
C ILE A 383 -5.91 4.47 -18.97
N ARG A 384 -5.89 3.39 -18.19
CA ARG A 384 -7.14 2.82 -17.68
C ARG A 384 -7.86 3.80 -16.75
N ALA A 385 -7.10 4.44 -15.86
CA ALA A 385 -7.71 5.39 -14.93
C ALA A 385 -8.29 6.59 -15.65
N VAL A 386 -7.58 7.12 -16.65
CA VAL A 386 -8.09 8.25 -17.42
C VAL A 386 -9.32 7.85 -18.21
N ALA A 387 -9.30 6.65 -18.80
CA ALA A 387 -10.46 6.15 -19.54
C ALA A 387 -11.68 6.02 -18.64
N GLY A 388 -11.48 5.53 -17.41
CA GLY A 388 -12.58 5.46 -16.47
C GLY A 388 -13.06 6.80 -15.95
N GLU A 389 -12.17 7.80 -15.92
CA GLU A 389 -12.57 9.13 -15.48
C GLU A 389 -13.34 9.89 -16.55
N ILE A 390 -12.94 9.79 -17.82
CA ILE A 390 -13.63 10.53 -18.89
C ILE A 390 -14.68 9.69 -19.59
N ASN A 391 -14.84 8.41 -19.23
CA ASN A 391 -15.88 7.55 -19.78
C ASN A 391 -15.78 7.43 -21.30
N LEU A 392 -14.57 7.28 -21.81
CA LEU A 392 -14.34 7.00 -23.22
C LEU A 392 -13.32 5.89 -23.38
N PRO A 393 -13.48 5.03 -24.39
CA PRO A 393 -12.51 3.95 -24.60
C PRO A 393 -11.18 4.46 -25.12
N LEU A 394 -10.10 3.96 -24.53
CA LEU A 394 -8.74 4.34 -24.86
C LEU A 394 -7.89 3.09 -24.99
N PRO A 395 -6.79 3.14 -25.77
CA PRO A 395 -5.96 1.94 -25.99
C PRO A 395 -5.00 1.64 -24.85
N SER A 396 -5.52 0.95 -23.82
CA SER A 396 -4.68 0.52 -22.71
C SER A 396 -3.80 -0.66 -23.12
N PHE A 397 -2.71 -0.86 -22.37
CA PHE A 397 -1.72 -1.86 -22.71
C PHE A 397 -1.14 -2.48 -21.45
N SER A 398 -0.40 -3.57 -21.63
CA SER A 398 0.34 -4.21 -20.55
C SER A 398 1.55 -4.95 -21.11
N PHE A 399 2.53 -5.19 -20.23
CA PHE A 399 3.67 -6.03 -20.56
C PHE A 399 3.30 -7.49 -20.34
N TYR A 400 3.56 -8.34 -21.34
CA TYR A 400 3.07 -9.71 -21.30
C TYR A 400 3.71 -10.53 -20.18
N ASN A 401 5.02 -10.40 -20.01
CA ASN A 401 5.76 -11.22 -19.05
C ASN A 401 6.19 -10.44 -17.81
N GLN A 402 5.38 -9.47 -17.38
CA GLN A 402 5.76 -8.63 -16.24
C GLN A 402 5.75 -9.43 -14.95
N GLN A 403 6.83 -9.29 -14.17
CA GLN A 403 6.96 -9.93 -12.85
C GLN A 403 6.85 -8.84 -11.79
N GLY A 404 5.78 -8.89 -11.01
CA GLY A 404 5.58 -7.89 -9.96
C GLY A 404 5.19 -6.53 -10.52
N ASN A 405 5.33 -5.52 -9.67
CA ASN A 405 4.94 -4.17 -10.01
C ASN A 405 5.96 -3.50 -10.91
N ARG A 406 5.52 -2.45 -11.61
CA ARG A 406 6.36 -1.68 -12.53
C ARG A 406 6.55 -0.27 -11.99
N TRP A 407 7.79 0.22 -12.04
CA TRP A 407 8.10 1.58 -11.64
C TRP A 407 8.02 2.51 -12.84
N SER A 408 7.29 3.62 -12.68
CA SER A 408 7.02 4.54 -13.79
C SER A 408 7.34 5.97 -13.38
N GLN A 409 7.91 6.73 -14.32
CA GLN A 409 8.21 8.13 -14.13
C GLN A 409 7.78 8.93 -15.37
N ASN A 410 7.50 10.21 -15.14
CA ASN A 410 7.15 11.17 -16.20
C ASN A 410 5.94 10.71 -17.01
N GLN A 411 4.94 10.13 -16.34
CA GLN A 411 3.75 9.63 -17.03
C GLN A 411 2.81 10.78 -17.35
N VAL A 412 2.50 10.97 -18.64
CA VAL A 412 1.68 12.09 -19.06
C VAL A 412 0.88 11.71 -20.31
N ILE A 413 -0.36 12.24 -20.39
CA ILE A 413 -1.21 12.16 -21.56
C ILE A 413 -1.68 13.57 -21.88
N PHE A 414 -1.53 13.99 -23.15
CA PHE A 414 -2.02 15.30 -23.57
C PHE A 414 -2.71 15.20 -24.92
N VAL A 415 -3.72 16.05 -25.11
CA VAL A 415 -4.62 15.99 -26.25
C VAL A 415 -4.73 17.38 -26.87
N THR A 416 -4.77 17.43 -28.20
CA THR A 416 -4.95 18.65 -28.98
C THR A 416 -6.43 18.84 -29.33
N PRO A 417 -6.83 20.07 -29.70
CA PRO A 417 -8.25 20.29 -30.02
C PRO A 417 -8.76 19.46 -31.17
N ASP A 418 -7.91 19.11 -32.15
CA ASP A 418 -8.36 18.27 -33.26
C ASP A 418 -8.64 16.85 -32.81
N GLY A 419 -8.14 16.45 -31.65
CA GLY A 419 -8.32 15.11 -31.15
C GLY A 419 -7.10 14.22 -31.18
N ARG A 420 -5.93 14.76 -31.51
CA ARG A 420 -4.70 13.98 -31.52
C ARG A 420 -4.17 13.82 -30.11
N ALA A 421 -3.98 12.57 -29.67
CA ALA A 421 -3.55 12.26 -28.32
C ALA A 421 -2.25 11.47 -28.36
N SER A 422 -1.46 11.60 -27.28
CA SER A 422 -0.20 10.89 -27.17
C SER A 422 0.09 10.54 -25.72
N TYR A 423 0.83 9.46 -25.53
CA TYR A 423 1.20 8.94 -24.21
C TYR A 423 2.71 8.78 -24.12
N PHE A 424 3.26 9.09 -22.95
CA PHE A 424 4.69 9.00 -22.70
C PHE A 424 4.95 8.38 -21.33
N GLU A 425 5.98 7.54 -21.24
CA GLU A 425 6.30 6.86 -19.99
C GLU A 425 7.77 6.45 -19.98
N ARG A 426 8.40 6.57 -18.81
CA ARG A 426 9.72 6.00 -18.54
C ARG A 426 9.55 4.88 -17.52
N PHE A 427 10.03 3.69 -17.84
CA PHE A 427 9.72 2.50 -17.07
C PHE A 427 10.98 1.74 -16.66
N THR A 428 10.88 1.06 -15.52
CA THR A 428 11.83 0.03 -15.09
C THR A 428 11.04 -1.21 -14.73
N VAL A 429 11.32 -2.32 -15.39
CA VAL A 429 10.47 -3.50 -15.29
C VAL A 429 11.32 -4.77 -15.30
N THR A 430 10.79 -5.83 -14.69
CA THR A 430 11.40 -7.16 -14.69
C THR A 430 10.52 -8.12 -15.47
N LEU A 431 11.11 -8.80 -16.45
CA LEU A 431 10.37 -9.64 -17.38
C LEU A 431 10.85 -11.08 -17.31
N GLN A 432 9.89 -12.01 -17.28
CA GLN A 432 10.22 -13.43 -17.31
C GLN A 432 10.71 -13.84 -18.70
N ALA A 433 11.64 -14.80 -18.73
CA ALA A 433 12.22 -15.27 -19.98
C ALA A 433 12.51 -16.76 -19.93
N PRO A 434 11.48 -17.61 -19.99
CA PRO A 434 11.73 -19.07 -19.93
C PRO A 434 12.45 -19.62 -21.15
N ASP A 435 12.63 -18.83 -22.22
CA ASP A 435 13.30 -19.30 -23.41
C ASP A 435 14.82 -19.41 -23.26
N PHE A 436 15.38 -18.95 -22.14
CA PHE A 436 16.82 -19.03 -21.93
C PHE A 436 17.33 -20.46 -22.01
N ASP A 437 18.52 -20.63 -22.58
CA ASP A 437 19.17 -21.94 -22.68
C ASP A 437 20.67 -21.74 -22.44
N PHE A 438 21.16 -22.24 -21.31
CA PHE A 438 22.55 -22.05 -20.90
C PHE A 438 23.40 -23.31 -21.10
N LEU A 439 23.02 -24.19 -22.01
CA LEU A 439 23.76 -25.44 -22.20
C LEU A 439 25.19 -25.19 -22.69
N ALA A 440 25.35 -24.26 -23.63
CA ALA A 440 26.65 -23.96 -24.23
C ALA A 440 27.46 -22.92 -23.45
N TYR A 441 27.15 -22.72 -22.18
CA TYR A 441 27.84 -21.72 -21.37
C TYR A 441 29.34 -22.02 -21.33
N PRO A 442 30.21 -21.00 -21.44
CA PRO A 442 29.91 -19.57 -21.57
C PRO A 442 29.77 -19.08 -23.02
N PHE A 443 29.75 -20.00 -23.98
CA PHE A 443 29.64 -19.63 -25.38
C PHE A 443 28.19 -19.49 -25.85
N ASP A 444 27.25 -19.36 -24.92
CA ASP A 444 25.83 -19.30 -25.28
C ASP A 444 25.45 -17.93 -25.85
N ARG A 445 24.38 -17.93 -26.65
CA ARG A 445 23.78 -16.72 -27.17
C ARG A 445 22.30 -16.71 -26.79
N GLN A 446 21.79 -15.55 -26.39
CA GLN A 446 20.45 -15.43 -25.85
C GLN A 446 19.68 -14.33 -26.57
N LYS A 447 18.36 -14.33 -26.35
CA LYS A 447 17.47 -13.30 -26.90
C LYS A 447 16.70 -12.65 -25.77
N PHE A 448 16.69 -11.31 -25.74
CA PHE A 448 15.89 -10.54 -24.80
C PHE A 448 14.70 -9.96 -25.55
N SER A 449 13.51 -10.47 -25.25
CA SER A 449 12.28 -10.11 -25.96
C SER A 449 11.37 -9.29 -25.06
N ILE A 450 10.90 -8.16 -25.56
CA ILE A 450 9.99 -7.27 -24.86
C ILE A 450 8.70 -7.18 -25.66
N LYS A 451 7.58 -7.58 -25.06
CA LYS A 451 6.30 -7.66 -25.75
C LYS A 451 5.31 -6.70 -25.11
N VAL A 452 4.68 -5.85 -25.93
CA VAL A 452 3.65 -4.93 -25.50
C VAL A 452 2.35 -5.31 -26.20
N ASP A 453 1.32 -5.63 -25.42
CA ASP A 453 0.04 -6.08 -25.95
C ASP A 453 -1.05 -5.08 -25.57
N LEU A 454 -1.89 -4.72 -26.54
CA LEU A 454 -3.07 -3.92 -26.27
C LEU A 454 -4.11 -4.75 -25.52
N ALA A 455 -4.78 -4.12 -24.56
CA ALA A 455 -5.81 -4.78 -23.77
C ALA A 455 -7.21 -4.61 -24.35
N VAL A 456 -7.32 -4.39 -25.66
CA VAL A 456 -8.61 -4.17 -26.31
C VAL A 456 -8.68 -4.98 -27.59
N PRO A 457 -9.90 -5.31 -28.02
CA PRO A 457 -10.05 -6.09 -29.26
C PRO A 457 -9.53 -5.33 -30.48
N THR A 458 -9.14 -6.10 -31.51
CA THR A 458 -8.52 -5.52 -32.69
C THR A 458 -9.49 -4.65 -33.49
N ASN A 459 -10.79 -4.84 -33.32
CA ASN A 459 -11.75 -4.01 -34.03
C ASN A 459 -11.91 -2.63 -33.42
N MET A 460 -11.32 -2.40 -32.25
CA MET A 460 -11.33 -1.08 -31.61
C MET A 460 -10.05 -0.29 -31.90
N PHE A 461 -8.90 -0.85 -31.53
CA PHE A 461 -7.61 -0.23 -31.75
C PHE A 461 -6.63 -1.27 -32.28
N ILE A 462 -5.69 -0.83 -33.12
CA ILE A 462 -4.71 -1.72 -33.72
C ILE A 462 -3.41 -0.94 -33.95
N PHE A 463 -2.28 -1.58 -33.66
CA PHE A 463 -0.98 -1.00 -34.01
C PHE A 463 -0.81 -0.99 -35.52
N ASN A 464 -0.38 0.14 -36.05
CA ASN A 464 -0.28 0.33 -37.49
C ASN A 464 1.10 0.76 -37.97
N GLU A 465 1.83 1.55 -37.19
CA GLU A 465 3.13 2.07 -37.61
C GLU A 465 4.11 2.00 -36.45
N ILE A 466 5.40 1.97 -36.78
CA ILE A 466 6.47 1.95 -35.80
C ILE A 466 7.26 3.25 -35.92
N GLU A 467 7.43 3.95 -34.80
CA GLU A 467 8.15 5.21 -34.76
C GLU A 467 9.48 5.03 -34.03
N ARG A 468 10.56 5.50 -34.65
CA ARG A 468 11.89 5.46 -34.03
C ARG A 468 12.24 6.85 -33.53
N PHE A 469 11.77 7.17 -32.32
CA PHE A 469 12.03 8.48 -31.74
C PHE A 469 13.45 8.62 -31.20
N GLN A 470 14.09 7.50 -30.87
CA GLN A 470 15.49 7.48 -30.43
C GLN A 470 16.16 6.24 -30.99
N GLN A 471 17.45 6.09 -30.71
CA GLN A 471 18.12 4.82 -30.95
C GLN A 471 17.48 3.73 -30.10
N VAL A 472 17.19 2.59 -30.72
CA VAL A 472 16.53 1.51 -30.01
C VAL A 472 17.41 0.99 -28.88
N VAL A 473 18.71 0.85 -29.14
CA VAL A 473 19.67 0.41 -28.13
C VAL A 473 20.63 1.57 -27.89
N GLY A 474 20.65 2.07 -26.66
CA GLY A 474 21.46 3.23 -26.33
C GLY A 474 22.87 2.85 -25.89
N ASP A 475 23.83 3.70 -26.27
CA ASP A 475 25.22 3.50 -25.89
C ASP A 475 25.50 4.13 -24.54
N GLN A 476 26.33 3.45 -23.74
CA GLN A 476 26.70 3.92 -22.41
C GLN A 476 28.20 3.81 -22.24
N LEU A 477 28.76 4.68 -21.40
CA LEU A 477 30.19 4.64 -21.12
C LEU A 477 30.56 3.40 -20.33
N GLY A 478 31.75 2.88 -20.57
CA GLY A 478 32.22 1.70 -19.89
C GLY A 478 31.78 0.41 -20.59
N GLU A 479 32.23 -0.71 -20.04
CA GLU A 479 31.88 -2.01 -20.56
C GLU A 479 30.62 -2.55 -19.90
N GLU A 480 29.98 -3.51 -20.57
CA GLU A 480 28.81 -4.18 -20.07
C GLU A 480 29.02 -5.68 -20.10
N GLU A 481 28.29 -6.41 -19.24
CA GLU A 481 28.41 -7.86 -19.20
C GLU A 481 27.87 -8.51 -20.47
N TRP A 482 26.80 -7.96 -21.03
CA TRP A 482 26.19 -8.49 -22.25
C TRP A 482 26.36 -7.49 -23.38
N VAL A 483 26.76 -8.00 -24.54
CA VAL A 483 27.01 -7.18 -25.73
C VAL A 483 25.91 -7.46 -26.75
N VAL A 484 25.23 -6.41 -27.20
CA VAL A 484 24.13 -6.54 -28.15
C VAL A 484 24.69 -6.59 -29.56
N THR A 485 24.34 -7.63 -30.31
CA THR A 485 24.80 -7.79 -31.68
C THR A 485 23.83 -7.21 -32.71
N SER A 486 22.53 -7.40 -32.52
CA SER A 486 21.52 -6.90 -33.45
C SER A 486 20.18 -6.82 -32.73
N TYR A 487 19.23 -6.16 -33.39
CA TYR A 487 17.88 -6.01 -32.85
C TYR A 487 16.87 -5.96 -33.98
N SER A 488 15.60 -6.15 -33.63
CA SER A 488 14.51 -6.08 -34.60
C SER A 488 13.23 -5.66 -33.88
N GLN A 489 12.28 -5.14 -34.65
CA GLN A 489 10.97 -4.74 -34.15
C GLN A 489 9.89 -5.18 -35.14
N GLU A 490 8.77 -5.68 -34.63
CA GLU A 490 7.75 -6.28 -35.47
C GLU A 490 6.38 -6.18 -34.81
N ILE A 491 5.34 -6.13 -35.64
CA ILE A 491 3.94 -6.11 -35.19
C ILE A 491 3.26 -7.38 -35.67
N THR A 492 2.51 -8.03 -34.77
CA THR A 492 1.80 -9.26 -35.08
C THR A 492 0.42 -9.23 -34.41
N GLU A 493 -0.32 -10.32 -34.56
CA GLU A 493 -1.64 -10.49 -33.95
C GLU A 493 -1.68 -11.80 -33.18
N VAL A 494 -2.32 -11.77 -32.02
CA VAL A 494 -2.38 -12.96 -31.14
C VAL A 494 -3.80 -13.13 -30.63
N PRO A 495 -4.18 -14.38 -30.35
CA PRO A 495 -5.54 -14.64 -29.85
C PRO A 495 -5.80 -13.93 -28.53
N PHE A 496 -7.04 -13.49 -28.35
CA PHE A 496 -7.45 -12.64 -27.25
C PHE A 496 -8.57 -13.31 -26.46
N GLU A 497 -8.61 -13.02 -25.15
CA GLU A 497 -9.68 -13.55 -24.32
C GLU A 497 -11.02 -12.98 -24.75
N ARG A 498 -12.09 -13.77 -24.57
CA ARG A 498 -13.39 -13.47 -25.15
C ARG A 498 -13.28 -13.29 -26.66
N GLY A 499 -12.55 -14.21 -27.29
CA GLY A 499 -12.46 -14.24 -28.74
C GLY A 499 -11.72 -13.05 -29.31
N SER A 500 -11.94 -12.85 -30.60
CA SER A 500 -11.35 -11.75 -31.38
C SER A 500 -9.82 -11.85 -31.30
N THR A 501 -9.14 -10.72 -31.38
CA THR A 501 -7.69 -10.69 -31.49
C THR A 501 -7.19 -9.36 -30.92
N ASN A 502 -5.94 -9.35 -30.47
CA ASN A 502 -5.31 -8.14 -29.97
C ASN A 502 -3.92 -7.99 -30.60
N SER A 503 -3.49 -6.75 -30.76
CA SER A 503 -2.21 -6.45 -31.38
C SER A 503 -1.05 -6.61 -30.40
N ARG A 504 0.12 -6.90 -30.94
CA ARG A 504 1.34 -7.08 -30.16
C ARG A 504 2.51 -6.39 -30.84
N PHE A 505 3.31 -5.69 -30.04
CA PHE A 505 4.53 -5.03 -30.50
C PHE A 505 5.72 -5.66 -29.76
N THR A 506 6.67 -6.18 -30.53
CA THR A 506 7.77 -6.96 -29.97
C THR A 506 9.12 -6.33 -30.34
N THR A 507 10.00 -6.22 -29.33
CA THR A 507 11.38 -5.81 -29.53
C THR A 507 12.29 -6.93 -29.05
N THR A 508 13.24 -7.34 -29.90
CA THR A 508 14.13 -8.47 -29.60
C THR A 508 15.58 -8.03 -29.73
N LEU A 509 16.38 -8.35 -28.72
CA LEU A 509 17.80 -8.05 -28.70
C LEU A 509 18.61 -9.34 -28.68
N LEU A 510 19.57 -9.46 -29.58
CA LEU A 510 20.48 -10.59 -29.61
C LEU A 510 21.77 -10.22 -28.88
N VAL A 511 22.14 -11.01 -27.87
CA VAL A 511 23.23 -10.66 -26.97
C VAL A 511 24.19 -11.83 -26.83
N LYS A 512 25.44 -11.50 -26.48
CA LYS A 512 26.47 -12.49 -26.19
C LYS A 512 27.34 -11.98 -25.03
N ARG A 513 28.08 -12.90 -24.42
CA ARG A 513 28.96 -12.55 -23.32
C ARG A 513 30.33 -12.09 -23.84
N ASN A 514 31.14 -11.58 -22.91
CA ASN A 514 32.51 -11.19 -23.22
C ASN A 514 33.42 -12.40 -23.15
N LEU A 515 33.96 -12.82 -24.29
CA LEU A 515 34.71 -14.07 -24.37
C LEU A 515 36.12 -13.94 -23.80
N GLU A 516 36.75 -12.77 -23.97
CA GLU A 516 38.12 -12.58 -23.48
C GLU A 516 38.21 -12.80 -21.98
N TYR A 517 37.20 -12.33 -21.24
CA TYR A 517 37.18 -12.49 -19.80
C TYR A 517 37.30 -13.96 -19.41
N TYR A 518 36.42 -14.80 -19.95
CA TYR A 518 36.45 -16.22 -19.60
C TYR A 518 37.72 -16.90 -20.09
N ILE A 519 38.13 -16.61 -21.34
CA ILE A 519 39.31 -17.26 -21.89
C ILE A 519 40.54 -16.98 -21.02
N LEU A 520 40.83 -15.69 -20.80
CA LEU A 520 42.03 -15.32 -20.06
C LEU A 520 41.93 -15.73 -18.59
N ARG A 521 40.74 -15.71 -18.02
CA ARG A 521 40.62 -15.97 -16.58
C ARG A 521 40.66 -17.46 -16.26
N ILE A 522 40.18 -18.32 -17.16
CA ILE A 522 40.02 -19.74 -16.88
C ILE A 522 40.96 -20.61 -17.71
N PHE A 523 40.92 -20.46 -19.04
CA PHE A 523 41.45 -21.53 -19.90
C PHE A 523 42.98 -21.55 -19.92
N VAL A 524 43.62 -20.39 -19.95
CA VAL A 524 45.09 -20.36 -19.98
C VAL A 524 45.70 -20.94 -18.71
N PRO A 525 45.28 -20.54 -17.50
CA PRO A 525 45.82 -21.21 -16.29
C PRO A 525 45.56 -22.71 -16.27
N LEU A 526 44.39 -23.13 -16.74
CA LEU A 526 44.09 -24.57 -16.80
C LEU A 526 45.04 -25.28 -17.74
N PHE A 527 45.35 -24.66 -18.88
CA PHE A 527 46.30 -25.25 -19.82
C PHE A 527 47.68 -25.38 -19.19
N LEU A 528 48.13 -24.36 -18.45
CA LEU A 528 49.44 -24.44 -17.80
C LEU A 528 49.46 -25.53 -16.74
N ILE A 529 48.37 -25.67 -15.98
CA ILE A 529 48.29 -26.72 -14.95
C ILE A 529 48.36 -28.10 -15.60
N ILE A 530 47.65 -28.29 -16.72
CA ILE A 530 47.69 -29.57 -17.43
C ILE A 530 49.10 -29.83 -17.96
N SER A 531 49.76 -28.78 -18.47
CA SER A 531 51.12 -28.93 -18.98
C SER A 531 52.09 -29.35 -17.88
N VAL A 532 51.89 -28.88 -16.65
CA VAL A 532 52.78 -29.29 -15.56
C VAL A 532 52.69 -30.80 -15.34
N SER A 533 51.47 -31.35 -15.34
CA SER A 533 51.30 -32.78 -15.17
C SER A 533 51.77 -33.57 -16.39
N TRP A 534 51.77 -32.96 -17.57
CA TRP A 534 52.27 -33.65 -18.75
C TRP A 534 53.80 -33.72 -18.78
N VAL A 535 54.48 -32.65 -18.38
CA VAL A 535 55.91 -32.54 -18.61
C VAL A 535 56.71 -33.48 -17.70
N ILE A 536 56.14 -33.88 -16.55
CA ILE A 536 56.92 -34.62 -15.56
C ILE A 536 57.31 -36.02 -16.03
N PHE A 537 56.69 -36.52 -17.10
CA PHE A 537 57.01 -37.86 -17.57
C PHE A 537 58.36 -37.96 -18.27
N PHE A 538 59.03 -36.84 -18.53
CA PHE A 538 60.39 -36.90 -19.04
C PHE A 538 61.38 -37.33 -17.96
N LEU A 539 61.04 -37.14 -16.70
CA LEU A 539 61.92 -37.53 -15.61
C LEU A 539 62.07 -39.04 -15.53
N LYS A 540 63.25 -39.49 -15.11
CA LYS A 540 63.51 -40.91 -14.89
C LYS A 540 63.62 -41.25 -13.41
N ASP A 541 63.53 -40.27 -12.52
CA ASP A 541 63.44 -40.51 -11.08
C ASP A 541 61.95 -40.49 -10.71
N TYR A 542 61.38 -41.68 -10.52
CA TYR A 542 59.93 -41.79 -10.40
C TYR A 542 59.40 -41.29 -9.07
N GLY A 543 60.24 -41.21 -8.04
CA GLY A 543 59.80 -40.59 -6.79
C GLY A 543 59.49 -39.12 -6.94
N ARG A 544 60.38 -38.39 -7.63
CA ARG A 544 60.11 -36.98 -7.91
C ARG A 544 58.86 -36.80 -8.74
N GLN A 545 58.68 -37.66 -9.75
CA GLN A 545 57.48 -37.59 -10.59
C GLN A 545 56.23 -37.80 -9.76
N LEU A 546 56.25 -38.79 -8.86
CA LEU A 546 55.10 -39.07 -8.01
C LEU A 546 54.78 -37.88 -7.11
N GLU A 547 55.82 -37.30 -6.48
CA GLU A 547 55.60 -36.16 -5.59
C GLU A 547 55.04 -34.96 -6.34
N VAL A 548 55.59 -34.67 -7.53
CA VAL A 548 55.11 -33.52 -8.29
C VAL A 548 53.68 -33.73 -8.77
N ALA A 549 53.34 -34.96 -9.17
CA ALA A 549 51.97 -35.26 -9.57
C ALA A 549 51.01 -35.07 -8.40
N SER A 550 51.39 -35.54 -7.22
CA SER A 550 50.55 -35.37 -6.04
C SER A 550 50.34 -33.90 -5.71
N GLY A 551 51.40 -33.09 -5.82
CA GLY A 551 51.25 -31.67 -5.59
C GLY A 551 50.39 -30.98 -6.64
N ASN A 552 50.52 -31.38 -7.90
CA ASN A 552 49.78 -30.74 -8.97
C ASN A 552 48.30 -31.04 -8.89
N LEU A 553 47.92 -32.23 -8.39
CA LEU A 553 46.50 -32.50 -8.18
C LEU A 553 45.89 -31.54 -7.17
N LEU A 554 46.60 -31.29 -6.06
CA LEU A 554 46.12 -30.34 -5.06
C LEU A 554 46.05 -28.94 -5.63
N VAL A 555 47.04 -28.55 -6.45
CA VAL A 555 47.01 -27.25 -7.09
C VAL A 555 45.78 -27.13 -8.01
N PHE A 556 45.47 -28.19 -8.74
CA PHE A 556 44.30 -28.20 -9.61
C PHE A 556 43.02 -27.98 -8.80
N VAL A 557 42.88 -28.70 -7.68
CA VAL A 557 41.67 -28.56 -6.86
C VAL A 557 41.57 -27.14 -6.31
N ALA A 558 42.70 -26.58 -5.87
CA ALA A 558 42.70 -25.21 -5.34
C ALA A 558 42.27 -24.21 -6.40
N PHE A 559 42.79 -24.34 -7.62
CA PHE A 559 42.37 -23.44 -8.69
C PHE A 559 40.89 -23.61 -9.01
N ASN A 560 40.41 -24.85 -9.01
CA ASN A 560 39.00 -25.09 -9.31
C ASN A 560 38.10 -24.38 -8.32
N PHE A 561 38.33 -24.52 -7.03
CA PHE A 561 37.43 -23.79 -6.14
C PHE A 561 37.72 -22.28 -6.20
N THR A 562 38.95 -21.87 -6.53
CA THR A 562 39.17 -20.44 -6.67
C THR A 562 38.30 -19.84 -7.78
N ILE A 563 38.07 -20.58 -8.86
CA ILE A 563 37.23 -20.10 -9.95
C ILE A 563 35.78 -20.52 -9.76
N SER A 564 35.47 -21.26 -8.69
CA SER A 564 34.09 -21.65 -8.39
C SER A 564 33.12 -20.47 -8.43
N GLY A 565 33.60 -19.24 -8.26
CA GLY A 565 32.73 -18.08 -8.31
C GLY A 565 32.12 -17.82 -9.68
N ASP A 566 32.84 -18.16 -10.75
CA ASP A 566 32.32 -18.02 -12.11
C ASP A 566 31.65 -19.30 -12.61
N LEU A 567 31.13 -20.11 -11.69
CA LEU A 567 30.53 -21.40 -12.05
C LEU A 567 29.10 -21.41 -11.54
N PRO A 568 28.15 -21.01 -12.39
CA PRO A 568 26.75 -20.96 -11.95
C PRO A 568 26.21 -22.31 -11.56
N ARG A 569 25.38 -22.34 -10.52
CA ARG A 569 24.77 -23.57 -10.03
C ARG A 569 23.33 -23.63 -10.57
N LEU A 570 23.15 -24.38 -11.65
CA LEU A 570 21.87 -24.46 -12.33
C LEU A 570 21.15 -25.79 -12.14
N GLY A 571 21.84 -26.82 -11.66
CA GLY A 571 21.27 -28.15 -11.55
C GLY A 571 21.47 -29.04 -12.76
N TYR A 572 22.21 -28.59 -13.77
CA TYR A 572 22.51 -29.40 -14.93
C TYR A 572 23.86 -28.98 -15.50
N LEU A 573 24.46 -29.86 -16.30
CA LEU A 573 25.85 -29.69 -16.71
C LEU A 573 25.97 -28.73 -17.90
N THR A 574 26.99 -27.88 -17.86
CA THR A 574 27.40 -27.06 -18.99
C THR A 574 28.70 -27.61 -19.58
N VAL A 575 29.20 -26.91 -20.61
CA VAL A 575 30.45 -27.31 -21.25
C VAL A 575 31.62 -27.21 -20.28
N LEU A 576 31.67 -26.11 -19.54
CA LEU A 576 32.80 -25.86 -18.64
C LEU A 576 32.88 -26.93 -17.55
N ASP A 577 31.74 -27.34 -17.00
CA ASP A 577 31.73 -28.37 -15.98
C ASP A 577 32.29 -29.69 -16.52
N ARG A 578 31.86 -30.06 -17.73
CA ARG A 578 32.37 -31.29 -18.34
C ARG A 578 33.88 -31.23 -18.55
N PHE A 579 34.39 -30.09 -19.03
CA PHE A 579 35.83 -29.96 -19.22
C PHE A 579 36.58 -30.06 -17.90
N MET A 580 36.06 -29.42 -16.84
CA MET A 580 36.71 -29.51 -15.54
C MET A 580 36.74 -30.94 -15.03
N ILE A 581 35.63 -31.67 -15.18
CA ILE A 581 35.60 -33.06 -14.72
C ILE A 581 36.61 -33.92 -15.47
N VAL A 582 36.67 -33.77 -16.79
CA VAL A 582 37.62 -34.56 -17.58
C VAL A 582 39.05 -34.25 -17.17
N SER A 583 39.37 -32.97 -16.98
CA SER A 583 40.71 -32.58 -16.60
C SER A 583 41.09 -33.14 -15.23
N PHE A 584 40.17 -33.09 -14.26
CA PHE A 584 40.44 -33.66 -12.95
C PHE A 584 40.69 -35.16 -13.03
N CYS A 585 39.87 -35.87 -13.82
CA CYS A 585 40.02 -37.31 -13.94
C CYS A 585 41.39 -37.66 -14.52
N LEU A 586 41.81 -36.96 -15.57
CA LEU A 586 43.11 -37.22 -16.16
C LEU A 586 44.24 -36.90 -15.19
N THR A 587 44.10 -35.82 -14.42
CA THR A 587 45.14 -35.47 -13.44
C THR A 587 45.29 -36.55 -12.38
N ALA A 588 44.17 -37.15 -11.93
CA ALA A 588 44.27 -38.23 -10.95
C ALA A 588 44.85 -39.50 -11.57
N ILE A 589 44.50 -39.80 -12.83
CA ILE A 589 45.06 -40.97 -13.50
C ILE A 589 46.58 -40.82 -13.64
N VAL A 590 47.07 -39.59 -13.77
CA VAL A 590 48.52 -39.38 -13.80
C VAL A 590 49.17 -39.88 -12.51
N VAL A 591 48.57 -39.58 -11.36
CA VAL A 591 49.12 -40.04 -10.09
C VAL A 591 49.09 -41.56 -10.01
N LEU A 592 47.98 -42.16 -10.44
CA LEU A 592 47.92 -43.63 -10.43
C LEU A 592 49.03 -44.26 -11.27
N ILE A 593 49.24 -43.73 -12.47
CA ILE A 593 50.28 -44.26 -13.35
C ILE A 593 51.65 -44.04 -12.74
N SER A 594 51.86 -42.91 -12.06
CA SER A 594 53.13 -42.66 -11.40
C SER A 594 53.41 -43.69 -10.30
N VAL A 595 52.39 -44.04 -9.52
CA VAL A 595 52.57 -45.06 -8.49
C VAL A 595 52.94 -46.40 -9.13
N CYS A 596 52.25 -46.76 -10.21
CA CYS A 596 52.57 -48.02 -10.89
C CYS A 596 54.00 -48.03 -11.41
N GLN A 597 54.44 -46.92 -12.00
CA GLN A 597 55.80 -46.84 -12.53
C GLN A 597 56.83 -46.91 -11.40
N LYS A 598 56.55 -46.28 -10.26
CA LYS A 598 57.45 -46.38 -9.12
C LYS A 598 57.60 -47.82 -8.66
N ARG A 599 56.49 -48.55 -8.59
CA ARG A 599 56.59 -49.96 -8.21
C ARG A 599 57.38 -50.77 -9.23
N LEU A 600 57.13 -50.53 -10.52
CA LEU A 600 57.86 -51.26 -11.56
C LEU A 600 59.36 -51.00 -11.47
N GLY A 601 59.74 -49.74 -11.23
CA GLY A 601 61.15 -49.43 -11.04
C GLY A 601 61.73 -50.09 -9.81
N ALA A 602 60.92 -50.20 -8.74
CA ALA A 602 61.38 -50.88 -7.54
C ALA A 602 61.66 -52.35 -7.79
N VAL A 603 60.82 -53.03 -8.58
CA VAL A 603 61.02 -54.46 -8.82
C VAL A 603 62.09 -54.73 -9.87
N GLY A 604 62.59 -53.71 -10.55
CA GLY A 604 63.68 -53.92 -11.50
C GLY A 604 63.27 -54.08 -12.95
N LYS A 605 62.18 -53.43 -13.37
CA LYS A 605 61.69 -53.49 -14.73
C LYS A 605 61.66 -52.10 -15.37
N GLN A 606 62.78 -51.36 -15.27
CA GLN A 606 62.81 -49.97 -15.70
C GLN A 606 62.47 -49.79 -17.17
N ALA A 607 62.71 -50.80 -18.01
CA ALA A 607 62.40 -50.69 -19.42
C ALA A 607 60.90 -50.52 -19.65
N VAL A 608 60.08 -51.27 -18.92
CA VAL A 608 58.63 -51.14 -19.04
C VAL A 608 58.20 -49.75 -18.60
N ALA A 609 58.82 -49.22 -17.55
CA ALA A 609 58.49 -47.88 -17.09
C ALA A 609 58.82 -46.83 -18.15
N ALA A 610 59.97 -46.97 -18.82
CA ALA A 610 60.30 -46.05 -19.90
C ALA A 610 59.32 -46.15 -21.06
N GLN A 611 58.92 -47.37 -21.41
CA GLN A 611 57.92 -47.53 -22.47
C GLN A 611 56.58 -46.88 -22.10
N ILE A 612 56.18 -47.02 -20.83
CA ILE A 612 54.94 -46.38 -20.37
C ILE A 612 55.08 -44.86 -20.45
N ASP A 613 56.26 -44.33 -20.10
CA ASP A 613 56.48 -42.89 -20.21
C ASP A 613 56.29 -42.40 -21.64
N THR A 614 56.90 -43.11 -22.60
CA THR A 614 56.75 -42.72 -24.01
C THR A 614 55.28 -42.79 -24.44
N TRP A 615 54.59 -43.86 -24.05
CA TRP A 615 53.18 -44.01 -24.42
C TRP A 615 52.33 -42.86 -23.87
N VAL A 616 52.54 -42.51 -22.59
CA VAL A 616 51.75 -41.43 -21.99
C VAL A 616 52.03 -40.11 -22.69
N LEU A 617 53.32 -39.81 -22.91
CA LEU A 617 53.69 -38.56 -23.57
C LEU A 617 53.07 -38.44 -24.95
N VAL A 618 52.95 -39.56 -25.67
CA VAL A 618 52.32 -39.50 -26.98
C VAL A 618 50.80 -39.37 -26.86
N ILE A 619 50.19 -40.10 -25.91
CA ILE A 619 48.74 -40.29 -25.94
C ILE A 619 48.00 -39.09 -25.38
N TYR A 620 48.39 -38.60 -24.20
CA TYR A 620 47.61 -37.54 -23.51
C TYR A 620 47.12 -36.31 -24.34
N PRO A 621 48.01 -35.64 -25.09
CA PRO A 621 47.50 -34.53 -25.91
C PRO A 621 46.50 -34.98 -26.98
N LEU A 622 46.67 -36.18 -27.52
CA LEU A 622 45.71 -36.72 -28.48
C LEU A 622 44.33 -36.88 -27.83
N VAL A 623 44.30 -37.38 -26.59
CA VAL A 623 43.04 -37.54 -25.89
C VAL A 623 42.37 -36.19 -25.66
N TYR A 624 43.15 -35.19 -25.24
CA TYR A 624 42.57 -33.86 -25.04
C TYR A 624 42.02 -33.28 -26.33
N SER A 625 42.77 -33.39 -27.43
CA SER A 625 42.30 -32.86 -28.70
C SER A 625 41.04 -33.57 -29.18
N LEU A 626 40.99 -34.90 -29.02
CA LEU A 626 39.80 -35.64 -29.43
C LEU A 626 38.59 -35.25 -28.60
N TYR A 627 38.77 -35.03 -27.29
CA TYR A 627 37.65 -34.60 -26.47
C TYR A 627 37.15 -33.23 -26.90
N ILE A 628 38.07 -32.31 -27.24
CA ILE A 628 37.65 -30.99 -27.69
C ILE A 628 36.87 -31.09 -28.99
N ILE A 629 37.34 -31.92 -29.93
CA ILE A 629 36.64 -32.10 -31.19
C ILE A 629 35.24 -32.68 -30.96
N TRP A 630 35.14 -33.67 -30.08
CA TRP A 630 33.85 -34.29 -29.80
C TRP A 630 32.89 -33.26 -29.20
N VAL A 631 33.36 -32.45 -28.26
CA VAL A 631 32.50 -31.43 -27.65
C VAL A 631 32.02 -30.44 -28.70
N TYR A 632 32.92 -30.01 -29.58
CA TYR A 632 32.53 -29.08 -30.64
C TYR A 632 31.46 -29.69 -31.53
N LEU A 633 31.64 -30.96 -31.90
CA LEU A 633 30.66 -31.62 -32.76
C LEU A 633 29.30 -31.76 -32.08
N ARG A 634 29.28 -32.11 -30.80
CA ARG A 634 28.02 -32.42 -30.14
C ARG A 634 27.30 -31.21 -29.57
N PHE A 635 27.96 -30.06 -29.45
CA PHE A 635 27.30 -28.90 -28.85
C PHE A 635 27.18 -27.69 -29.76
N PHE A 636 27.92 -27.62 -30.87
CA PHE A 636 27.95 -26.41 -31.67
C PHE A 636 27.68 -26.64 -33.15
N THR A 637 27.12 -27.79 -33.52
CA THR A 637 26.76 -28.06 -34.91
C THR A 637 25.73 -29.18 -35.00
N ARG B 37 -61.00 0.64 -18.19
CA ARG B 37 -60.88 -0.70 -17.63
C ARG B 37 -59.46 -1.24 -17.82
N VAL B 38 -58.65 -1.19 -16.76
CA VAL B 38 -57.25 -1.55 -16.81
C VAL B 38 -56.95 -2.54 -15.69
N GLN B 39 -56.16 -3.56 -16.00
CA GLN B 39 -55.81 -4.60 -15.05
C GLN B 39 -54.33 -4.94 -15.19
N HIS B 40 -53.69 -5.28 -14.07
CA HIS B 40 -52.28 -5.62 -14.04
C HIS B 40 -52.08 -7.09 -13.68
N PHE B 41 -51.03 -7.68 -14.24
CA PHE B 41 -50.66 -9.05 -13.94
C PHE B 41 -49.13 -9.16 -13.93
N THR B 42 -48.62 -10.09 -13.15
CA THR B 42 -47.19 -10.38 -13.07
C THR B 42 -46.98 -11.88 -13.05
N GLY B 43 -45.94 -12.34 -13.72
CA GLY B 43 -45.67 -13.77 -13.79
C GLY B 43 -44.22 -14.05 -14.07
N TYR B 44 -43.93 -15.33 -14.33
CA TYR B 44 -42.59 -15.81 -14.62
C TYR B 44 -42.66 -16.84 -15.73
N ILE B 45 -41.72 -16.78 -16.67
CA ILE B 45 -41.65 -17.69 -17.80
C ILE B 45 -40.40 -18.54 -17.67
N GLU B 46 -40.56 -19.85 -17.83
CA GLU B 46 -39.45 -20.80 -17.70
C GLU B 46 -39.36 -21.62 -18.98
N ASP B 47 -38.26 -21.43 -19.72
CA ASP B 47 -37.92 -22.24 -20.89
C ASP B 47 -39.06 -22.30 -21.90
N GLY B 48 -39.67 -21.15 -22.16
CA GLY B 48 -40.71 -21.06 -23.15
C GLY B 48 -41.99 -21.81 -22.81
N ARG B 49 -42.44 -21.70 -21.56
CA ARG B 49 -43.72 -22.25 -21.12
C ARG B 49 -44.64 -21.07 -20.82
N GLY B 50 -45.63 -20.87 -21.67
CA GLY B 50 -46.47 -19.70 -21.60
C GLY B 50 -47.56 -19.79 -20.55
N ILE B 51 -48.26 -18.67 -20.37
CA ILE B 51 -49.34 -18.54 -19.41
C ILE B 51 -50.58 -18.05 -20.14
N PHE B 52 -51.70 -18.73 -19.92
CA PHE B 52 -52.98 -18.36 -20.53
C PHE B 52 -53.78 -17.49 -19.58
N TYR B 53 -54.45 -16.48 -20.14
CA TYR B 53 -55.37 -15.63 -19.40
C TYR B 53 -56.72 -15.65 -20.11
N SER B 54 -57.79 -15.73 -19.33
CA SER B 54 -59.14 -15.89 -19.87
C SER B 54 -59.87 -14.55 -19.85
N LEU B 55 -60.54 -14.24 -20.96
CA LEU B 55 -61.35 -13.04 -21.11
C LEU B 55 -62.81 -13.45 -21.29
N PRO B 56 -63.56 -13.66 -20.21
CA PRO B 56 -64.90 -14.23 -20.33
C PRO B 56 -65.90 -13.25 -20.92
N ASP B 57 -66.64 -13.72 -21.93
CA ASP B 57 -67.78 -13.03 -22.50
C ASP B 57 -67.51 -11.59 -22.92
N MET B 58 -66.60 -11.40 -23.87
CA MET B 58 -66.47 -10.10 -24.49
C MET B 58 -67.62 -9.89 -25.48
N LYS B 59 -67.89 -8.62 -25.77
CA LYS B 59 -68.96 -8.25 -26.70
C LYS B 59 -68.37 -7.74 -28.00
N GLN B 60 -69.08 -7.99 -29.09
CA GLN B 60 -68.66 -7.50 -30.41
C GLN B 60 -68.58 -5.98 -30.41
N GLY B 61 -67.51 -5.46 -31.00
CA GLY B 61 -67.25 -4.04 -31.02
C GLY B 61 -66.26 -3.55 -29.98
N ASP B 62 -65.90 -4.40 -29.02
CA ASP B 62 -64.90 -4.01 -28.02
C ASP B 62 -63.51 -4.00 -28.62
N ILE B 63 -62.63 -3.21 -28.02
CA ILE B 63 -61.23 -3.11 -28.43
C ILE B 63 -60.36 -3.58 -27.28
N ILE B 64 -59.51 -4.58 -27.53
CA ILE B 64 -58.58 -5.09 -26.53
C ILE B 64 -57.22 -4.43 -26.75
N TYR B 65 -56.54 -4.12 -25.65
CA TYR B 65 -55.19 -3.59 -25.68
C TYR B 65 -54.29 -4.45 -24.79
N ALA B 66 -53.05 -4.67 -25.22
CA ALA B 66 -52.10 -5.47 -24.47
C ALA B 66 -50.72 -4.86 -24.54
N SER B 67 -49.95 -5.02 -23.47
CA SER B 67 -48.57 -4.59 -23.41
C SER B 67 -47.81 -5.47 -22.43
N MET B 68 -46.61 -5.90 -22.81
CA MET B 68 -45.82 -6.81 -22.01
C MET B 68 -44.39 -6.32 -21.97
N GLN B 69 -43.85 -6.12 -20.78
CA GLN B 69 -42.51 -5.57 -20.59
C GLN B 69 -41.65 -6.51 -19.76
N ASN B 70 -40.36 -6.53 -20.06
CA ASN B 70 -39.42 -7.36 -19.32
C ASN B 70 -38.99 -6.65 -18.03
N THR B 71 -39.05 -7.38 -16.91
CA THR B 71 -38.68 -6.83 -15.62
C THR B 71 -37.53 -7.58 -14.96
N GLY B 72 -36.90 -8.53 -15.65
CA GLY B 72 -35.79 -9.28 -15.10
C GLY B 72 -35.42 -10.45 -15.98
N GLY B 73 -34.12 -10.72 -16.10
CA GLY B 73 -33.66 -11.77 -16.98
C GLY B 73 -33.54 -11.33 -18.42
N ASN B 74 -33.49 -12.33 -19.31
CA ASN B 74 -33.33 -12.10 -20.74
C ASN B 74 -34.61 -12.36 -21.52
N LEU B 75 -35.78 -12.27 -20.88
CA LEU B 75 -37.04 -12.60 -21.53
C LEU B 75 -37.32 -11.67 -22.70
N ASP B 76 -37.82 -12.25 -23.79
CA ASP B 76 -38.27 -11.49 -24.95
C ASP B 76 -39.77 -11.66 -25.11
N PRO B 77 -40.59 -10.68 -24.75
CA PRO B 77 -42.04 -10.89 -24.69
C PRO B 77 -42.68 -11.20 -26.03
N LEU B 78 -43.76 -11.98 -25.98
CA LEU B 78 -44.63 -12.26 -27.12
C LEU B 78 -46.05 -12.42 -26.60
N VAL B 79 -47.02 -11.86 -27.34
CA VAL B 79 -48.42 -11.90 -26.93
C VAL B 79 -49.28 -12.29 -28.13
N GLY B 80 -50.29 -13.12 -27.87
CA GLY B 80 -51.21 -13.54 -28.91
C GLY B 80 -52.59 -13.77 -28.33
N ILE B 81 -53.61 -13.64 -29.17
CA ILE B 81 -55.00 -13.75 -28.77
C ILE B 81 -55.70 -14.77 -29.66
N MET B 82 -56.56 -15.59 -29.06
CA MET B 82 -57.24 -16.66 -29.77
C MET B 82 -58.54 -17.02 -29.05
N ALA B 83 -59.41 -17.72 -29.76
CA ALA B 83 -60.71 -18.12 -29.21
C ALA B 83 -60.60 -19.40 -28.38
N GLU B 84 -60.22 -20.50 -29.03
CA GLU B 84 -60.12 -21.78 -28.34
C GLU B 84 -58.73 -21.98 -27.77
N GLU B 85 -58.66 -22.35 -26.49
CA GLU B 85 -57.39 -22.49 -25.79
C GLU B 85 -56.70 -23.78 -26.23
N ILE B 86 -55.58 -23.65 -26.92
CA ILE B 86 -54.73 -24.77 -27.30
C ILE B 86 -53.28 -24.39 -27.00
N ASP B 87 -52.51 -25.35 -26.52
CA ASP B 87 -51.11 -25.10 -26.15
C ASP B 87 -50.27 -24.92 -27.40
N PRO B 88 -49.62 -23.77 -27.58
CA PRO B 88 -48.81 -23.57 -28.79
C PRO B 88 -47.47 -24.30 -28.76
N ALA B 89 -47.15 -25.01 -27.68
CA ALA B 89 -45.81 -25.58 -27.53
C ALA B 89 -45.49 -26.57 -28.64
N VAL B 90 -46.44 -27.44 -29.00
CA VAL B 90 -46.18 -28.45 -30.01
C VAL B 90 -45.93 -27.81 -31.37
N SER B 91 -46.67 -26.76 -31.72
CA SER B 91 -46.49 -26.12 -33.01
C SER B 91 -45.22 -25.27 -33.05
N LEU B 92 -44.96 -24.52 -31.99
CA LEU B 92 -43.78 -23.67 -31.95
C LEU B 92 -42.49 -24.48 -31.89
N GLY B 93 -42.54 -25.69 -31.30
CA GLY B 93 -41.35 -26.52 -31.24
C GLY B 93 -40.82 -26.91 -32.61
N GLN B 94 -41.71 -27.12 -33.57
CA GLN B 94 -41.27 -27.46 -34.93
C GLN B 94 -40.50 -26.32 -35.58
N VAL B 95 -40.76 -25.08 -35.19
CA VAL B 95 -39.98 -23.95 -35.71
C VAL B 95 -38.55 -24.03 -35.22
N LEU B 96 -38.38 -24.37 -33.95
CA LEU B 96 -37.03 -24.56 -33.44
C LEU B 96 -36.38 -25.74 -34.13
N GLU B 97 -37.16 -26.80 -34.39
CA GLU B 97 -36.61 -28.00 -35.01
C GLU B 97 -36.07 -27.73 -36.42
N LYS B 98 -36.63 -26.77 -37.11
CA LYS B 98 -36.23 -26.57 -38.47
C LYS B 98 -35.05 -25.69 -38.58
N ALA B 99 -34.99 -24.69 -37.72
CA ALA B 99 -33.95 -23.71 -37.80
C ALA B 99 -32.70 -24.33 -37.30
N LEU B 100 -32.83 -25.18 -36.30
CA LEU B 100 -31.65 -25.82 -35.74
C LEU B 100 -30.96 -26.71 -36.73
N ALA B 101 -31.57 -26.98 -37.85
CA ALA B 101 -30.94 -27.93 -38.75
C ALA B 101 -30.58 -27.34 -40.06
N ASP B 105 -34.63 -19.70 -42.26
CA ASP B 105 -35.11 -18.35 -42.11
C ASP B 105 -36.18 -18.23 -41.05
N LEU B 106 -35.81 -18.34 -39.80
CA LEU B 106 -36.74 -18.13 -38.70
C LEU B 106 -37.79 -17.07 -38.83
N ILE B 107 -37.46 -15.88 -39.32
CA ILE B 107 -38.45 -14.80 -39.33
C ILE B 107 -39.53 -15.09 -40.30
N SER B 108 -39.27 -15.94 -41.26
CA SER B 108 -40.33 -16.34 -42.13
C SER B 108 -41.13 -17.42 -41.45
N GLU B 109 -40.47 -18.48 -41.01
CA GLU B 109 -41.24 -19.58 -40.42
C GLU B 109 -42.08 -19.24 -39.17
N LEU B 110 -41.63 -18.31 -38.36
CA LEU B 110 -42.36 -17.86 -37.18
C LEU B 110 -43.60 -17.09 -37.55
N THR B 111 -43.51 -16.21 -38.56
CA THR B 111 -44.66 -15.44 -38.98
C THR B 111 -45.75 -16.34 -39.54
N ALA B 112 -45.37 -17.32 -40.36
CA ALA B 112 -46.35 -18.24 -40.94
C ALA B 112 -47.05 -19.07 -39.87
N VAL B 113 -46.29 -19.54 -38.87
CA VAL B 113 -46.91 -20.34 -37.81
C VAL B 113 -47.79 -19.46 -36.93
N ALA B 114 -47.35 -18.25 -36.62
CA ALA B 114 -48.13 -17.36 -35.76
C ALA B 114 -49.43 -16.94 -36.43
N ASP B 115 -49.39 -16.66 -37.73
CA ASP B 115 -50.60 -16.27 -38.44
C ASP B 115 -51.63 -17.39 -38.50
N ARG B 116 -51.24 -18.62 -38.19
CA ARG B 116 -52.16 -19.74 -38.10
C ARG B 116 -52.63 -19.97 -36.67
N ILE B 117 -51.70 -19.93 -35.70
CA ILE B 117 -52.06 -20.20 -34.32
C ILE B 117 -52.97 -19.12 -33.75
N PHE B 118 -52.63 -17.86 -33.99
CA PHE B 118 -53.29 -16.74 -33.33
C PHE B 118 -54.11 -15.94 -34.34
N LEU B 119 -55.18 -15.32 -33.83
CA LEU B 119 -55.92 -14.35 -34.63
C LEU B 119 -55.20 -13.00 -34.69
N GLY B 120 -54.40 -12.69 -33.67
CA GLY B 120 -53.64 -11.46 -33.63
C GLY B 120 -52.47 -11.56 -32.67
N TRP B 121 -51.37 -10.87 -32.98
CA TRP B 121 -50.15 -11.03 -32.20
C TRP B 121 -49.22 -9.86 -32.48
N ASP B 122 -48.21 -9.72 -31.63
CA ASP B 122 -47.19 -8.69 -31.79
C ASP B 122 -45.93 -9.13 -31.08
N ASP B 123 -44.77 -8.86 -31.70
CA ASP B 123 -43.48 -9.25 -31.15
C ASP B 123 -42.76 -8.05 -30.52
N ASP B 124 -42.47 -7.00 -31.29
CA ASP B 124 -41.59 -5.93 -30.87
C ASP B 124 -42.18 -4.55 -31.11
N GLY B 125 -43.49 -4.42 -30.93
CA GLY B 125 -44.15 -3.16 -31.23
C GLY B 125 -43.94 -2.04 -30.24
N GLY B 126 -43.33 -2.34 -29.09
CA GLY B 126 -43.14 -1.36 -28.04
C GLY B 126 -41.72 -0.88 -27.94
N LYS B 127 -41.40 -0.30 -26.79
CA LYS B 127 -40.05 0.24 -26.53
C LYS B 127 -39.10 -0.93 -26.35
N GLY B 128 -38.16 -1.08 -27.27
CA GLY B 128 -37.25 -2.20 -27.23
C GLY B 128 -37.87 -3.44 -27.79
N TYR B 129 -37.78 -4.55 -27.05
CA TYR B 129 -38.34 -5.83 -27.48
C TYR B 129 -39.72 -6.08 -26.89
N SER B 130 -40.32 -5.07 -26.25
CA SER B 130 -41.64 -5.22 -25.65
C SER B 130 -42.72 -5.22 -26.71
N ALA B 131 -43.81 -5.94 -26.41
CA ALA B 131 -44.92 -6.09 -27.34
C ALA B 131 -46.09 -5.17 -26.98
N SER B 132 -46.85 -4.79 -28.00
CA SER B 132 -48.07 -4.01 -27.82
C SER B 132 -49.06 -4.40 -28.90
N LEU B 133 -50.32 -4.58 -28.52
CA LEU B 133 -51.31 -5.18 -29.43
C LEU B 133 -52.65 -4.47 -29.30
N GLU B 134 -53.27 -4.20 -30.45
CA GLU B 134 -54.65 -3.72 -30.53
C GLU B 134 -55.47 -4.72 -31.33
N PHE B 135 -56.62 -5.11 -30.79
CA PHE B 135 -57.42 -6.18 -31.41
C PHE B 135 -58.89 -5.86 -31.21
N THR B 136 -59.61 -5.68 -32.32
CA THR B 136 -61.05 -5.46 -32.28
C THR B 136 -61.78 -6.80 -32.18
N ILE B 137 -62.66 -6.93 -31.19
CA ILE B 137 -63.37 -8.17 -30.91
C ILE B 137 -64.28 -8.51 -32.09
N PRO B 138 -64.02 -9.61 -32.82
CA PRO B 138 -64.78 -9.89 -34.04
C PRO B 138 -66.27 -10.08 -33.83
N ARG B 139 -66.64 -11.09 -33.04
CA ARG B 139 -68.02 -11.44 -32.75
C ARG B 139 -68.19 -11.50 -31.22
N ASP B 140 -69.34 -11.99 -30.76
CA ASP B 140 -69.65 -12.08 -29.34
C ASP B 140 -69.23 -13.44 -28.81
N GLY B 141 -68.57 -13.45 -27.67
CA GLY B 141 -68.09 -14.68 -27.05
C GLY B 141 -66.92 -14.40 -26.14
N THR B 142 -66.22 -15.47 -25.78
CA THR B 142 -65.04 -15.39 -24.92
C THR B 142 -63.78 -15.72 -25.71
N TYR B 143 -62.65 -15.22 -25.23
CA TYR B 143 -61.37 -15.41 -25.90
C TYR B 143 -60.28 -15.66 -24.87
N HIS B 144 -59.09 -16.03 -25.37
CA HIS B 144 -57.93 -16.32 -24.54
C HIS B 144 -56.75 -15.47 -24.97
N ILE B 145 -55.96 -15.04 -23.99
CA ILE B 145 -54.74 -14.27 -24.22
C ILE B 145 -53.55 -15.15 -23.82
N PHE B 146 -52.55 -15.23 -24.69
CA PHE B 146 -51.38 -16.07 -24.48
C PHE B 146 -50.15 -15.18 -24.33
N ALA B 147 -49.44 -15.33 -23.21
CA ALA B 147 -48.19 -14.63 -22.96
C ALA B 147 -47.06 -15.64 -22.85
N GLY B 148 -45.90 -15.29 -23.39
CA GLY B 148 -44.81 -16.23 -23.43
C GLY B 148 -43.56 -15.63 -24.04
N SER B 149 -42.72 -16.50 -24.57
CA SER B 149 -41.41 -16.12 -25.11
C SER B 149 -41.35 -16.45 -26.60
N THR B 150 -40.79 -15.52 -27.37
CA THR B 150 -40.54 -15.76 -28.79
C THR B 150 -39.22 -16.51 -28.98
N ILE B 151 -38.91 -16.82 -30.24
CA ILE B 151 -37.68 -17.49 -30.61
C ILE B 151 -36.73 -16.45 -31.18
N THR B 152 -35.57 -16.29 -30.53
CA THR B 152 -34.63 -15.23 -30.90
C THR B 152 -33.20 -15.76 -30.81
N ASN B 153 -32.28 -14.99 -31.39
CA ASN B 153 -30.85 -15.21 -31.27
C ASN B 153 -30.24 -14.05 -30.50
N GLN B 154 -29.31 -14.36 -29.59
CA GLN B 154 -28.68 -13.35 -28.75
C GLN B 154 -27.17 -13.49 -28.72
N ARG B 155 -26.56 -13.92 -29.82
CA ARG B 155 -25.12 -14.10 -29.90
C ARG B 155 -24.60 -13.57 -31.23
N LEU B 156 -23.32 -13.17 -31.23
CA LEU B 156 -22.67 -12.71 -32.44
C LEU B 156 -21.55 -13.62 -32.92
N ASP B 157 -21.13 -14.60 -32.12
CA ASP B 157 -20.10 -15.54 -32.55
C ASP B 157 -20.68 -16.67 -33.39
N LYS B 158 -21.89 -17.10 -33.08
CA LYS B 158 -22.57 -18.14 -33.84
C LYS B 158 -24.07 -17.91 -33.75
N PHE B 159 -24.80 -18.54 -34.67
CA PHE B 159 -26.25 -18.40 -34.74
C PHE B 159 -26.90 -19.61 -34.06
N GLN B 160 -27.73 -19.35 -33.06
CA GLN B 160 -28.41 -20.42 -32.31
C GLN B 160 -29.72 -19.87 -31.76
N PRO B 161 -30.85 -20.15 -32.42
CA PRO B 161 -32.14 -19.70 -31.89
C PRO B 161 -32.54 -20.49 -30.65
N THR B 162 -33.08 -19.78 -29.67
CA THR B 162 -33.44 -20.36 -28.38
C THR B 162 -34.62 -19.61 -27.80
N TYR B 163 -35.20 -20.17 -26.74
CA TYR B 163 -36.21 -19.49 -25.95
C TYR B 163 -35.55 -18.56 -24.93
N THR B 164 -36.38 -17.90 -24.11
CA THR B 164 -35.90 -16.95 -23.12
C THR B 164 -36.67 -17.16 -21.81
N THR B 165 -36.06 -16.71 -20.71
CA THR B 165 -36.63 -16.87 -19.38
C THR B 165 -36.54 -15.56 -18.62
N GLY B 166 -37.52 -15.33 -17.75
CA GLY B 166 -37.50 -14.14 -16.92
C GLY B 166 -38.89 -13.79 -16.42
N SER B 167 -38.95 -12.68 -15.68
CA SER B 167 -40.19 -12.15 -15.16
C SER B 167 -40.75 -11.08 -16.09
N PHE B 168 -42.06 -10.83 -15.98
CA PHE B 168 -42.71 -9.90 -16.88
C PHE B 168 -43.85 -9.18 -16.18
N GLN B 169 -44.22 -8.03 -16.74
CA GLN B 169 -45.38 -7.26 -16.31
C GLN B 169 -46.33 -7.12 -17.50
N LEU B 170 -47.60 -7.46 -17.28
CA LEU B 170 -48.61 -7.46 -18.33
C LEU B 170 -49.73 -6.51 -17.97
N ILE B 171 -50.05 -5.59 -18.87
CA ILE B 171 -51.12 -4.62 -18.70
C ILE B 171 -52.16 -4.87 -19.78
N LEU B 172 -53.39 -5.14 -19.37
CA LEU B 172 -54.50 -5.38 -20.28
C LEU B 172 -55.54 -4.29 -20.13
N GLY B 173 -56.10 -3.84 -21.25
CA GLY B 173 -57.12 -2.81 -21.25
C GLY B 173 -58.28 -3.19 -22.15
N LEU B 174 -59.46 -2.66 -21.80
CA LEU B 174 -60.67 -2.84 -22.60
C LEU B 174 -61.24 -1.46 -22.92
N ASN B 175 -61.23 -1.11 -24.20
CA ASN B 175 -61.70 0.20 -24.67
C ASN B 175 -60.98 1.33 -23.93
N ALA B 176 -59.67 1.15 -23.71
CA ALA B 176 -58.82 2.13 -23.04
C ALA B 176 -57.61 2.38 -23.93
N PRO B 177 -57.69 3.34 -24.85
CA PRO B 177 -56.62 3.53 -25.83
C PRO B 177 -55.30 3.98 -25.23
N GLN B 178 -55.23 4.32 -23.95
CA GLN B 178 -53.97 4.74 -23.35
C GLN B 178 -53.09 3.55 -22.97
N VAL B 179 -53.59 2.33 -23.09
CA VAL B 179 -52.80 1.16 -22.70
C VAL B 179 -51.60 0.96 -23.62
N ILE B 180 -51.75 1.25 -24.92
CA ILE B 180 -50.67 1.00 -25.87
C ILE B 180 -49.49 1.91 -25.61
N SER B 181 -49.69 2.95 -24.81
CA SER B 181 -48.57 3.77 -24.38
C SER B 181 -47.75 3.08 -23.30
N GLY B 182 -48.29 2.02 -22.68
CA GLY B 182 -47.58 1.30 -21.64
C GLY B 182 -47.67 1.89 -20.25
N GLU B 183 -48.48 2.94 -20.06
CA GLU B 183 -48.56 3.64 -18.78
C GLU B 183 -49.96 3.62 -18.18
N GLY B 184 -50.80 2.67 -18.59
CA GLY B 184 -52.18 2.63 -18.10
C GLY B 184 -52.25 2.23 -16.63
N GLU B 185 -52.84 3.09 -15.80
CA GLU B 185 -53.08 2.83 -14.39
C GLU B 185 -54.37 2.04 -14.22
N PRO B 186 -54.44 1.13 -13.24
CA PRO B 186 -55.66 0.33 -13.06
C PRO B 186 -56.87 1.19 -12.80
N GLU B 187 -57.99 0.82 -13.42
CA GLU B 187 -59.23 1.58 -13.31
C GLU B 187 -60.41 0.66 -13.61
N GLY B 188 -61.60 1.08 -13.16
CA GLY B 188 -62.80 0.35 -13.49
C GLY B 188 -62.92 -0.98 -12.76
N GLU B 189 -63.77 -1.84 -13.29
CA GLU B 189 -64.04 -3.15 -12.74
C GLU B 189 -63.40 -4.22 -13.60
N VAL B 190 -62.79 -5.22 -12.95
CA VAL B 190 -61.98 -6.23 -13.62
C VAL B 190 -62.79 -6.97 -14.67
N PHE B 191 -62.10 -7.54 -15.66
CA PHE B 191 -62.75 -8.27 -16.76
C PHE B 191 -62.04 -9.56 -17.14
N ALA B 192 -60.79 -9.78 -16.73
CA ALA B 192 -60.05 -10.98 -17.08
C ALA B 192 -59.43 -11.57 -15.83
N SER B 193 -59.16 -12.88 -15.88
CA SER B 193 -58.64 -13.60 -14.74
C SER B 193 -57.68 -14.69 -15.20
N LEU B 194 -56.90 -15.21 -14.25
CA LEU B 194 -55.97 -16.29 -14.55
C LEU B 194 -56.73 -17.55 -14.96
N ALA B 195 -56.26 -18.18 -16.04
CA ALA B 195 -56.91 -19.38 -16.54
C ALA B 195 -56.56 -20.63 -15.73
N SER B 196 -55.34 -20.68 -15.19
CA SER B 196 -54.89 -21.90 -14.51
C SER B 196 -55.70 -22.18 -13.25
N LEU B 197 -56.34 -21.16 -12.68
CA LEU B 197 -57.13 -21.32 -11.46
C LEU B 197 -58.37 -22.18 -11.68
N GLU B 198 -58.77 -22.43 -12.92
CA GLU B 198 -59.98 -23.18 -13.20
C GLU B 198 -59.81 -24.68 -13.02
N ILE B 199 -58.58 -25.19 -12.92
CA ILE B 199 -58.30 -26.62 -12.90
C ILE B 199 -57.41 -26.94 -11.71
N LYS B 200 -57.15 -28.23 -11.48
CA LYS B 200 -56.26 -28.64 -10.40
C LYS B 200 -54.81 -28.21 -10.64
N PRO B 201 -54.17 -27.60 -9.62
CA PRO B 201 -52.77 -27.18 -9.75
C PRO B 201 -51.81 -28.30 -10.12
N GLU B 202 -50.88 -28.03 -11.04
CA GLU B 202 -49.91 -29.03 -11.46
C GLU B 202 -49.06 -29.57 -10.31
N ALA B 203 -48.97 -30.89 -10.21
CA ALA B 203 -48.21 -31.48 -9.12
C ALA B 203 -46.74 -31.68 -9.50
N HIS B 204 -45.89 -31.70 -8.47
CA HIS B 204 -44.48 -32.03 -8.62
C HIS B 204 -44.12 -33.09 -7.59
N VAL B 205 -43.34 -34.09 -8.00
CA VAL B 205 -42.93 -35.18 -7.12
C VAL B 205 -41.45 -35.44 -7.32
N GLN B 206 -40.74 -35.71 -6.23
CA GLN B 206 -39.32 -36.03 -6.27
C GLN B 206 -39.00 -37.07 -5.21
N GLU B 207 -38.11 -38.00 -5.55
CA GLU B 207 -37.71 -39.05 -4.64
C GLU B 207 -36.19 -39.06 -4.48
N LEU B 208 -35.74 -39.22 -3.23
CA LEU B 208 -34.32 -39.21 -2.90
C LEU B 208 -34.01 -40.34 -1.93
N GLU B 209 -32.79 -40.86 -2.03
CA GLU B 209 -32.30 -41.88 -1.12
C GLU B 209 -31.23 -41.26 -0.23
N ILE B 210 -31.38 -41.42 1.08
CA ILE B 210 -30.49 -40.79 2.05
C ILE B 210 -29.98 -41.84 3.02
N ARG B 211 -28.73 -41.64 3.46
CA ARG B 211 -28.07 -42.55 4.38
C ARG B 211 -27.54 -41.76 5.57
N LEU B 212 -27.82 -42.24 6.78
CA LEU B 212 -27.43 -41.57 8.01
C LEU B 212 -26.23 -42.30 8.60
N ASP B 213 -25.03 -41.79 8.32
CA ASP B 213 -23.81 -42.34 8.88
C ASP B 213 -23.75 -42.11 10.39
N LYS B 214 -22.71 -42.67 11.01
CA LYS B 214 -22.54 -42.51 12.45
C LYS B 214 -22.36 -41.06 12.85
N ASP B 215 -21.58 -40.31 12.07
CA ASP B 215 -21.32 -38.90 12.35
C ASP B 215 -22.23 -37.95 11.59
N THR B 216 -23.20 -38.48 10.84
CA THR B 216 -24.09 -37.66 10.01
C THR B 216 -25.55 -38.05 10.29
N ARG B 217 -25.91 -38.08 11.57
CA ARG B 217 -27.24 -38.50 11.98
C ARG B 217 -28.30 -37.41 11.78
N TYR B 218 -27.93 -36.21 11.36
CA TYR B 218 -28.87 -35.13 11.13
C TYR B 218 -28.73 -34.62 9.70
N LEU B 219 -29.85 -34.48 9.01
CA LEU B 219 -29.84 -34.04 7.61
C LEU B 219 -30.96 -33.04 7.37
N THR B 220 -30.65 -32.00 6.59
CA THR B 220 -31.59 -30.95 6.27
C THR B 220 -31.56 -30.66 4.78
N GLN B 221 -32.73 -30.31 4.23
CA GLN B 221 -32.87 -29.96 2.82
C GLN B 221 -33.77 -28.74 2.69
N HIS B 222 -33.47 -27.90 1.71
CA HIS B 222 -34.24 -26.69 1.45
C HIS B 222 -35.12 -26.88 0.21
N THR B 223 -36.34 -26.38 0.29
CA THR B 223 -37.31 -26.47 -0.80
C THR B 223 -37.43 -25.12 -1.52
N ARG B 224 -37.93 -25.18 -2.74
CA ARG B 224 -38.24 -23.98 -3.49
C ARG B 224 -39.41 -23.23 -2.84
N ASN B 225 -39.61 -21.99 -3.27
CA ASN B 225 -40.65 -21.16 -2.69
C ASN B 225 -42.04 -21.68 -3.05
N LEU B 226 -42.96 -21.58 -2.10
CA LEU B 226 -44.34 -21.99 -2.29
C LEU B 226 -45.26 -20.78 -2.27
N GLN B 227 -46.21 -20.76 -3.21
CA GLN B 227 -47.20 -19.70 -3.28
C GLN B 227 -48.36 -19.99 -2.32
N PRO B 228 -49.09 -18.96 -1.90
CA PRO B 228 -50.19 -19.19 -0.95
C PRO B 228 -51.26 -20.10 -1.54
N GLY B 229 -51.80 -20.98 -0.69
CA GLY B 229 -52.77 -21.97 -1.10
C GLY B 229 -52.18 -23.30 -1.49
N ASP B 230 -50.86 -23.41 -1.61
CA ASP B 230 -50.24 -24.68 -1.98
C ASP B 230 -50.21 -25.63 -0.78
N THR B 231 -49.89 -26.89 -1.07
CA THR B 231 -49.81 -27.91 -0.04
C THR B 231 -48.51 -28.70 -0.20
N PHE B 232 -48.01 -29.21 0.91
CA PHE B 232 -46.73 -29.92 0.96
C PHE B 232 -46.93 -31.26 1.64
N HIS B 233 -46.41 -32.32 1.03
CA HIS B 233 -46.52 -33.67 1.56
C HIS B 233 -45.15 -34.34 1.50
N ALA B 234 -44.87 -35.18 2.50
CA ALA B 234 -43.62 -35.91 2.56
C ALA B 234 -43.82 -37.20 3.33
N LEU B 235 -43.04 -38.22 2.95
CA LEU B 235 -43.07 -39.51 3.65
C LEU B 235 -41.70 -40.15 3.55
N VAL B 236 -41.34 -40.92 4.58
CA VAL B 236 -40.07 -41.61 4.64
C VAL B 236 -40.32 -43.07 5.01
N GLU B 237 -39.69 -43.98 4.28
CA GLU B 237 -39.80 -45.41 4.51
C GLU B 237 -38.41 -46.02 4.44
N PRO B 238 -37.99 -46.77 5.46
CA PRO B 238 -36.65 -47.35 5.45
C PRO B 238 -36.50 -48.43 4.39
N ILE B 239 -35.26 -48.59 3.91
CA ILE B 239 -34.97 -49.65 2.95
C ILE B 239 -35.14 -51.02 3.58
N GLY B 240 -34.66 -51.20 4.81
CA GLY B 240 -34.72 -52.50 5.45
C GLY B 240 -35.13 -52.44 6.90
N GLU B 241 -34.31 -53.03 7.78
CA GLU B 241 -34.60 -53.13 9.19
C GLU B 241 -34.22 -51.89 9.98
N ALA B 242 -33.86 -50.79 9.30
CA ALA B 242 -33.47 -49.58 10.00
C ALA B 242 -34.64 -49.01 10.78
N PRO B 243 -34.40 -48.46 11.97
CA PRO B 243 -35.50 -47.89 12.76
C PRO B 243 -36.04 -46.62 12.13
N LEU B 244 -37.31 -46.33 12.42
CA LEU B 244 -37.96 -45.14 11.90
C LEU B 244 -37.36 -43.89 12.51
N PRO B 245 -36.92 -42.92 11.72
CA PRO B 245 -36.39 -41.68 12.28
C PRO B 245 -37.49 -40.66 12.55
N ARG B 246 -37.09 -39.57 13.18
CA ARG B 246 -38.01 -38.47 13.43
C ARG B 246 -38.04 -37.52 12.25
N LEU B 247 -39.21 -36.93 12.01
CA LEU B 247 -39.43 -36.06 10.86
C LEU B 247 -40.16 -34.80 11.30
N ARG B 248 -39.71 -33.64 10.83
CA ARG B 248 -40.35 -32.38 11.15
C ARG B 248 -40.09 -31.38 10.04
N LEU B 249 -40.92 -30.33 10.01
CA LEU B 249 -40.86 -29.30 8.98
C LEU B 249 -40.77 -27.93 9.65
N THR B 250 -39.80 -27.13 9.22
CA THR B 250 -39.62 -25.78 9.73
C THR B 250 -39.35 -24.82 8.57
N ASP B 251 -39.56 -23.54 8.82
CA ASP B 251 -39.22 -22.53 7.84
C ASP B 251 -37.71 -22.26 7.86
N SER B 252 -37.30 -21.21 7.13
CA SER B 252 -35.89 -20.87 7.02
C SER B 252 -35.30 -20.30 8.30
N GLY B 253 -36.12 -19.89 9.26
CA GLY B 253 -35.63 -19.41 10.53
C GLY B 253 -35.60 -20.47 11.60
N GLY B 254 -36.25 -21.60 11.34
CA GLY B 254 -36.35 -22.67 12.30
C GLY B 254 -37.66 -22.76 13.04
N LYS B 255 -38.63 -21.93 12.71
CA LYS B 255 -39.92 -21.97 13.39
C LYS B 255 -40.67 -23.25 13.00
N PRO B 256 -41.12 -24.05 13.96
CA PRO B 256 -41.79 -25.30 13.61
C PRO B 256 -43.10 -25.05 12.90
N LEU B 257 -43.41 -25.93 11.95
CA LEU B 257 -44.63 -25.86 11.16
C LEU B 257 -45.44 -27.15 11.18
N ALA B 258 -44.78 -28.30 11.20
CA ALA B 258 -45.47 -29.58 11.22
C ALA B 258 -44.53 -30.64 11.81
N PHE B 259 -45.13 -31.73 12.27
CA PHE B 259 -44.38 -32.83 12.86
C PHE B 259 -44.88 -34.15 12.29
N GLY B 260 -43.97 -35.13 12.20
CA GLY B 260 -44.31 -36.38 11.55
C GLY B 260 -45.15 -37.27 12.44
N LEU B 261 -46.11 -37.96 11.82
CA LEU B 261 -47.01 -38.89 12.51
C LEU B 261 -46.74 -40.30 12.04
N ILE B 262 -46.56 -41.22 12.99
CA ILE B 262 -46.35 -42.62 12.64
C ILE B 262 -47.69 -43.25 12.25
N ASP B 263 -47.70 -43.90 11.09
CA ASP B 263 -48.92 -44.53 10.60
C ASP B 263 -49.25 -45.78 11.41
N GLN B 264 -50.52 -46.19 11.36
CA GLN B 264 -50.95 -47.41 12.04
C GLN B 264 -50.18 -48.63 11.57
N PRO B 265 -49.99 -48.86 10.25
CA PRO B 265 -48.97 -49.84 9.84
C PRO B 265 -47.59 -49.25 10.00
N GLY B 266 -47.03 -49.35 11.21
CA GLY B 266 -45.90 -48.51 11.58
C GLY B 266 -44.61 -48.83 10.86
N GLU B 267 -44.60 -48.53 9.56
CA GLU B 267 -43.39 -48.65 8.74
C GLU B 267 -42.99 -47.36 8.05
N SER B 268 -43.73 -46.27 8.23
CA SER B 268 -43.42 -45.02 7.56
C SER B 268 -43.89 -43.85 8.42
N VAL B 269 -43.33 -42.67 8.14
CA VAL B 269 -43.70 -41.43 8.80
C VAL B 269 -44.16 -40.46 7.73
N GLU B 270 -45.26 -39.76 7.99
CA GLU B 270 -45.86 -38.87 7.00
C GLU B 270 -46.12 -37.50 7.61
N LEU B 271 -46.22 -36.50 6.74
CA LEU B 271 -46.36 -35.11 7.16
C LEU B 271 -47.19 -34.35 6.12
N ASN B 272 -47.86 -33.30 6.57
CA ASN B 272 -48.69 -32.48 5.70
C ASN B 272 -48.67 -31.04 6.18
N TYR B 273 -48.76 -30.09 5.24
CA TYR B 273 -48.76 -28.68 5.57
C TYR B 273 -49.48 -27.91 4.46
N THR B 274 -49.97 -26.73 4.81
CA THR B 274 -50.65 -25.85 3.86
C THR B 274 -50.14 -24.43 4.03
N CYS B 275 -50.00 -23.71 2.91
CA CYS B 275 -49.27 -22.45 2.88
C CYS B 275 -50.21 -21.28 3.14
N ASP B 276 -49.85 -20.44 4.10
CA ASP B 276 -50.64 -19.25 4.44
C ASP B 276 -49.98 -17.94 4.02
N GLN B 277 -48.66 -17.83 4.14
CA GLN B 277 -47.98 -16.58 3.88
C GLN B 277 -47.82 -16.35 2.38
N ASP B 278 -47.40 -15.13 2.03
CA ASP B 278 -47.18 -14.79 0.63
C ASP B 278 -46.06 -15.63 0.01
N ILE B 279 -44.96 -15.81 0.73
CA ILE B 279 -43.88 -16.69 0.30
C ILE B 279 -43.46 -17.54 1.49
N CYS B 280 -43.47 -18.86 1.30
CA CYS B 280 -43.07 -19.81 2.33
C CYS B 280 -41.85 -20.59 1.85
N GLU B 281 -40.79 -20.57 2.65
CA GLU B 281 -39.57 -21.32 2.38
C GLU B 281 -39.45 -22.39 3.47
N LEU B 282 -39.40 -23.65 3.05
CA LEU B 282 -39.49 -24.77 3.97
C LEU B 282 -38.19 -25.55 4.02
N VAL B 283 -37.92 -26.13 5.18
CA VAL B 283 -36.76 -26.99 5.40
C VAL B 283 -37.26 -28.30 5.99
N VAL B 284 -36.84 -29.41 5.39
CA VAL B 284 -37.21 -30.75 5.86
C VAL B 284 -36.08 -31.28 6.73
N HIS B 285 -36.42 -31.70 7.95
CA HIS B 285 -35.46 -32.26 8.89
C HIS B 285 -35.69 -33.76 9.01
N VAL B 286 -34.62 -34.53 8.83
CA VAL B 286 -34.65 -35.97 9.10
C VAL B 286 -33.49 -36.28 10.04
N ASP B 287 -33.80 -36.88 11.18
CA ASP B 287 -32.80 -37.12 12.21
C ASP B 287 -33.03 -38.47 12.86
N GLY B 288 -31.93 -39.17 13.12
CA GLY B 288 -31.97 -40.43 13.84
C GLY B 288 -31.09 -40.42 15.07
N THR B 289 -30.94 -39.25 15.68
CA THR B 289 -30.12 -39.11 16.88
C THR B 289 -30.95 -39.32 18.14
N ASP B 290 -31.63 -40.46 18.22
CA ASP B 290 -32.42 -40.79 19.41
C ASP B 290 -31.50 -40.99 20.62
N ASP B 294 -24.11 -46.60 17.54
CA ASP B 294 -23.46 -46.57 16.22
C ASP B 294 -23.89 -47.78 15.38
N SER B 295 -25.18 -47.75 14.99
CA SER B 295 -25.75 -48.85 14.23
C SER B 295 -25.03 -49.05 12.91
N GLY B 296 -24.57 -47.96 12.29
CA GLY B 296 -23.83 -48.07 11.05
C GLY B 296 -24.47 -47.43 9.83
N GLU B 297 -24.98 -48.25 8.91
CA GLU B 297 -25.30 -47.79 7.57
C GLU B 297 -26.79 -47.80 7.26
N ALA B 298 -27.61 -47.28 8.18
CA ALA B 298 -29.04 -47.17 7.93
C ALA B 298 -29.31 -46.28 6.72
N VAL B 299 -30.30 -46.68 5.91
CA VAL B 299 -30.63 -45.97 4.69
C VAL B 299 -32.14 -45.90 4.56
N TYR B 300 -32.64 -44.73 4.15
CA TYR B 300 -34.07 -44.49 4.05
C TYR B 300 -34.39 -43.91 2.68
N ARG B 301 -35.65 -44.08 2.27
CA ARG B 301 -36.18 -43.47 1.06
C ARG B 301 -37.05 -42.28 1.41
N LEU B 302 -36.75 -41.13 0.82
CA LEU B 302 -37.47 -39.89 1.09
C LEU B 302 -38.29 -39.52 -0.14
N LEU B 303 -39.59 -39.34 0.04
CA LEU B 303 -40.50 -38.93 -1.02
C LEU B 303 -41.10 -37.59 -0.66
N VAL B 304 -41.08 -36.66 -1.62
CA VAL B 304 -41.56 -35.30 -1.39
C VAL B 304 -42.41 -34.87 -2.58
N GLY B 305 -43.43 -34.07 -2.31
CA GLY B 305 -44.32 -33.61 -3.36
C GLY B 305 -44.97 -32.29 -3.01
N ILE B 306 -45.28 -31.53 -4.05
CA ILE B 306 -46.01 -30.27 -3.95
C ILE B 306 -47.31 -30.41 -4.72
N ASN B 307 -48.43 -30.11 -4.07
CA ASN B 307 -49.77 -30.24 -4.66
C ASN B 307 -49.99 -31.65 -5.19
N ALA B 308 -49.44 -32.64 -4.49
CA ALA B 308 -49.55 -34.05 -4.88
C ALA B 308 -49.95 -34.87 -3.66
N PRO B 309 -51.25 -34.89 -3.33
CA PRO B 309 -51.71 -35.69 -2.18
C PRO B 309 -51.64 -37.19 -2.40
N ASN B 310 -51.35 -37.66 -3.62
CA ASN B 310 -51.33 -39.08 -3.94
C ASN B 310 -49.95 -39.71 -3.78
N LEU B 311 -49.10 -39.15 -2.91
CA LEU B 311 -47.75 -39.68 -2.75
C LEU B 311 -47.72 -41.12 -2.25
N VAL B 319 -42.40 -36.47 -11.67
CA VAL B 319 -42.78 -35.52 -12.70
C VAL B 319 -42.46 -34.11 -12.21
N GLY B 320 -42.60 -33.14 -13.12
CA GLY B 320 -42.41 -31.74 -12.76
C GLY B 320 -40.98 -31.36 -12.49
N SER B 321 -40.74 -30.07 -12.21
CA SER B 321 -39.41 -29.61 -11.85
C SER B 321 -38.99 -30.18 -10.51
N SER B 322 -37.71 -30.06 -10.17
CA SER B 322 -37.22 -30.54 -8.89
C SER B 322 -37.90 -29.80 -7.75
N VAL B 323 -38.13 -30.51 -6.65
CA VAL B 323 -38.73 -29.91 -5.46
C VAL B 323 -37.69 -29.23 -4.60
N PHE B 324 -36.55 -29.91 -4.37
CA PHE B 324 -35.48 -29.35 -3.56
C PHE B 324 -34.55 -28.50 -4.40
N LEU B 325 -33.95 -27.49 -3.77
CA LEU B 325 -32.96 -26.67 -4.45
C LEU B 325 -31.72 -27.48 -4.81
N GLU B 326 -31.10 -27.11 -5.92
CA GLU B 326 -29.91 -27.80 -6.43
C GLU B 326 -28.71 -26.86 -6.41
N SER B 327 -27.53 -27.44 -6.25
CA SER B 327 -26.30 -26.67 -6.30
C SER B 327 -25.94 -26.31 -7.74
N ASP B 328 -25.29 -25.16 -7.90
CA ASP B 328 -24.78 -24.75 -9.20
C ASP B 328 -23.51 -25.51 -9.54
N LEU B 329 -23.37 -25.91 -10.80
CA LEU B 329 -22.25 -26.74 -11.24
C LEU B 329 -21.16 -25.87 -11.86
N VAL B 330 -19.92 -26.05 -11.38
CA VAL B 330 -18.78 -25.24 -11.81
C VAL B 330 -17.78 -26.13 -12.53
N THR B 331 -17.25 -25.65 -13.66
CA THR B 331 -16.18 -26.30 -14.40
C THR B 331 -14.87 -25.55 -14.18
N VAL B 332 -13.79 -26.29 -13.92
CA VAL B 332 -12.52 -25.69 -13.55
C VAL B 332 -11.39 -26.32 -14.37
N GLY B 333 -10.34 -25.53 -14.59
CA GLY B 333 -9.14 -26.02 -15.27
C GLY B 333 -7.94 -25.20 -14.87
N LEU B 334 -6.77 -25.85 -14.86
CA LEU B 334 -5.53 -25.20 -14.47
C LEU B 334 -4.38 -25.70 -15.36
N ALA B 335 -3.44 -24.80 -15.65
CA ALA B 335 -2.26 -25.11 -16.43
C ALA B 335 -1.02 -24.53 -15.77
N VAL B 336 0.09 -25.26 -15.84
CA VAL B 336 1.36 -24.84 -15.26
C VAL B 336 2.31 -24.45 -16.39
N ASP B 337 2.88 -23.26 -16.30
CA ASP B 337 3.81 -22.77 -17.32
C ASP B 337 5.27 -22.99 -16.93
N GLN B 338 5.63 -22.67 -15.69
CA GLN B 338 7.02 -22.72 -15.28
C GLN B 338 7.13 -22.85 -13.77
N ILE B 339 8.03 -23.71 -13.31
CA ILE B 339 8.41 -23.77 -11.89
C ILE B 339 9.61 -22.85 -11.71
N VAL B 340 9.46 -21.83 -10.85
CA VAL B 340 10.43 -20.75 -10.80
C VAL B 340 11.31 -20.77 -9.55
N GLY B 341 11.10 -21.70 -8.62
CA GLY B 341 11.96 -21.78 -7.47
C GLY B 341 11.47 -22.81 -6.47
N VAL B 342 12.42 -23.37 -5.74
CA VAL B 342 12.17 -24.32 -4.65
C VAL B 342 13.06 -23.95 -3.47
N ASP B 343 12.46 -23.87 -2.29
CA ASP B 343 13.17 -23.55 -1.05
C ASP B 343 13.21 -24.82 -0.20
N GLN B 344 14.41 -25.35 0.03
CA GLN B 344 14.56 -26.63 0.71
C GLN B 344 14.64 -26.50 2.22
N ARG B 345 14.93 -25.31 2.74
CA ARG B 345 14.95 -25.13 4.19
C ARG B 345 13.60 -24.73 4.75
N SER B 346 12.90 -23.80 4.09
CA SER B 346 11.57 -23.38 4.51
C SER B 346 10.47 -24.25 3.90
N GLU B 347 10.80 -25.13 2.97
CA GLU B 347 9.88 -26.09 2.37
C GLU B 347 8.70 -25.39 1.69
N ASN B 348 9.01 -24.64 0.64
CA ASN B 348 8.01 -24.01 -0.21
C ASN B 348 8.54 -23.90 -1.63
N PHE B 349 7.63 -23.70 -2.58
CA PHE B 349 8.00 -23.55 -3.99
C PHE B 349 7.07 -22.51 -4.63
N SER B 350 7.52 -21.99 -5.77
CA SER B 350 6.80 -20.96 -6.52
C SER B 350 6.54 -21.43 -7.94
N VAL B 351 5.39 -21.06 -8.49
CA VAL B 351 4.94 -21.55 -9.78
C VAL B 351 4.19 -20.44 -10.53
N VAL B 352 4.22 -20.51 -11.86
CA VAL B 352 3.52 -19.59 -12.74
C VAL B 352 2.54 -20.40 -13.59
N GLY B 353 1.30 -19.94 -13.67
CA GLY B 353 0.29 -20.68 -14.41
C GLY B 353 -0.94 -19.86 -14.69
N THR B 354 -1.99 -20.57 -15.14
CA THR B 354 -3.26 -19.98 -15.56
C THR B 354 -4.42 -20.78 -14.99
N LEU B 355 -5.50 -20.07 -14.62
CA LEU B 355 -6.69 -20.67 -14.03
C LEU B 355 -7.94 -20.21 -14.76
N LYS B 356 -8.90 -21.12 -14.94
CA LYS B 356 -10.15 -20.83 -15.65
C LYS B 356 -11.32 -21.44 -14.92
N LEU B 357 -12.42 -20.68 -14.82
CA LEU B 357 -13.67 -21.14 -14.19
C LEU B 357 -14.84 -20.81 -15.10
N SER B 358 -15.89 -21.62 -15.01
CA SER B 358 -17.10 -21.44 -15.80
C SER B 358 -18.31 -21.98 -15.05
N TRP B 359 -19.41 -21.23 -15.05
CA TRP B 359 -20.66 -21.65 -14.42
C TRP B 359 -21.82 -20.91 -15.06
N HIS B 360 -23.04 -21.36 -14.74
CA HIS B 360 -24.27 -20.82 -15.31
C HIS B 360 -25.21 -20.38 -14.20
N ASP B 361 -25.69 -19.14 -14.27
CA ASP B 361 -26.61 -18.59 -13.28
C ASP B 361 -27.63 -17.69 -13.95
N PRO B 362 -28.90 -18.07 -13.97
CA PRO B 362 -29.92 -17.22 -14.63
C PRO B 362 -30.12 -15.87 -13.96
N LYS B 363 -29.72 -15.70 -12.70
CA LYS B 363 -29.87 -14.41 -12.04
C LYS B 363 -28.95 -13.34 -12.61
N LEU B 364 -27.88 -13.73 -13.31
CA LEU B 364 -26.99 -12.78 -13.92
C LEU B 364 -27.43 -12.34 -15.31
N GLY B 365 -28.52 -12.89 -15.83
CA GLY B 365 -28.95 -12.54 -17.17
C GLY B 365 -29.42 -11.10 -17.26
N PHE B 366 -29.28 -10.53 -18.45
CA PHE B 366 -29.71 -9.17 -18.71
C PHE B 366 -30.41 -9.11 -20.06
N SER B 367 -30.93 -7.94 -20.41
CA SER B 367 -31.63 -7.73 -21.67
C SER B 367 -30.74 -6.93 -22.60
N PRO B 368 -30.43 -7.44 -23.80
CA PRO B 368 -29.49 -6.76 -24.69
C PRO B 368 -29.92 -5.35 -25.09
N ASP B 369 -31.22 -5.14 -25.23
CA ASP B 369 -31.76 -3.87 -25.69
C ASP B 369 -31.55 -2.75 -24.67
N GLN B 370 -31.00 -3.07 -23.51
CA GLN B 370 -30.73 -2.09 -22.47
C GLN B 370 -29.28 -1.66 -22.44
N CYS B 371 -28.43 -2.28 -23.25
CA CYS B 371 -27.02 -1.94 -23.27
C CYS B 371 -26.48 -1.88 -24.70
N GLY B 372 -27.24 -2.41 -25.65
CA GLY B 372 -26.77 -2.50 -27.02
C GLY B 372 -25.55 -3.38 -27.19
N CYS B 373 -25.36 -4.35 -26.30
CA CYS B 373 -24.18 -5.19 -26.32
C CYS B 373 -24.57 -6.63 -26.02
N THR B 374 -23.68 -7.55 -26.40
CA THR B 374 -23.89 -8.97 -26.16
C THR B 374 -23.03 -9.51 -25.02
N VAL B 375 -22.04 -8.76 -24.55
CA VAL B 375 -21.15 -9.21 -23.48
C VAL B 375 -20.98 -8.10 -22.46
N LYS B 376 -21.11 -8.44 -21.19
CA LYS B 376 -20.82 -7.55 -20.08
C LYS B 376 -19.58 -8.06 -19.35
N SER B 377 -18.66 -7.15 -19.01
CA SER B 377 -17.36 -7.56 -18.49
C SER B 377 -16.98 -6.73 -17.26
N PHE B 378 -16.16 -7.36 -16.42
CA PHE B 378 -15.54 -6.72 -15.26
C PHE B 378 -14.06 -7.00 -15.31
N GLU B 379 -13.23 -6.00 -15.04
CA GLU B 379 -11.80 -6.11 -15.24
C GLU B 379 -11.04 -5.71 -13.98
N ASP B 380 -9.93 -6.40 -13.74
CA ASP B 380 -9.00 -6.10 -12.64
C ASP B 380 -9.67 -6.17 -11.28
N ALA B 381 -10.57 -7.12 -11.08
CA ALA B 381 -11.25 -7.28 -9.81
C ALA B 381 -11.36 -8.77 -9.47
N SER B 382 -11.32 -9.06 -8.17
CA SER B 382 -11.53 -10.41 -7.70
C SER B 382 -13.02 -10.76 -7.71
N ILE B 383 -13.30 -12.06 -7.56
CA ILE B 383 -14.69 -12.51 -7.56
C ILE B 383 -15.44 -11.97 -6.34
N ARG B 384 -14.74 -11.86 -5.20
CA ARG B 384 -15.38 -11.33 -4.00
C ARG B 384 -15.80 -9.87 -4.20
N ALA B 385 -14.95 -9.07 -4.82
CA ALA B 385 -15.27 -7.66 -5.04
C ALA B 385 -16.46 -7.51 -5.98
N VAL B 386 -16.50 -8.30 -7.05
CA VAL B 386 -17.64 -8.25 -7.97
C VAL B 386 -18.91 -8.69 -7.27
N ALA B 387 -18.83 -9.74 -6.44
CA ALA B 387 -19.98 -10.19 -5.69
C ALA B 387 -20.49 -9.12 -4.74
N GLY B 388 -19.59 -8.39 -4.09
CA GLY B 388 -20.01 -7.29 -3.25
C GLY B 388 -20.56 -6.10 -4.00
N GLU B 389 -20.14 -5.90 -5.25
CA GLU B 389 -20.66 -4.81 -6.06
C GLU B 389 -22.03 -5.11 -6.64
N ILE B 390 -22.30 -6.35 -7.04
CA ILE B 390 -23.59 -6.69 -7.64
C ILE B 390 -24.55 -7.34 -6.66
N ASN B 391 -24.11 -7.62 -5.43
CA ASN B 391 -24.96 -8.17 -4.37
C ASN B 391 -25.59 -9.50 -4.77
N LEU B 392 -24.81 -10.38 -5.38
CA LEU B 392 -25.24 -11.73 -5.69
C LEU B 392 -24.16 -12.72 -5.29
N PRO B 393 -24.54 -13.93 -4.89
CA PRO B 393 -23.53 -14.93 -4.51
C PRO B 393 -22.79 -15.47 -5.72
N LEU B 394 -21.46 -15.53 -5.61
CA LEU B 394 -20.56 -16.00 -6.64
C LEU B 394 -19.58 -17.01 -6.04
N PRO B 395 -19.04 -17.92 -6.86
CA PRO B 395 -18.13 -18.95 -6.33
C PRO B 395 -16.70 -18.45 -6.11
N SER B 396 -16.47 -17.84 -4.95
CA SER B 396 -15.12 -17.38 -4.60
C SER B 396 -14.21 -18.56 -4.27
N PHE B 397 -12.91 -18.33 -4.39
CA PHE B 397 -11.92 -19.39 -4.23
C PHE B 397 -10.65 -18.83 -3.61
N SER B 398 -9.81 -19.72 -3.10
CA SER B 398 -8.49 -19.36 -2.59
C SER B 398 -7.52 -20.51 -2.76
N PHE B 399 -6.24 -20.19 -2.76
CA PHE B 399 -5.17 -21.20 -2.73
C PHE B 399 -4.95 -21.61 -1.27
N TYR B 400 -5.00 -22.92 -1.00
CA TYR B 400 -5.01 -23.39 0.38
C TYR B 400 -3.71 -23.09 1.11
N ASN B 401 -2.57 -23.26 0.44
CA ASN B 401 -1.27 -23.11 1.07
C ASN B 401 -0.55 -21.82 0.63
N GLN B 402 -1.30 -20.78 0.29
CA GLN B 402 -0.69 -19.55 -0.22
C GLN B 402 0.14 -18.86 0.86
N GLN B 403 1.35 -18.44 0.47
CA GLN B 403 2.26 -17.69 1.34
C GLN B 403 2.38 -16.28 0.80
N GLY B 404 1.97 -15.29 1.59
CA GLY B 404 2.06 -13.91 1.17
C GLY B 404 1.05 -13.56 0.09
N ASN B 405 1.29 -12.41 -0.55
CA ASN B 405 0.40 -11.91 -1.58
C ASN B 405 0.65 -12.61 -2.92
N ARG B 406 -0.40 -12.63 -3.75
CA ARG B 406 -0.35 -13.27 -5.05
C ARG B 406 -0.39 -12.22 -6.15
N TRP B 407 0.49 -12.36 -7.14
CA TRP B 407 0.53 -11.46 -8.28
C TRP B 407 -0.38 -11.98 -9.38
N SER B 408 -1.25 -11.12 -9.89
CA SER B 408 -2.27 -11.49 -10.86
C SER B 408 -2.20 -10.59 -12.08
N GLN B 409 -2.45 -11.18 -13.25
CA GLN B 409 -2.50 -10.44 -14.51
C GLN B 409 -3.68 -10.92 -15.33
N ASN B 410 -4.17 -10.02 -16.19
CA ASN B 410 -5.24 -10.31 -17.15
C ASN B 410 -6.51 -10.81 -16.47
N GLN B 411 -6.84 -10.26 -15.30
CA GLN B 411 -8.01 -10.70 -14.55
C GLN B 411 -9.28 -10.14 -15.17
N VAL B 412 -10.22 -11.01 -15.55
CA VAL B 412 -11.43 -10.60 -16.24
C VAL B 412 -12.57 -11.56 -15.92
N ILE B 413 -13.77 -11.00 -15.78
CA ILE B 413 -15.01 -11.76 -15.67
C ILE B 413 -15.98 -11.22 -16.71
N PHE B 414 -16.55 -12.10 -17.53
CA PHE B 414 -17.52 -11.68 -18.53
C PHE B 414 -18.72 -12.62 -18.55
N VAL B 415 -19.90 -12.04 -18.81
CA VAL B 415 -21.17 -12.74 -18.70
C VAL B 415 -21.97 -12.53 -19.98
N THR B 416 -22.65 -13.57 -20.42
CA THR B 416 -23.56 -13.54 -21.56
C THR B 416 -24.99 -13.29 -21.10
N PRO B 417 -25.87 -12.83 -22.00
CA PRO B 417 -27.25 -12.55 -21.59
C PRO B 417 -28.00 -13.74 -21.05
N ASP B 418 -27.69 -14.96 -21.51
CA ASP B 418 -28.38 -16.14 -20.99
C ASP B 418 -28.00 -16.43 -19.55
N GLY B 419 -26.87 -15.91 -19.08
CA GLY B 419 -26.41 -16.15 -17.73
C GLY B 419 -25.15 -16.96 -17.60
N ARG B 420 -24.46 -17.22 -18.71
CA ARG B 420 -23.21 -17.98 -18.66
C ARG B 420 -22.05 -17.04 -18.32
N ALA B 421 -21.32 -17.37 -17.26
CA ALA B 421 -20.21 -16.56 -16.77
C ALA B 421 -18.92 -17.38 -16.78
N SER B 422 -17.79 -16.67 -16.87
CA SER B 422 -16.49 -17.33 -16.82
C SER B 422 -15.44 -16.38 -16.26
N TYR B 423 -14.42 -16.95 -15.64
CA TYR B 423 -13.35 -16.22 -14.98
C TYR B 423 -12.01 -16.66 -15.54
N PHE B 424 -11.05 -15.72 -15.61
CA PHE B 424 -9.73 -15.98 -16.16
C PHE B 424 -8.68 -15.22 -15.36
N GLU B 425 -7.54 -15.85 -15.13
CA GLU B 425 -6.46 -15.24 -14.35
C GLU B 425 -5.12 -15.86 -14.71
N ARG B 426 -4.09 -15.01 -14.80
CA ARG B 426 -2.70 -15.43 -14.89
C ARG B 426 -2.00 -15.03 -13.60
N PHE B 427 -1.35 -15.98 -12.94
CA PHE B 427 -0.87 -15.80 -11.58
C PHE B 427 0.57 -16.23 -11.40
N THR B 428 1.21 -15.66 -10.38
CA THR B 428 2.48 -16.15 -9.83
C THR B 428 2.30 -16.23 -8.33
N VAL B 429 2.57 -17.41 -7.75
CA VAL B 429 2.25 -17.67 -6.34
C VAL B 429 3.32 -18.54 -5.70
N THR B 430 3.45 -18.41 -4.39
CA THR B 430 4.34 -19.24 -3.58
C THR B 430 3.50 -20.09 -2.63
N LEU B 431 3.75 -21.41 -2.62
CA LEU B 431 2.94 -22.37 -1.88
C LEU B 431 3.81 -23.13 -0.89
N GLN B 432 3.32 -23.28 0.34
CA GLN B 432 4.02 -24.04 1.35
C GLN B 432 3.93 -25.54 1.05
N ALA B 433 5.00 -26.27 1.37
CA ALA B 433 5.05 -27.71 1.09
C ALA B 433 5.71 -28.47 2.24
N PRO B 434 5.03 -28.64 3.38
CA PRO B 434 5.65 -29.39 4.49
C PRO B 434 5.81 -30.87 4.21
N ASP B 435 5.24 -31.39 3.13
CA ASP B 435 5.36 -32.81 2.83
C ASP B 435 6.70 -33.21 2.23
N PHE B 436 7.58 -32.26 1.93
CA PHE B 436 8.89 -32.58 1.36
C PHE B 436 9.67 -33.51 2.27
N ASP B 437 10.44 -34.42 1.66
CA ASP B 437 11.29 -35.36 2.39
C ASP B 437 12.59 -35.51 1.62
N PHE B 438 13.69 -35.01 2.19
CA PHE B 438 14.99 -35.00 1.53
C PHE B 438 15.97 -36.03 2.10
N LEU B 439 15.48 -37.09 2.72
CA LEU B 439 16.36 -38.08 3.33
C LEU B 439 17.22 -38.79 2.28
N ALA B 440 16.63 -39.11 1.12
CA ALA B 440 17.33 -39.85 0.07
C ALA B 440 18.09 -38.95 -0.90
N TYR B 441 18.36 -37.71 -0.52
CA TYR B 441 19.06 -36.78 -1.39
C TYR B 441 20.42 -37.35 -1.80
N PRO B 442 20.84 -37.21 -3.07
CA PRO B 442 20.13 -36.52 -4.16
C PRO B 442 19.18 -37.39 -4.97
N PHE B 443 18.93 -38.62 -4.51
CA PHE B 443 18.05 -39.54 -5.21
C PHE B 443 16.58 -39.41 -4.80
N ASP B 444 16.20 -38.32 -4.15
CA ASP B 444 14.85 -38.14 -3.65
C ASP B 444 13.88 -37.80 -4.78
N ARG B 445 12.60 -38.10 -4.55
CA ARG B 445 11.51 -37.74 -5.45
C ARG B 445 10.44 -37.00 -4.66
N GLN B 446 9.89 -35.94 -5.25
CA GLN B 446 9.00 -35.03 -4.54
C GLN B 446 7.69 -34.85 -5.31
N LYS B 447 6.68 -34.36 -4.61
CA LYS B 447 5.38 -34.04 -5.19
C LYS B 447 5.08 -32.55 -5.04
N PHE B 448 4.72 -31.90 -6.13
CA PHE B 448 4.27 -30.51 -6.12
C PHE B 448 2.75 -30.51 -6.29
N SER B 449 2.04 -30.14 -5.22
CA SER B 449 0.58 -30.20 -5.18
C SER B 449 0.00 -28.79 -5.11
N ILE B 450 -0.96 -28.50 -5.98
CA ILE B 450 -1.63 -27.21 -6.04
C ILE B 450 -3.11 -27.44 -5.74
N LYS B 451 -3.60 -26.81 -4.68
CA LYS B 451 -4.96 -27.04 -4.19
C LYS B 451 -5.78 -25.75 -4.32
N VAL B 452 -6.95 -25.86 -4.93
CA VAL B 452 -7.88 -24.74 -5.09
C VAL B 452 -9.17 -25.10 -4.37
N ASP B 453 -9.56 -24.29 -3.39
CA ASP B 453 -10.74 -24.55 -2.57
C ASP B 453 -11.77 -23.45 -2.77
N LEU B 454 -13.03 -23.84 -2.98
CA LEU B 454 -14.13 -22.89 -3.00
C LEU B 454 -14.41 -22.39 -1.59
N ALA B 455 -14.70 -21.10 -1.47
CA ALA B 455 -15.00 -20.48 -0.18
C ALA B 455 -16.50 -20.48 0.13
N VAL B 456 -17.27 -21.40 -0.45
CA VAL B 456 -18.72 -21.45 -0.23
C VAL B 456 -19.13 -22.88 0.07
N PRO B 457 -20.24 -23.05 0.78
CA PRO B 457 -20.71 -24.40 1.12
C PRO B 457 -21.09 -25.20 -0.12
N THR B 458 -21.02 -26.53 0.02
CA THR B 458 -21.27 -27.42 -1.10
C THR B 458 -22.72 -27.34 -1.58
N ASN B 459 -23.64 -26.88 -0.72
CA ASN B 459 -25.02 -26.75 -1.14
C ASN B 459 -25.25 -25.53 -2.03
N MET B 460 -24.28 -24.63 -2.13
CA MET B 460 -24.36 -23.49 -3.03
C MET B 460 -23.63 -23.74 -4.34
N PHE B 461 -22.34 -24.06 -4.27
CA PHE B 461 -21.53 -24.33 -5.45
C PHE B 461 -20.71 -25.60 -5.23
N ILE B 462 -20.47 -26.33 -6.31
CA ILE B 462 -19.69 -27.56 -6.25
C ILE B 462 -18.96 -27.74 -7.58
N PHE B 463 -17.70 -28.17 -7.52
CA PHE B 463 -16.96 -28.51 -8.73
C PHE B 463 -17.55 -29.77 -9.36
N ASN B 464 -17.72 -29.73 -10.67
CA ASN B 464 -18.43 -30.80 -11.39
C ASN B 464 -17.64 -31.43 -12.52
N GLU B 465 -16.83 -30.66 -13.24
CA GLU B 465 -16.10 -31.16 -14.40
C GLU B 465 -14.73 -30.51 -14.47
N ILE B 466 -13.82 -31.15 -15.21
CA ILE B 466 -12.47 -30.65 -15.42
C ILE B 466 -12.28 -30.35 -16.89
N GLU B 467 -11.74 -29.17 -17.20
CA GLU B 467 -11.51 -28.73 -18.57
C GLU B 467 -10.01 -28.65 -18.84
N ARG B 468 -9.57 -29.25 -19.95
CA ARG B 468 -8.17 -29.20 -20.37
C ARG B 468 -8.04 -28.22 -21.53
N PHE B 469 -7.91 -26.94 -21.19
CA PHE B 469 -7.80 -25.90 -22.21
C PHE B 469 -6.42 -25.83 -22.85
N GLN B 470 -5.39 -26.35 -22.17
CA GLN B 470 -4.03 -26.39 -22.69
C GLN B 470 -3.37 -27.67 -22.20
N GLN B 471 -2.10 -27.85 -22.56
CA GLN B 471 -1.28 -28.84 -21.89
C GLN B 471 -1.16 -28.48 -20.42
N VAL B 472 -1.32 -29.48 -19.54
CA VAL B 472 -1.28 -29.21 -18.11
C VAL B 472 0.12 -28.72 -17.70
N VAL B 473 1.16 -29.37 -18.22
CA VAL B 473 2.53 -28.95 -17.97
C VAL B 473 3.15 -28.54 -19.30
N GLY B 474 3.57 -27.28 -19.39
CA GLY B 474 4.09 -26.76 -20.64
C GLY B 474 5.57 -27.02 -20.81
N ASP B 475 5.98 -27.19 -22.07
CA ASP B 475 7.38 -27.42 -22.39
C ASP B 475 8.11 -26.09 -22.59
N GLN B 476 9.37 -26.04 -22.17
CA GLN B 476 10.19 -24.84 -22.28
C GLN B 476 11.55 -25.21 -22.87
N LEU B 477 12.14 -24.27 -23.60
CA LEU B 477 13.45 -24.50 -24.19
C LEU B 477 14.52 -24.59 -23.11
N GLY B 478 15.50 -25.46 -23.34
CA GLY B 478 16.58 -25.66 -22.39
C GLY B 478 16.23 -26.68 -21.32
N GLU B 479 17.23 -26.95 -20.48
CA GLU B 479 17.06 -27.91 -19.40
C GLU B 479 16.47 -27.24 -18.17
N GLU B 480 15.87 -28.06 -17.31
CA GLU B 480 15.31 -27.60 -16.04
C GLU B 480 15.92 -28.40 -14.90
N GLU B 481 15.97 -27.79 -13.72
CA GLU B 481 16.51 -28.46 -12.54
C GLU B 481 15.63 -29.63 -12.12
N TRP B 482 14.32 -29.48 -12.18
CA TRP B 482 13.37 -30.52 -11.82
C TRP B 482 12.67 -31.02 -13.08
N VAL B 483 12.59 -32.34 -13.21
CA VAL B 483 11.98 -32.99 -14.37
C VAL B 483 10.66 -33.60 -13.96
N VAL B 484 9.59 -33.26 -14.67
CA VAL B 484 8.25 -33.76 -14.38
C VAL B 484 8.07 -35.12 -15.03
N THR B 485 7.75 -36.14 -14.24
CA THR B 485 7.56 -37.49 -14.74
C THR B 485 6.09 -37.80 -15.07
N SER B 486 5.16 -37.36 -14.23
CA SER B 486 3.73 -37.60 -14.46
C SER B 486 2.93 -36.58 -13.67
N TYR B 487 1.64 -36.48 -14.02
CA TYR B 487 0.74 -35.55 -13.35
C TYR B 487 -0.66 -36.15 -13.30
N SER B 488 -1.50 -35.57 -12.43
CA SER B 488 -2.88 -35.99 -12.27
C SER B 488 -3.69 -34.83 -11.73
N GLN B 489 -5.02 -34.91 -11.92
CA GLN B 489 -5.95 -33.90 -11.43
C GLN B 489 -7.21 -34.59 -10.91
N GLU B 490 -7.71 -34.11 -9.77
CA GLU B 490 -8.81 -34.79 -9.09
C GLU B 490 -9.65 -33.77 -8.32
N ILE B 491 -10.93 -34.12 -8.13
CA ILE B 491 -11.88 -33.32 -7.35
C ILE B 491 -12.30 -34.12 -6.12
N THR B 492 -12.28 -33.46 -4.97
CA THR B 492 -12.67 -34.07 -3.69
C THR B 492 -13.47 -33.08 -2.86
N GLU B 493 -13.84 -33.49 -1.65
CA GLU B 493 -14.58 -32.66 -0.71
C GLU B 493 -13.91 -32.69 0.65
N VAL B 494 -13.88 -31.53 1.31
CA VAL B 494 -13.18 -31.38 2.60
C VAL B 494 -14.07 -30.60 3.55
N PRO B 495 -13.91 -30.83 4.86
CA PRO B 495 -14.71 -30.11 5.84
C PRO B 495 -14.46 -28.60 5.80
N PHE B 496 -15.53 -27.84 6.07
CA PHE B 496 -15.54 -26.39 5.91
C PHE B 496 -15.94 -25.72 7.22
N GLU B 497 -15.48 -24.49 7.41
CA GLU B 497 -15.87 -23.72 8.58
C GLU B 497 -17.36 -23.45 8.58
N ARG B 498 -17.95 -23.35 9.77
CA ARG B 498 -19.40 -23.30 9.94
C ARG B 498 -20.04 -24.53 9.30
N GLY B 499 -19.48 -25.69 9.57
CA GLY B 499 -20.06 -26.94 9.14
C GLY B 499 -20.04 -27.11 7.62
N SER B 500 -20.89 -28.03 7.19
CA SER B 500 -21.08 -28.36 5.77
C SER B 500 -19.74 -28.79 5.15
N THR B 501 -19.55 -28.50 3.88
CA THR B 501 -18.41 -29.01 3.12
C THR B 501 -18.14 -28.07 1.96
N ASN B 502 -16.88 -28.01 1.53
CA ASN B 502 -16.49 -27.23 0.36
C ASN B 502 -15.69 -28.11 -0.59
N SER B 503 -15.75 -27.77 -1.88
CA SER B 503 -15.07 -28.55 -2.90
C SER B 503 -13.60 -28.16 -2.99
N ARG B 504 -12.79 -29.11 -3.45
CA ARG B 504 -11.36 -28.91 -3.63
C ARG B 504 -10.91 -29.51 -4.96
N PHE B 505 -10.09 -28.77 -5.70
CA PHE B 505 -9.51 -29.22 -6.96
C PHE B 505 -7.99 -29.22 -6.80
N THR B 506 -7.37 -30.38 -7.03
CA THR B 506 -5.96 -30.59 -6.77
C THR B 506 -5.24 -31.01 -8.04
N THR B 507 -4.08 -30.40 -8.28
CA THR B 507 -3.16 -30.81 -9.35
C THR B 507 -1.83 -31.21 -8.73
N THR B 508 -1.31 -32.37 -9.11
CA THR B 508 -0.11 -32.94 -8.52
C THR B 508 0.91 -33.26 -9.60
N LEU B 509 2.15 -32.83 -9.40
CA LEU B 509 3.25 -33.11 -10.31
C LEU B 509 4.29 -33.97 -9.59
N LEU B 510 4.73 -35.04 -10.23
CA LEU B 510 5.80 -35.87 -9.71
C LEU B 510 7.11 -35.49 -10.38
N VAL B 511 8.13 -35.18 -9.58
CA VAL B 511 9.37 -34.58 -10.06
C VAL B 511 10.58 -35.32 -9.51
N LYS B 512 11.69 -35.24 -10.25
CA LYS B 512 12.97 -35.79 -9.83
C LYS B 512 14.09 -34.86 -10.29
N ARG B 513 15.27 -35.07 -9.72
CA ARG B 513 16.44 -34.26 -10.06
C ARG B 513 17.18 -34.84 -11.27
N ASN B 514 18.17 -34.08 -11.74
CA ASN B 514 19.05 -34.53 -12.81
C ASN B 514 20.18 -35.37 -12.22
N LEU B 515 20.14 -36.68 -12.49
CA LEU B 515 21.06 -37.61 -11.83
C LEU B 515 22.47 -37.58 -12.43
N GLU B 516 22.57 -37.39 -13.75
CA GLU B 516 23.88 -37.33 -14.40
C GLU B 516 24.74 -36.22 -13.80
N TYR B 517 24.12 -35.08 -13.51
CA TYR B 517 24.83 -33.94 -12.94
C TYR B 517 25.55 -34.35 -11.65
N TYR B 518 24.80 -34.91 -10.70
CA TYR B 518 25.39 -35.30 -9.42
C TYR B 518 26.42 -36.41 -9.61
N ILE B 519 26.10 -37.43 -10.41
CA ILE B 519 27.01 -38.56 -10.55
C ILE B 519 28.36 -38.09 -11.10
N LEU B 520 28.33 -37.36 -12.22
CA LEU B 520 29.58 -36.94 -12.85
C LEU B 520 30.31 -35.89 -12.03
N ARG B 521 29.57 -35.01 -11.33
CA ARG B 521 30.24 -33.95 -10.61
C ARG B 521 30.86 -34.42 -9.30
N ILE B 522 30.28 -35.44 -8.66
CA ILE B 522 30.69 -35.85 -7.32
C ILE B 522 31.35 -37.23 -7.31
N PHE B 523 30.65 -38.25 -7.81
CA PHE B 523 31.01 -39.62 -7.44
C PHE B 523 32.27 -40.10 -8.16
N VAL B 524 32.42 -39.78 -9.45
CA VAL B 524 33.61 -40.20 -10.19
C VAL B 524 34.90 -39.62 -9.61
N PRO B 525 35.00 -38.30 -9.37
CA PRO B 525 36.22 -37.79 -8.70
C PRO B 525 36.46 -38.42 -7.34
N LEU B 526 35.38 -38.65 -6.57
CA LEU B 526 35.53 -39.30 -5.27
C LEU B 526 36.07 -40.72 -5.42
N PHE B 527 35.58 -41.45 -6.42
CA PHE B 527 36.09 -42.80 -6.68
C PHE B 527 37.57 -42.77 -7.02
N LEU B 528 38.00 -41.82 -7.86
CA LEU B 528 39.42 -41.74 -8.21
C LEU B 528 40.27 -41.39 -6.99
N ILE B 529 39.80 -40.48 -6.15
CA ILE B 529 40.53 -40.11 -4.94
C ILE B 529 40.67 -41.30 -4.01
N ILE B 530 39.61 -42.08 -3.84
CA ILE B 530 39.67 -43.28 -3.01
C ILE B 530 40.64 -44.31 -3.60
N SER B 531 40.61 -44.47 -4.93
CA SER B 531 41.52 -45.39 -5.58
C SER B 531 42.98 -44.99 -5.39
N VAL B 532 43.26 -43.70 -5.32
CA VAL B 532 44.64 -43.26 -5.08
C VAL B 532 45.13 -43.76 -3.73
N SER B 533 44.30 -43.64 -2.70
CA SER B 533 44.67 -44.14 -1.37
C SER B 533 44.71 -45.66 -1.32
N TRP B 534 43.95 -46.34 -2.17
CA TRP B 534 44.00 -47.80 -2.20
C TRP B 534 45.26 -48.34 -2.88
N VAL B 535 45.70 -47.68 -3.96
CA VAL B 535 46.76 -48.26 -4.79
C VAL B 535 48.13 -48.20 -4.09
N ILE B 536 48.31 -47.30 -3.13
CA ILE B 536 49.64 -47.05 -2.59
C ILE B 536 50.17 -48.21 -1.74
N PHE B 537 49.31 -49.16 -1.38
CA PHE B 537 49.76 -50.27 -0.55
C PHE B 537 50.61 -51.29 -1.31
N PHE B 538 50.72 -51.17 -2.64
CA PHE B 538 51.65 -52.03 -3.38
C PHE B 538 53.10 -51.63 -3.15
N LEU B 539 53.35 -50.37 -2.79
CA LEU B 539 54.71 -49.91 -2.55
C LEU B 539 55.31 -50.60 -1.33
N LYS B 540 56.62 -50.82 -1.38
CA LYS B 540 57.36 -51.40 -0.27
C LYS B 540 58.25 -50.38 0.44
N ASP B 541 58.32 -49.14 -0.04
CA ASP B 541 58.99 -48.05 0.66
C ASP B 541 57.92 -47.31 1.46
N TYR B 542 57.89 -47.54 2.78
CA TYR B 542 56.77 -47.07 3.58
C TYR B 542 56.82 -45.57 3.84
N GLY B 543 57.98 -44.93 3.69
CA GLY B 543 58.03 -43.47 3.77
C GLY B 543 57.27 -42.81 2.64
N ARG B 544 57.46 -43.30 1.41
CA ARG B 544 56.70 -42.80 0.28
C ARG B 544 55.20 -43.03 0.48
N GLN B 545 54.84 -44.22 0.99
CA GLN B 545 53.44 -44.52 1.22
C GLN B 545 52.83 -43.54 2.23
N LEU B 546 53.56 -43.29 3.32
CA LEU B 546 53.09 -42.35 4.34
C LEU B 546 52.92 -40.95 3.77
N GLU B 547 53.89 -40.48 2.99
CA GLU B 547 53.81 -39.13 2.43
C GLU B 547 52.64 -39.00 1.45
N VAL B 548 52.46 -40.02 0.59
CA VAL B 548 51.37 -39.94 -0.38
C VAL B 548 50.01 -40.01 0.31
N ALA B 549 49.89 -40.84 1.36
CA ALA B 549 48.63 -40.90 2.11
C ALA B 549 48.33 -39.56 2.77
N SER B 550 49.35 -38.93 3.37
CA SER B 550 49.16 -37.64 4.01
C SER B 550 48.71 -36.58 2.99
N GLY B 551 49.31 -36.59 1.80
CA GLY B 551 48.88 -35.65 0.78
C GLY B 551 47.48 -35.93 0.27
N ASN B 552 47.12 -37.21 0.16
CA ASN B 552 45.80 -37.57 -0.36
C ASN B 552 44.69 -37.18 0.60
N LEU B 553 44.95 -37.25 1.92
CA LEU B 553 43.93 -36.77 2.86
C LEU B 553 43.64 -35.29 2.67
N LEU B 554 44.69 -34.49 2.47
CA LEU B 554 44.50 -33.06 2.21
C LEU B 554 43.76 -32.83 0.89
N VAL B 555 44.08 -33.62 -0.13
CA VAL B 555 43.34 -33.53 -1.39
C VAL B 555 41.86 -33.83 -1.18
N PHE B 556 41.57 -34.84 -0.35
CA PHE B 556 40.18 -35.20 -0.06
C PHE B 556 39.44 -34.04 0.60
N VAL B 557 40.07 -33.42 1.60
CA VAL B 557 39.43 -32.29 2.28
C VAL B 557 39.21 -31.13 1.31
N ALA B 558 40.20 -30.88 0.44
CA ALA B 558 40.08 -29.81 -0.54
C ALA B 558 38.90 -30.06 -1.48
N PHE B 559 38.76 -31.28 -1.98
CA PHE B 559 37.63 -31.60 -2.86
C PHE B 559 36.30 -31.46 -2.12
N ASN B 560 36.27 -31.90 -0.85
CA ASN B 560 35.03 -31.80 -0.08
C ASN B 560 34.57 -30.36 0.04
N PHE B 561 35.48 -29.45 0.38
CA PHE B 561 35.04 -28.07 0.50
C PHE B 561 34.85 -27.42 -0.87
N THR B 562 35.42 -28.00 -1.92
CA THR B 562 35.13 -27.51 -3.27
C THR B 562 33.71 -27.85 -3.70
N ILE B 563 33.19 -29.01 -3.29
CA ILE B 563 31.83 -29.40 -3.63
C ILE B 563 30.84 -29.02 -2.53
N SER B 564 31.32 -28.37 -1.47
CA SER B 564 30.43 -27.88 -0.41
C SER B 564 29.23 -27.10 -0.94
N GLY B 565 29.32 -26.53 -2.14
CA GLY B 565 28.21 -25.78 -2.70
C GLY B 565 27.00 -26.62 -3.04
N ASP B 566 27.19 -27.92 -3.31
CA ASP B 566 26.09 -28.84 -3.59
C ASP B 566 25.67 -29.64 -2.37
N LEU B 567 25.93 -29.12 -1.17
CA LEU B 567 25.64 -29.84 0.07
C LEU B 567 24.69 -29.00 0.91
N PRO B 568 23.38 -29.25 0.81
CA PRO B 568 22.42 -28.43 1.54
C PRO B 568 22.59 -28.55 3.04
N ARG B 569 22.40 -27.43 3.73
CA ARG B 569 22.49 -27.38 5.19
C ARG B 569 21.07 -27.42 5.73
N LEU B 570 20.56 -28.63 5.97
CA LEU B 570 19.19 -28.83 6.40
C LEU B 570 19.05 -29.11 7.89
N GLY B 571 20.14 -29.35 8.59
CA GLY B 571 20.08 -29.71 9.99
C GLY B 571 19.99 -31.18 10.28
N TYR B 572 20.01 -32.04 9.26
CA TYR B 572 19.93 -33.47 9.43
C TYR B 572 20.68 -34.15 8.29
N LEU B 573 21.04 -35.42 8.50
CA LEU B 573 21.92 -36.13 7.59
C LEU B 573 21.17 -36.67 6.38
N THR B 574 21.80 -36.55 5.20
CA THR B 574 21.36 -37.20 3.99
C THR B 574 22.32 -38.35 3.64
N VAL B 575 22.02 -39.02 2.52
CA VAL B 575 22.85 -40.14 2.06
C VAL B 575 24.26 -39.65 1.73
N LEU B 576 24.35 -38.53 1.01
CA LEU B 576 25.64 -38.01 0.56
C LEU B 576 26.54 -37.66 1.74
N ASP B 577 25.97 -37.05 2.79
CA ASP B 577 26.75 -36.71 3.97
C ASP B 577 27.33 -37.96 4.62
N ARG B 578 26.52 -39.01 4.74
CA ARG B 578 27.01 -40.25 5.33
C ARG B 578 28.14 -40.85 4.51
N PHE B 579 27.99 -40.84 3.18
CA PHE B 579 29.06 -41.39 2.34
C PHE B 579 30.35 -40.58 2.48
N MET B 580 30.24 -39.25 2.51
CA MET B 580 31.43 -38.42 2.67
C MET B 580 32.11 -38.69 4.00
N ILE B 581 31.34 -38.82 5.08
CA ILE B 581 31.92 -39.09 6.40
C ILE B 581 32.65 -40.43 6.40
N VAL B 582 32.04 -41.48 5.84
CA VAL B 582 32.68 -42.79 5.82
C VAL B 582 33.97 -42.74 5.02
N SER B 583 33.94 -42.07 3.86
CA SER B 583 35.14 -41.99 3.03
C SER B 583 36.27 -41.24 3.74
N PHE B 584 35.94 -40.14 4.44
CA PHE B 584 36.97 -39.41 5.18
C PHE B 584 37.56 -40.29 6.28
N CYS B 585 36.71 -41.02 7.00
CA CYS B 585 37.22 -41.87 8.08
C CYS B 585 38.17 -42.93 7.55
N LEU B 586 37.81 -43.57 6.44
CA LEU B 586 38.69 -44.58 5.86
C LEU B 586 40.01 -43.96 5.37
N THR B 587 39.94 -42.77 4.78
CA THR B 587 41.16 -42.11 4.32
C THR B 587 42.10 -41.81 5.48
N ALA B 588 41.56 -41.38 6.62
CA ALA B 588 42.41 -41.14 7.79
C ALA B 588 42.99 -42.44 8.37
N ILE B 589 42.19 -43.50 8.39
CA ILE B 589 42.70 -44.78 8.88
C ILE B 589 43.84 -45.27 8.01
N VAL B 590 43.82 -44.94 6.72
CA VAL B 590 44.95 -45.30 5.85
C VAL B 590 46.24 -44.68 6.36
N VAL B 591 46.21 -43.40 6.75
CA VAL B 591 47.41 -42.73 7.25
C VAL B 591 47.87 -43.37 8.55
N LEU B 592 46.93 -43.68 9.44
CA LEU B 592 47.32 -44.33 10.69
C LEU B 592 48.03 -45.66 10.44
N ILE B 593 47.47 -46.48 9.54
CA ILE B 593 48.08 -47.77 9.22
C ILE B 593 49.45 -47.57 8.58
N SER B 594 49.60 -46.53 7.76
CA SER B 594 50.89 -46.27 7.15
C SER B 594 51.95 -45.94 8.20
N VAL B 595 51.58 -45.15 9.21
CA VAL B 595 52.52 -44.86 10.29
C VAL B 595 52.91 -46.15 11.02
N CYS B 596 51.93 -47.01 11.30
CA CYS B 596 52.22 -48.27 11.97
C CYS B 596 53.18 -49.14 11.14
N GLN B 597 52.94 -49.21 9.83
CA GLN B 597 53.80 -50.01 8.96
C GLN B 597 55.21 -49.44 8.91
N LYS B 598 55.34 -48.11 8.89
CA LYS B 598 56.67 -47.50 8.92
C LYS B 598 57.42 -47.88 10.18
N ARG B 599 56.73 -47.85 11.33
CA ARG B 599 57.40 -48.24 12.57
C ARG B 599 57.80 -49.71 12.55
N LEU B 600 56.90 -50.59 12.07
CA LEU B 600 57.23 -52.01 12.02
C LEU B 600 58.42 -52.28 11.12
N GLY B 601 58.49 -51.59 9.97
CA GLY B 601 59.65 -51.73 9.11
C GLY B 601 60.91 -51.20 9.76
N ALA B 602 60.79 -50.16 10.58
CA ALA B 602 61.95 -49.66 11.32
C ALA B 602 62.47 -50.67 12.33
N VAL B 603 61.58 -51.39 13.02
CA VAL B 603 62.03 -52.34 14.03
C VAL B 603 62.47 -53.67 13.43
N GLY B 604 62.31 -53.87 12.14
CA GLY B 604 62.78 -55.10 11.51
C GLY B 604 61.77 -56.23 11.42
N LYS B 605 60.49 -55.89 11.26
CA LYS B 605 59.42 -56.88 11.12
C LYS B 605 58.71 -56.74 9.78
N GLN B 606 59.48 -56.65 8.69
CA GLN B 606 58.94 -56.34 7.37
C GLN B 606 57.90 -57.35 6.91
N ALA B 607 58.01 -58.61 7.36
CA ALA B 607 57.03 -59.61 6.97
C ALA B 607 55.64 -59.27 7.47
N VAL B 608 55.53 -58.77 8.70
CA VAL B 608 54.24 -58.35 9.23
C VAL B 608 53.68 -57.19 8.43
N ALA B 609 54.57 -56.28 8.00
CA ALA B 609 54.12 -55.16 7.17
C ALA B 609 53.56 -55.63 5.84
N ALA B 610 54.23 -56.61 5.21
CA ALA B 610 53.72 -57.15 3.96
C ALA B 610 52.37 -57.84 4.16
N GLN B 611 52.22 -58.59 5.25
CA GLN B 611 50.94 -59.22 5.55
C GLN B 611 49.84 -58.18 5.74
N ILE B 612 50.15 -57.08 6.42
CA ILE B 612 49.18 -56.00 6.60
C ILE B 612 48.81 -55.39 5.25
N ASP B 613 49.80 -55.23 4.36
CA ASP B 613 49.51 -54.71 3.03
C ASP B 613 48.51 -55.59 2.29
N THR B 614 48.73 -56.91 2.31
CA THR B 614 47.80 -57.82 1.65
C THR B 614 46.41 -57.73 2.28
N TRP B 615 46.35 -57.68 3.61
CA TRP B 615 45.07 -57.62 4.30
C TRP B 615 44.29 -56.37 3.90
N VAL B 616 44.96 -55.20 3.89
CA VAL B 616 44.28 -53.96 3.55
C VAL B 616 43.81 -53.99 2.10
N LEU B 617 44.69 -54.44 1.19
CA LEU B 617 44.33 -54.52 -0.22
C LEU B 617 43.10 -55.38 -0.45
N VAL B 618 42.93 -56.43 0.35
CA VAL B 618 41.74 -57.26 0.17
C VAL B 618 40.52 -56.65 0.87
N ILE B 619 40.72 -56.03 2.04
CA ILE B 619 39.59 -55.68 2.89
C ILE B 619 38.89 -54.41 2.42
N TYR B 620 39.67 -53.37 2.11
CA TYR B 620 39.04 -52.05 1.79
C TYR B 620 37.90 -52.00 0.75
N PRO B 621 38.08 -52.58 -0.46
CA PRO B 621 36.95 -52.57 -1.40
C PRO B 621 35.75 -53.35 -0.91
N LEU B 622 35.98 -54.44 -0.16
CA LEU B 622 34.88 -55.19 0.42
C LEU B 622 34.09 -54.34 1.40
N VAL B 623 34.78 -53.55 2.22
CA VAL B 623 34.12 -52.66 3.17
C VAL B 623 33.27 -51.63 2.43
N TYR B 624 33.84 -51.05 1.36
CA TYR B 624 33.06 -50.06 0.59
C TYR B 624 31.81 -50.70 -0.01
N SER B 625 31.95 -51.89 -0.60
CA SER B 625 30.80 -52.55 -1.22
C SER B 625 29.74 -52.90 -0.19
N LEU B 626 30.15 -53.39 0.97
CA LEU B 626 29.20 -53.72 2.03
C LEU B 626 28.46 -52.49 2.52
N TYR B 627 29.17 -51.37 2.69
CA TYR B 627 28.49 -50.15 3.10
C TYR B 627 27.49 -49.69 2.05
N ILE B 628 27.84 -49.79 0.77
CA ILE B 628 26.90 -49.40 -0.29
C ILE B 628 25.65 -50.27 -0.24
N ILE B 629 25.83 -51.58 -0.08
CA ILE B 629 24.67 -52.48 -0.01
C ILE B 629 23.81 -52.15 1.20
N TRP B 630 24.45 -51.88 2.34
CA TRP B 630 23.70 -51.55 3.55
C TRP B 630 22.87 -50.29 3.36
N VAL B 631 23.47 -49.25 2.77
CA VAL B 631 22.75 -48.00 2.54
C VAL B 631 21.57 -48.24 1.60
N TYR B 632 21.79 -49.01 0.54
CA TYR B 632 20.71 -49.31 -0.40
C TYR B 632 19.57 -50.02 0.31
N LEU B 633 19.89 -50.99 1.17
CA LEU B 633 18.84 -51.72 1.90
C LEU B 633 18.09 -50.80 2.85
N ARG B 634 18.80 -49.93 3.57
CA ARG B 634 18.18 -49.17 4.64
C ARG B 634 17.51 -47.87 4.17
N PHE B 635 17.72 -47.43 2.93
CA PHE B 635 17.10 -46.19 2.49
C PHE B 635 16.24 -46.32 1.24
N PHE B 636 16.32 -47.43 0.51
CA PHE B 636 15.59 -47.55 -0.75
C PHE B 636 14.72 -48.80 -0.83
N THR B 637 14.53 -49.51 0.28
CA THR B 637 13.65 -50.68 0.29
C THR B 637 13.27 -51.06 1.71
N ARG C 37 -58.14 6.47 20.60
CA ARG C 37 -57.45 6.27 21.87
C ARG C 37 -56.27 5.31 21.68
N VAL C 38 -55.07 5.87 21.60
CA VAL C 38 -53.86 5.12 21.32
C VAL C 38 -52.81 5.44 22.38
N GLN C 39 -52.11 4.41 22.85
CA GLN C 39 -51.09 4.57 23.88
C GLN C 39 -49.88 3.71 23.52
N HIS C 40 -48.69 4.21 23.87
CA HIS C 40 -47.43 3.51 23.59
C HIS C 40 -46.76 3.06 24.88
N PHE C 41 -46.07 1.93 24.79
CA PHE C 41 -45.30 1.40 25.90
C PHE C 41 -44.03 0.76 25.38
N THR C 42 -42.99 0.76 26.20
CA THR C 42 -41.71 0.13 25.87
C THR C 42 -41.19 -0.62 27.09
N GLY C 43 -40.60 -1.78 26.86
CA GLY C 43 -40.11 -2.58 27.97
C GLY C 43 -38.99 -3.51 27.53
N TYR C 44 -38.63 -4.41 28.45
CA TYR C 44 -37.57 -5.39 28.22
C TYR C 44 -37.99 -6.72 28.82
N ILE C 45 -37.73 -7.80 28.10
CA ILE C 45 -38.07 -9.16 28.52
C ILE C 45 -36.78 -9.93 28.78
N GLU C 46 -36.71 -10.59 29.94
CA GLU C 46 -35.54 -11.36 30.34
C GLU C 46 -35.96 -12.79 30.63
N ASP C 47 -35.48 -13.72 29.80
CA ASP C 47 -35.65 -15.16 30.04
C ASP C 47 -37.10 -15.54 30.26
N GLY C 48 -37.99 -14.99 29.43
CA GLY C 48 -39.40 -15.34 29.51
C GLY C 48 -40.09 -14.90 30.78
N ARG C 49 -39.83 -13.67 31.23
CA ARG C 49 -40.53 -13.08 32.36
C ARG C 49 -41.38 -11.93 31.82
N GLY C 50 -42.69 -12.14 31.80
CA GLY C 50 -43.60 -11.21 31.16
C GLY C 50 -43.92 -9.98 32.00
N ILE C 51 -44.64 -9.06 31.37
CA ILE C 51 -45.05 -7.81 31.98
C ILE C 51 -46.57 -7.69 31.86
N PHE C 52 -47.22 -7.37 32.97
CA PHE C 52 -48.67 -7.19 33.00
C PHE C 52 -49.02 -5.72 32.85
N TYR C 53 -50.08 -5.45 32.10
CA TYR C 53 -50.64 -4.11 31.97
C TYR C 53 -52.12 -4.15 32.33
N SER C 54 -52.56 -3.14 33.07
CA SER C 54 -53.92 -3.12 33.61
C SER C 54 -54.80 -2.21 32.75
N LEU C 55 -56.01 -2.69 32.44
CA LEU C 55 -57.01 -1.94 31.71
C LEU C 55 -58.22 -1.70 32.61
N PRO C 56 -58.21 -0.64 33.40
CA PRO C 56 -59.26 -0.46 34.43
C PRO C 56 -60.60 -0.10 33.82
N ASP C 57 -61.63 -0.83 34.24
CA ASP C 57 -63.03 -0.53 33.95
C ASP C 57 -63.33 -0.31 32.47
N MET C 58 -63.13 -1.34 31.66
CA MET C 58 -63.63 -1.30 30.29
C MET C 58 -65.14 -1.54 30.30
N LYS C 59 -65.81 -1.09 29.24
CA LYS C 59 -67.24 -1.24 29.09
C LYS C 59 -67.56 -2.28 28.02
N GLN C 60 -68.67 -2.99 28.22
CA GLN C 60 -69.12 -3.98 27.26
C GLN C 60 -69.38 -3.32 25.90
N GLY C 61 -68.93 -3.98 24.84
CA GLY C 61 -69.03 -3.44 23.50
C GLY C 61 -67.77 -2.78 22.97
N ASP C 62 -66.78 -2.55 23.82
CA ASP C 62 -65.53 -1.96 23.37
C ASP C 62 -64.70 -2.99 22.61
N ILE C 63 -63.82 -2.48 21.74
CA ILE C 63 -62.91 -3.32 20.96
C ILE C 63 -61.49 -2.96 21.33
N ILE C 64 -60.72 -3.95 21.79
CA ILE C 64 -59.31 -3.75 22.11
C ILE C 64 -58.45 -4.15 20.93
N TYR C 65 -57.38 -3.40 20.69
CA TYR C 65 -56.40 -3.72 19.68
C TYR C 65 -55.01 -3.75 20.30
N ALA C 66 -54.17 -4.68 19.85
CA ALA C 66 -52.82 -4.81 20.38
C ALA C 66 -51.85 -5.13 19.25
N SER C 67 -50.62 -4.65 19.39
CA SER C 67 -49.55 -4.96 18.45
C SER C 67 -48.23 -4.86 19.19
N MET C 68 -47.35 -5.84 18.95
CA MET C 68 -46.07 -5.92 19.65
C MET C 68 -44.98 -6.24 18.64
N GLN C 69 -43.95 -5.40 18.59
CA GLN C 69 -42.87 -5.54 17.61
C GLN C 69 -41.52 -5.62 18.31
N ASN C 70 -40.62 -6.39 17.71
CA ASN C 70 -39.27 -6.54 18.25
C ASN C 70 -38.40 -5.36 17.84
N THR C 71 -37.70 -4.77 18.81
CA THR C 71 -36.83 -3.63 18.56
C THR C 71 -35.37 -3.90 18.91
N GLY C 72 -35.02 -5.12 19.28
CA GLY C 72 -33.65 -5.47 19.62
C GLY C 72 -33.55 -6.85 20.23
N GLY C 73 -32.50 -7.58 19.89
CA GLY C 73 -32.35 -8.94 20.36
C GLY C 73 -33.10 -9.94 19.51
N ASN C 74 -33.33 -11.12 20.09
CA ASN C 74 -34.00 -12.23 19.42
C ASN C 74 -35.41 -12.47 19.94
N LEU C 75 -36.03 -11.46 20.54
CA LEU C 75 -37.35 -11.63 21.15
C LEU C 75 -38.40 -12.02 20.12
N ASP C 76 -39.26 -12.97 20.51
CA ASP C 76 -40.40 -13.38 19.71
C ASP C 76 -41.69 -12.99 20.44
N PRO C 77 -42.38 -11.93 20.03
CA PRO C 77 -43.49 -11.41 20.83
C PRO C 77 -44.66 -12.38 20.97
N LEU C 78 -45.35 -12.27 22.11
CA LEU C 78 -46.60 -12.95 22.38
C LEU C 78 -47.47 -12.06 23.25
N VAL C 79 -48.77 -12.02 22.96
CA VAL C 79 -49.70 -11.15 23.68
C VAL C 79 -50.95 -11.95 24.04
N GLY C 80 -51.46 -11.73 25.24
CA GLY C 80 -52.68 -12.39 25.69
C GLY C 80 -53.46 -11.48 26.62
N ILE C 81 -54.77 -11.71 26.68
CA ILE C 81 -55.67 -10.88 27.48
C ILE C 81 -56.49 -11.78 28.39
N MET C 82 -56.71 -11.34 29.63
CA MET C 82 -57.42 -12.13 30.62
C MET C 82 -58.02 -11.21 31.67
N ALA C 83 -58.97 -11.75 32.44
CA ALA C 83 -59.65 -10.99 33.47
C ALA C 83 -58.85 -10.95 34.77
N GLU C 84 -58.64 -12.12 35.38
CA GLU C 84 -57.92 -12.18 36.65
C GLU C 84 -56.42 -12.36 36.42
N GLU C 85 -55.62 -11.53 37.07
CA GLU C 85 -54.17 -11.54 36.88
C GLU C 85 -53.55 -12.75 37.58
N ILE C 86 -53.02 -13.69 36.80
CA ILE C 86 -52.28 -14.83 37.31
C ILE C 86 -51.01 -14.99 36.47
N ASP C 87 -49.92 -15.35 37.12
CA ASP C 87 -48.65 -15.49 36.43
C ASP C 87 -48.65 -16.73 35.56
N PRO C 88 -48.46 -16.61 34.24
CA PRO C 88 -48.47 -17.81 33.39
C PRO C 88 -47.20 -18.64 33.47
N ALA C 89 -46.21 -18.22 34.27
CA ALA C 89 -44.92 -18.89 34.26
C ALA C 89 -45.02 -20.36 34.65
N VAL C 90 -45.80 -20.66 35.70
CA VAL C 90 -45.90 -22.04 36.16
C VAL C 90 -46.54 -22.94 35.12
N SER C 91 -47.56 -22.44 34.41
CA SER C 91 -48.25 -23.25 33.41
C SER C 91 -47.41 -23.39 32.15
N LEU C 92 -46.79 -22.29 31.69
CA LEU C 92 -45.98 -22.35 30.48
C LEU C 92 -44.71 -23.17 30.67
N GLY C 93 -44.19 -23.24 31.90
CA GLY C 93 -42.99 -24.03 32.14
C GLY C 93 -43.19 -25.51 31.86
N GLN C 94 -44.39 -26.03 32.14
CA GLN C 94 -44.67 -27.44 31.86
C GLN C 94 -44.63 -27.75 30.37
N VAL C 95 -44.91 -26.76 29.52
CA VAL C 95 -44.79 -26.96 28.07
C VAL C 95 -43.33 -27.18 27.68
N LEU C 96 -42.43 -26.38 28.25
CA LEU C 96 -41.01 -26.59 28.01
C LEU C 96 -40.53 -27.90 28.64
N GLU C 97 -41.15 -28.32 29.74
CA GLU C 97 -40.78 -29.57 30.38
C GLU C 97 -41.13 -30.79 29.52
N LYS C 98 -42.16 -30.69 28.72
CA LYS C 98 -42.59 -31.84 27.98
C LYS C 98 -41.87 -31.98 26.70
N ALA C 99 -41.58 -30.88 26.06
CA ALA C 99 -40.97 -30.90 24.77
C ALA C 99 -39.56 -31.27 24.93
N LEU C 100 -38.95 -30.81 26.01
CA LEU C 100 -37.55 -31.11 26.24
C LEU C 100 -37.31 -32.59 26.42
N ALA C 101 -38.35 -33.37 26.59
CA ALA C 101 -38.10 -34.76 26.90
C ALA C 101 -38.63 -35.68 25.86
N ASN C 104 -43.72 -34.69 21.73
CA ASN C 104 -44.72 -33.77 22.31
C ASN C 104 -45.37 -32.73 21.41
N ASP C 105 -44.75 -32.37 20.29
CA ASP C 105 -45.38 -31.45 19.36
C ASP C 105 -45.72 -30.12 20.01
N LEU C 106 -44.73 -29.33 20.32
CA LEU C 106 -44.96 -27.98 20.84
C LEU C 106 -46.12 -27.20 20.32
N ILE C 107 -46.36 -27.17 19.01
CA ILE C 107 -47.42 -26.30 18.48
C ILE C 107 -48.75 -26.78 18.90
N SER C 108 -48.86 -28.02 19.26
CA SER C 108 -50.11 -28.50 19.79
C SER C 108 -50.17 -28.13 21.24
N GLU C 109 -49.17 -28.52 22.02
CA GLU C 109 -49.25 -28.26 23.46
C GLU C 109 -49.35 -26.76 23.86
N LEU C 110 -48.76 -25.87 23.11
CA LEU C 110 -48.82 -24.44 23.37
C LEU C 110 -50.22 -23.89 23.10
N THR C 111 -50.86 -24.34 22.01
CA THR C 111 -52.20 -23.87 21.71
C THR C 111 -53.19 -24.30 22.78
N ALA C 112 -53.10 -25.55 23.23
CA ALA C 112 -54.01 -26.05 24.25
C ALA C 112 -53.84 -25.29 25.57
N VAL C 113 -52.59 -25.01 25.95
CA VAL C 113 -52.37 -24.28 27.20
C VAL C 113 -52.82 -22.83 27.07
N ALA C 114 -52.56 -22.21 25.92
CA ALA C 114 -52.93 -20.81 25.74
C ALA C 114 -54.45 -20.64 25.72
N ASP C 115 -55.16 -21.56 25.08
CA ASP C 115 -56.62 -21.48 25.04
C ASP C 115 -57.25 -21.64 26.41
N ARG C 116 -56.49 -22.12 27.41
CA ARG C 116 -56.96 -22.19 28.78
C ARG C 116 -56.55 -20.97 29.58
N ILE C 117 -55.28 -20.53 29.44
CA ILE C 117 -54.79 -19.41 30.23
C ILE C 117 -55.47 -18.11 29.83
N PHE C 118 -55.59 -17.86 28.53
CA PHE C 118 -56.03 -16.56 28.03
C PHE C 118 -57.41 -16.67 27.39
N LEU C 119 -58.16 -15.57 27.44
CA LEU C 119 -59.39 -15.47 26.67
C LEU C 119 -59.12 -15.20 25.21
N GLY C 120 -58.00 -14.55 24.90
CA GLY C 120 -57.61 -14.27 23.52
C GLY C 120 -56.13 -14.01 23.41
N TRP C 121 -55.54 -14.36 22.27
CA TRP C 121 -54.08 -14.30 22.13
C TRP C 121 -53.72 -14.34 20.65
N ASP C 122 -52.47 -14.00 20.36
CA ASP C 122 -51.95 -14.06 19.01
C ASP C 122 -50.44 -14.19 19.06
N ASP C 123 -49.88 -15.00 18.17
CA ASP C 123 -48.44 -15.25 18.13
C ASP C 123 -47.77 -14.49 16.99
N ASP C 124 -48.18 -14.74 15.75
CA ASP C 124 -47.45 -14.26 14.57
C ASP C 124 -48.38 -13.61 13.56
N GLY C 125 -49.38 -12.88 14.04
CA GLY C 125 -50.36 -12.28 13.14
C GLY C 125 -49.90 -11.07 12.37
N GLY C 126 -48.73 -10.52 12.71
CA GLY C 126 -48.24 -9.32 12.09
C GLY C 126 -47.11 -9.58 11.11
N LYS C 127 -46.36 -8.51 10.81
CA LYS C 127 -45.25 -8.60 9.86
C LYS C 127 -44.11 -9.35 10.53
N GLY C 128 -43.79 -10.52 10.00
CA GLY C 128 -42.77 -11.36 10.60
C GLY C 128 -43.33 -12.14 11.78
N TYR C 129 -42.62 -12.08 12.92
CA TYR C 129 -43.02 -12.79 14.13
C TYR C 129 -43.80 -11.88 15.08
N SER C 130 -44.17 -10.68 14.64
CA SER C 130 -44.89 -9.75 15.49
C SER C 130 -46.35 -10.17 15.63
N ALA C 131 -46.94 -9.83 16.78
CA ALA C 131 -48.30 -10.21 17.10
C ALA C 131 -49.27 -9.05 16.90
N SER C 132 -50.52 -9.39 16.60
CA SER C 132 -51.59 -8.41 16.47
C SER C 132 -52.90 -9.07 16.90
N LEU C 133 -53.69 -8.36 17.70
CA LEU C 133 -54.84 -8.95 18.35
C LEU C 133 -56.04 -8.01 18.33
N GLU C 134 -57.21 -8.55 18.03
CA GLU C 134 -58.49 -7.86 18.16
C GLU C 134 -59.35 -8.64 19.14
N PHE C 135 -59.94 -7.93 20.10
CA PHE C 135 -60.69 -8.59 21.17
C PHE C 135 -61.87 -7.71 21.56
N THR C 136 -63.08 -8.23 21.38
CA THR C 136 -64.29 -7.54 21.81
C THR C 136 -64.54 -7.77 23.28
N ILE C 137 -64.71 -6.70 24.04
CA ILE C 137 -64.89 -6.76 25.49
C ILE C 137 -66.19 -7.50 25.82
N PRO C 138 -66.12 -8.68 26.45
CA PRO C 138 -67.32 -9.50 26.66
C PRO C 138 -68.40 -8.83 27.51
N ARG C 139 -68.07 -8.50 28.75
CA ARG C 139 -68.96 -7.90 29.71
C ARG C 139 -68.30 -6.63 30.27
N ASP C 140 -68.89 -6.04 31.30
CA ASP C 140 -68.38 -4.83 31.92
C ASP C 140 -67.46 -5.19 33.08
N GLY C 141 -66.30 -4.53 33.14
CA GLY C 141 -65.33 -4.79 34.18
C GLY C 141 -63.94 -4.39 33.72
N THR C 142 -62.94 -4.87 34.46
CA THR C 142 -61.54 -4.60 34.15
C THR C 142 -60.85 -5.88 33.69
N TYR C 143 -59.78 -5.72 32.91
CA TYR C 143 -59.04 -6.85 32.37
C TYR C 143 -57.54 -6.56 32.43
N HIS C 144 -56.75 -7.59 32.12
CA HIS C 144 -55.30 -7.53 32.14
C HIS C 144 -54.73 -7.95 30.79
N ILE C 145 -53.66 -7.27 30.36
CA ILE C 145 -52.95 -7.60 29.13
C ILE C 145 -51.57 -8.14 29.51
N PHE C 146 -51.19 -9.26 28.92
CA PHE C 146 -49.93 -9.93 29.22
C PHE C 146 -49.03 -9.89 27.98
N ALA C 147 -47.84 -9.35 28.15
CA ALA C 147 -46.83 -9.31 27.10
C ALA C 147 -45.62 -10.13 27.54
N GLY C 148 -45.04 -10.86 26.59
CA GLY C 148 -43.95 -11.75 26.94
C GLY C 148 -43.37 -12.45 25.73
N SER C 149 -42.76 -13.61 25.98
CA SER C 149 -42.06 -14.38 24.97
C SER C 149 -42.73 -15.74 24.79
N THR C 150 -42.88 -16.16 23.54
CA THR C 150 -43.38 -17.49 23.24
C THR C 150 -42.23 -18.50 23.28
N ILE C 151 -42.57 -19.77 23.06
CA ILE C 151 -41.60 -20.86 23.01
C ILE C 151 -41.35 -21.21 21.55
N THR C 152 -40.09 -21.09 21.13
CA THR C 152 -39.74 -21.26 19.72
C THR C 152 -38.40 -21.99 19.61
N ASN C 153 -38.12 -22.46 18.41
CA ASN C 153 -36.83 -23.04 18.04
C ASN C 153 -36.17 -22.13 17.00
N GLN C 154 -34.87 -21.91 17.15
CA GLN C 154 -34.13 -21.02 16.26
C GLN C 154 -32.83 -21.66 15.76
N ARG C 155 -32.82 -22.98 15.56
CA ARG C 155 -31.64 -23.69 15.10
C ARG C 155 -32.03 -24.70 14.04
N LEU C 156 -31.07 -25.03 13.17
CA LEU C 156 -31.27 -26.04 12.14
C LEU C 156 -30.41 -27.28 12.34
N ASP C 157 -29.43 -27.25 13.24
CA ASP C 157 -28.61 -28.42 13.50
C ASP C 157 -29.28 -29.38 14.48
N LYS C 158 -30.02 -28.85 15.45
CA LYS C 158 -30.76 -29.67 16.40
C LYS C 158 -31.98 -28.90 16.85
N PHE C 159 -32.93 -29.63 17.44
CA PHE C 159 -34.19 -29.06 17.89
C PHE C 159 -34.11 -28.82 19.39
N GLN C 160 -34.32 -27.56 19.81
CA GLN C 160 -34.25 -27.19 21.22
C GLN C 160 -35.16 -25.98 21.45
N PRO C 161 -36.36 -26.21 21.96
CA PRO C 161 -37.25 -25.07 22.27
C PRO C 161 -36.75 -24.28 23.47
N THR C 162 -36.83 -22.95 23.36
CA THR C 162 -36.33 -22.05 24.38
C THR C 162 -37.15 -20.78 24.39
N TYR C 163 -36.94 -19.96 25.43
CA TYR C 163 -37.50 -18.62 25.49
C TYR C 163 -36.62 -17.64 24.71
N THR C 164 -37.02 -16.36 24.72
CA THR C 164 -36.31 -15.33 23.98
C THR C 164 -36.20 -14.07 24.86
N THR C 165 -35.23 -13.23 24.53
CA THR C 165 -34.95 -12.02 25.29
C THR C 165 -34.76 -10.84 24.34
N GLY C 166 -35.15 -9.66 24.80
CA GLY C 166 -34.96 -8.46 24.01
C GLY C 166 -35.92 -7.36 24.42
N SER C 167 -35.82 -6.24 23.70
CA SER C 167 -36.68 -5.09 23.91
C SER C 167 -37.86 -5.13 22.94
N PHE C 168 -38.92 -4.41 23.30
CA PHE C 168 -40.15 -4.46 22.50
C PHE C 168 -40.86 -3.12 22.56
N GLN C 169 -41.71 -2.89 21.56
CA GLN C 169 -42.60 -1.76 21.50
C GLN C 169 -44.04 -2.25 21.43
N LEU C 170 -44.90 -1.74 22.32
CA LEU C 170 -46.28 -2.19 22.43
C LEU C 170 -47.21 -1.02 22.17
N ILE C 171 -48.15 -1.21 21.24
CA ILE C 171 -49.15 -0.21 20.90
C ILE C 171 -50.53 -0.77 21.24
N LEU C 172 -51.26 -0.08 22.10
CA LEU C 172 -52.60 -0.48 22.49
C LEU C 172 -53.62 0.55 22.02
N GLY C 173 -54.76 0.07 21.55
CA GLY C 173 -55.82 0.94 21.08
C GLY C 173 -57.17 0.51 21.63
N LEU C 174 -58.07 1.48 21.75
CA LEU C 174 -59.44 1.24 22.18
C LEU C 174 -60.38 1.84 21.13
N ASN C 175 -61.13 0.97 20.46
CA ASN C 175 -62.04 1.37 19.38
C ASN C 175 -61.30 2.20 18.32
N ALA C 176 -60.08 1.77 18.00
CA ALA C 176 -59.23 2.43 17.00
C ALA C 176 -58.76 1.36 16.02
N PRO C 177 -59.52 1.10 14.96
CA PRO C 177 -59.20 -0.03 14.06
C PRO C 177 -57.89 0.14 13.31
N GLN C 178 -57.24 1.29 13.36
CA GLN C 178 -55.98 1.47 12.65
C GLN C 178 -54.79 0.89 13.42
N VAL C 179 -55.00 0.42 14.65
CA VAL C 179 -53.90 -0.10 15.44
C VAL C 179 -53.35 -1.41 14.86
N ILE C 180 -54.22 -2.25 14.29
CA ILE C 180 -53.78 -3.55 13.79
C ILE C 180 -52.87 -3.39 12.59
N SER C 181 -52.85 -2.20 11.99
CA SER C 181 -51.87 -1.92 10.95
C SER C 181 -50.47 -1.70 11.53
N GLY C 182 -50.37 -1.46 12.83
CA GLY C 182 -49.09 -1.24 13.47
C GLY C 182 -48.55 0.17 13.40
N GLU C 183 -49.34 1.11 12.88
CA GLU C 183 -48.88 2.49 12.68
C GLU C 183 -49.71 3.51 13.46
N GLY C 184 -50.41 3.08 14.51
CA GLY C 184 -51.27 3.99 15.25
C GLY C 184 -50.48 5.02 16.04
N GLU C 185 -50.72 6.30 15.79
CA GLU C 185 -50.11 7.40 16.52
C GLU C 185 -50.92 7.68 17.79
N PRO C 186 -50.25 8.08 18.88
CA PRO C 186 -50.98 8.33 20.13
C PRO C 186 -52.03 9.42 19.96
N GLU C 187 -53.19 9.19 20.57
CA GLU C 187 -54.32 10.11 20.46
C GLU C 187 -55.25 9.92 21.66
N GLY C 188 -56.07 10.94 21.91
CA GLY C 188 -57.08 10.82 22.94
C GLY C 188 -56.50 10.84 24.35
N GLU C 189 -57.30 10.35 25.28
CA GLU C 189 -56.95 10.30 26.70
C GLU C 189 -56.64 8.86 27.10
N VAL C 190 -55.59 8.69 27.90
CA VAL C 190 -55.05 7.38 28.24
C VAL C 190 -56.11 6.52 28.92
N PHE C 191 -55.94 5.20 28.83
CA PHE C 191 -56.89 4.26 29.41
C PHE C 191 -56.24 3.07 30.12
N ALA C 192 -54.94 2.82 29.92
CA ALA C 192 -54.27 1.70 30.54
C ALA C 192 -52.96 2.19 31.17
N SER C 193 -52.49 1.43 32.16
CA SER C 193 -51.29 1.83 32.90
C SER C 193 -50.52 0.58 33.31
N LEU C 194 -49.27 0.80 33.72
CA LEU C 194 -48.43 -0.30 34.18
C LEU C 194 -48.99 -0.90 35.46
N ALA C 195 -49.04 -2.23 35.50
CA ALA C 195 -49.58 -2.92 36.67
C ALA C 195 -48.59 -2.98 37.82
N SER C 196 -47.29 -3.06 37.53
CA SER C 196 -46.30 -3.24 38.59
C SER C 196 -46.24 -2.04 39.53
N LEU C 197 -46.68 -0.87 39.08
CA LEU C 197 -46.65 0.33 39.89
C LEU C 197 -47.61 0.26 41.08
N GLU C 198 -48.53 -0.69 41.10
CA GLU C 198 -49.52 -0.78 42.18
C GLU C 198 -48.96 -1.39 43.45
N ILE C 199 -47.87 -2.17 43.30
CA ILE C 199 -47.32 -2.97 44.42
C ILE C 199 -45.80 -2.97 44.67
N LYS C 200 -45.21 -4.12 45.09
CA LYS C 200 -43.77 -4.23 45.42
C LYS C 200 -42.97 -5.37 44.73
N PRO C 201 -41.69 -5.12 44.38
CA PRO C 201 -40.85 -6.00 43.54
C PRO C 201 -40.16 -7.24 44.17
N GLU C 202 -39.19 -7.83 43.47
CA GLU C 202 -38.56 -9.05 43.95
C GLU C 202 -37.11 -8.78 44.32
N ALA C 203 -36.68 -9.36 45.44
CA ALA C 203 -35.32 -9.17 45.93
C ALA C 203 -34.29 -9.85 45.02
N HIS C 204 -33.11 -9.24 44.94
CA HIS C 204 -31.92 -9.86 44.39
C HIS C 204 -30.79 -9.68 45.39
N VAL C 205 -30.14 -10.79 45.75
CA VAL C 205 -29.16 -10.79 46.83
C VAL C 205 -27.91 -11.51 46.34
N GLN C 206 -26.75 -10.96 46.69
CA GLN C 206 -25.47 -11.58 46.36
C GLN C 206 -24.49 -11.33 47.50
N GLU C 207 -23.64 -12.32 47.76
CA GLU C 207 -22.59 -12.20 48.77
C GLU C 207 -21.24 -12.51 48.13
N LEU C 208 -20.25 -11.67 48.44
CA LEU C 208 -18.93 -11.77 47.87
C LEU C 208 -17.86 -11.63 48.95
N GLU C 209 -16.73 -12.28 48.73
CA GLU C 209 -15.56 -12.18 49.60
C GLU C 209 -14.45 -11.48 48.85
N ARG C 217 -5.20 -1.89 47.55
CA ARG C 217 -6.02 -1.36 48.64
C ARG C 217 -7.28 -0.66 48.16
N TYR C 218 -7.49 -0.52 46.85
CA TYR C 218 -8.68 0.13 46.31
C TYR C 218 -9.37 -0.81 45.32
N LEU C 219 -10.68 -0.98 45.48
CA LEU C 219 -11.46 -1.88 44.65
C LEU C 219 -12.80 -1.26 44.34
N THR C 220 -13.30 -1.49 43.12
CA THR C 220 -14.59 -0.98 42.68
C THR C 220 -15.38 -2.10 42.01
N GLN C 221 -16.71 -2.00 42.10
CA GLN C 221 -17.62 -2.95 41.47
C GLN C 221 -18.77 -2.20 40.81
N HIS C 222 -19.15 -2.62 39.62
CA HIS C 222 -20.21 -1.99 38.85
C HIS C 222 -21.51 -2.76 39.02
N THR C 223 -22.60 -2.02 39.18
CA THR C 223 -23.91 -2.61 39.45
C THR C 223 -24.80 -2.50 38.21
N ARG C 224 -25.79 -3.39 38.15
CA ARG C 224 -26.75 -3.37 37.06
C ARG C 224 -27.66 -2.16 37.16
N ASN C 225 -28.35 -1.86 36.05
CA ASN C 225 -29.25 -0.72 36.02
C ASN C 225 -30.45 -0.94 36.94
N LEU C 226 -30.86 0.13 37.62
CA LEU C 226 -31.98 0.09 38.55
C LEU C 226 -33.14 0.92 38.01
N GLN C 227 -34.35 0.39 38.17
CA GLN C 227 -35.56 1.11 37.80
C GLN C 227 -35.90 2.17 38.85
N PRO C 228 -36.61 3.23 38.46
CA PRO C 228 -36.98 4.27 39.44
C PRO C 228 -37.84 3.69 40.55
N GLY C 229 -37.57 4.14 41.78
CA GLY C 229 -38.22 3.62 42.95
C GLY C 229 -37.54 2.43 43.59
N ASP C 230 -36.52 1.86 42.94
CA ASP C 230 -35.79 0.75 43.53
C ASP C 230 -34.89 1.23 44.66
N THR C 231 -34.44 0.28 45.47
CA THR C 231 -33.60 0.58 46.63
C THR C 231 -32.39 -0.34 46.62
N PHE C 232 -31.30 0.17 47.19
CA PHE C 232 -30.02 -0.53 47.22
C PHE C 232 -29.48 -0.51 48.63
N HIS C 233 -29.04 -1.67 49.12
CA HIS C 233 -28.48 -1.81 50.46
C HIS C 233 -27.21 -2.65 50.37
N ALA C 234 -26.26 -2.36 51.26
CA ALA C 234 -25.00 -3.09 51.28
C ALA C 234 -24.42 -3.06 52.69
N LEU C 235 -23.65 -4.09 53.02
CA LEU C 235 -22.96 -4.16 54.29
C LEU C 235 -21.66 -4.95 54.09
N VAL C 236 -20.65 -4.61 54.90
CA VAL C 236 -19.36 -5.27 54.84
C VAL C 236 -18.98 -5.72 56.24
N GLU C 237 -18.50 -6.96 56.35
CA GLU C 237 -18.09 -7.51 57.63
C GLU C 237 -16.73 -8.18 57.44
N PRO C 238 -15.73 -7.79 58.23
CA PRO C 238 -14.41 -8.41 58.08
C PRO C 238 -14.42 -9.86 58.51
N PRO C 245 -12.88 -1.18 56.59
CA PRO C 245 -12.56 -0.30 55.46
C PRO C 245 -13.66 0.74 55.25
N ARG C 246 -13.34 1.70 54.38
CA ARG C 246 -14.29 2.76 54.05
C ARG C 246 -15.16 2.35 52.87
N LEU C 247 -16.43 2.75 52.90
CA LEU C 247 -17.41 2.37 51.90
C LEU C 247 -18.14 3.59 51.39
N ARG C 248 -18.31 3.69 50.07
CA ARG C 248 -19.02 4.79 49.46
C ARG C 248 -19.66 4.33 48.17
N LEU C 249 -20.70 5.04 47.73
CA LEU C 249 -21.46 4.70 46.54
C LEU C 249 -21.49 5.89 45.61
N THR C 250 -21.03 5.69 44.36
CA THR C 250 -20.99 6.73 43.35
C THR C 250 -21.54 6.19 42.05
N ASP C 251 -21.95 7.11 41.17
CA ASP C 251 -22.44 6.71 39.86
C ASP C 251 -21.26 6.31 38.97
N SER C 252 -21.56 5.96 37.72
CA SER C 252 -20.52 5.57 36.79
C SER C 252 -19.61 6.72 36.38
N GLY C 253 -19.97 7.96 36.71
CA GLY C 253 -19.11 9.09 36.45
C GLY C 253 -18.30 9.50 37.66
N GLY C 254 -18.62 8.93 38.82
CA GLY C 254 -17.95 9.26 40.05
C GLY C 254 -18.70 10.19 40.98
N LYS C 255 -19.91 10.61 40.62
CA LYS C 255 -20.68 11.53 41.45
C LYS C 255 -21.07 10.84 42.75
N PRO C 256 -20.68 11.38 43.91
CA PRO C 256 -21.04 10.74 45.18
C PRO C 256 -22.54 10.77 45.41
N LEU C 257 -23.06 9.67 45.96
CA LEU C 257 -24.48 9.52 46.23
C LEU C 257 -24.77 9.18 47.68
N ALA C 258 -23.94 8.35 48.30
CA ALA C 258 -24.12 7.98 49.70
C ALA C 258 -22.77 7.54 50.27
N PHE C 259 -22.69 7.54 51.60
CA PHE C 259 -21.47 7.15 52.30
C PHE C 259 -21.81 6.15 53.40
N GLY C 260 -20.88 5.25 53.69
CA GLY C 260 -21.16 4.17 54.62
C GLY C 260 -21.22 4.65 56.06
N LEU C 261 -22.10 4.03 56.84
CA LEU C 261 -22.29 4.36 58.24
C LEU C 261 -21.84 3.21 59.12
N ILE C 262 -20.97 3.50 60.10
CA ILE C 262 -20.51 2.49 61.03
C ILE C 262 -21.60 2.26 62.09
N ASP C 263 -21.96 1.00 62.29
CA ASP C 263 -23.00 0.66 63.26
C ASP C 263 -22.50 0.83 64.68
N GLN C 264 -23.44 0.98 65.61
CA GLN C 264 -23.08 1.12 67.03
C GLN C 264 -22.30 -0.09 67.53
N PRO C 265 -22.68 -1.35 67.24
CA PRO C 265 -21.75 -2.45 67.44
C PRO C 265 -20.70 -2.46 66.36
N GLY C 266 -19.64 -1.66 66.55
CA GLY C 266 -18.77 -1.28 65.44
C GLY C 266 -17.93 -2.41 64.88
N GLU C 267 -18.61 -3.34 64.21
CA GLU C 267 -17.96 -4.42 63.50
C GLU C 267 -18.28 -4.46 62.01
N SER C 268 -19.09 -3.52 61.51
CA SER C 268 -19.49 -3.53 60.11
C SER C 268 -19.83 -2.11 59.67
N VAL C 269 -19.87 -1.91 58.36
CA VAL C 269 -20.27 -0.64 57.75
C VAL C 269 -21.43 -0.92 56.80
N GLU C 270 -22.45 -0.07 56.84
CA GLU C 270 -23.66 -0.28 56.06
C GLU C 270 -23.99 0.98 55.28
N LEU C 271 -24.73 0.79 54.19
CA LEU C 271 -25.03 1.85 53.24
C LEU C 271 -26.44 1.67 52.70
N ASN C 272 -27.06 2.77 52.30
CA ASN C 272 -28.42 2.74 51.76
C ASN C 272 -28.59 3.82 50.70
N TYR C 273 -29.43 3.54 49.70
CA TYR C 273 -29.70 4.47 48.62
C TYR C 273 -31.02 4.13 47.98
N THR C 274 -31.60 5.10 47.28
CA THR C 274 -32.86 4.92 46.56
C THR C 274 -32.77 5.54 45.18
N CYS C 275 -33.46 4.93 44.21
CA CYS C 275 -33.32 5.30 42.81
C CYS C 275 -34.34 6.38 42.44
N ASP C 276 -33.85 7.51 41.94
CA ASP C 276 -34.71 8.59 41.51
C ASP C 276 -34.76 8.78 40.00
N GLN C 277 -33.64 8.60 39.31
CA GLN C 277 -33.61 8.78 37.87
C GLN C 277 -34.27 7.60 37.16
N ASP C 278 -34.50 7.77 35.86
CA ASP C 278 -35.11 6.71 35.08
C ASP C 278 -34.24 5.45 35.05
N ILE C 279 -32.93 5.62 34.88
CA ILE C 279 -31.99 4.51 34.93
C ILE C 279 -30.79 4.95 35.77
N CYS C 280 -30.42 4.11 36.74
CA CYS C 280 -29.29 4.37 37.61
C CYS C 280 -28.23 3.29 37.44
N GLU C 281 -27.00 3.70 37.15
CA GLU C 281 -25.86 2.80 37.06
C GLU C 281 -24.89 3.19 38.17
N LEU C 282 -24.72 2.32 39.15
CA LEU C 282 -24.02 2.65 40.38
C LEU C 282 -22.73 1.85 40.50
N VAL C 283 -21.78 2.41 41.24
CA VAL C 283 -20.50 1.77 41.52
C VAL C 283 -20.28 1.80 43.03
N VAL C 284 -19.92 0.65 43.59
CA VAL C 284 -19.63 0.52 45.01
C VAL C 284 -18.12 0.55 45.19
N HIS C 285 -17.66 1.43 46.08
CA HIS C 285 -16.24 1.57 46.36
C HIS C 285 -15.94 1.10 47.78
N VAL C 286 -14.97 0.19 47.91
CA VAL C 286 -14.47 -0.24 49.21
C VAL C 286 -12.95 -0.13 49.18
N ASP C 287 -12.40 0.60 50.15
CA ASP C 287 -10.97 0.87 50.15
C ASP C 287 -10.46 0.88 51.59
N ARG C 301 -15.89 -9.72 54.00
CA ARG C 301 -17.11 -10.28 53.42
C ARG C 301 -18.02 -9.15 52.97
N LEU C 302 -18.40 -9.17 51.70
CA LEU C 302 -19.27 -8.14 51.13
C LEU C 302 -20.63 -8.76 50.87
N LEU C 303 -21.67 -8.19 51.47
CA LEU C 303 -23.04 -8.62 51.28
C LEU C 303 -23.83 -7.47 50.68
N VAL C 304 -24.55 -7.74 49.60
CA VAL C 304 -25.23 -6.70 48.83
C VAL C 304 -26.58 -7.22 48.37
N GLY C 305 -27.56 -6.33 48.31
CA GLY C 305 -28.89 -6.70 47.87
C GLY C 305 -29.62 -5.53 47.27
N ILE C 306 -30.49 -5.86 46.31
CA ILE C 306 -31.36 -4.88 45.65
C ILE C 306 -32.80 -5.20 46.03
N ASN C 307 -33.51 -4.20 46.53
CA ASN C 307 -34.88 -4.37 47.04
C ASN C 307 -34.92 -5.43 48.13
N ALA C 308 -33.89 -5.44 48.98
CA ALA C 308 -33.77 -6.42 50.06
C ALA C 308 -33.28 -5.73 51.31
N PRO C 309 -34.20 -5.17 52.11
CA PRO C 309 -33.79 -4.54 53.38
C PRO C 309 -33.38 -5.53 54.45
N ASN C 310 -33.58 -6.83 54.23
CA ASN C 310 -33.29 -7.85 55.23
C ASN C 310 -31.86 -8.39 55.13
N LEU C 311 -30.93 -7.60 54.60
CA LEU C 311 -29.55 -8.06 54.47
C LEU C 311 -28.90 -8.35 55.82
N ARG C 312 -29.39 -7.76 56.90
CA ARG C 312 -28.83 -8.05 58.22
C ARG C 312 -29.00 -9.52 58.56
N GLU C 313 -30.19 -10.07 58.34
CA GLU C 313 -30.47 -11.49 58.51
C GLU C 313 -31.18 -11.98 57.25
N SER C 314 -30.41 -12.29 56.21
CA SER C 314 -30.98 -12.73 54.95
C SER C 314 -31.69 -14.06 55.11
N GLY C 315 -31.01 -15.05 55.66
CA GLY C 315 -31.59 -16.37 55.86
C GLY C 315 -31.43 -17.25 54.64
N GLN C 316 -32.04 -16.85 53.53
CA GLN C 316 -31.94 -17.61 52.30
C GLN C 316 -30.56 -17.48 51.68
N THR C 317 -30.09 -18.55 51.05
CA THR C 317 -28.90 -18.48 50.23
C THR C 317 -29.13 -17.48 49.09
N PRO C 318 -28.09 -16.79 48.58
CA PRO C 318 -28.30 -15.71 47.61
C PRO C 318 -29.27 -16.03 46.48
N VAL C 319 -30.35 -15.24 46.39
CA VAL C 319 -31.42 -15.45 45.42
C VAL C 319 -31.29 -14.44 44.29
N GLY C 320 -31.85 -14.79 43.14
CA GLY C 320 -31.93 -13.86 42.03
C GLY C 320 -30.78 -13.95 41.07
N SER C 321 -30.48 -12.85 40.38
CA SER C 321 -29.40 -12.82 39.40
C SER C 321 -28.17 -12.14 39.98
N SER C 322 -27.19 -11.84 39.14
CA SER C 322 -25.95 -11.19 39.55
C SER C 322 -26.23 -9.70 39.71
N VAL C 323 -26.19 -9.22 40.95
CA VAL C 323 -26.35 -7.79 41.21
C VAL C 323 -25.24 -7.00 40.53
N PHE C 324 -24.01 -7.46 40.67
CA PHE C 324 -22.88 -6.85 39.99
C PHE C 324 -22.77 -7.36 38.56
N LEU C 325 -22.24 -6.52 37.67
CA LEU C 325 -21.97 -6.95 36.31
C LEU C 325 -20.95 -8.08 36.31
N GLU C 326 -21.11 -9.02 35.37
CA GLU C 326 -20.22 -10.16 35.23
C GLU C 326 -19.40 -10.02 33.96
N SER C 327 -18.12 -10.39 34.05
CA SER C 327 -17.26 -10.37 32.89
C SER C 327 -17.60 -11.54 31.97
N ASP C 328 -17.58 -11.27 30.65
CA ASP C 328 -17.90 -12.29 29.67
C ASP C 328 -16.77 -13.29 29.56
N LEU C 329 -17.11 -14.57 29.50
CA LEU C 329 -16.13 -15.65 29.52
C LEU C 329 -15.80 -16.07 28.09
N VAL C 330 -14.51 -16.13 27.77
CA VAL C 330 -14.03 -16.44 26.43
C VAL C 330 -13.28 -17.76 26.45
N THR C 331 -13.58 -18.63 25.48
CA THR C 331 -12.88 -19.89 25.29
C THR C 331 -11.90 -19.75 24.14
N VAL C 332 -10.67 -20.24 24.32
CA VAL C 332 -9.59 -20.04 23.36
C VAL C 332 -8.87 -21.36 23.10
N GLY C 333 -8.34 -21.48 21.89
CA GLY C 333 -7.54 -22.65 21.52
C GLY C 333 -6.59 -22.29 20.38
N LEU C 334 -5.44 -22.97 20.36
CA LEU C 334 -4.40 -22.72 19.37
C LEU C 334 -3.71 -24.01 18.98
N ALA C 335 -3.30 -24.10 17.71
CA ALA C 335 -2.57 -25.25 17.20
C ALA C 335 -1.39 -24.77 16.35
N VAL C 336 -0.30 -25.55 16.35
CA VAL C 336 0.90 -25.25 15.58
C VAL C 336 1.03 -26.27 14.46
N ASP C 337 1.22 -25.78 13.24
CA ASP C 337 1.37 -26.65 12.07
C ASP C 337 2.83 -26.88 11.70
N GLN C 338 3.63 -25.80 11.61
CA GLN C 338 5.00 -25.93 11.14
C GLN C 338 5.84 -24.77 11.65
N ILE C 339 7.06 -25.07 12.08
CA ILE C 339 8.08 -24.05 12.34
C ILE C 339 8.88 -23.88 11.05
N VAL C 340 8.87 -22.66 10.49
CA VAL C 340 9.40 -22.44 9.15
C VAL C 340 10.74 -21.71 9.13
N GLY C 341 11.24 -21.25 10.27
CA GLY C 341 12.55 -20.62 10.28
C GLY C 341 12.89 -20.11 11.66
N VAL C 342 14.21 -20.06 11.92
CA VAL C 342 14.76 -19.54 13.16
C VAL C 342 15.96 -18.67 12.80
N ASP C 343 16.02 -17.47 13.38
CA ASP C 343 17.10 -16.53 13.16
C ASP C 343 17.92 -16.43 14.44
N GLN C 344 19.15 -16.94 14.42
CA GLN C 344 19.95 -17.02 15.63
C GLN C 344 20.71 -15.73 15.94
N ARG C 345 20.86 -14.83 14.98
CA ARG C 345 21.51 -13.56 15.26
C ARG C 345 20.53 -12.51 15.78
N SER C 346 19.36 -12.39 15.16
CA SER C 346 18.35 -11.44 15.58
C SER C 346 17.40 -12.03 16.63
N GLU C 347 17.49 -13.33 16.91
CA GLU C 347 16.72 -13.99 17.95
C GLU C 347 15.21 -13.84 17.72
N ASN C 348 14.74 -14.44 16.63
CA ASN C 348 13.32 -14.52 16.32
C ASN C 348 13.06 -15.78 15.52
N PHE C 349 11.79 -16.17 15.46
CA PHE C 349 11.37 -17.35 14.70
C PHE C 349 10.00 -17.09 14.08
N SER C 350 9.65 -17.94 13.11
CA SER C 350 8.37 -17.85 12.40
C SER C 350 7.63 -19.17 12.49
N VAL C 351 6.30 -19.10 12.60
CA VAL C 351 5.47 -20.26 12.85
C VAL C 351 4.16 -20.15 12.07
N VAL C 352 3.58 -21.30 11.74
CA VAL C 352 2.29 -21.40 11.05
C VAL C 352 1.32 -22.16 11.95
N GLY C 353 0.11 -21.63 12.10
CA GLY C 353 -0.84 -22.24 12.99
C GLY C 353 -2.25 -21.73 12.80
N THR C 354 -3.12 -22.08 13.74
CA THR C 354 -4.54 -21.75 13.70
C THR C 354 -4.99 -21.24 15.07
N LEU C 355 -5.92 -20.28 15.07
CA LEU C 355 -6.44 -19.68 16.29
C LEU C 355 -7.97 -19.69 16.28
N LYS C 356 -8.57 -19.90 17.45
CA LYS C 356 -10.01 -19.99 17.59
C LYS C 356 -10.47 -19.34 18.88
N LEU C 357 -11.54 -18.55 18.82
CA LEU C 357 -12.14 -17.89 19.97
C LEU C 357 -13.65 -18.12 19.98
N SER C 358 -14.23 -18.14 21.18
CA SER C 358 -15.67 -18.36 21.34
C SER C 358 -16.16 -17.64 22.59
N TRP C 359 -17.31 -16.98 22.49
CA TRP C 359 -17.91 -16.30 23.63
C TRP C 359 -19.41 -16.12 23.38
N HIS C 360 -20.14 -15.76 24.43
CA HIS C 360 -21.59 -15.64 24.38
C HIS C 360 -21.99 -14.25 24.86
N ASP C 361 -22.75 -13.53 24.03
CA ASP C 361 -23.17 -12.16 24.34
C ASP C 361 -24.58 -11.91 23.83
N PRO C 362 -25.55 -11.71 24.71
CA PRO C 362 -26.94 -11.49 24.24
C PRO C 362 -27.13 -10.20 23.45
N LYS C 363 -26.24 -9.22 23.57
CA LYS C 363 -26.39 -7.97 22.84
C LYS C 363 -26.22 -8.13 21.33
N LEU C 364 -25.59 -9.22 20.89
CA LEU C 364 -25.41 -9.46 19.47
C LEU C 364 -26.58 -10.21 18.83
N GLY C 365 -27.59 -10.56 19.61
CA GLY C 365 -28.69 -11.35 19.08
C GLY C 365 -29.48 -10.59 18.04
N PHE C 366 -30.09 -11.34 17.12
CA PHE C 366 -30.92 -10.77 16.07
C PHE C 366 -32.16 -11.64 15.89
N SER C 367 -33.10 -11.12 15.11
CA SER C 367 -34.36 -11.81 14.84
C SER C 367 -34.29 -12.50 13.48
N PRO C 368 -34.50 -13.82 13.43
CA PRO C 368 -34.32 -14.55 12.17
C PRO C 368 -35.19 -14.05 11.01
N ASP C 369 -36.39 -13.58 11.33
CA ASP C 369 -37.36 -13.21 10.31
C ASP C 369 -36.93 -11.97 9.52
N GLN C 370 -35.88 -11.30 9.96
CA GLN C 370 -35.40 -10.09 9.30
C GLN C 370 -34.27 -10.38 8.32
N CYS C 371 -33.84 -11.64 8.24
CA CYS C 371 -32.80 -12.02 7.29
C CYS C 371 -33.14 -13.34 6.62
N GLY C 372 -34.09 -14.08 7.17
CA GLY C 372 -34.42 -15.39 6.67
C GLY C 372 -33.29 -16.39 6.80
N CYS C 373 -32.37 -16.16 7.73
CA CYS C 373 -31.20 -17.01 7.90
C CYS C 373 -30.97 -17.26 9.39
N THR C 374 -30.19 -18.31 9.66
CA THR C 374 -29.86 -18.68 11.03
C THR C 374 -28.43 -18.30 11.41
N VAL C 375 -27.60 -17.87 10.47
CA VAL C 375 -26.21 -17.50 10.74
C VAL C 375 -25.90 -16.18 10.05
N LYS C 376 -25.32 -15.25 10.79
CA LYS C 376 -24.82 -13.99 10.25
C LYS C 376 -23.30 -13.99 10.34
N SER C 377 -22.63 -13.64 9.25
CA SER C 377 -21.19 -13.83 9.15
C SER C 377 -20.51 -12.56 8.62
N PHE C 378 -19.25 -12.41 8.99
CA PHE C 378 -18.37 -11.35 8.51
C PHE C 378 -17.08 -11.98 8.03
N GLU C 379 -16.56 -11.54 6.89
CA GLU C 379 -15.43 -12.18 6.25
C GLU C 379 -14.32 -11.17 5.97
N ASP C 380 -13.08 -11.66 6.06
CA ASP C 380 -11.88 -10.89 5.75
C ASP C 380 -11.77 -9.63 6.57
N ALA C 381 -12.17 -9.68 7.84
CA ALA C 381 -12.14 -8.52 8.71
C ALA C 381 -11.61 -8.91 10.07
N SER C 382 -10.88 -7.99 10.69
CA SER C 382 -10.43 -8.19 12.06
C SER C 382 -11.56 -7.92 13.04
N ILE C 383 -11.35 -8.34 14.30
CA ILE C 383 -12.36 -8.10 15.33
C ILE C 383 -12.52 -6.61 15.58
N ARG C 384 -11.43 -5.84 15.47
CA ARG C 384 -11.51 -4.39 15.67
C ARG C 384 -12.40 -3.74 14.62
N ALA C 385 -12.26 -4.16 13.36
CA ALA C 385 -13.06 -3.58 12.28
C ALA C 385 -14.54 -3.89 12.47
N VAL C 386 -14.87 -5.14 12.83
CA VAL C 386 -16.25 -5.51 13.06
C VAL C 386 -16.83 -4.75 14.26
N ALA C 387 -16.03 -4.61 15.32
CA ALA C 387 -16.47 -3.84 16.48
C ALA C 387 -16.75 -2.39 16.12
N GLY C 388 -15.90 -1.79 15.28
CA GLY C 388 -16.15 -0.43 14.84
C GLY C 388 -17.32 -0.30 13.88
N GLU C 389 -17.66 -1.37 13.16
CA GLU C 389 -18.79 -1.34 12.25
C GLU C 389 -20.13 -1.54 12.95
N ILE C 390 -20.19 -2.41 13.98
CA ILE C 390 -21.44 -2.65 14.67
C ILE C 390 -21.57 -1.84 15.96
N ASN C 391 -20.56 -1.07 16.33
CA ASN C 391 -20.60 -0.19 17.51
C ASN C 391 -20.90 -0.96 18.79
N LEU C 392 -20.29 -2.14 18.94
CA LEU C 392 -20.39 -2.91 20.16
C LEU C 392 -19.01 -3.39 20.57
N PRO C 393 -18.75 -3.52 21.88
CA PRO C 393 -17.45 -4.01 22.33
C PRO C 393 -17.27 -5.50 22.03
N LEU C 394 -16.10 -5.83 21.49
CA LEU C 394 -15.74 -7.19 21.11
C LEU C 394 -14.35 -7.50 21.64
N PRO C 395 -14.04 -8.79 21.86
CA PRO C 395 -12.72 -9.16 22.44
C PRO C 395 -11.59 -9.18 21.41
N SER C 396 -11.02 -8.01 21.15
CA SER C 396 -9.87 -7.92 20.25
C SER C 396 -8.60 -8.45 20.93
N PHE C 397 -7.64 -8.85 20.11
CA PHE C 397 -6.42 -9.50 20.59
C PHE C 397 -5.23 -9.05 19.75
N SER C 398 -4.03 -9.38 20.23
CA SER C 398 -2.79 -9.15 19.49
C SER C 398 -1.74 -10.16 19.91
N PHE C 399 -0.75 -10.36 19.04
CA PHE C 399 0.44 -11.14 19.38
C PHE C 399 1.46 -10.23 20.06
N TYR C 400 1.95 -10.66 21.22
CA TYR C 400 2.73 -9.76 22.07
C TYR C 400 4.07 -9.39 21.44
N ASN C 401 4.78 -10.37 20.89
CA ASN C 401 6.12 -10.15 20.35
C ASN C 401 6.13 -10.14 18.82
N GLN C 402 5.05 -9.68 18.20
CA GLN C 402 4.93 -9.74 16.75
C GLN C 402 5.90 -8.78 16.08
N GLN C 403 6.61 -9.28 15.07
CA GLN C 403 7.54 -8.48 14.27
C GLN C 403 6.95 -8.31 12.87
N GLY C 404 6.64 -7.08 12.50
CA GLY C 404 6.09 -6.80 11.18
C GLY C 404 4.65 -7.25 11.02
N ASN C 405 4.22 -7.28 9.76
CA ASN C 405 2.84 -7.63 9.43
C ASN C 405 2.59 -9.13 9.56
N ARG C 406 1.33 -9.48 9.78
CA ARG C 406 0.91 -10.87 9.92
C ARG C 406 0.06 -11.26 8.72
N TRP C 407 0.35 -12.44 8.14
CA TRP C 407 -0.43 -12.96 7.04
C TRP C 407 -1.56 -13.84 7.58
N SER C 408 -2.79 -13.54 7.16
CA SER C 408 -3.98 -14.21 7.67
C SER C 408 -4.82 -14.74 6.52
N GLN C 409 -5.38 -15.95 6.71
CA GLN C 409 -6.26 -16.57 5.74
C GLN C 409 -7.48 -17.14 6.45
N ASN C 410 -8.59 -17.23 5.71
CA ASN C 410 -9.84 -17.83 6.19
C ASN C 410 -10.39 -17.11 7.42
N GLN C 411 -10.23 -15.79 7.47
CA GLN C 411 -10.69 -15.02 8.63
C GLN C 411 -12.21 -14.85 8.56
N VAL C 412 -12.91 -15.29 9.61
CA VAL C 412 -14.37 -15.27 9.62
C VAL C 412 -14.87 -15.10 11.04
N ILE C 413 -15.94 -14.31 11.17
CA ILE C 413 -16.70 -14.17 12.41
C ILE C 413 -18.16 -14.45 12.09
N PHE C 414 -18.78 -15.37 12.82
CA PHE C 414 -20.19 -15.67 12.60
C PHE C 414 -20.90 -15.83 13.94
N VAL C 415 -22.15 -15.35 13.98
CA VAL C 415 -22.95 -15.23 15.19
C VAL C 415 -24.29 -15.91 14.97
N THR C 416 -24.79 -16.58 16.00
CA THR C 416 -26.10 -17.21 16.02
C THR C 416 -27.14 -16.24 16.57
N PRO C 417 -28.43 -16.50 16.33
CA PRO C 417 -29.47 -15.60 16.85
C PRO C 417 -29.47 -15.46 18.36
N ASP C 418 -29.10 -16.52 19.09
CA ASP C 418 -29.03 -16.44 20.54
C ASP C 418 -27.89 -15.54 21.00
N GLY C 419 -26.91 -15.30 20.14
CA GLY C 419 -25.78 -14.47 20.48
C GLY C 419 -24.46 -15.20 20.66
N ARG C 420 -24.39 -16.48 20.31
CA ARG C 420 -23.14 -17.22 20.38
C ARG C 420 -22.26 -16.86 19.18
N ALA C 421 -21.06 -16.37 19.46
CA ALA C 421 -20.13 -15.89 18.44
C ALA C 421 -18.84 -16.69 18.50
N SER C 422 -18.16 -16.78 17.34
CA SER C 422 -16.90 -17.49 17.26
C SER C 422 -16.05 -16.88 16.17
N TYR C 423 -14.72 -16.94 16.37
CA TYR C 423 -13.74 -16.38 15.45
C TYR C 423 -12.76 -17.47 15.01
N PHE C 424 -12.33 -17.39 13.77
CA PHE C 424 -11.40 -18.36 13.19
C PHE C 424 -10.38 -17.63 12.33
N GLU C 425 -9.14 -18.15 12.33
CA GLU C 425 -8.06 -17.53 11.57
C GLU C 425 -6.92 -18.52 11.36
N ARG C 426 -6.33 -18.49 10.17
CA ARG C 426 -5.08 -19.18 9.87
C ARG C 426 -4.00 -18.14 9.64
N PHE C 427 -2.90 -18.24 10.39
CA PHE C 427 -1.92 -17.17 10.47
C PHE C 427 -0.51 -17.67 10.15
N THR C 428 0.32 -16.75 9.67
CA THR C 428 1.77 -16.94 9.58
C THR C 428 2.42 -15.68 10.16
N VAL C 429 3.25 -15.85 11.18
CA VAL C 429 3.75 -14.73 11.97
C VAL C 429 5.18 -14.97 12.40
N THR C 430 5.92 -13.87 12.60
CA THR C 430 7.28 -13.90 13.12
C THR C 430 7.31 -13.28 14.50
N LEU C 431 7.93 -13.96 15.46
CA LEU C 431 7.90 -13.56 16.87
C LEU C 431 9.32 -13.37 17.38
N GLN C 432 9.54 -12.26 18.08
CA GLN C 432 10.84 -12.00 18.70
C GLN C 432 11.03 -12.88 19.93
N ALA C 433 12.26 -13.39 20.09
CA ALA C 433 12.58 -14.28 21.20
C ALA C 433 13.92 -13.90 21.85
N PRO C 434 13.97 -12.80 22.61
CA PRO C 434 15.23 -12.44 23.28
C PRO C 434 15.67 -13.42 24.35
N ASP C 435 14.84 -14.38 24.72
CA ASP C 435 15.21 -15.35 25.75
C ASP C 435 16.15 -16.44 25.24
N PHE C 436 16.44 -16.48 23.94
CA PHE C 436 17.33 -17.50 23.39
C PHE C 436 18.70 -17.45 24.07
N ASP C 437 19.28 -18.62 24.31
CA ASP C 437 20.60 -18.74 24.92
C ASP C 437 21.38 -19.82 24.19
N PHE C 438 22.40 -19.41 23.45
CA PHE C 438 23.19 -20.33 22.62
C PHE C 438 24.56 -20.64 23.20
N LEU C 439 24.73 -20.52 24.52
CA LEU C 439 26.03 -20.75 25.12
C LEU C 439 26.47 -22.21 24.97
N ALA C 440 25.55 -23.15 25.13
CA ALA C 440 25.85 -24.58 25.09
C ALA C 440 25.77 -25.17 23.69
N TYR C 441 25.80 -24.35 22.64
CA TYR C 441 25.70 -24.84 21.27
C TYR C 441 26.81 -25.85 20.99
N PRO C 442 26.52 -26.96 20.30
CA PRO C 442 25.22 -27.34 19.72
C PRO C 442 24.31 -28.14 20.66
N PHE C 443 24.67 -28.23 21.94
CA PHE C 443 23.87 -28.97 22.91
C PHE C 443 22.81 -28.12 23.60
N ASP C 444 22.50 -26.95 23.07
CA ASP C 444 21.57 -26.04 23.72
C ASP C 444 20.12 -26.51 23.55
N ARG C 445 19.28 -26.12 24.50
CA ARG C 445 17.84 -26.35 24.45
C ARG C 445 17.12 -25.01 24.60
N GLN C 446 16.07 -24.82 23.81
CA GLN C 446 15.40 -23.53 23.73
C GLN C 446 13.89 -23.70 23.93
N LYS C 447 13.21 -22.57 24.14
CA LYS C 447 11.77 -22.51 24.28
C LYS C 447 11.18 -21.58 23.22
N PHE C 448 10.18 -22.06 22.51
CA PHE C 448 9.41 -21.25 21.57
C PHE C 448 8.06 -20.93 22.24
N SER C 449 7.87 -19.68 22.61
CA SER C 449 6.67 -19.26 23.33
C SER C 449 5.83 -18.32 22.47
N ILE C 450 4.53 -18.62 22.39
CA ILE C 450 3.58 -17.82 21.62
C ILE C 450 2.56 -17.25 22.59
N LYS C 451 2.49 -15.92 22.67
CA LYS C 451 1.67 -15.23 23.66
C LYS C 451 0.56 -14.46 22.95
N VAL C 452 -0.68 -14.71 23.37
CA VAL C 452 -1.85 -14.02 22.83
C VAL C 452 -2.46 -13.20 23.96
N ASP C 453 -2.56 -11.89 23.77
CA ASP C 453 -3.04 -10.97 24.78
C ASP C 453 -4.32 -10.29 24.32
N LEU C 454 -5.34 -10.30 25.17
CA LEU C 454 -6.54 -9.51 24.92
C LEU C 454 -6.24 -8.03 25.07
N ALA C 455 -6.81 -7.21 24.20
CA ALA C 455 -6.61 -5.77 24.21
C ALA C 455 -7.67 -5.04 25.03
N VAL C 456 -8.30 -5.72 25.99
CA VAL C 456 -9.37 -5.11 26.79
C VAL C 456 -9.12 -5.41 28.26
N PRO C 457 -9.63 -4.54 29.14
CA PRO C 457 -9.48 -4.79 30.58
C PRO C 457 -10.20 -6.06 31.01
N THR C 458 -9.70 -6.65 32.09
CA THR C 458 -10.23 -7.93 32.55
C THR C 458 -11.67 -7.82 33.04
N ASN C 459 -12.11 -6.60 33.40
CA ASN C 459 -13.50 -6.45 33.83
C ASN C 459 -14.49 -6.52 32.67
N MET C 460 -14.01 -6.45 31.43
CA MET C 460 -14.87 -6.61 30.26
C MET C 460 -14.83 -8.04 29.72
N PHE C 461 -13.64 -8.53 29.38
CA PHE C 461 -13.46 -9.87 28.86
C PHE C 461 -12.32 -10.57 29.58
N ILE C 462 -12.43 -11.88 29.75
CA ILE C 462 -11.41 -12.68 30.41
C ILE C 462 -11.38 -14.06 29.78
N PHE C 463 -10.18 -14.62 29.60
CA PHE C 463 -10.05 -16.01 29.19
C PHE C 463 -10.45 -16.93 30.34
N ASN C 464 -11.27 -17.92 30.03
CA ASN C 464 -11.83 -18.80 31.05
C ASN C 464 -11.58 -20.28 30.82
N GLU C 465 -11.53 -20.74 29.57
CA GLU C 465 -11.35 -22.15 29.28
C GLU C 465 -10.42 -22.33 28.09
N ILE C 466 -9.84 -23.53 27.99
CA ILE C 466 -8.94 -23.89 26.90
C ILE C 466 -9.58 -25.02 26.09
N GLU C 467 -9.61 -24.85 24.77
CA GLU C 467 -10.20 -25.83 23.87
C GLU C 467 -9.11 -26.47 23.02
N ARG C 468 -9.14 -27.80 22.92
CA ARG C 468 -8.19 -28.56 22.10
C ARG C 468 -8.93 -29.07 20.86
N PHE C 469 -9.00 -28.22 19.84
CA PHE C 469 -9.68 -28.60 18.60
C PHE C 469 -8.83 -29.51 17.71
N GLN C 470 -7.51 -29.46 17.85
CA GLN C 470 -6.60 -30.33 17.11
C GLN C 470 -5.43 -30.69 18.02
N GLN C 471 -4.51 -31.48 17.50
CA GLN C 471 -3.23 -31.67 18.16
C GLN C 471 -2.50 -30.33 18.24
N VAL C 472 -1.95 -30.02 19.41
CA VAL C 472 -1.25 -28.76 19.59
C VAL C 472 -0.03 -28.69 18.69
N VAL C 473 0.71 -29.79 18.56
CA VAL C 473 1.86 -29.88 17.69
C VAL C 473 1.55 -30.91 16.60
N GLY C 474 1.57 -30.47 15.34
CA GLY C 474 1.23 -31.36 14.25
C GLY C 474 2.45 -32.09 13.69
N ASP C 475 2.21 -33.32 13.24
CA ASP C 475 3.26 -34.14 12.65
C ASP C 475 3.36 -33.87 11.14
N GLN C 476 4.59 -33.90 10.63
CA GLN C 476 4.85 -33.68 9.21
C GLN C 476 5.82 -34.73 8.71
N LEU C 477 5.69 -35.10 7.45
CA LEU C 477 6.57 -36.09 6.85
C LEU C 477 8.01 -35.55 6.75
N GLY C 478 8.97 -36.43 6.94
CA GLY C 478 10.37 -36.04 6.88
C GLY C 478 10.91 -35.54 8.21
N GLU C 479 12.21 -35.26 8.21
CA GLU C 479 12.89 -34.78 9.40
C GLU C 479 12.76 -33.26 9.52
N GLU C 480 12.93 -32.77 10.73
CA GLU C 480 12.95 -31.34 11.02
C GLU C 480 14.23 -30.97 11.75
N GLU C 481 14.66 -29.73 11.57
CA GLU C 481 15.87 -29.25 12.24
C GLU C 481 15.70 -29.22 13.75
N TRP C 482 14.52 -28.81 14.22
CA TRP C 482 14.22 -28.72 15.65
C TRP C 482 13.18 -29.78 16.01
N VAL C 483 13.46 -30.54 17.07
CA VAL C 483 12.60 -31.62 17.53
C VAL C 483 11.87 -31.16 18.78
N VAL C 484 10.55 -31.30 18.80
CA VAL C 484 9.74 -30.88 19.94
C VAL C 484 9.70 -32.02 20.97
N THR C 485 10.04 -31.69 22.22
CA THR C 485 10.04 -32.68 23.29
C THR C 485 8.75 -32.64 24.11
N SER C 486 8.25 -31.45 24.45
CA SER C 486 7.04 -31.32 25.25
C SER C 486 6.43 -29.94 25.02
N TYR C 487 5.19 -29.78 25.46
CA TYR C 487 4.46 -28.54 25.33
C TYR C 487 3.51 -28.36 26.52
N SER C 488 3.07 -27.12 26.71
CA SER C 488 2.11 -26.81 27.76
C SER C 488 1.31 -25.56 27.36
N GLN C 489 0.15 -25.40 27.97
CA GLN C 489 -0.72 -24.24 27.75
C GLN C 489 -1.27 -23.74 29.08
N GLU C 490 -1.35 -22.42 29.23
CA GLU C 490 -1.68 -21.81 30.51
C GLU C 490 -2.31 -20.44 30.30
N ILE C 491 -3.16 -20.04 31.24
CA ILE C 491 -3.79 -18.73 31.25
C ILE C 491 -3.32 -17.96 32.48
N THR C 492 -2.91 -16.70 32.27
CA THR C 492 -2.44 -15.84 33.36
C THR C 492 -3.01 -14.44 33.16
N GLU C 493 -2.67 -13.54 34.08
CA GLU C 493 -3.07 -12.14 34.03
C GLU C 493 -1.85 -11.24 34.12
N VAL C 494 -1.82 -10.18 33.31
CA VAL C 494 -0.66 -9.28 33.25
C VAL C 494 -1.14 -7.84 33.24
N PRO C 495 -0.33 -6.93 33.78
CA PRO C 495 -0.73 -5.52 33.83
C PRO C 495 -0.96 -4.92 32.45
N PHE C 496 -1.92 -3.99 32.39
CA PHE C 496 -2.39 -3.41 31.14
C PHE C 496 -2.29 -1.90 31.21
N GLU C 497 -2.19 -1.27 30.04
CA GLU C 497 -2.18 0.18 29.97
C GLU C 497 -3.52 0.75 30.45
N ARG C 498 -3.48 1.96 31.00
CA ARG C 498 -4.61 2.54 31.72
C ARG C 498 -5.04 1.62 32.86
N GLY C 499 -4.04 1.10 33.57
CA GLY C 499 -4.30 0.32 34.76
C GLY C 499 -4.99 -1.00 34.48
N SER C 500 -5.60 -1.52 35.53
CA SER C 500 -6.37 -2.78 35.50
C SER C 500 -5.45 -3.90 35.02
N THR C 501 -6.02 -4.90 34.36
CA THR C 501 -5.30 -6.12 33.99
C THR C 501 -5.92 -6.69 32.72
N ASN C 502 -5.12 -7.43 31.97
CA ASN C 502 -5.61 -8.10 30.77
C ASN C 502 -5.16 -9.56 30.79
N SER C 503 -5.94 -10.41 30.12
CA SER C 503 -5.66 -11.83 30.09
C SER C 503 -4.59 -12.17 29.06
N ARG C 504 -3.83 -13.23 29.33
CA ARG C 504 -2.80 -13.73 28.44
C ARG C 504 -2.91 -15.25 28.34
N PHE C 505 -2.82 -15.77 27.11
CA PHE C 505 -2.83 -17.19 26.83
C PHE C 505 -1.51 -17.56 26.18
N THR C 506 -0.76 -18.47 26.81
CA THR C 506 0.61 -18.77 26.42
C THR C 506 0.75 -20.23 26.03
N THR C 507 1.40 -20.48 24.88
CA THR C 507 1.76 -21.82 24.44
C THR C 507 3.27 -21.90 24.30
N THR C 508 3.88 -22.92 24.91
CA THR C 508 5.32 -23.06 24.96
C THR C 508 5.74 -24.43 24.47
N LEU C 509 6.73 -24.47 23.58
CA LEU C 509 7.29 -25.72 23.06
C LEU C 509 8.75 -25.83 23.48
N LEU C 510 9.15 -27.00 23.95
CA LEU C 510 10.54 -27.27 24.30
C LEU C 510 11.19 -28.06 23.17
N VAL C 511 12.32 -27.56 22.68
CA VAL C 511 12.94 -28.09 21.47
C VAL C 511 14.43 -28.37 21.70
N LYS C 512 14.97 -29.27 20.89
CA LYS C 512 16.39 -29.58 20.85
C LYS C 512 16.82 -29.82 19.41
N ARG C 513 18.13 -29.82 19.20
CA ARG C 513 18.68 -30.06 17.87
C ARG C 513 18.89 -31.55 17.61
N ASN C 514 19.24 -31.86 16.36
CA ASN C 514 19.58 -33.23 15.97
C ASN C 514 21.04 -33.49 16.30
N LEU C 515 21.28 -34.34 17.30
CA LEU C 515 22.63 -34.51 17.84
C LEU C 515 23.50 -35.43 16.99
N GLU C 516 22.90 -36.45 16.36
CA GLU C 516 23.66 -37.35 15.50
C GLU C 516 24.32 -36.60 14.36
N TYR C 517 23.61 -35.62 13.80
CA TYR C 517 24.14 -34.82 12.70
C TYR C 517 25.46 -34.16 13.10
N TYR C 518 25.45 -33.43 14.21
CA TYR C 518 26.66 -32.73 14.65
C TYR C 518 27.76 -33.71 15.04
N ILE C 519 27.41 -34.77 15.78
CA ILE C 519 28.41 -35.73 16.22
C ILE C 519 29.13 -36.32 15.02
N LEU C 520 28.37 -36.93 14.10
CA LEU C 520 28.98 -37.63 12.97
C LEU C 520 29.67 -36.66 12.02
N ARG C 521 29.14 -35.45 11.86
CA ARG C 521 29.72 -34.54 10.88
C ARG C 521 30.99 -33.86 11.39
N ILE C 522 31.11 -33.62 12.70
CA ILE C 522 32.21 -32.83 13.25
C ILE C 522 33.16 -33.67 14.10
N PHE C 523 32.64 -34.36 15.12
CA PHE C 523 33.50 -34.82 16.20
C PHE C 523 34.35 -36.02 15.80
N VAL C 524 33.79 -36.97 15.05
CA VAL C 524 34.56 -38.14 14.63
C VAL C 524 35.74 -37.76 13.74
N PRO C 525 35.57 -36.97 12.66
CA PRO C 525 36.75 -36.56 11.88
C PRO C 525 37.77 -35.80 12.69
N LEU C 526 37.33 -34.94 13.61
CA LEU C 526 38.25 -34.22 14.47
C LEU C 526 39.04 -35.17 15.36
N PHE C 527 38.37 -36.20 15.87
CA PHE C 527 39.06 -37.20 16.69
C PHE C 527 40.13 -37.93 15.87
N LEU C 528 39.80 -38.30 14.63
CA LEU C 528 40.79 -38.98 13.80
C LEU C 528 41.98 -38.07 13.49
N ILE C 529 41.72 -36.79 13.23
CA ILE C 529 42.81 -35.85 12.96
C ILE C 529 43.70 -35.71 14.18
N ILE C 530 43.12 -35.63 15.38
CA ILE C 530 43.91 -35.54 16.61
C ILE C 530 44.74 -36.82 16.81
N SER C 531 44.12 -37.98 16.54
CA SER C 531 44.84 -39.25 16.69
C SER C 531 46.03 -39.33 15.74
N VAL C 532 45.93 -38.74 14.55
CA VAL C 532 47.06 -38.75 13.62
C VAL C 532 48.25 -38.02 14.22
N SER C 533 48.00 -36.87 14.84
CA SER C 533 49.08 -36.13 15.50
C SER C 533 49.60 -36.84 16.74
N TRP C 534 48.76 -37.63 17.40
CA TRP C 534 49.23 -38.36 18.57
C TRP C 534 50.11 -39.55 18.20
N VAL C 535 49.77 -40.27 17.13
CA VAL C 535 50.42 -41.55 16.87
C VAL C 535 51.86 -41.38 16.38
N ILE C 536 52.20 -40.23 15.79
CA ILE C 536 53.49 -40.08 15.13
C ILE C 536 54.66 -40.09 16.10
N PHE C 537 54.40 -39.96 17.41
CA PHE C 537 55.47 -39.96 18.39
C PHE C 537 56.08 -41.34 18.61
N PHE C 538 55.51 -42.40 18.03
CA PHE C 538 56.14 -43.71 18.10
C PHE C 538 57.39 -43.78 17.23
N LEU C 539 57.44 -43.00 16.15
CA LEU C 539 58.58 -43.04 15.24
C LEU C 539 59.85 -42.54 15.92
N LYS C 540 60.99 -43.05 15.47
CA LYS C 540 62.29 -42.62 15.95
C LYS C 540 63.06 -41.80 14.92
N ASP C 541 62.53 -41.65 13.71
CA ASP C 541 63.08 -40.75 12.71
C ASP C 541 62.35 -39.43 12.83
N TYR C 542 63.01 -38.41 13.37
CA TYR C 542 62.33 -37.18 13.73
C TYR C 542 62.06 -36.28 12.53
N GLY C 543 62.76 -36.48 11.41
CA GLY C 543 62.42 -35.74 10.20
C GLY C 543 61.04 -36.12 9.68
N ARG C 544 60.75 -37.42 9.64
CA ARG C 544 59.42 -37.87 9.24
C ARG C 544 58.35 -37.34 10.19
N GLN C 545 58.63 -37.38 11.49
CA GLN C 545 57.68 -36.88 12.48
C GLN C 545 57.40 -35.40 12.27
N LEU C 546 58.45 -34.61 12.04
CA LEU C 546 58.28 -33.18 11.81
C LEU C 546 57.46 -32.92 10.55
N GLU C 547 57.76 -33.64 9.47
CA GLU C 547 57.02 -33.44 8.22
C GLU C 547 55.56 -33.81 8.37
N VAL C 548 55.27 -34.93 9.03
CA VAL C 548 53.88 -35.35 9.20
C VAL C 548 53.13 -34.38 10.10
N ALA C 549 53.76 -33.88 11.15
CA ALA C 549 53.11 -32.89 12.01
C ALA C 549 52.79 -31.61 11.23
N SER C 550 53.74 -31.16 10.40
CA SER C 550 53.50 -29.97 9.60
C SER C 550 52.33 -30.17 8.63
N GLY C 551 52.25 -31.36 8.00
CA GLY C 551 51.13 -31.63 7.13
C GLY C 551 49.80 -31.72 7.88
N ASN C 552 49.83 -32.31 9.08
CA ASN C 552 48.59 -32.51 9.84
C ASN C 552 48.03 -31.19 10.33
N LEU C 553 48.88 -30.21 10.64
CA LEU C 553 48.37 -28.90 11.03
C LEU C 553 47.58 -28.26 9.88
N LEU C 554 48.12 -28.36 8.65
CA LEU C 554 47.42 -27.82 7.49
C LEU C 554 46.12 -28.56 7.24
N VAL C 555 46.12 -29.88 7.41
CA VAL C 555 44.89 -30.65 7.27
C VAL C 555 43.85 -30.21 8.29
N PHE C 556 44.29 -29.95 9.52
CA PHE C 556 43.38 -29.47 10.55
C PHE C 556 42.74 -28.14 10.15
N VAL C 557 43.56 -27.19 9.67
CA VAL C 557 43.02 -25.90 9.27
C VAL C 557 42.03 -26.07 8.12
N ALA C 558 42.36 -26.93 7.15
CA ALA C 558 41.47 -27.17 6.02
C ALA C 558 40.13 -27.73 6.48
N PHE C 559 40.14 -28.72 7.37
CA PHE C 559 38.88 -29.26 7.87
C PHE C 559 38.09 -28.21 8.64
N ASN C 560 38.78 -27.39 9.44
CA ASN C 560 38.10 -26.36 10.21
C ASN C 560 37.34 -25.40 9.29
N PHE C 561 37.97 -24.87 8.26
CA PHE C 561 37.18 -23.98 7.43
C PHE C 561 36.16 -24.78 6.60
N THR C 562 36.42 -26.05 6.32
CA THR C 562 35.40 -26.81 5.59
C THR C 562 34.11 -26.93 6.40
N ILE C 563 34.23 -27.05 7.74
CA ILE C 563 33.05 -27.13 8.60
C ILE C 563 32.64 -25.77 9.11
N SER C 564 33.35 -24.70 8.72
CA SER C 564 32.95 -23.35 9.08
C SER C 564 31.49 -23.05 8.75
N GLY C 565 30.88 -23.81 7.84
CA GLY C 565 29.48 -23.59 7.50
C GLY C 565 28.51 -23.91 8.62
N ASP C 566 28.89 -24.78 9.55
CA ASP C 566 28.08 -25.10 10.71
C ASP C 566 28.52 -24.36 11.96
N LEU C 567 29.15 -23.18 11.79
CA LEU C 567 29.69 -22.42 12.90
C LEU C 567 29.08 -21.02 12.87
N PRO C 568 27.97 -20.82 13.58
CA PRO C 568 27.30 -19.52 13.56
C PRO C 568 28.19 -18.41 14.11
N ARG C 569 28.10 -17.24 13.48
CA ARG C 569 28.86 -16.07 13.89
C ARG C 569 27.96 -15.20 14.76
N LEU C 570 28.03 -15.41 16.07
CA LEU C 570 27.16 -14.72 17.01
C LEU C 570 27.84 -13.58 17.75
N GLY C 571 29.15 -13.42 17.62
CA GLY C 571 29.89 -12.42 18.35
C GLY C 571 30.39 -12.85 19.71
N TYR C 572 30.16 -14.10 20.11
CA TYR C 572 30.64 -14.61 21.38
C TYR C 572 30.89 -16.10 21.25
N LEU C 573 31.71 -16.63 22.16
CA LEU C 573 32.22 -17.99 22.04
C LEU C 573 31.20 -19.03 22.50
N THR C 574 31.10 -20.12 21.76
CA THR C 574 30.34 -21.30 22.15
C THR C 574 31.28 -22.43 22.57
N VAL C 575 30.68 -23.58 22.93
CA VAL C 575 31.47 -24.74 23.33
C VAL C 575 32.33 -25.24 22.18
N LEU C 576 31.74 -25.33 20.99
CA LEU C 576 32.46 -25.87 19.83
C LEU C 576 33.65 -25.00 19.47
N ASP C 577 33.49 -23.67 19.54
CA ASP C 577 34.61 -22.77 19.25
C ASP C 577 35.77 -23.01 20.20
N ARG C 578 35.46 -23.15 21.50
CA ARG C 578 36.52 -23.41 22.48
C ARG C 578 37.24 -24.72 22.20
N PHE C 579 36.48 -25.77 21.87
CA PHE C 579 37.11 -27.05 21.57
C PHE C 579 38.01 -26.95 20.34
N MET C 580 37.55 -26.25 19.30
CA MET C 580 38.38 -26.10 18.09
C MET C 580 39.66 -25.34 18.39
N ILE C 581 39.56 -24.27 19.20
CA ILE C 581 40.75 -23.49 19.54
C ILE C 581 41.75 -24.32 20.33
N VAL C 582 41.28 -25.09 21.31
CA VAL C 582 42.19 -25.93 22.10
C VAL C 582 42.87 -26.98 21.21
N SER C 583 42.09 -27.59 20.32
CA SER C 583 42.66 -28.60 19.42
C SER C 583 43.72 -28.01 18.50
N PHE C 584 43.47 -26.81 17.96
CA PHE C 584 44.48 -26.16 17.12
C PHE C 584 45.74 -25.87 17.91
N CYS C 585 45.59 -25.36 19.14
CA CYS C 585 46.76 -25.03 19.95
C CYS C 585 47.61 -26.26 20.22
N LEU C 586 46.96 -27.38 20.58
CA LEU C 586 47.72 -28.61 20.82
C LEU C 586 48.39 -29.11 19.54
N THR C 587 47.70 -29.01 18.41
CA THR C 587 48.29 -29.45 17.14
C THR C 587 49.53 -28.65 16.80
N ALA C 588 49.53 -27.34 17.08
CA ALA C 588 50.73 -26.53 16.83
C ALA C 588 51.86 -26.84 17.82
N ILE C 589 51.50 -27.07 19.09
CA ILE C 589 52.52 -27.43 20.07
C ILE C 589 53.20 -28.74 19.69
N VAL C 590 52.48 -29.64 19.00
CA VAL C 590 53.10 -30.86 18.50
C VAL C 590 54.25 -30.54 17.55
N VAL C 591 54.04 -29.60 16.63
CA VAL C 591 55.09 -29.22 15.68
C VAL C 591 56.28 -28.60 16.42
N LEU C 592 55.99 -27.75 17.41
CA LEU C 592 57.08 -27.14 18.18
C LEU C 592 57.94 -28.22 18.87
N ILE C 593 57.28 -29.17 19.53
CA ILE C 593 58.01 -30.23 20.21
C ILE C 593 58.80 -31.08 19.21
N SER C 594 58.23 -31.30 18.02
CA SER C 594 58.94 -32.06 16.99
C SER C 594 60.22 -31.36 16.57
N VAL C 595 60.17 -30.03 16.39
CA VAL C 595 61.38 -29.29 16.04
C VAL C 595 62.43 -29.43 17.15
N CYS C 596 62.00 -29.30 18.41
CA CYS C 596 62.93 -29.42 19.51
C CYS C 596 63.58 -30.81 19.55
N GLN C 597 62.77 -31.86 19.34
CA GLN C 597 63.30 -33.22 19.33
C GLN C 597 64.27 -33.44 18.19
N LYS C 598 63.97 -32.87 17.01
CA LYS C 598 64.89 -32.98 15.88
C LYS C 598 66.23 -32.35 16.21
N ARG C 599 66.22 -31.18 16.85
CA ARG C 599 67.48 -30.55 17.22
C ARG C 599 68.24 -31.38 18.24
N LEU C 600 67.54 -31.91 19.25
CA LEU C 600 68.20 -32.73 20.26
C LEU C 600 68.82 -33.96 19.65
N GLY C 601 68.13 -34.62 18.71
CA GLY C 601 68.70 -35.75 18.02
C GLY C 601 69.90 -35.37 17.17
N ALA C 602 69.87 -34.17 16.59
CA ALA C 602 71.03 -33.69 15.83
C ALA C 602 72.25 -33.50 16.73
N VAL C 603 72.05 -33.00 17.95
CA VAL C 603 73.18 -32.76 18.86
C VAL C 603 73.70 -34.04 19.50
N GLY C 604 72.97 -35.14 19.43
CA GLY C 604 73.44 -36.38 20.03
C GLY C 604 72.90 -36.69 21.40
N LYS C 605 71.68 -36.25 21.70
CA LYS C 605 71.01 -36.52 22.98
C LYS C 605 69.73 -37.31 22.77
N GLN C 606 69.80 -38.39 21.99
CA GLN C 606 68.60 -39.12 21.58
C GLN C 606 67.82 -39.69 22.76
N ALA C 607 68.49 -39.97 23.87
CA ALA C 607 67.80 -40.50 25.04
C ALA C 607 66.79 -39.51 25.58
N VAL C 608 67.15 -38.23 25.62
CA VAL C 608 66.20 -37.19 26.05
C VAL C 608 65.02 -37.13 25.09
N ALA C 609 65.27 -37.30 23.80
CA ALA C 609 64.19 -37.30 22.82
C ALA C 609 63.22 -38.45 23.06
N ALA C 610 63.76 -39.64 23.36
CA ALA C 610 62.89 -40.77 23.67
C ALA C 610 62.07 -40.53 24.94
N GLN C 611 62.68 -39.94 25.96
CA GLN C 611 61.94 -39.61 27.17
C GLN C 611 60.82 -38.61 26.88
N ILE C 612 61.10 -37.62 26.03
CA ILE C 612 60.06 -36.66 25.65
C ILE C 612 58.93 -37.36 24.90
N ASP C 613 59.27 -38.33 24.03
CA ASP C 613 58.25 -39.08 23.32
C ASP C 613 57.33 -39.81 24.29
N THR C 614 57.91 -40.50 25.28
CA THR C 614 57.08 -41.20 26.26
C THR C 614 56.21 -40.23 27.04
N TRP C 615 56.78 -39.09 27.44
CA TRP C 615 56.03 -38.10 28.20
C TRP C 615 54.83 -37.59 27.40
N VAL C 616 55.04 -37.26 26.13
CA VAL C 616 53.94 -36.75 25.30
C VAL C 616 52.88 -37.82 25.12
N LEU C 617 53.29 -39.04 24.79
CA LEU C 617 52.35 -40.14 24.59
C LEU C 617 51.49 -40.37 25.82
N VAL C 618 52.03 -40.13 27.01
CA VAL C 618 51.22 -40.30 28.22
C VAL C 618 50.35 -39.07 28.47
N ILE C 619 50.89 -37.87 28.28
CA ILE C 619 50.23 -36.66 28.77
C ILE C 619 49.06 -36.26 27.88
N TYR C 620 49.27 -36.20 26.57
CA TYR C 620 48.22 -35.66 25.67
C TYR C 620 46.75 -36.14 25.84
N PRO C 621 46.49 -37.47 25.86
CA PRO C 621 45.10 -37.88 26.11
C PRO C 621 44.59 -37.47 27.48
N LEU C 622 45.45 -37.43 28.48
CA LEU C 622 45.04 -36.96 29.80
C LEU C 622 44.60 -35.50 29.75
N VAL C 623 45.34 -34.67 29.02
CA VAL C 623 44.97 -33.27 28.87
C VAL C 623 43.62 -33.14 28.18
N TYR C 624 43.40 -33.90 27.11
CA TYR C 624 42.11 -33.83 26.42
C TYR C 624 40.97 -34.25 27.35
N SER C 625 41.15 -35.34 28.09
CA SER C 625 40.10 -35.81 28.99
C SER C 625 39.80 -34.79 30.10
N LEU C 626 40.85 -34.19 30.66
CA LEU C 626 40.65 -33.19 31.71
C LEU C 626 39.91 -31.97 31.15
N TYR C 627 40.25 -31.53 29.95
CA TYR C 627 39.55 -30.39 29.36
C TYR C 627 38.07 -30.72 29.13
N ILE C 628 37.78 -31.92 28.65
CA ILE C 628 36.39 -32.30 28.42
C ILE C 628 35.62 -32.32 29.73
N ILE C 629 36.22 -32.87 30.79
CA ILE C 629 35.57 -32.90 32.10
C ILE C 629 35.31 -31.48 32.59
N TRP C 630 36.30 -30.60 32.43
CA TRP C 630 36.14 -29.21 32.89
C TRP C 630 35.02 -28.51 32.16
N VAL C 631 34.94 -28.69 30.83
CA VAL C 631 33.88 -28.05 30.05
C VAL C 631 32.52 -28.57 30.49
N TYR C 632 32.41 -29.89 30.71
CA TYR C 632 31.16 -30.45 31.17
C TYR C 632 30.75 -29.86 32.52
N LEU C 633 31.70 -29.72 33.44
CA LEU C 633 31.39 -29.16 34.74
C LEU C 633 30.94 -27.70 34.64
N ARG C 634 31.62 -26.91 33.81
CA ARG C 634 31.39 -25.48 33.80
C ARG C 634 30.25 -25.04 32.90
N PHE C 635 29.73 -25.90 32.02
CA PHE C 635 28.65 -25.48 31.13
C PHE C 635 27.37 -26.30 31.26
N PHE C 636 27.38 -27.45 31.92
CA PHE C 636 26.20 -28.32 31.96
C PHE C 636 25.79 -28.72 33.37
N THR C 637 26.40 -28.13 34.40
CA THR C 637 26.02 -28.42 35.77
C THR C 637 26.54 -27.35 36.72
N ARG D 37 -40.35 37.68 32.23
CA ARG D 37 -39.07 38.37 32.44
C ARG D 37 -37.93 37.36 32.48
N VAL D 38 -37.21 37.25 31.35
CA VAL D 38 -36.16 36.25 31.19
C VAL D 38 -34.89 36.95 30.71
N GLN D 39 -33.75 36.55 31.28
CA GLN D 39 -32.47 37.14 30.94
C GLN D 39 -31.42 36.03 30.82
N HIS D 40 -30.46 36.21 29.91
CA HIS D 40 -29.40 35.25 29.66
C HIS D 40 -28.06 35.81 30.07
N PHE D 41 -27.17 34.93 30.54
CA PHE D 41 -25.81 35.28 30.90
C PHE D 41 -24.88 34.14 30.52
N THR D 42 -23.63 34.47 30.22
CA THR D 42 -22.61 33.50 29.91
C THR D 42 -21.31 33.89 30.61
N GLY D 43 -20.58 32.90 31.10
CA GLY D 43 -19.35 33.18 31.82
C GLY D 43 -18.40 32.00 31.78
N TYR D 44 -17.34 32.12 32.58
CA TYR D 44 -16.30 31.09 32.68
C TYR D 44 -15.88 30.97 34.13
N ILE D 45 -15.70 29.72 34.59
CA ILE D 45 -15.29 29.42 35.96
C ILE D 45 -13.90 28.83 35.93
N GLU D 46 -13.02 29.35 36.79
CA GLU D 46 -11.63 28.89 36.86
C GLU D 46 -11.33 28.47 38.29
N ASP D 47 -11.09 27.16 38.49
CA ASP D 47 -10.62 26.61 39.75
C ASP D 47 -11.52 27.00 40.92
N GLY D 48 -12.82 26.93 40.70
CA GLY D 48 -13.78 27.21 41.75
C GLY D 48 -13.80 28.66 42.22
N ARG D 49 -13.76 29.60 41.28
CA ARG D 49 -13.91 31.02 41.58
C ARG D 49 -15.24 31.47 40.99
N GLY D 50 -16.21 31.74 41.85
CA GLY D 50 -17.57 32.00 41.42
C GLY D 50 -17.78 33.42 40.93
N ILE D 51 -18.98 33.64 40.40
CA ILE D 51 -19.39 34.94 39.86
C ILE D 51 -20.68 35.35 40.56
N PHE D 52 -20.73 36.59 41.04
CA PHE D 52 -21.89 37.14 41.70
C PHE D 52 -22.73 37.94 40.70
N TYR D 53 -24.05 37.81 40.83
CA TYR D 53 -25.00 38.60 40.05
C TYR D 53 -25.95 39.30 41.00
N SER D 54 -26.24 40.56 40.73
CA SER D 54 -27.04 41.40 41.62
C SER D 54 -28.48 41.49 41.12
N LEU D 55 -29.43 41.34 42.04
CA LEU D 55 -30.85 41.47 41.78
C LEU D 55 -31.39 42.66 42.54
N PRO D 56 -31.32 43.87 41.98
CA PRO D 56 -31.66 45.07 42.75
C PRO D 56 -33.16 45.19 43.01
N ASP D 57 -33.50 45.43 44.27
CA ASP D 57 -34.86 45.79 44.70
C ASP D 57 -35.94 44.83 44.22
N MET D 58 -35.86 43.57 44.62
CA MET D 58 -36.99 42.68 44.43
C MET D 58 -38.09 43.00 45.44
N LYS D 59 -39.32 42.61 45.10
CA LYS D 59 -40.47 42.83 45.95
C LYS D 59 -40.94 41.52 46.57
N GLN D 60 -41.47 41.63 47.79
CA GLN D 60 -42.01 40.45 48.48
C GLN D 60 -43.15 39.84 47.66
N GLY D 61 -43.13 38.51 47.57
CA GLY D 61 -44.09 37.78 46.78
C GLY D 61 -43.61 37.36 45.41
N ASP D 62 -42.45 37.86 44.96
CA ASP D 62 -41.91 37.45 43.67
C ASP D 62 -41.31 36.05 43.77
N ILE D 63 -41.25 35.38 42.62
CA ILE D 63 -40.68 34.05 42.51
C ILE D 63 -39.48 34.12 41.57
N ILE D 64 -38.32 33.70 42.06
CA ILE D 64 -37.10 33.65 41.25
C ILE D 64 -36.92 32.24 40.69
N TYR D 65 -36.45 32.15 39.46
CA TYR D 65 -36.11 30.88 38.84
C TYR D 65 -34.68 30.95 38.30
N ALA D 66 -33.96 29.84 38.42
CA ALA D 66 -32.58 29.78 37.96
C ALA D 66 -32.31 28.43 37.31
N SER D 67 -31.42 28.45 36.31
CA SER D 67 -30.98 27.22 35.65
C SER D 67 -29.58 27.46 35.09
N MET D 68 -28.69 26.48 35.29
CA MET D 68 -27.31 26.60 34.88
C MET D 68 -26.87 25.31 34.21
N GLN D 69 -26.36 25.42 32.98
CA GLN D 69 -25.99 24.27 32.17
C GLN D 69 -24.53 24.37 31.74
N ASN D 70 -23.89 23.21 31.63
CA ASN D 70 -22.50 23.16 31.19
C ASN D 70 -22.43 23.22 29.67
N THR D 71 -21.56 24.09 29.16
CA THR D 71 -21.38 24.26 27.73
C THR D 71 -19.97 23.96 27.25
N GLY D 72 -19.09 23.47 28.13
CA GLY D 72 -17.73 23.15 27.76
C GLY D 72 -16.88 22.85 28.98
N GLY D 73 -15.98 21.87 28.85
CA GLY D 73 -15.17 21.45 29.97
C GLY D 73 -15.89 20.46 30.87
N ASN D 74 -15.36 20.33 32.09
CA ASN D 74 -15.88 19.40 33.08
C ASN D 74 -16.63 20.10 34.22
N LEU D 75 -17.14 21.30 33.97
CA LEU D 75 -17.80 22.08 35.02
C LEU D 75 -19.03 21.37 35.57
N ASP D 76 -19.19 21.42 36.88
CA ASP D 76 -20.37 20.90 37.56
C ASP D 76 -21.12 22.06 38.21
N PRO D 77 -22.23 22.53 37.63
CA PRO D 77 -22.85 23.77 38.10
C PRO D 77 -23.38 23.70 39.53
N LEU D 78 -23.35 24.86 40.20
CA LEU D 78 -23.96 25.07 41.49
C LEU D 78 -24.48 26.50 41.57
N VAL D 79 -25.67 26.67 42.15
CA VAL D 79 -26.30 27.98 42.24
C VAL D 79 -26.83 28.20 43.65
N GLY D 80 -26.68 29.42 44.16
CA GLY D 80 -27.18 29.76 45.47
C GLY D 80 -27.59 31.22 45.51
N ILE D 81 -28.51 31.54 46.41
CA ILE D 81 -29.09 32.88 46.53
C ILE D 81 -28.95 33.35 47.98
N MET D 82 -28.61 34.62 48.15
CA MET D 82 -28.38 35.18 49.49
C MET D 82 -28.60 36.68 49.45
N ALA D 83 -28.76 37.27 50.64
CA ALA D 83 -29.01 38.69 50.76
C ALA D 83 -27.71 39.50 50.73
N GLU D 84 -26.83 39.27 51.71
CA GLU D 84 -25.58 40.03 51.79
C GLU D 84 -24.47 39.29 51.04
N GLU D 85 -23.78 40.02 50.18
CA GLU D 85 -22.74 39.43 49.33
C GLU D 85 -21.49 39.15 50.16
N ILE D 86 -21.18 37.86 50.33
CA ILE D 86 -19.95 37.42 50.98
C ILE D 86 -19.35 36.30 50.13
N ASP D 87 -18.03 36.29 50.02
CA ASP D 87 -17.34 35.30 49.21
C ASP D 87 -17.39 33.94 49.88
N PRO D 88 -17.98 32.91 49.25
CA PRO D 88 -18.04 31.59 49.89
C PRO D 88 -16.73 30.82 49.88
N ALA D 89 -15.67 31.39 49.28
CA ALA D 89 -14.43 30.63 49.07
C ALA D 89 -13.83 30.17 50.40
N VAL D 90 -13.79 31.05 51.40
CA VAL D 90 -13.18 30.70 52.67
C VAL D 90 -13.94 29.58 53.37
N SER D 91 -15.27 29.60 53.31
CA SER D 91 -16.06 28.57 53.97
C SER D 91 -16.02 27.25 53.20
N LEU D 92 -16.13 27.32 51.87
CA LEU D 92 -16.12 26.09 51.08
C LEU D 92 -14.76 25.42 51.08
N GLY D 93 -13.67 26.19 51.25
CA GLY D 93 -12.35 25.60 51.30
C GLY D 93 -12.17 24.62 52.45
N GLN D 94 -12.79 24.91 53.59
CA GLN D 94 -12.70 24.01 54.74
C GLN D 94 -13.35 22.66 54.46
N VAL D 95 -14.33 22.62 53.57
CA VAL D 95 -14.93 21.34 53.18
C VAL D 95 -13.93 20.48 52.43
N LEU D 96 -13.18 21.09 51.51
CA LEU D 96 -12.12 20.37 50.81
C LEU D 96 -10.99 20.00 51.78
N GLU D 97 -10.76 20.83 52.80
CA GLU D 97 -9.71 20.52 53.77
C GLU D 97 -10.05 19.29 54.61
N LYS D 98 -11.31 19.03 54.83
CA LYS D 98 -11.65 17.95 55.72
C LYS D 98 -11.72 16.66 55.01
N ALA D 99 -12.19 16.68 53.78
CA ALA D 99 -12.39 15.47 53.04
C ALA D 99 -11.07 14.97 52.62
N LEU D 106 -18.19 13.95 52.40
CA LEU D 106 -18.54 15.16 51.67
C LEU D 106 -19.98 15.52 51.53
N ILE D 107 -20.87 14.59 51.21
CA ILE D 107 -22.26 14.97 50.93
C ILE D 107 -22.93 15.42 52.17
N SER D 108 -22.40 15.06 53.31
CA SER D 108 -22.95 15.58 54.53
C SER D 108 -22.36 16.95 54.75
N GLU D 109 -21.04 17.04 54.77
CA GLU D 109 -20.44 18.34 55.09
C GLU D 109 -20.80 19.50 54.13
N LEU D 110 -21.02 19.23 52.86
CA LEU D 110 -21.41 20.22 51.89
C LEU D 110 -22.82 20.72 52.14
N THR D 111 -23.75 19.83 52.47
CA THR D 111 -25.11 20.24 52.74
C THR D 111 -25.19 21.14 53.96
N ALA D 112 -24.46 20.78 55.03
CA ALA D 112 -24.48 21.58 56.25
C ALA D 112 -23.90 22.97 56.01
N VAL D 113 -22.81 23.06 55.24
CA VAL D 113 -22.22 24.36 54.97
C VAL D 113 -23.11 25.20 54.05
N ALA D 114 -23.71 24.55 53.04
CA ALA D 114 -24.58 25.28 52.11
C ALA D 114 -25.83 25.80 52.79
N ASP D 115 -26.42 25.01 53.69
CA ASP D 115 -27.61 25.46 54.41
C ASP D 115 -27.33 26.64 55.33
N ARG D 116 -26.07 26.93 55.61
CA ARG D 116 -25.69 28.11 56.38
C ARG D 116 -25.34 29.29 55.47
N ILE D 117 -24.57 29.03 54.40
CA ILE D 117 -24.13 30.12 53.53
C ILE D 117 -25.30 30.72 52.77
N PHE D 118 -26.17 29.87 52.21
CA PHE D 118 -27.20 30.32 51.29
C PHE D 118 -28.59 30.16 51.91
N LEU D 119 -29.50 31.02 51.49
CA LEU D 119 -30.91 30.85 51.83
C LEU D 119 -31.56 29.76 50.98
N GLY D 120 -31.05 29.54 49.77
CA GLY D 120 -31.56 28.50 48.89
C GLY D 120 -30.55 28.12 47.84
N TRP D 121 -30.57 26.86 47.42
CA TRP D 121 -29.52 26.35 46.53
C TRP D 121 -30.00 25.06 45.88
N ASP D 122 -29.28 24.65 44.84
CA ASP D 122 -29.57 23.40 44.15
C ASP D 122 -28.31 22.93 43.44
N ASP D 123 -28.07 21.62 43.48
CA ASP D 123 -26.88 21.03 42.87
C ASP D 123 -27.21 20.35 41.54
N ASP D 124 -28.10 19.35 41.54
CA ASP D 124 -28.31 18.48 40.39
C ASP D 124 -29.79 18.32 40.05
N GLY D 125 -30.56 19.39 40.19
CA GLY D 125 -31.99 19.30 39.98
C GLY D 125 -32.43 19.22 38.54
N GLY D 126 -31.52 19.44 37.59
CA GLY D 126 -31.86 19.47 36.19
C GLY D 126 -31.41 18.22 35.45
N LYS D 127 -31.33 18.35 34.12
CA LYS D 127 -30.93 17.24 33.27
C LYS D 127 -29.44 17.00 33.44
N GLY D 128 -29.07 15.86 34.01
CA GLY D 128 -27.68 15.58 34.30
C GLY D 128 -27.23 16.24 35.58
N TYR D 129 -26.11 16.94 35.52
CA TYR D 129 -25.55 17.63 36.68
C TYR D 129 -25.96 19.10 36.73
N SER D 130 -26.87 19.52 35.86
CA SER D 130 -27.30 20.90 35.81
C SER D 130 -28.23 21.23 36.99
N ALA D 131 -28.20 22.48 37.42
CA ALA D 131 -28.98 22.93 38.57
C ALA D 131 -30.22 23.69 38.13
N SER D 132 -31.25 23.64 38.97
CA SER D 132 -32.48 24.39 38.77
C SER D 132 -33.06 24.76 40.13
N LEU D 133 -33.50 26.01 40.27
CA LEU D 133 -33.86 26.54 41.58
C LEU D 133 -35.12 27.39 41.49
N GLU D 134 -36.02 27.20 42.45
CA GLU D 134 -37.18 28.05 42.66
C GLU D 134 -37.09 28.66 44.06
N PHE D 135 -37.27 29.98 44.14
CA PHE D 135 -37.09 30.67 45.42
C PHE D 135 -38.10 31.80 45.52
N THR D 136 -38.96 31.74 46.52
CA THR D 136 -39.93 32.81 46.78
C THR D 136 -39.26 33.91 47.60
N ILE D 137 -39.35 35.14 47.11
CA ILE D 137 -38.70 36.29 47.74
C ILE D 137 -39.31 36.54 49.11
N PRO D 138 -38.53 36.37 50.19
CA PRO D 138 -39.11 36.45 51.55
C PRO D 138 -39.72 37.80 51.90
N ARG D 139 -38.91 38.85 51.89
CA ARG D 139 -39.31 40.20 52.21
C ARG D 139 -38.91 41.13 51.06
N ASP D 140 -39.03 42.43 51.27
CA ASP D 140 -38.70 43.43 50.27
C ASP D 140 -37.25 43.86 50.43
N GLY D 141 -36.53 43.93 49.32
CA GLY D 141 -35.13 44.32 49.32
C GLY D 141 -34.41 43.76 48.11
N THR D 142 -33.09 43.78 48.17
CA THR D 142 -32.23 43.27 47.11
C THR D 142 -31.52 42.00 47.56
N TYR D 143 -31.13 41.18 46.59
CA TYR D 143 -30.48 39.91 46.88
C TYR D 143 -29.36 39.67 45.86
N HIS D 144 -28.56 38.63 46.12
CA HIS D 144 -27.44 38.25 45.28
C HIS D 144 -27.57 36.80 44.86
N ILE D 145 -27.17 36.51 43.62
CA ILE D 145 -27.15 35.16 43.06
C ILE D 145 -25.69 34.76 42.86
N PHE D 146 -25.35 33.56 43.32
CA PHE D 146 -23.98 33.06 43.25
C PHE D 146 -23.93 31.85 42.32
N ALA D 147 -23.08 31.91 41.31
CA ALA D 147 -22.86 30.82 40.37
C ALA D 147 -21.42 30.36 40.49
N GLY D 148 -21.21 29.04 40.43
CA GLY D 148 -19.88 28.51 40.63
C GLY D 148 -19.84 27.01 40.46
N SER D 149 -18.85 26.39 41.10
CA SER D 149 -18.58 24.97 40.97
C SER D 149 -18.75 24.29 42.32
N THR D 150 -19.39 23.11 42.32
CA THR D 150 -19.49 22.30 43.52
C THR D 150 -18.23 21.45 43.69
N ILE D 151 -18.20 20.67 44.78
CA ILE D 151 -17.11 19.76 45.07
C ILE D 151 -17.56 18.35 44.72
N THR D 152 -16.84 17.71 43.79
CA THR D 152 -17.24 16.41 43.27
C THR D 152 -16.02 15.53 43.07
N ASN D 153 -16.27 14.24 42.89
CA ASN D 153 -15.27 13.26 42.50
C ASN D 153 -15.60 12.75 41.11
N GLN D 154 -14.56 12.59 40.27
CA GLN D 154 -14.75 12.17 38.89
C GLN D 154 -13.78 11.05 38.50
N ARG D 155 -13.45 10.17 39.44
CA ARG D 155 -12.53 9.07 39.19
C ARG D 155 -13.06 7.80 39.85
N LEU D 156 -12.65 6.65 39.29
CA LEU D 156 -13.02 5.35 39.84
C LEU D 156 -11.83 4.57 40.38
N ASP D 157 -10.60 5.01 40.12
CA ASP D 157 -9.43 4.32 40.67
C ASP D 157 -9.13 4.76 42.09
N LYS D 158 -9.37 6.03 42.41
CA LYS D 158 -9.18 6.55 43.75
C LYS D 158 -10.16 7.69 43.98
N PHE D 159 -10.36 8.04 45.25
CA PHE D 159 -11.29 9.07 45.65
C PHE D 159 -10.52 10.36 45.92
N GLN D 160 -10.87 11.43 45.21
CA GLN D 160 -10.21 12.72 45.34
C GLN D 160 -11.19 13.82 44.99
N PRO D 161 -11.79 14.47 45.99
CA PRO D 161 -12.70 15.59 45.69
C PRO D 161 -11.93 16.82 45.21
N THR D 162 -12.49 17.48 44.20
CA THR D 162 -11.85 18.62 43.56
C THR D 162 -12.92 19.57 43.03
N TYR D 163 -12.47 20.76 42.63
CA TYR D 163 -13.33 21.71 41.93
C TYR D 163 -13.37 21.37 40.43
N THR D 164 -14.10 22.19 39.67
CA THR D 164 -14.27 21.98 38.24
C THR D 164 -14.14 23.31 37.51
N THR D 165 -13.83 23.23 36.22
CA THR D 165 -13.61 24.41 35.38
C THR D 165 -14.35 24.25 34.07
N GLY D 166 -14.80 25.37 33.51
CA GLY D 166 -15.46 25.34 32.23
C GLY D 166 -16.36 26.55 32.04
N SER D 167 -17.01 26.57 30.88
CA SER D 167 -17.97 27.62 30.54
C SER D 167 -19.39 27.19 30.89
N PHE D 168 -20.27 28.18 31.04
CA PHE D 168 -21.63 27.89 31.48
C PHE D 168 -22.61 28.87 30.85
N GLN D 169 -23.87 28.46 30.82
CA GLN D 169 -24.98 29.30 30.40
C GLN D 169 -25.98 29.40 31.55
N LEU D 170 -26.35 30.62 31.92
CA LEU D 170 -27.23 30.88 33.05
C LEU D 170 -28.49 31.59 32.57
N ILE D 171 -29.65 31.04 32.91
CA ILE D 171 -30.94 31.63 32.58
C ILE D 171 -31.65 31.99 33.88
N LEU D 172 -32.00 33.25 34.03
CA LEU D 172 -32.71 33.74 35.20
C LEU D 172 -34.09 34.23 34.81
N GLY D 173 -35.08 33.95 35.64
CA GLY D 173 -36.46 34.37 35.39
C GLY D 173 -37.08 34.97 36.64
N LEU D 174 -38.05 35.85 36.42
CA LEU D 174 -38.82 36.46 37.50
C LEU D 174 -40.29 36.25 37.21
N ASN D 175 -40.96 35.46 38.06
CA ASN D 175 -42.37 35.11 37.88
C ASN D 175 -42.61 34.51 36.50
N ALA D 176 -41.69 33.66 36.05
CA ALA D 176 -41.76 32.99 34.76
C ALA D 176 -41.55 31.50 35.00
N PRO D 177 -42.63 30.75 35.27
CA PRO D 177 -42.47 29.34 35.66
C PRO D 177 -41.90 28.45 34.58
N GLN D 178 -41.74 28.93 33.34
CA GLN D 178 -41.18 28.10 32.29
C GLN D 178 -39.67 28.03 32.33
N VAL D 179 -39.02 28.79 33.23
CA VAL D 179 -37.56 28.81 33.29
C VAL D 179 -37.02 27.48 33.79
N ILE D 180 -37.71 26.83 34.73
CA ILE D 180 -37.22 25.59 35.34
C ILE D 180 -37.18 24.47 34.32
N SER D 181 -37.86 24.65 33.19
CA SER D 181 -37.74 23.70 32.09
C SER D 181 -36.41 23.85 31.35
N GLY D 182 -35.72 24.97 31.54
CA GLY D 182 -34.45 25.22 30.89
C GLY D 182 -34.54 25.77 29.49
N GLU D 183 -35.74 26.12 29.02
CA GLU D 183 -35.94 26.57 27.64
C GLU D 183 -36.51 27.98 27.57
N GLY D 184 -36.38 28.78 28.62
CA GLY D 184 -36.95 30.11 28.63
C GLY D 184 -36.26 31.06 27.68
N GLU D 185 -37.00 31.63 26.72
CA GLU D 185 -36.50 32.63 25.79
C GLU D 185 -36.56 34.02 26.43
N PRO D 186 -35.59 34.89 26.12
CA PRO D 186 -35.59 36.22 26.74
C PRO D 186 -36.86 36.99 26.43
N GLU D 187 -37.38 37.69 27.44
CA GLU D 187 -38.62 38.44 27.31
C GLU D 187 -38.66 39.54 28.35
N GLY D 188 -39.50 40.54 28.10
CA GLY D 188 -39.71 41.59 29.09
C GLY D 188 -38.53 42.53 29.21
N GLU D 189 -38.50 43.24 30.35
CA GLU D 189 -37.47 44.21 30.66
C GLU D 189 -36.55 43.66 31.72
N VAL D 190 -35.24 43.87 31.54
CA VAL D 190 -34.20 43.26 32.38
C VAL D 190 -34.39 43.64 33.84
N PHE D 191 -33.87 42.80 34.74
CA PHE D 191 -34.00 43.02 36.17
C PHE D 191 -32.73 42.74 36.96
N ALA D 192 -31.74 42.06 36.39
CA ALA D 192 -30.50 41.73 37.08
C ALA D 192 -29.32 42.10 36.21
N SER D 193 -28.18 42.33 36.86
CA SER D 193 -26.97 42.78 36.15
C SER D 193 -25.74 42.18 36.82
N LEU D 194 -24.62 42.24 36.11
CA LEU D 194 -23.35 41.76 36.64
C LEU D 194 -22.93 42.60 37.84
N ALA D 195 -22.51 41.93 38.90
CA ALA D 195 -22.09 42.62 40.12
C ALA D 195 -20.69 43.20 40.01
N SER D 196 -19.80 42.55 39.26
CA SER D 196 -18.40 42.98 39.21
C SER D 196 -18.25 44.35 38.56
N LEU D 197 -19.23 44.77 37.75
CA LEU D 197 -19.17 46.05 37.09
C LEU D 197 -19.27 47.24 38.04
N GLU D 198 -19.67 47.00 39.30
CA GLU D 198 -19.84 48.08 40.25
C GLU D 198 -18.54 48.59 40.85
N ILE D 199 -17.45 47.83 40.66
CA ILE D 199 -16.15 48.20 41.20
C ILE D 199 -15.05 48.13 40.14
N LYS D 200 -13.80 48.33 40.55
CA LYS D 200 -12.68 48.26 39.62
C LYS D 200 -12.32 46.82 39.26
N PRO D 201 -12.18 46.53 37.96
CA PRO D 201 -11.78 45.18 37.54
C PRO D 201 -10.45 44.73 38.13
N GLU D 202 -10.40 43.50 38.64
CA GLU D 202 -9.18 42.97 39.26
C GLU D 202 -7.96 43.06 38.35
N ALA D 203 -6.88 43.66 38.86
CA ALA D 203 -5.66 43.76 38.08
C ALA D 203 -4.90 42.44 38.08
N HIS D 204 -4.17 42.20 36.98
CA HIS D 204 -3.27 41.08 36.87
C HIS D 204 -1.87 41.63 36.61
N VAL D 205 -0.86 41.04 37.25
CA VAL D 205 0.51 41.52 37.18
C VAL D 205 1.45 40.34 36.98
N GLN D 206 2.42 40.49 36.09
CA GLN D 206 3.43 39.48 35.88
C GLN D 206 4.74 40.14 35.48
N GLU D 207 5.85 39.60 35.95
CA GLU D 207 7.17 40.11 35.64
C GLU D 207 8.06 38.99 35.12
N LEU D 208 8.93 39.34 34.17
CA LEU D 208 9.85 38.40 33.55
C LEU D 208 11.20 39.05 33.34
N GLU D 209 12.24 38.22 33.26
CA GLU D 209 13.59 38.67 32.94
C GLU D 209 13.97 38.15 31.56
N ILE D 210 14.50 39.03 30.71
CA ILE D 210 14.82 38.70 29.34
C ILE D 210 16.24 39.13 29.02
N ARG D 211 16.88 38.38 28.11
CA ARG D 211 18.24 38.66 27.68
C ARG D 211 18.31 38.62 26.16
N LEU D 212 19.02 39.57 25.57
CA LEU D 212 19.15 39.69 24.11
C LEU D 212 20.56 39.27 23.72
N ASP D 213 20.70 38.01 23.29
CA ASP D 213 21.99 37.53 22.80
C ASP D 213 22.32 38.18 21.46
N LYS D 214 23.52 37.85 20.96
CA LYS D 214 23.97 38.39 19.68
C LYS D 214 23.05 37.97 18.54
N ASP D 215 22.63 36.71 18.53
CA ASP D 215 21.76 36.18 17.49
C ASP D 215 20.29 36.18 17.88
N THR D 216 19.94 36.74 19.04
CA THR D 216 18.57 36.72 19.56
C THR D 216 18.17 38.14 19.97
N ARG D 217 18.36 39.08 19.06
CA ARG D 217 18.10 40.50 19.33
C ARG D 217 16.62 40.87 19.24
N TYR D 218 15.74 39.95 18.86
CA TYR D 218 14.31 40.23 18.76
C TYR D 218 13.53 39.20 19.56
N LEU D 219 12.56 39.67 20.34
CA LEU D 219 11.75 38.80 21.19
C LEU D 219 10.30 39.25 21.18
N THR D 220 9.38 38.28 21.18
CA THR D 220 7.94 38.54 21.19
C THR D 220 7.25 37.60 22.17
N GLN D 221 6.12 38.07 22.70
CA GLN D 221 5.31 37.29 23.63
C GLN D 221 3.82 37.50 23.30
N HIS D 222 3.04 36.43 23.40
CA HIS D 222 1.62 36.46 23.11
C HIS D 222 0.81 36.61 24.38
N THR D 223 -0.26 37.39 24.29
CA THR D 223 -1.10 37.72 25.43
C THR D 223 -2.43 36.97 25.35
N ARG D 224 -3.06 36.80 26.51
CA ARG D 224 -4.40 36.24 26.57
C ARG D 224 -5.42 37.21 25.98
N ASN D 225 -6.65 36.72 25.81
CA ASN D 225 -7.71 37.54 25.24
C ASN D 225 -8.12 38.65 26.19
N LEU D 226 -8.35 39.84 25.64
CA LEU D 226 -8.81 40.99 26.40
C LEU D 226 -10.22 41.37 25.95
N GLN D 227 -11.10 41.61 26.92
CA GLN D 227 -12.47 41.99 26.65
C GLN D 227 -12.59 43.50 26.45
N PRO D 228 -13.65 43.97 25.78
CA PRO D 228 -13.79 45.41 25.56
C PRO D 228 -13.88 46.18 26.87
N GLY D 229 -13.26 47.36 26.88
CA GLY D 229 -13.14 48.16 28.08
C GLY D 229 -11.88 47.92 28.88
N ASP D 230 -11.10 46.90 28.55
CA ASP D 230 -9.88 46.62 29.29
C ASP D 230 -8.76 47.58 28.88
N THR D 231 -7.68 47.55 29.65
CA THR D 231 -6.51 48.38 29.37
C THR D 231 -5.25 47.55 29.55
N PHE D 232 -4.17 47.99 28.91
CA PHE D 232 -2.92 47.26 28.88
C PHE D 232 -1.77 48.22 29.21
N HIS D 233 -0.85 47.77 30.04
CA HIS D 233 0.32 48.57 30.44
C HIS D 233 1.57 47.72 30.41
N ALA D 234 2.71 48.35 30.16
CA ALA D 234 3.99 47.66 30.19
C ALA D 234 5.12 48.66 30.42
N LEU D 235 6.23 48.15 30.97
CA LEU D 235 7.45 48.94 31.08
C LEU D 235 8.64 47.99 31.11
N VAL D 236 9.77 48.48 30.60
CA VAL D 236 11.01 47.72 30.57
C VAL D 236 12.13 48.59 31.13
N GLU D 237 12.94 48.00 32.01
CA GLU D 237 14.06 48.70 32.63
C GLU D 237 15.30 47.83 32.59
N PRO D 238 16.42 48.36 32.08
CA PRO D 238 17.64 47.55 31.99
C PRO D 238 18.24 47.26 33.35
N ILE D 239 18.96 46.13 33.43
CA ILE D 239 19.63 45.77 34.66
C ILE D 239 20.80 46.72 34.94
N GLY D 240 21.61 47.02 33.94
CA GLY D 240 22.77 47.87 34.12
C GLY D 240 23.00 48.87 33.02
N GLU D 241 24.21 48.88 32.47
CA GLU D 241 24.60 49.85 31.44
C GLU D 241 24.12 49.46 30.05
N ALA D 242 23.24 48.47 29.93
CA ALA D 242 22.73 48.07 28.63
C ALA D 242 21.92 49.19 28.01
N PRO D 243 22.00 49.39 26.70
CA PRO D 243 21.22 50.45 26.06
C PRO D 243 19.74 50.13 26.08
N LEU D 244 18.92 51.19 26.05
CA LEU D 244 17.48 51.03 26.12
C LEU D 244 16.94 50.37 24.85
N PRO D 245 16.16 49.30 24.98
CA PRO D 245 15.57 48.67 23.79
C PRO D 245 14.29 49.36 23.36
N ARG D 246 13.84 49.02 22.16
CA ARG D 246 12.60 49.56 21.63
C ARG D 246 11.43 48.64 22.00
N LEU D 247 10.26 49.26 22.21
CA LEU D 247 9.07 48.54 22.66
C LEU D 247 7.87 48.95 21.82
N ARG D 248 7.04 47.98 21.45
CA ARG D 248 5.82 48.25 20.71
C ARG D 248 4.82 47.13 20.95
N LEU D 249 3.55 47.42 20.65
CA LEU D 249 2.47 46.47 20.84
C LEU D 249 1.68 46.32 19.54
N THR D 250 1.52 45.09 19.07
CA THR D 250 0.80 44.78 17.85
C THR D 250 -0.15 43.62 18.10
N ASP D 251 -1.14 43.49 17.22
CA ASP D 251 -2.06 42.37 17.30
C ASP D 251 -1.44 41.13 16.67
N SER D 252 -2.26 40.09 16.50
CA SER D 252 -1.80 38.82 15.96
C SER D 252 -1.46 38.87 14.48
N GLY D 253 -1.92 39.90 13.76
CA GLY D 253 -1.60 40.03 12.35
C GLY D 253 -0.41 40.95 12.10
N GLY D 254 -0.01 41.69 13.12
CA GLY D 254 1.07 42.64 13.00
C GLY D 254 0.64 44.09 12.89
N LYS D 255 -0.64 44.38 12.98
CA LYS D 255 -1.10 45.77 12.91
C LYS D 255 -0.61 46.54 14.13
N PRO D 256 0.14 47.62 13.95
CA PRO D 256 0.62 48.38 15.11
C PRO D 256 -0.52 49.04 15.87
N LEU D 257 -0.39 49.07 17.19
CA LEU D 257 -1.40 49.65 18.06
C LEU D 257 -0.86 50.70 19.01
N ALA D 258 0.37 50.53 19.51
CA ALA D 258 0.98 51.51 20.41
C ALA D 258 2.49 51.37 20.32
N PHE D 259 3.18 52.44 20.72
CA PHE D 259 4.64 52.48 20.67
C PHE D 259 5.17 53.00 22.01
N GLY D 260 6.35 52.51 22.39
CA GLY D 260 6.91 52.86 23.68
C GLY D 260 7.49 54.27 23.69
N LEU D 261 7.32 54.95 24.83
CA LEU D 261 7.79 56.32 25.00
C LEU D 261 8.90 56.37 26.03
N ILE D 262 10.06 56.91 25.63
CA ILE D 262 11.17 57.05 26.56
C ILE D 262 10.88 58.21 27.52
N ASP D 263 10.97 57.94 28.82
CA ASP D 263 10.67 58.94 29.83
C ASP D 263 11.74 60.02 29.86
N GLN D 264 11.37 61.19 30.42
CA GLN D 264 12.32 62.28 30.55
C GLN D 264 13.54 61.89 31.38
N PRO D 265 13.42 61.19 32.51
CA PRO D 265 14.61 60.51 33.08
C PRO D 265 14.90 59.26 32.27
N GLY D 266 15.65 59.42 31.18
CA GLY D 266 15.68 58.41 30.13
C GLY D 266 16.37 57.11 30.51
N GLU D 267 15.74 56.37 31.41
CA GLU D 267 16.21 55.05 31.82
C GLU D 267 15.17 53.96 31.65
N SER D 268 13.98 54.24 31.13
CA SER D 268 12.93 53.24 31.00
C SER D 268 12.02 53.62 29.84
N VAL D 269 11.24 52.64 29.38
CA VAL D 269 10.28 52.80 28.29
C VAL D 269 8.93 52.26 28.75
N GLU D 270 7.85 52.96 28.42
CA GLU D 270 6.53 52.60 28.88
C GLU D 270 5.54 52.69 27.72
N LEU D 271 4.40 52.00 27.89
CA LEU D 271 3.42 51.85 26.82
C LEU D 271 2.03 51.75 27.44
N ASN D 272 1.01 52.06 26.63
CA ASN D 272 -0.37 52.05 27.09
C ASN D 272 -1.31 51.76 25.92
N TYR D 273 -2.43 51.11 26.21
CA TYR D 273 -3.43 50.79 25.20
C TYR D 273 -4.75 50.50 25.90
N THR D 274 -5.84 50.57 25.13
CA THR D 274 -7.17 50.24 25.62
C THR D 274 -7.95 49.51 24.54
N CYS D 275 -8.78 48.58 24.95
CA CYS D 275 -9.42 47.62 24.04
C CYS D 275 -10.69 48.22 23.45
N ASP D 276 -10.79 48.22 22.12
CA ASP D 276 -11.96 48.74 21.43
C ASP D 276 -12.82 47.65 20.80
N GLN D 277 -12.20 46.63 20.20
CA GLN D 277 -12.95 45.59 19.50
C GLN D 277 -13.51 44.58 20.48
N ASP D 278 -14.30 43.64 19.95
CA ASP D 278 -14.93 42.63 20.79
C ASP D 278 -13.89 41.71 21.45
N ILE D 279 -12.89 41.27 20.69
CA ILE D 279 -11.82 40.43 21.22
C ILE D 279 -10.49 40.93 20.68
N CYS D 280 -9.55 41.17 21.58
CA CYS D 280 -8.21 41.63 21.21
C CYS D 280 -7.18 40.57 21.60
N GLU D 281 -6.39 40.16 20.63
CA GLU D 281 -5.23 39.29 20.85
C GLU D 281 -3.98 40.11 20.56
N LEU D 282 -3.13 40.26 21.56
CA LEU D 282 -2.04 41.22 21.52
C LEU D 282 -0.69 40.53 21.59
N VAL D 283 0.32 41.18 21.03
CA VAL D 283 1.70 40.71 21.04
C VAL D 283 2.59 41.86 21.48
N VAL D 284 3.50 41.59 22.42
CA VAL D 284 4.46 42.57 22.90
C VAL D 284 5.80 42.32 22.22
N HIS D 285 6.37 43.38 21.64
CA HIS D 285 7.64 43.31 20.94
C HIS D 285 8.70 44.07 21.72
N VAL D 286 9.84 43.44 21.94
CA VAL D 286 11.03 44.08 22.49
C VAL D 286 12.22 43.69 21.63
N ASP D 287 12.97 44.70 21.17
CA ASP D 287 14.08 44.44 20.26
C ASP D 287 15.19 45.44 20.50
N GLY D 288 16.42 45.01 20.18
CA GLY D 288 17.58 45.87 20.25
C GLY D 288 18.44 45.83 19.00
N GLY D 296 26.98 41.72 23.45
CA GLY D 296 27.12 40.55 24.29
C GLY D 296 25.88 40.12 25.06
N GLU D 297 25.89 40.29 26.38
CA GLU D 297 24.92 39.65 27.25
C GLU D 297 24.00 40.63 27.95
N ALA D 298 23.47 41.61 27.21
CA ALA D 298 22.56 42.59 27.80
C ALA D 298 21.30 41.92 28.32
N VAL D 299 20.80 42.40 29.46
CA VAL D 299 19.66 41.81 30.13
C VAL D 299 18.73 42.91 30.62
N TYR D 300 17.43 42.70 30.44
CA TYR D 300 16.42 43.69 30.78
C TYR D 300 15.31 43.03 31.59
N ARG D 301 14.61 43.84 32.37
CA ARG D 301 13.45 43.40 33.13
C ARG D 301 12.18 43.93 32.48
N LEU D 302 11.22 43.05 32.26
CA LEU D 302 9.94 43.40 31.64
C LEU D 302 8.83 43.27 32.67
N LEU D 303 8.07 44.35 32.87
CA LEU D 303 6.93 44.37 33.76
C LEU D 303 5.68 44.66 32.94
N VAL D 304 4.65 43.84 33.13
CA VAL D 304 3.42 43.92 32.34
C VAL D 304 2.23 43.76 33.27
N GLY D 305 1.09 44.30 32.85
CA GLY D 305 -0.11 44.18 33.65
C GLY D 305 -1.37 44.52 32.88
N ILE D 306 -2.48 44.00 33.38
CA ILE D 306 -3.82 44.28 32.86
C ILE D 306 -4.61 44.99 33.94
N ASN D 307 -5.20 46.14 33.60
CA ASN D 307 -5.98 46.95 34.54
C ASN D 307 -5.15 47.32 35.76
N ALA D 308 -3.86 47.57 35.54
CA ALA D 308 -2.93 47.93 36.60
C ALA D 308 -2.11 49.13 36.14
N PRO D 309 -2.68 50.33 36.26
CA PRO D 309 -1.95 51.54 35.82
C PRO D 309 -0.80 51.93 36.74
N ASN D 310 -0.64 51.26 37.88
CA ASN D 310 0.38 51.61 38.86
C ASN D 310 1.68 50.84 38.66
N GLY D 320 -2.57 37.90 40.76
CA GLY D 320 -3.48 37.37 39.78
C GLY D 320 -2.85 36.30 38.89
N SER D 321 -3.59 35.96 37.83
CA SER D 321 -3.16 34.94 36.89
C SER D 321 -2.14 35.52 35.91
N SER D 322 -1.47 34.61 35.19
CA SER D 322 -0.48 35.02 34.20
C SER D 322 -1.15 35.78 33.07
N VAL D 323 -0.49 36.85 32.62
CA VAL D 323 -0.97 37.63 31.49
C VAL D 323 -0.56 37.00 30.18
N PHE D 324 0.70 36.60 30.08
CA PHE D 324 1.21 35.96 28.87
C PHE D 324 0.79 34.50 28.81
N LEU D 325 0.61 34.00 27.59
CA LEU D 325 0.32 32.58 27.40
C LEU D 325 1.51 31.73 27.83
N GLU D 326 1.22 30.52 28.27
CA GLU D 326 2.23 29.58 28.75
C GLU D 326 2.23 28.31 27.91
N SER D 327 3.41 27.73 27.73
CA SER D 327 3.55 26.51 26.95
C SER D 327 3.08 25.30 27.76
N ASP D 328 2.54 24.32 27.06
CA ASP D 328 2.07 23.09 27.70
C ASP D 328 3.27 22.19 27.99
N LEU D 329 3.26 21.57 29.17
CA LEU D 329 4.39 20.79 29.66
C LEU D 329 4.17 19.31 29.37
N VAL D 330 5.15 18.67 28.73
CA VAL D 330 5.07 17.26 28.34
C VAL D 330 6.08 16.47 29.15
N THR D 331 5.67 15.30 29.64
CA THR D 331 6.56 14.35 30.29
C THR D 331 6.87 13.21 29.33
N VAL D 332 8.15 12.86 29.20
CA VAL D 332 8.59 11.89 28.22
C VAL D 332 9.45 10.82 28.90
N GLY D 333 9.34 9.60 28.39
CA GLY D 333 10.18 8.51 28.87
C GLY D 333 10.37 7.47 27.79
N LEU D 334 11.54 6.82 27.82
CA LEU D 334 11.89 5.83 26.80
C LEU D 334 12.69 4.70 27.44
N ALA D 335 12.46 3.48 26.95
CA ALA D 335 13.16 2.29 27.43
C ALA D 335 13.61 1.45 26.24
N VAL D 336 14.80 0.85 26.36
CA VAL D 336 15.38 0.03 25.31
C VAL D 336 15.30 -1.42 25.72
N ASP D 337 14.76 -2.27 24.83
CA ASP D 337 14.60 -3.69 25.12
C ASP D 337 15.71 -4.54 24.50
N GLN D 338 16.02 -4.32 23.22
CA GLN D 338 16.96 -5.19 22.52
C GLN D 338 17.56 -4.46 21.32
N ILE D 339 18.88 -4.56 21.18
CA ILE D 339 19.56 -4.15 19.96
C ILE D 339 19.60 -5.34 19.02
N VAL D 340 18.99 -5.21 17.84
CA VAL D 340 18.75 -6.36 16.97
C VAL D 340 19.64 -6.39 15.73
N GLY D 341 20.52 -5.42 15.55
CA GLY D 341 21.43 -5.48 14.42
C GLY D 341 22.23 -4.21 14.28
N VAL D 342 23.43 -4.35 13.73
CA VAL D 342 24.33 -3.25 13.41
C VAL D 342 24.89 -3.46 12.01
N ASP D 343 24.79 -2.45 11.16
CA ASP D 343 25.28 -2.49 9.80
C ASP D 343 26.52 -1.61 9.72
N GLN D 344 27.69 -2.24 9.56
CA GLN D 344 28.95 -1.52 9.62
C GLN D 344 29.34 -0.85 8.32
N ARG D 345 28.77 -1.27 7.19
CA ARG D 345 29.07 -0.62 5.92
C ARG D 345 28.18 0.59 5.66
N SER D 346 26.89 0.48 5.97
CA SER D 346 25.96 1.59 5.80
C SER D 346 25.83 2.45 7.04
N GLU D 347 26.43 2.03 8.16
CA GLU D 347 26.47 2.81 9.41
C GLU D 347 25.07 3.12 9.92
N ASN D 348 24.33 2.07 10.27
CA ASN D 348 23.03 2.19 10.90
C ASN D 348 22.81 1.02 11.85
N PHE D 349 21.85 1.18 12.76
CA PHE D 349 21.52 0.13 13.73
C PHE D 349 20.02 0.12 13.97
N SER D 350 19.53 -1.01 14.46
CA SER D 350 18.11 -1.23 14.71
C SER D 350 17.88 -1.60 16.17
N VAL D 351 16.78 -1.13 16.74
CA VAL D 351 16.51 -1.26 18.17
C VAL D 351 15.01 -1.45 18.40
N VAL D 352 14.69 -2.16 19.47
CA VAL D 352 13.31 -2.37 19.92
C VAL D 352 13.15 -1.72 21.29
N GLY D 353 12.03 -1.03 21.49
CA GLY D 353 11.85 -0.32 22.75
C GLY D 353 10.42 0.15 22.95
N THR D 354 10.26 1.03 23.94
CA THR D 354 8.95 1.54 24.34
C THR D 354 9.04 3.05 24.56
N LEU D 355 8.00 3.77 24.14
CA LEU D 355 7.93 5.22 24.27
C LEU D 355 6.63 5.62 24.97
N LYS D 356 6.73 6.61 25.85
CA LYS D 356 5.58 7.08 26.62
C LYS D 356 5.59 8.60 26.69
N LEU D 357 4.42 9.21 26.46
CA LEU D 357 4.24 10.65 26.55
C LEU D 357 3.02 10.95 27.41
N SER D 358 3.05 12.10 28.10
CA SER D 358 1.94 12.53 28.95
C SER D 358 1.89 14.04 29.00
N TRP D 359 0.67 14.60 28.93
CA TRP D 359 0.47 16.04 29.02
C TRP D 359 -0.94 16.32 29.52
N HIS D 360 -1.18 17.57 29.88
CA HIS D 360 -2.46 17.99 30.45
C HIS D 360 -3.04 19.14 29.62
N ASP D 361 -4.28 18.96 29.15
CA ASP D 361 -4.93 19.98 28.34
C ASP D 361 -6.42 20.03 28.64
N PRO D 362 -6.91 21.14 29.21
CA PRO D 362 -8.35 21.22 29.52
C PRO D 362 -9.26 21.19 28.29
N LYS D 363 -8.76 21.55 27.11
CA LYS D 363 -9.60 21.54 25.91
C LYS D 363 -10.02 20.15 25.50
N LEU D 364 -9.25 19.12 25.88
CA LEU D 364 -9.63 17.74 25.60
C LEU D 364 -10.57 17.15 26.63
N GLY D 365 -10.81 17.84 27.74
CA GLY D 365 -11.72 17.33 28.75
C GLY D 365 -13.15 17.30 28.23
N PHE D 366 -13.92 16.33 28.73
CA PHE D 366 -15.32 16.19 28.34
C PHE D 366 -16.17 15.93 29.58
N SER D 367 -17.48 15.81 29.35
CA SER D 367 -18.46 15.63 30.41
C SER D 367 -18.88 14.17 30.47
N PRO D 368 -18.68 13.48 31.59
CA PRO D 368 -18.98 12.04 31.66
C PRO D 368 -20.45 11.70 31.39
N ASP D 369 -21.35 12.60 31.77
CA ASP D 369 -22.78 12.32 31.75
C ASP D 369 -23.32 12.15 30.34
N GLN D 370 -22.51 12.46 29.34
CA GLN D 370 -22.91 12.31 27.95
C GLN D 370 -22.30 11.07 27.31
N CYS D 371 -21.48 10.33 28.07
CA CYS D 371 -20.91 9.09 27.57
C CYS D 371 -20.95 8.00 28.63
N GLY D 372 -21.15 8.39 29.88
CA GLY D 372 -21.17 7.44 30.97
C GLY D 372 -19.89 6.67 31.17
N CYS D 373 -18.75 7.29 30.86
CA CYS D 373 -17.46 6.62 31.00
C CYS D 373 -16.45 7.61 31.57
N THR D 374 -15.39 7.07 32.17
CA THR D 374 -14.29 7.89 32.67
C THR D 374 -13.05 7.82 31.79
N VAL D 375 -13.01 6.89 30.83
CA VAL D 375 -11.84 6.73 29.98
C VAL D 375 -12.28 6.70 28.52
N LYS D 376 -11.76 7.63 27.73
CA LYS D 376 -11.97 7.68 26.29
C LYS D 376 -10.64 7.39 25.60
N SER D 377 -10.68 6.54 24.58
CA SER D 377 -9.46 6.03 23.97
C SER D 377 -9.51 6.14 22.46
N PHE D 378 -8.32 6.29 21.87
CA PHE D 378 -8.11 6.23 20.42
C PHE D 378 -7.02 5.20 20.18
N GLU D 379 -7.23 4.32 19.20
CA GLU D 379 -6.37 3.16 19.02
C GLU D 379 -5.87 3.06 17.59
N ASP D 380 -4.63 2.58 17.47
CA ASP D 380 -4.00 2.29 16.17
C ASP D 380 -3.93 3.52 15.26
N ALA D 381 -3.70 4.68 15.84
CA ALA D 381 -3.60 5.91 15.07
C ALA D 381 -2.45 6.76 15.60
N SER D 382 -1.78 7.45 14.69
CA SER D 382 -0.71 8.36 15.08
C SER D 382 -1.30 9.63 15.69
N ILE D 383 -0.43 10.40 16.35
CA ILE D 383 -0.87 11.63 16.99
C ILE D 383 -1.35 12.63 15.95
N ARG D 384 -0.70 12.66 14.79
CA ARG D 384 -1.10 13.59 13.73
C ARG D 384 -2.52 13.30 13.24
N ALA D 385 -2.84 12.01 13.05
CA ALA D 385 -4.17 11.64 12.58
C ALA D 385 -5.25 12.01 13.58
N VAL D 386 -5.01 11.75 14.87
CA VAL D 386 -5.97 12.11 15.90
C VAL D 386 -6.14 13.62 15.97
N ALA D 387 -5.02 14.36 15.87
CA ALA D 387 -5.09 15.81 15.89
C ALA D 387 -5.90 16.36 14.72
N GLY D 388 -5.75 15.75 13.54
CA GLY D 388 -6.55 16.16 12.40
C GLY D 388 -8.01 15.76 12.51
N GLU D 389 -8.31 14.67 13.22
CA GLU D 389 -9.69 14.25 13.41
C GLU D 389 -10.43 15.11 14.42
N ILE D 390 -9.81 15.44 15.56
CA ILE D 390 -10.48 16.21 16.59
C ILE D 390 -10.23 17.71 16.46
N ASN D 391 -9.46 18.14 15.46
CA ASN D 391 -9.25 19.56 15.17
C ASN D 391 -8.69 20.33 16.37
N LEU D 392 -7.76 19.71 17.08
CA LEU D 392 -7.05 20.37 18.17
C LEU D 392 -5.56 20.09 18.06
N PRO D 393 -4.72 21.04 18.49
CA PRO D 393 -3.28 20.80 18.42
C PRO D 393 -2.82 19.79 19.46
N LEU D 394 -1.96 18.88 19.02
CA LEU D 394 -1.39 17.83 19.84
C LEU D 394 0.11 17.77 19.63
N PRO D 395 0.88 17.29 20.61
CA PRO D 395 2.35 17.25 20.48
C PRO D 395 2.86 16.07 19.68
N SER D 396 2.85 16.21 18.35
CA SER D 396 3.39 15.18 17.47
C SER D 396 4.91 15.15 17.53
N PHE D 397 5.48 14.00 17.18
CA PHE D 397 6.91 13.77 17.29
C PHE D 397 7.41 12.96 16.10
N SER D 398 8.73 12.87 15.98
CA SER D 398 9.37 12.01 14.98
C SER D 398 10.75 11.61 15.45
N PHE D 399 11.26 10.52 14.89
CA PHE D 399 12.64 10.11 15.10
C PHE D 399 13.54 10.83 14.10
N TYR D 400 14.61 11.45 14.60
CA TYR D 400 15.42 12.33 13.76
C TYR D 400 16.11 11.57 12.63
N ASN D 401 16.66 10.39 12.93
CA ASN D 401 17.47 9.63 11.98
C ASN D 401 16.76 8.39 11.46
N GLN D 402 15.43 8.40 11.36
CA GLN D 402 14.70 7.21 10.95
C GLN D 402 14.98 6.87 9.50
N GLN D 403 15.27 5.59 9.25
CA GLN D 403 15.51 5.07 7.91
C GLN D 403 14.32 4.19 7.51
N GLY D 404 13.51 4.67 6.58
CA GLY D 404 12.35 3.93 6.14
C GLY D 404 11.20 3.95 7.14
N ASN D 405 10.28 3.01 6.95
CA ASN D 405 9.08 2.95 7.78
C ASN D 405 9.40 2.38 9.16
N ARG D 406 8.55 2.72 10.13
CA ARG D 406 8.68 2.25 11.50
C ARG D 406 7.52 1.33 11.83
N TRP D 407 7.82 0.21 12.50
CA TRP D 407 6.80 -0.73 12.95
C TRP D 407 6.36 -0.37 14.37
N SER D 408 5.05 -0.28 14.58
CA SER D 408 4.49 0.12 15.85
C SER D 408 3.44 -0.88 16.31
N GLN D 409 3.41 -1.16 17.62
CA GLN D 409 2.43 -2.03 18.22
C GLN D 409 1.81 -1.35 19.43
N ASN D 410 0.55 -1.70 19.71
CA ASN D 410 -0.18 -1.20 20.87
C ASN D 410 -0.25 0.32 20.90
N GLN D 411 -0.36 0.94 19.73
CA GLN D 411 -0.41 2.40 19.66
C GLN D 411 -1.78 2.89 20.10
N VAL D 412 -1.82 3.67 21.18
CA VAL D 412 -3.08 4.08 21.80
C VAL D 412 -2.91 5.45 22.46
N ILE D 413 -3.97 6.25 22.39
CA ILE D 413 -4.10 7.50 23.13
C ILE D 413 -5.39 7.43 23.95
N PHE D 414 -5.29 7.71 25.26
CA PHE D 414 -6.47 7.72 26.09
C PHE D 414 -6.47 8.96 26.98
N VAL D 415 -7.67 9.48 27.24
CA VAL D 415 -7.87 10.77 27.89
C VAL D 415 -8.85 10.60 29.04
N THR D 416 -8.70 11.43 30.07
CA THR D 416 -9.58 11.50 31.22
C THR D 416 -10.42 12.78 31.18
N PRO D 417 -11.55 12.81 31.90
CA PRO D 417 -12.39 14.02 31.88
C PRO D 417 -11.69 15.28 32.34
N ASP D 418 -10.71 15.18 33.25
CA ASP D 418 -9.94 16.35 33.65
C ASP D 418 -9.09 16.87 32.49
N GLY D 419 -8.87 16.05 31.47
CA GLY D 419 -8.05 16.42 30.33
C GLY D 419 -6.66 15.84 30.32
N ARG D 420 -6.33 14.98 31.28
CA ARG D 420 -5.01 14.35 31.30
C ARG D 420 -4.94 13.25 30.26
N ALA D 421 -4.07 13.43 29.26
CA ALA D 421 -3.94 12.52 28.15
C ALA D 421 -2.54 11.92 28.12
N SER D 422 -2.43 10.69 27.62
CA SER D 422 -1.14 10.03 27.54
C SER D 422 -1.08 9.16 26.29
N TYR D 423 0.14 8.96 25.79
CA TYR D 423 0.39 8.20 24.57
C TYR D 423 1.35 7.06 24.87
N PHE D 424 1.15 5.94 24.18
CA PHE D 424 1.97 4.74 24.37
C PHE D 424 2.24 4.10 23.03
N GLU D 425 3.46 3.56 22.87
CA GLU D 425 3.84 2.90 21.63
C GLU D 425 4.99 1.92 21.89
N ARG D 426 4.93 0.77 21.23
CA ARG D 426 6.03 -0.18 21.16
C ARG D 426 6.55 -0.18 19.73
N PHE D 427 7.86 0.08 19.57
CA PHE D 427 8.41 0.38 18.26
C PHE D 427 9.59 -0.52 17.93
N THR D 428 9.81 -0.70 16.62
CA THR D 428 11.02 -1.30 16.07
C THR D 428 11.48 -0.39 14.93
N VAL D 429 12.67 0.20 15.06
CA VAL D 429 13.09 1.27 14.17
C VAL D 429 14.57 1.10 13.82
N THR D 430 14.93 1.58 12.63
CA THR D 430 16.31 1.60 12.16
C THR D 430 16.79 3.05 12.09
N LEU D 431 17.96 3.32 12.66
CA LEU D 431 18.48 4.67 12.82
C LEU D 431 19.85 4.79 12.18
N GLN D 432 20.04 5.85 11.39
CA GLN D 432 21.34 6.14 10.81
C GLN D 432 22.33 6.60 11.88
N ALA D 433 23.60 6.25 11.71
CA ALA D 433 24.63 6.62 12.67
C ALA D 433 25.94 6.95 11.96
N PRO D 434 26.05 8.09 11.29
CA PRO D 434 27.31 8.43 10.60
C PRO D 434 28.47 8.69 11.55
N ASP D 435 28.22 8.78 12.85
CA ASP D 435 29.30 9.02 13.81
C ASP D 435 30.14 7.79 14.11
N PHE D 436 29.77 6.62 13.58
CA PHE D 436 30.55 5.41 13.81
C PHE D 436 31.99 5.58 13.35
N ASP D 437 32.93 5.00 14.09
CA ASP D 437 34.34 5.05 13.77
C ASP D 437 34.96 3.70 14.11
N PHE D 438 35.31 2.92 13.08
CA PHE D 438 35.81 1.56 13.25
C PHE D 438 37.31 1.45 13.05
N LEU D 439 38.06 2.54 13.25
CA LEU D 439 39.50 2.53 13.01
C LEU D 439 40.21 1.58 13.97
N ALA D 440 39.78 1.56 15.23
CA ALA D 440 40.43 0.74 16.28
C ALA D 440 39.87 -0.67 16.37
N TYR D 441 39.21 -1.16 15.33
CA TYR D 441 38.61 -2.49 15.35
C TYR D 441 39.68 -3.54 15.62
N PRO D 442 39.41 -4.55 16.48
CA PRO D 442 38.15 -4.80 17.18
C PRO D 442 38.04 -4.12 18.55
N PHE D 443 38.98 -3.25 18.90
CA PHE D 443 38.97 -2.57 20.18
C PHE D 443 38.16 -1.27 20.17
N ASP D 444 37.30 -1.08 19.18
CA ASP D 444 36.57 0.17 19.03
C ASP D 444 35.44 0.29 20.06
N ARG D 445 35.09 1.55 20.37
CA ARG D 445 33.96 1.87 21.23
C ARG D 445 33.02 2.81 20.48
N GLN D 446 31.72 2.60 20.61
CA GLN D 446 30.72 3.31 19.83
C GLN D 446 29.65 3.90 20.74
N LYS D 447 28.88 4.83 20.19
CA LYS D 447 27.74 5.43 20.86
C LYS D 447 26.48 5.20 20.04
N PHE D 448 25.42 4.73 20.69
CA PHE D 448 24.11 4.58 20.08
C PHE D 448 23.20 5.69 20.61
N SER D 449 22.82 6.62 19.74
CA SER D 449 22.03 7.78 20.12
C SER D 449 20.65 7.71 19.50
N ILE D 450 19.62 7.90 20.32
CA ILE D 450 18.23 7.89 19.88
C ILE D 450 17.63 9.26 20.21
N LYS D 451 17.19 9.98 19.19
CA LYS D 451 16.71 11.35 19.33
C LYS D 451 15.23 11.42 18.95
N VAL D 452 14.43 12.05 19.81
CA VAL D 452 13.01 12.27 19.55
C VAL D 452 12.77 13.77 19.56
N ASP D 453 12.23 14.29 18.45
CA ASP D 453 12.00 15.72 18.28
C ASP D 453 10.51 15.99 18.15
N LEU D 454 10.01 16.99 18.87
CA LEU D 454 8.64 17.43 18.70
C LEU D 454 8.50 18.21 17.39
N ALA D 455 7.38 18.00 16.70
CA ALA D 455 7.10 18.67 15.44
C ALA D 455 6.36 19.99 15.62
N VAL D 456 6.47 20.61 16.79
CA VAL D 456 5.76 21.86 17.08
C VAL D 456 6.71 22.85 17.71
N PRO D 457 6.40 24.14 17.58
CA PRO D 457 7.24 25.17 18.22
C PRO D 457 7.22 25.07 19.73
N THR D 458 8.31 25.52 20.34
CA THR D 458 8.45 25.41 21.80
C THR D 458 7.45 26.29 22.54
N ASN D 459 6.90 27.30 21.88
CA ASN D 459 5.89 28.13 22.52
C ASN D 459 4.55 27.44 22.63
N MET D 460 4.37 26.31 21.93
CA MET D 460 3.16 25.50 22.06
C MET D 460 3.35 24.35 23.03
N PHE D 461 4.34 23.50 22.77
CA PHE D 461 4.65 22.36 23.62
C PHE D 461 6.15 22.30 23.86
N ILE D 462 6.55 21.87 25.05
CA ILE D 462 7.95 21.76 25.41
C ILE D 462 8.13 20.56 26.34
N PHE D 463 9.20 19.80 26.16
CA PHE D 463 9.54 18.74 27.09
C PHE D 463 9.98 19.34 28.42
N ASN D 464 9.44 18.80 29.52
CA ASN D 464 9.63 19.38 30.83
C ASN D 464 10.25 18.43 31.85
N GLU D 465 9.88 17.16 31.84
CA GLU D 465 10.39 16.20 32.82
C GLU D 465 10.63 14.85 32.16
N ILE D 466 11.48 14.05 32.79
CA ILE D 466 11.81 12.70 32.32
C ILE D 466 11.23 11.70 33.31
N GLU D 467 10.50 10.71 32.80
CA GLU D 467 9.90 9.67 33.62
C GLU D 467 10.64 8.36 33.43
N ARG D 468 11.03 7.73 34.54
CA ARG D 468 11.70 6.43 34.49
C ARG D 468 10.67 5.35 34.84
N PHE D 469 9.85 5.00 33.84
CA PHE D 469 8.82 4.00 34.05
C PHE D 469 9.36 2.58 34.10
N GLN D 470 10.49 2.32 33.46
CA GLN D 470 11.15 1.03 33.50
C GLN D 470 12.66 1.26 33.50
N GLN D 471 13.43 0.16 33.58
CA GLN D 471 14.86 0.26 33.36
C GLN D 471 15.14 0.70 31.93
N VAL D 472 16.06 1.66 31.79
CA VAL D 472 16.37 2.20 30.47
C VAL D 472 16.93 1.11 29.56
N VAL D 473 17.86 0.31 30.08
CA VAL D 473 18.43 -0.81 29.34
C VAL D 473 18.02 -2.10 30.06
N GLY D 474 17.22 -2.91 29.38
CA GLY D 474 16.71 -4.13 30.00
C GLY D 474 17.66 -5.31 29.87
N ASP D 475 17.70 -6.12 30.92
CA ASP D 475 18.53 -7.32 30.91
C ASP D 475 17.82 -8.45 30.19
N GLN D 476 18.60 -9.26 29.46
CA GLN D 476 18.07 -10.38 28.69
C GLN D 476 18.93 -11.62 28.95
N LEU D 477 18.30 -12.78 28.89
CA LEU D 477 19.02 -14.03 29.06
C LEU D 477 19.98 -14.27 27.91
N GLY D 478 21.14 -14.84 28.22
CA GLY D 478 22.14 -15.11 27.22
C GLY D 478 23.11 -13.95 27.01
N GLU D 479 24.09 -14.18 26.16
CA GLU D 479 25.10 -13.18 25.86
C GLU D 479 24.66 -12.29 24.69
N GLU D 480 25.27 -11.11 24.61
CA GLU D 480 25.01 -10.16 23.55
C GLU D 480 26.32 -9.80 22.86
N GLU D 481 26.23 -9.46 21.57
CA GLU D 481 27.41 -9.05 20.81
C GLU D 481 27.96 -7.71 21.32
N TRP D 482 27.07 -6.80 21.69
CA TRP D 482 27.46 -5.48 22.21
C TRP D 482 27.09 -5.38 23.68
N VAL D 483 28.03 -4.93 24.49
CA VAL D 483 27.86 -4.81 25.94
C VAL D 483 27.70 -3.34 26.29
N VAL D 484 26.63 -3.00 27.02
CA VAL D 484 26.35 -1.62 27.41
C VAL D 484 27.12 -1.30 28.69
N THR D 485 27.92 -0.24 28.66
CA THR D 485 28.70 0.18 29.82
C THR D 485 27.99 1.25 30.66
N SER D 486 27.39 2.25 30.01
CA SER D 486 26.69 3.31 30.72
C SER D 486 25.70 3.97 29.76
N TYR D 487 24.78 4.74 30.33
CA TYR D 487 23.77 5.45 29.54
C TYR D 487 23.48 6.79 30.16
N SER D 488 22.79 7.64 29.39
CA SER D 488 22.38 8.96 29.86
C SER D 488 21.15 9.41 29.08
N GLN D 489 20.41 10.34 29.67
CA GLN D 489 19.22 10.94 29.05
C GLN D 489 19.20 12.44 29.33
N GLU D 490 18.83 13.23 28.33
CA GLU D 490 18.93 14.69 28.44
C GLU D 490 17.93 15.36 27.52
N ILE D 491 17.46 16.55 27.92
CA ILE D 491 16.56 17.37 27.13
C ILE D 491 17.28 18.65 26.71
N THR D 492 17.17 19.00 25.43
CA THR D 492 17.82 20.19 24.88
C THR D 492 16.87 20.87 23.90
N GLU D 493 17.36 21.94 23.27
CA GLU D 493 16.62 22.71 22.27
C GLU D 493 17.43 22.86 21.01
N VAL D 494 16.75 22.79 19.86
CA VAL D 494 17.42 22.85 18.56
C VAL D 494 16.62 23.74 17.62
N PRO D 495 17.32 24.37 16.67
CA PRO D 495 16.62 25.26 15.73
C PRO D 495 15.58 24.52 14.90
N PHE D 496 14.48 25.21 14.61
CA PHE D 496 13.30 24.64 13.97
C PHE D 496 13.00 25.37 12.67
N GLU D 497 12.40 24.65 11.72
CA GLU D 497 12.00 25.26 10.46
C GLU D 497 10.94 26.34 10.71
N ARG D 498 10.98 27.40 9.89
CA ARG D 498 10.18 28.59 10.12
C ARG D 498 10.49 29.18 11.50
N GLY D 499 11.78 29.30 11.79
CA GLY D 499 12.22 29.97 13.00
C GLY D 499 11.85 29.23 14.28
N SER D 500 11.90 29.97 15.37
CA SER D 500 11.56 29.49 16.71
C SER D 500 12.47 28.31 17.06
N THR D 501 11.96 27.39 17.88
CA THR D 501 12.76 26.30 18.42
C THR D 501 11.83 25.14 18.74
N ASN D 502 12.36 23.92 18.66
CA ASN D 502 11.63 22.73 19.03
C ASN D 502 12.47 21.89 19.99
N SER D 503 11.79 21.18 20.88
CA SER D 503 12.47 20.40 21.91
C SER D 503 13.00 19.08 21.34
N ARG D 504 14.04 18.55 22.00
CA ARG D 504 14.66 17.28 21.63
C ARG D 504 14.96 16.48 22.88
N PHE D 505 14.68 15.18 22.82
CA PHE D 505 14.97 14.23 23.90
C PHE D 505 15.95 13.19 23.36
N THR D 506 17.07 13.02 24.04
CA THR D 506 18.17 12.18 23.56
C THR D 506 18.47 11.08 24.56
N THR D 507 18.63 9.85 24.05
CA THR D 507 19.09 8.71 24.82
C THR D 507 20.37 8.17 24.19
N THR D 508 21.40 7.97 25.01
CA THR D 508 22.72 7.57 24.52
C THR D 508 23.20 6.33 25.27
N LEU D 509 23.66 5.32 24.52
CA LEU D 509 24.23 4.11 25.07
C LEU D 509 25.69 4.00 24.65
N LEU D 510 26.57 3.71 25.60
CA LEU D 510 27.98 3.47 25.31
C LEU D 510 28.24 1.96 25.31
N VAL D 511 28.75 1.45 24.20
CA VAL D 511 28.84 0.01 23.98
C VAL D 511 30.25 -0.38 23.53
N LYS D 512 30.61 -1.63 23.83
CA LYS D 512 31.87 -2.22 23.41
C LYS D 512 31.64 -3.66 22.97
N ARG D 513 32.63 -4.23 22.30
CA ARG D 513 32.54 -5.60 21.82
C ARG D 513 33.00 -6.60 22.89
N ASN D 514 32.78 -7.87 22.61
CA ASN D 514 33.27 -8.95 23.46
C ASN D 514 34.72 -9.28 23.07
N LEU D 515 35.66 -8.94 23.96
CA LEU D 515 37.07 -8.99 23.61
C LEU D 515 37.65 -10.40 23.71
N GLU D 516 37.15 -11.21 24.65
CA GLU D 516 37.64 -12.57 24.80
C GLU D 516 37.45 -13.37 23.52
N TYR D 517 36.31 -13.19 22.86
CA TYR D 517 36.03 -13.88 21.62
C TYR D 517 37.12 -13.63 20.59
N TYR D 518 37.43 -12.36 20.33
CA TYR D 518 38.44 -12.02 19.33
C TYR D 518 39.82 -12.50 19.76
N ILE D 519 40.18 -12.28 21.03
CA ILE D 519 41.52 -12.66 21.48
C ILE D 519 41.74 -14.16 21.30
N LEU D 520 40.83 -14.97 21.81
CA LEU D 520 41.00 -16.42 21.77
C LEU D 520 40.84 -16.96 20.37
N ARG D 521 40.03 -16.32 19.53
CA ARG D 521 39.80 -16.86 18.19
C ARG D 521 40.91 -16.49 17.22
N ILE D 522 41.58 -15.35 17.42
CA ILE D 522 42.55 -14.83 16.45
C ILE D 522 43.97 -14.87 17.00
N PHE D 523 44.23 -14.20 18.14
CA PHE D 523 45.59 -13.81 18.44
C PHE D 523 46.44 -14.98 18.94
N VAL D 524 45.85 -15.89 19.74
CA VAL D 524 46.61 -17.04 20.21
C VAL D 524 47.05 -17.95 19.06
N PRO D 525 46.17 -18.38 18.15
CA PRO D 525 46.66 -19.17 17.01
C PRO D 525 47.68 -18.45 16.16
N LEU D 526 47.51 -17.14 15.96
CA LEU D 526 48.47 -16.36 15.20
C LEU D 526 49.83 -16.36 15.90
N PHE D 527 49.83 -16.22 17.22
CA PHE D 527 51.08 -16.26 17.98
C PHE D 527 51.77 -17.61 17.82
N LEU D 528 51.01 -18.70 17.89
CA LEU D 528 51.61 -20.03 17.73
C LEU D 528 52.19 -20.22 16.33
N ILE D 529 51.47 -19.74 15.32
CA ILE D 529 51.96 -19.85 13.93
C ILE D 529 53.26 -19.07 13.77
N ILE D 530 53.32 -17.86 14.32
CA ILE D 530 54.55 -17.06 14.24
C ILE D 530 55.69 -17.76 14.98
N SER D 531 55.39 -18.35 16.14
CA SER D 531 56.41 -19.05 16.90
C SER D 531 56.98 -20.24 16.14
N VAL D 532 56.14 -20.91 15.35
CA VAL D 532 56.65 -22.03 14.55
C VAL D 532 57.70 -21.56 13.57
N SER D 533 57.45 -20.44 12.89
CA SER D 533 58.44 -19.88 11.97
C SER D 533 59.66 -19.34 12.69
N TRP D 534 59.52 -18.92 13.95
CA TRP D 534 60.67 -18.44 14.70
C TRP D 534 61.59 -19.56 15.18
N VAL D 535 61.01 -20.67 15.62
CA VAL D 535 61.80 -21.69 16.31
C VAL D 535 62.72 -22.47 15.36
N ILE D 536 62.39 -22.52 14.08
CA ILE D 536 63.11 -23.38 13.15
C ILE D 536 64.56 -22.96 12.94
N PHE D 537 64.92 -21.74 13.35
CA PHE D 537 66.29 -21.27 13.15
C PHE D 537 67.30 -21.94 14.07
N PHE D 538 66.87 -22.73 15.06
CA PHE D 538 67.81 -23.49 15.86
C PHE D 538 68.40 -24.66 15.09
N LEU D 539 67.70 -25.15 14.07
CA LEU D 539 68.21 -26.26 13.28
C LEU D 539 69.46 -25.86 12.49
N LYS D 540 70.33 -26.83 12.26
CA LYS D 540 71.51 -26.64 11.43
C LYS D 540 71.42 -27.34 10.09
N ASP D 541 70.33 -28.05 9.82
CA ASP D 541 70.05 -28.62 8.51
C ASP D 541 69.14 -27.64 7.78
N TYR D 542 69.69 -26.93 6.79
CA TYR D 542 68.96 -25.82 6.17
C TYR D 542 67.90 -26.29 5.19
N GLY D 543 67.99 -27.52 4.67
CA GLY D 543 66.91 -28.03 3.85
C GLY D 543 65.63 -28.22 4.64
N ARG D 544 65.72 -28.80 5.84
CA ARG D 544 64.56 -28.94 6.70
C ARG D 544 63.99 -27.58 7.08
N GLN D 545 64.86 -26.63 7.39
CA GLN D 545 64.41 -25.29 7.74
C GLN D 545 63.64 -24.65 6.58
N LEU D 546 64.18 -24.77 5.36
CA LEU D 546 63.50 -24.22 4.19
C LEU D 546 62.14 -24.87 3.96
N GLU D 547 62.09 -26.20 4.08
CA GLU D 547 60.83 -26.90 3.86
C GLU D 547 59.78 -26.50 4.89
N VAL D 548 60.17 -26.41 6.16
CA VAL D 548 59.22 -26.06 7.21
C VAL D 548 58.76 -24.62 7.05
N ALA D 549 59.66 -23.72 6.66
CA ALA D 549 59.25 -22.34 6.43
C ALA D 549 58.24 -22.25 5.29
N SER D 550 58.49 -22.98 4.20
CA SER D 550 57.56 -22.97 3.07
C SER D 550 56.20 -23.52 3.49
N GLY D 551 56.18 -24.58 4.30
CA GLY D 551 54.91 -25.11 4.77
C GLY D 551 54.18 -24.16 5.69
N ASN D 552 54.92 -23.46 6.56
CA ASN D 552 54.30 -22.56 7.51
C ASN D 552 53.70 -21.34 6.83
N LEU D 553 54.29 -20.90 5.72
CA LEU D 553 53.66 -19.82 4.95
C LEU D 553 52.27 -20.23 4.44
N LEU D 554 52.17 -21.45 3.90
CA LEU D 554 50.88 -21.94 3.43
C LEU D 554 49.89 -22.08 4.57
N VAL D 555 50.36 -22.56 5.73
CA VAL D 555 49.49 -22.66 6.90
C VAL D 555 48.98 -21.29 7.31
N PHE D 556 49.85 -20.27 7.26
CA PHE D 556 49.44 -18.91 7.60
C PHE D 556 48.35 -18.41 6.66
N VAL D 557 48.52 -18.63 5.35
CA VAL D 557 47.50 -18.20 4.40
C VAL D 557 46.19 -18.92 4.65
N ALA D 558 46.26 -20.23 4.93
CA ALA D 558 45.05 -21.00 5.21
C ALA D 558 44.32 -20.45 6.43
N PHE D 559 45.05 -20.16 7.51
CA PHE D 559 44.41 -19.61 8.70
C PHE D 559 43.81 -18.24 8.42
N ASN D 560 44.51 -17.41 7.65
CA ASN D 560 44.01 -16.08 7.34
C ASN D 560 42.67 -16.17 6.62
N PHE D 561 42.55 -16.97 5.57
CA PHE D 561 41.23 -17.02 4.95
C PHE D 561 40.22 -17.76 5.85
N THR D 562 40.69 -18.68 6.69
CA THR D 562 39.73 -19.32 7.59
C THR D 562 39.07 -18.31 8.53
N ILE D 563 39.82 -17.30 8.97
CA ILE D 563 39.26 -16.27 9.83
C ILE D 563 38.77 -15.06 9.03
N SER D 564 38.87 -15.11 7.70
CA SER D 564 38.34 -14.03 6.86
C SER D 564 36.89 -13.68 7.19
N GLY D 565 36.15 -14.58 7.83
CA GLY D 565 34.78 -14.27 8.20
C GLY D 565 34.63 -13.17 9.22
N ASP D 566 35.63 -12.97 10.08
CA ASP D 566 35.61 -11.92 11.10
C ASP D 566 36.39 -10.69 10.66
N LEU D 567 36.51 -10.46 9.36
CA LEU D 567 37.31 -9.35 8.84
C LEU D 567 36.42 -8.46 7.98
N PRO D 568 35.84 -7.41 8.57
CA PRO D 568 34.89 -6.58 7.83
C PRO D 568 35.53 -5.91 6.63
N ARG D 569 34.77 -5.82 5.55
CA ARG D 569 35.23 -5.19 4.30
C ARG D 569 34.62 -3.79 4.25
N LEU D 570 35.37 -2.81 4.75
CA LEU D 570 34.91 -1.44 4.84
C LEU D 570 35.53 -0.52 3.80
N GLY D 571 36.58 -0.95 3.12
CA GLY D 571 37.30 -0.09 2.19
C GLY D 571 38.43 0.69 2.78
N TYR D 572 38.74 0.50 4.07
CA TYR D 572 39.87 1.16 4.70
C TYR D 572 40.45 0.24 5.76
N LEU D 573 41.70 0.50 6.13
CA LEU D 573 42.46 -0.42 6.97
C LEU D 573 42.10 -0.24 8.45
N THR D 574 41.95 -1.37 9.15
CA THR D 574 41.84 -1.40 10.60
C THR D 574 43.14 -1.91 11.22
N VAL D 575 43.16 -1.97 12.55
CA VAL D 575 44.34 -2.45 13.27
C VAL D 575 44.63 -3.90 12.93
N LEU D 576 43.59 -4.74 12.91
CA LEU D 576 43.77 -6.17 12.66
C LEU D 576 44.34 -6.43 11.26
N ASP D 577 43.87 -5.68 10.26
CA ASP D 577 44.40 -5.83 8.90
C ASP D 577 45.88 -5.51 8.85
N ARG D 578 46.30 -4.43 9.53
CA ARG D 578 47.70 -4.07 9.56
C ARG D 578 48.54 -5.15 10.21
N PHE D 579 48.06 -5.70 11.33
CA PHE D 579 48.82 -6.76 11.99
C PHE D 579 48.95 -7.99 11.10
N MET D 580 47.86 -8.37 10.41
CA MET D 580 47.92 -9.52 9.51
C MET D 580 48.92 -9.30 8.38
N ILE D 581 48.92 -8.10 7.80
CA ILE D 581 49.86 -7.79 6.72
C ILE D 581 51.31 -7.87 7.20
N VAL D 582 51.60 -7.30 8.38
CA VAL D 582 52.96 -7.33 8.91
C VAL D 582 53.39 -8.77 9.16
N SER D 583 52.50 -9.58 9.74
CA SER D 583 52.83 -10.97 10.01
C SER D 583 53.12 -11.75 8.73
N PHE D 584 52.30 -11.54 7.69
CA PHE D 584 52.54 -12.22 6.42
C PHE D 584 53.89 -11.82 5.83
N CYS D 585 54.20 -10.52 5.87
CA CYS D 585 55.47 -10.05 5.30
C CYS D 585 56.66 -10.69 6.01
N LEU D 586 56.61 -10.74 7.35
CA LEU D 586 57.71 -11.35 8.09
C LEU D 586 57.81 -12.84 7.80
N THR D 587 56.66 -13.52 7.68
CA THR D 587 56.69 -14.95 7.36
C THR D 587 57.33 -15.22 6.00
N ALA D 588 57.05 -14.37 5.01
CA ALA D 588 57.70 -14.55 3.70
C ALA D 588 59.19 -14.24 3.75
N ILE D 589 59.58 -13.21 4.51
CA ILE D 589 61.00 -12.89 4.64
C ILE D 589 61.74 -14.06 5.28
N VAL D 590 61.07 -14.82 6.15
CA VAL D 590 61.69 -16.02 6.72
C VAL D 590 62.09 -17.00 5.61
N VAL D 591 61.21 -17.22 4.64
CA VAL D 591 61.50 -18.14 3.54
C VAL D 591 62.67 -17.62 2.71
N LEU D 592 62.67 -16.31 2.42
CA LEU D 592 63.78 -15.74 1.65
C LEU D 592 65.12 -15.95 2.37
N ILE D 593 65.15 -15.68 3.68
CA ILE D 593 66.38 -15.88 4.45
C ILE D 593 66.78 -17.35 4.46
N SER D 594 65.82 -18.25 4.52
CA SER D 594 66.13 -19.67 4.50
C SER D 594 66.80 -20.07 3.19
N VAL D 595 66.29 -19.56 2.06
CA VAL D 595 66.92 -19.85 0.78
C VAL D 595 68.35 -19.33 0.76
N CYS D 596 68.56 -18.10 1.24
CA CYS D 596 69.90 -17.53 1.25
C CYS D 596 70.85 -18.38 2.10
N GLN D 597 70.38 -18.81 3.28
CA GLN D 597 71.22 -19.63 4.15
C GLN D 597 71.54 -20.98 3.53
N LYS D 598 70.56 -21.59 2.84
CA LYS D 598 70.83 -22.85 2.16
C LYS D 598 71.92 -22.67 1.10
N ARG D 599 71.86 -21.58 0.34
CA ARG D 599 72.88 -21.35 -0.67
C ARG D 599 74.25 -21.14 -0.02
N LEU D 600 74.30 -20.34 1.05
CA LEU D 600 75.57 -20.10 1.73
C LEU D 600 76.16 -21.39 2.28
N GLY D 601 75.33 -22.26 2.84
CA GLY D 601 75.80 -23.55 3.30
C GLY D 601 76.30 -24.42 2.16
N ALA D 602 75.66 -24.31 0.99
CA ALA D 602 76.14 -25.05 -0.18
C ALA D 602 77.52 -24.58 -0.61
N VAL D 603 77.78 -23.26 -0.58
CA VAL D 603 79.08 -22.75 -1.02
C VAL D 603 80.18 -22.93 0.04
N GLY D 604 79.82 -23.37 1.25
CA GLY D 604 80.84 -23.63 2.25
C GLY D 604 81.13 -22.49 3.20
N LYS D 605 80.14 -21.66 3.50
CA LYS D 605 80.28 -20.53 4.43
C LYS D 605 79.38 -20.70 5.65
N GLN D 606 79.39 -21.89 6.24
CA GLN D 606 78.44 -22.24 7.30
C GLN D 606 78.54 -21.30 8.50
N ALA D 607 79.71 -20.72 8.75
CA ALA D 607 79.83 -19.77 9.86
C ALA D 607 78.94 -18.55 9.65
N VAL D 608 78.89 -18.04 8.43
CA VAL D 608 78.01 -16.91 8.13
C VAL D 608 76.56 -17.31 8.33
N ALA D 609 76.21 -18.54 7.95
CA ALA D 609 74.85 -19.02 8.16
C ALA D 609 74.48 -19.07 9.64
N ALA D 610 75.41 -19.54 10.48
CA ALA D 610 75.15 -19.57 11.92
C ALA D 610 75.01 -18.16 12.48
N GLN D 611 75.84 -17.23 12.02
CA GLN D 611 75.71 -15.85 12.48
C GLN D 611 74.37 -15.25 12.08
N ILE D 612 73.90 -15.54 10.86
CA ILE D 612 72.59 -15.07 10.45
C ILE D 612 71.49 -15.68 11.31
N ASP D 613 71.64 -16.97 11.67
CA ASP D 613 70.67 -17.61 12.54
C ASP D 613 70.56 -16.89 13.88
N THR D 614 71.71 -16.59 14.50
CA THR D 614 71.69 -15.87 15.78
C THR D 614 71.06 -14.49 15.62
N TRP D 615 71.41 -13.77 14.54
CA TRP D 615 70.86 -12.45 14.32
C TRP D 615 69.34 -12.48 14.19
N VAL D 616 68.81 -13.43 13.41
CA VAL D 616 67.37 -13.52 13.24
C VAL D 616 66.69 -13.88 14.55
N LEU D 617 67.25 -14.86 15.27
CA LEU D 617 66.67 -15.26 16.55
C LEU D 617 66.59 -14.11 17.53
N VAL D 618 67.56 -13.18 17.49
CA VAL D 618 67.49 -12.04 18.39
C VAL D 618 66.55 -10.96 17.86
N ILE D 619 66.55 -10.74 16.53
CA ILE D 619 65.89 -9.56 15.99
C ILE D 619 64.37 -9.72 15.93
N TYR D 620 63.89 -10.86 15.41
CA TYR D 620 62.44 -11.01 15.18
C TYR D 620 61.46 -10.64 16.33
N PRO D 621 61.64 -11.20 17.55
CA PRO D 621 60.73 -10.76 18.64
C PRO D 621 60.85 -9.29 18.96
N LEU D 622 62.05 -8.70 18.84
CA LEU D 622 62.20 -7.27 19.06
C LEU D 622 61.40 -6.48 18.04
N VAL D 623 61.43 -6.89 16.78
CA VAL D 623 60.67 -6.20 15.74
C VAL D 623 59.18 -6.27 16.04
N TYR D 624 58.70 -7.45 16.43
CA TYR D 624 57.27 -7.57 16.74
C TYR D 624 56.88 -6.69 17.93
N SER D 625 57.70 -6.67 18.98
CA SER D 625 57.38 -5.85 20.15
C SER D 625 57.40 -4.36 19.80
N LEU D 626 58.37 -3.93 18.98
CA LEU D 626 58.41 -2.53 18.57
C LEU D 626 57.18 -2.16 17.76
N TYR D 627 56.74 -3.04 16.85
CA TYR D 627 55.53 -2.75 16.09
C TYR D 627 54.31 -2.63 16.98
N ILE D 628 54.21 -3.51 17.99
CA ILE D 628 53.06 -3.44 18.90
C ILE D 628 53.07 -2.14 19.69
N ILE D 629 54.26 -1.73 20.19
CA ILE D 629 54.36 -0.47 20.92
C ILE D 629 53.97 0.70 20.02
N TRP D 630 54.44 0.69 18.77
CA TRP D 630 54.13 1.76 17.84
C TRP D 630 52.63 1.86 17.58
N VAL D 631 51.99 0.71 17.36
CA VAL D 631 50.55 0.70 17.11
C VAL D 631 49.80 1.26 18.31
N TYR D 632 50.20 0.84 19.52
CA TYR D 632 49.56 1.36 20.72
C TYR D 632 49.70 2.87 20.81
N LEU D 633 50.89 3.39 20.53
CA LEU D 633 51.10 4.83 20.62
C LEU D 633 50.30 5.58 19.57
N ARG D 634 50.20 5.04 18.36
CA ARG D 634 49.60 5.78 17.26
C ARG D 634 48.08 5.62 17.16
N PHE D 635 47.47 4.66 17.87
CA PHE D 635 46.04 4.48 17.77
C PHE D 635 45.26 4.60 19.08
N PHE D 636 45.92 4.63 20.23
CA PHE D 636 45.22 4.61 21.50
C PHE D 636 45.68 5.71 22.47
N THR D 637 46.38 6.72 21.99
CA THR D 637 46.78 7.84 22.84
C THR D 637 47.15 9.06 22.00
N ARG E 37 -29.01 56.78 -3.36
CA ARG E 37 -28.03 56.91 -4.41
C ARG E 37 -26.77 56.10 -4.08
N VAL E 38 -26.65 54.93 -4.68
CA VAL E 38 -25.57 53.99 -4.38
C VAL E 38 -24.91 53.56 -5.69
N GLN E 39 -23.57 53.50 -5.67
CA GLN E 39 -22.80 53.13 -6.85
C GLN E 39 -21.68 52.18 -6.44
N HIS E 40 -21.35 51.24 -7.32
CA HIS E 40 -20.31 50.25 -7.09
C HIS E 40 -19.12 50.46 -8.02
N PHE E 41 -17.93 50.16 -7.51
CA PHE E 41 -16.71 50.23 -8.29
C PHE E 41 -15.79 49.08 -7.89
N THR E 42 -14.97 48.63 -8.83
CA THR E 42 -13.97 47.59 -8.58
C THR E 42 -12.67 47.97 -9.25
N GLY E 43 -11.55 47.67 -8.59
CA GLY E 43 -10.26 48.04 -9.12
C GLY E 43 -9.16 47.15 -8.58
N TYR E 44 -7.92 47.55 -8.90
CA TYR E 44 -6.73 46.82 -8.47
C TYR E 44 -5.66 47.83 -8.05
N ILE E 45 -4.97 47.54 -6.96
CA ILE E 45 -3.92 48.40 -6.43
C ILE E 45 -2.58 47.67 -6.57
N GLU E 46 -1.59 48.37 -7.09
CA GLU E 46 -0.25 47.81 -7.31
C GLU E 46 0.78 48.67 -6.61
N ASP E 47 1.41 48.12 -5.58
CA ASP E 47 2.55 48.75 -4.90
C ASP E 47 2.22 50.17 -4.43
N GLY E 48 1.04 50.34 -3.86
CA GLY E 48 0.64 51.62 -3.32
C GLY E 48 0.47 52.72 -4.35
N ARG E 49 -0.20 52.40 -5.46
CA ARG E 49 -0.56 53.38 -6.48
C ARG E 49 -2.08 53.51 -6.45
N GLY E 50 -2.57 54.63 -5.95
CA GLY E 50 -3.99 54.81 -5.72
C GLY E 50 -4.78 55.17 -6.96
N ILE E 51 -6.10 55.20 -6.80
CA ILE E 51 -7.03 55.52 -7.86
C ILE E 51 -7.92 56.67 -7.39
N PHE E 52 -8.06 57.68 -8.24
CA PHE E 52 -8.89 58.84 -7.94
C PHE E 52 -10.27 58.67 -8.56
N TYR E 53 -11.29 59.09 -7.84
CA TYR E 53 -12.66 59.12 -8.32
C TYR E 53 -13.21 60.53 -8.16
N SER E 54 -13.93 61.01 -9.17
CA SER E 54 -14.41 62.38 -9.21
C SER E 54 -15.88 62.44 -8.82
N LEU E 55 -16.21 63.41 -7.95
CA LEU E 55 -17.58 63.66 -7.52
C LEU E 55 -18.00 65.05 -8.00
N PRO E 56 -18.52 65.15 -9.22
CA PRO E 56 -18.77 66.48 -9.80
C PRO E 56 -19.95 67.19 -9.15
N ASP E 57 -19.72 68.44 -8.77
CA ASP E 57 -20.76 69.37 -8.32
C ASP E 57 -21.64 68.81 -7.21
N MET E 58 -21.05 68.51 -6.06
CA MET E 58 -21.87 68.23 -4.88
C MET E 58 -22.41 69.55 -4.32
N LYS E 59 -23.50 69.44 -3.56
CA LYS E 59 -24.14 70.59 -2.95
C LYS E 59 -23.89 70.59 -1.45
N GLN E 60 -23.81 71.79 -0.88
CA GLN E 60 -23.63 71.94 0.56
C GLN E 60 -24.80 71.30 1.31
N GLY E 61 -24.48 70.57 2.38
CA GLY E 61 -25.48 69.84 3.14
C GLY E 61 -25.58 68.37 2.81
N ASP E 62 -24.95 67.92 1.73
CA ASP E 62 -24.97 66.50 1.39
C ASP E 62 -24.06 65.71 2.32
N ILE E 63 -24.36 64.42 2.46
CA ILE E 63 -23.56 63.51 3.27
C ILE E 63 -23.00 62.42 2.36
N ILE E 64 -21.68 62.28 2.36
CA ILE E 64 -21.02 61.24 1.58
C ILE E 64 -20.75 60.04 2.48
N TYR E 65 -20.89 58.84 1.93
CA TYR E 65 -20.56 57.60 2.61
C TYR E 65 -19.62 56.78 1.75
N ALA E 66 -18.65 56.12 2.38
CA ALA E 66 -17.69 55.30 1.66
C ALA E 66 -17.40 54.02 2.44
N SER E 67 -17.12 52.96 1.69
CA SER E 67 -16.72 51.68 2.28
C SER E 67 -15.86 50.93 1.29
N MET E 68 -14.76 50.36 1.77
CA MET E 68 -13.80 49.66 0.91
C MET E 68 -13.42 48.35 1.56
N GLN E 69 -13.58 47.25 0.82
CA GLN E 69 -13.33 45.92 1.34
C GLN E 69 -12.33 45.18 0.46
N ASN E 70 -11.52 44.33 1.09
CA ASN E 70 -10.54 43.54 0.38
C ASN E 70 -11.20 42.30 -0.22
N THR E 71 -10.93 42.05 -1.50
CA THR E 71 -11.49 40.91 -2.21
C THR E 71 -10.44 39.95 -2.75
N GLY E 72 -9.16 40.17 -2.44
CA GLY E 72 -8.09 39.31 -2.91
C GLY E 72 -6.73 39.90 -2.62
N GLY E 73 -5.77 39.06 -2.25
CA GLY E 73 -4.45 39.53 -1.89
C GLY E 73 -4.38 40.00 -0.44
N ASN E 74 -3.33 40.78 -0.16
CA ASN E 74 -3.06 41.29 1.17
C ASN E 74 -3.36 42.78 1.31
N LEU E 75 -4.23 43.33 0.46
CA LEU E 75 -4.50 44.75 0.46
C LEU E 75 -5.10 45.22 1.78
N ASP E 76 -4.64 46.37 2.26
CA ASP E 76 -5.19 47.03 3.44
C ASP E 76 -5.83 48.34 3.03
N PRO E 77 -7.16 48.43 2.95
CA PRO E 77 -7.80 49.60 2.35
C PRO E 77 -7.56 50.89 3.12
N LEU E 78 -7.54 52.00 2.38
CA LEU E 78 -7.51 53.35 2.92
C LEU E 78 -8.30 54.26 1.99
N VAL E 79 -9.08 55.18 2.56
CA VAL E 79 -9.93 56.08 1.79
C VAL E 79 -9.78 57.50 2.33
N GLY E 80 -9.73 58.46 1.42
CA GLY E 80 -9.64 59.87 1.79
C GLY E 80 -10.37 60.74 0.78
N ILE E 81 -10.81 61.90 1.24
CA ILE E 81 -11.59 62.83 0.42
C ILE E 81 -10.93 64.20 0.46
N MET E 82 -10.90 64.87 -0.70
CA MET E 82 -10.24 66.16 -0.81
C MET E 82 -10.85 66.94 -1.97
N ALA E 83 -10.59 68.25 -1.97
CA ALA E 83 -11.11 69.12 -3.02
C ALA E 83 -10.25 69.11 -4.27
N GLU E 84 -8.99 69.55 -4.14
CA GLU E 84 -8.11 69.62 -5.29
C GLU E 84 -7.32 68.32 -5.43
N GLU E 85 -7.32 67.76 -6.64
CA GLU E 85 -6.68 66.47 -6.90
C GLU E 85 -5.16 66.63 -6.94
N ILE E 86 -4.47 66.06 -5.96
CA ILE E 86 -3.02 66.01 -5.92
C ILE E 86 -2.60 64.59 -5.54
N ASP E 87 -1.53 64.11 -6.16
CA ASP E 87 -1.07 62.75 -5.92
C ASP E 87 -0.44 62.65 -4.54
N PRO E 88 -0.95 61.80 -3.64
CA PRO E 88 -0.36 61.70 -2.30
C PRO E 88 0.95 60.92 -2.27
N ALA E 89 1.42 60.39 -3.40
CA ALA E 89 2.56 59.49 -3.40
C ALA E 89 3.81 60.17 -2.84
N VAL E 90 4.08 61.42 -3.25
CA VAL E 90 5.28 62.11 -2.80
C VAL E 90 5.25 62.34 -1.30
N SER E 91 4.09 62.70 -0.74
CA SER E 91 4.01 62.98 0.69
C SER E 91 4.04 61.68 1.50
N LEU E 92 3.31 60.66 1.06
CA LEU E 92 3.28 59.40 1.79
C LEU E 92 4.61 58.67 1.74
N GLY E 93 5.39 58.87 0.67
CA GLY E 93 6.70 58.23 0.60
C GLY E 93 7.65 58.64 1.71
N GLN E 94 7.57 59.91 2.13
CA GLN E 94 8.42 60.37 3.23
C GLN E 94 8.10 59.67 4.54
N VAL E 95 6.87 59.20 4.72
CA VAL E 95 6.53 58.45 5.92
C VAL E 95 7.26 57.11 5.92
N LEU E 96 7.29 56.44 4.77
CA LEU E 96 8.07 55.20 4.67
C LEU E 96 9.56 55.47 4.79
N GLU E 97 10.01 56.65 4.35
CA GLU E 97 11.43 56.99 4.47
C GLU E 97 11.87 57.17 5.91
N LYS E 98 10.98 57.60 6.77
CA LYS E 98 11.38 57.89 8.12
C LYS E 98 11.34 56.69 8.97
N ALA E 99 10.37 55.84 8.76
CA ALA E 99 10.18 54.70 9.60
C ALA E 99 11.23 53.71 9.28
N LEU E 100 11.59 53.63 8.01
CA LEU E 100 12.59 52.67 7.60
C LEU E 100 13.94 52.96 8.22
N ALA E 101 14.10 54.10 8.84
CA ALA E 101 15.44 54.43 9.31
C ALA E 101 15.49 54.58 10.78
N SER E 102 14.35 54.56 11.43
CA SER E 102 14.37 54.83 12.85
C SER E 102 13.23 54.23 13.57
N GLU E 103 12.87 54.84 14.68
CA GLU E 103 11.72 54.38 15.42
C GLU E 103 10.61 55.12 14.76
N ASN E 104 10.62 56.44 14.88
CA ASN E 104 9.63 57.31 14.20
C ASN E 104 8.16 57.12 14.50
N ASP E 105 7.74 55.96 14.99
CA ASP E 105 6.35 55.75 15.35
C ASP E 105 5.40 56.01 14.20
N LEU E 106 5.38 55.14 13.23
CA LEU E 106 4.43 55.23 12.14
C LEU E 106 3.05 55.71 12.43
N ILE E 107 2.40 55.26 13.49
CA ILE E 107 1.00 55.63 13.71
C ILE E 107 0.88 57.06 14.05
N SER E 108 1.94 57.66 14.50
CA SER E 108 1.91 59.08 14.72
C SER E 108 2.15 59.76 13.41
N GLU E 109 3.25 59.44 12.74
CA GLU E 109 3.55 60.15 11.50
C GLU E 109 2.50 60.04 10.37
N LEU E 110 1.80 58.94 10.27
CA LEU E 110 0.75 58.74 9.28
C LEU E 110 -0.46 59.60 9.59
N THR E 111 -0.84 59.70 10.86
CA THR E 111 -1.99 60.54 11.22
C THR E 111 -1.73 62.00 10.93
N ALA E 112 -0.52 62.48 11.25
CA ALA E 112 -0.18 63.88 11.01
C ALA E 112 -0.18 64.20 9.52
N VAL E 113 0.36 63.30 8.70
CA VAL E 113 0.40 63.54 7.26
C VAL E 113 -1.01 63.45 6.66
N ALA E 114 -1.81 62.49 7.12
CA ALA E 114 -3.16 62.34 6.59
C ALA E 114 -4.05 63.52 6.94
N ASP E 115 -3.92 64.04 8.17
CA ASP E 115 -4.71 65.20 8.57
C ASP E 115 -4.37 66.45 7.78
N ARG E 116 -3.25 66.45 7.06
CA ARG E 116 -2.88 67.55 6.18
C ARG E 116 -3.33 67.28 4.74
N ILE E 117 -3.10 66.06 4.25
CA ILE E 117 -3.42 65.75 2.86
C ILE E 117 -4.93 65.76 2.63
N PHE E 118 -5.69 65.14 3.52
CA PHE E 118 -7.11 64.91 3.31
C PHE E 118 -7.95 65.75 4.27
N LEU E 119 -9.15 66.10 3.81
CA LEU E 119 -10.13 66.70 4.71
C LEU E 119 -10.79 65.66 5.61
N GLY E 120 -10.86 64.42 5.16
CA GLY E 120 -11.43 63.34 5.95
C GLY E 120 -10.96 61.99 5.47
N TRP E 121 -10.82 61.03 6.38
CA TRP E 121 -10.23 59.74 6.03
C TRP E 121 -10.58 58.71 7.09
N ASP E 122 -10.34 57.45 6.76
CA ASP E 122 -10.57 56.36 7.70
C ASP E 122 -9.72 55.17 7.28
N ASP E 123 -9.15 54.49 8.27
CA ASP E 123 -8.27 53.34 8.04
C ASP E 123 -8.98 52.03 8.30
N ASP E 124 -9.47 51.80 9.52
CA ASP E 124 -9.94 50.48 9.95
C ASP E 124 -11.30 50.56 10.62
N GLY E 125 -12.18 51.43 10.13
CA GLY E 125 -13.47 51.63 10.77
C GLY E 125 -14.48 50.54 10.54
N GLY E 126 -14.21 49.60 9.64
CA GLY E 126 -15.15 48.56 9.29
C GLY E 126 -14.78 47.22 9.88
N LYS E 127 -15.36 46.17 9.30
CA LYS E 127 -15.12 44.81 9.75
C LYS E 127 -13.72 44.39 9.33
N GLY E 128 -12.84 44.19 10.32
CA GLY E 128 -11.46 43.87 10.02
C GLY E 128 -10.66 45.13 9.71
N TYR E 129 -9.92 45.10 8.60
CA TYR E 129 -9.10 46.22 8.18
C TYR E 129 -9.81 47.10 7.15
N SER E 130 -11.10 46.86 6.92
CA SER E 130 -11.86 47.63 5.95
C SER E 130 -12.19 49.02 6.49
N ALA E 131 -12.29 49.99 5.58
CA ALA E 131 -12.54 51.38 5.94
C ALA E 131 -13.99 51.75 5.72
N SER E 132 -14.46 52.73 6.50
CA SER E 132 -15.79 53.29 6.36
C SER E 132 -15.75 54.75 6.77
N LEU E 133 -16.39 55.61 5.98
CA LEU E 133 -16.23 57.05 6.14
C LEU E 133 -17.56 57.77 5.97
N GLU E 134 -17.83 58.73 6.86
CA GLU E 134 -18.94 59.66 6.73
C GLU E 134 -18.39 61.07 6.65
N PHE E 135 -18.84 61.85 5.67
CA PHE E 135 -18.28 63.18 5.45
C PHE E 135 -19.40 64.12 4.99
N THR E 136 -19.64 65.17 5.77
CA THR E 136 -20.62 66.19 5.40
C THR E 136 -19.98 67.20 4.47
N ILE E 137 -20.61 67.43 3.32
CA ILE E 137 -20.07 68.32 2.29
C ILE E 137 -20.01 69.74 2.82
N PRO E 138 -18.81 70.33 2.98
CA PRO E 138 -18.69 71.64 3.63
C PRO E 138 -19.41 72.77 2.90
N ARG E 139 -19.00 73.04 1.66
CA ARG E 139 -19.54 74.09 0.83
C ARG E 139 -19.99 73.49 -0.51
N ASP E 140 -20.34 74.33 -1.46
CA ASP E 140 -20.80 73.90 -2.78
C ASP E 140 -19.62 73.82 -3.74
N GLY E 141 -19.54 72.72 -4.48
CA GLY E 141 -18.46 72.51 -5.42
C GLY E 141 -18.27 71.03 -5.69
N THR E 142 -17.12 70.71 -6.28
CA THR E 142 -16.76 69.33 -6.60
C THR E 142 -15.61 68.87 -5.71
N TYR E 143 -15.50 67.55 -5.52
CA TYR E 143 -14.48 66.97 -4.67
C TYR E 143 -13.95 65.70 -5.31
N HIS E 144 -12.87 65.17 -4.72
CA HIS E 144 -12.22 63.95 -5.19
C HIS E 144 -12.13 62.93 -4.07
N ILE E 145 -12.29 61.65 -4.42
CA ILE E 145 -12.17 60.53 -3.50
C ILE E 145 -10.93 59.73 -3.89
N PHE E 146 -10.10 59.42 -2.90
CA PHE E 146 -8.85 58.72 -3.11
C PHE E 146 -8.91 57.35 -2.44
N ALA E 147 -8.68 56.30 -3.23
CA ALA E 147 -8.63 54.93 -2.72
C ALA E 147 -7.23 54.37 -2.94
N GLY E 148 -6.74 53.62 -1.97
CA GLY E 148 -5.38 53.13 -2.05
C GLY E 148 -5.02 52.24 -0.88
N SER E 149 -3.73 52.18 -0.60
CA SER E 149 -3.17 51.29 0.42
C SER E 149 -2.52 52.11 1.52
N THR E 150 -2.74 51.72 2.77
CA THR E 150 -2.05 52.33 3.89
C THR E 150 -0.68 51.68 4.11
N ILE E 151 0.04 52.18 5.10
CA ILE E 151 1.35 51.66 5.47
C ILE E 151 1.19 50.81 6.72
N THR E 152 1.54 49.52 6.61
CA THR E 152 1.30 48.58 7.69
C THR E 152 2.48 47.62 7.80
N ASN E 153 2.51 46.91 8.94
CA ASN E 153 3.45 45.82 9.17
C ASN E 153 2.67 44.51 9.27
N GLN E 154 3.19 43.45 8.66
CA GLN E 154 2.51 42.16 8.62
C GLN E 154 3.44 41.01 9.00
N ARG E 155 4.40 41.26 9.88
CA ARG E 155 5.35 40.25 10.31
C ARG E 155 5.55 40.31 11.82
N LEU E 156 5.94 39.17 12.40
CA LEU E 156 6.23 39.08 13.82
C LEU E 156 7.70 38.80 14.12
N ASP E 157 8.49 38.44 13.13
CA ASP E 157 9.91 38.21 13.35
C ASP E 157 10.71 39.51 13.34
N LYS E 158 10.32 40.46 12.49
CA LYS E 158 10.97 41.76 12.43
C LYS E 158 9.94 42.79 12.01
N PHE E 159 10.27 44.06 12.24
CA PHE E 159 9.39 45.17 11.92
C PHE E 159 9.82 45.80 10.60
N GLN E 160 8.90 45.83 9.63
CA GLN E 160 9.19 46.39 8.32
C GLN E 160 7.90 46.93 7.71
N PRO E 161 7.67 48.24 7.79
CA PRO E 161 6.48 48.82 7.17
C PRO E 161 6.57 48.80 5.65
N THR E 162 5.46 48.46 5.00
CA THR E 162 5.39 48.32 3.55
C THR E 162 4.00 48.66 3.06
N TYR E 163 3.87 48.79 1.74
CA TYR E 163 2.58 48.93 1.10
C TYR E 163 1.93 47.55 0.90
N THR E 164 0.74 47.54 0.29
CA THR E 164 0.00 46.31 0.06
C THR E 164 -0.59 46.33 -1.34
N THR E 165 -0.90 45.14 -1.86
CA THR E 165 -1.41 44.97 -3.21
C THR E 165 -2.61 44.02 -3.20
N GLY E 166 -3.54 44.26 -4.10
CA GLY E 166 -4.69 43.39 -4.23
C GLY E 166 -5.86 44.09 -4.90
N SER E 167 -6.96 43.34 -5.00
CA SER E 167 -8.20 43.85 -5.56
C SER E 167 -9.13 44.35 -4.45
N PHE E 168 -10.07 45.22 -4.82
CA PHE E 168 -10.93 45.84 -3.84
C PHE E 168 -12.31 46.10 -4.43
N GLN E 169 -13.29 46.24 -3.53
CA GLN E 169 -14.65 46.64 -3.87
C GLN E 169 -14.98 47.92 -3.13
N LEU E 170 -15.45 48.93 -3.85
CA LEU E 170 -15.74 50.24 -3.29
C LEU E 170 -17.20 50.57 -3.48
N ILE E 171 -17.89 50.92 -2.39
CA ILE E 171 -19.29 51.32 -2.41
C ILE E 171 -19.39 52.76 -1.95
N LEU E 172 -19.95 53.62 -2.79
CA LEU E 172 -20.14 55.03 -2.49
C LEU E 172 -21.62 55.36 -2.42
N GLY E 173 -21.99 56.18 -1.44
CA GLY E 173 -23.37 56.59 -1.27
C GLY E 173 -23.48 58.09 -1.07
N LEU E 174 -24.64 58.64 -1.45
CA LEU E 174 -24.95 60.05 -1.25
C LEU E 174 -26.28 60.13 -0.51
N ASN E 175 -26.24 60.64 0.72
CA ASN E 175 -27.41 60.73 1.58
C ASN E 175 -28.11 59.39 1.72
N ALA E 176 -27.30 58.33 1.87
CA ALA E 176 -27.79 56.96 2.02
C ALA E 176 -27.10 56.36 3.25
N PRO E 177 -27.69 56.53 4.44
CA PRO E 177 -27.00 56.11 5.67
C PRO E 177 -26.78 54.62 5.79
N GLN E 178 -27.34 53.80 4.90
CA GLN E 178 -27.14 52.35 4.99
C GLN E 178 -25.81 51.92 4.38
N VAL E 179 -25.07 52.83 3.76
CA VAL E 179 -23.80 52.46 3.12
C VAL E 179 -22.75 52.06 4.15
N ILE E 180 -22.74 52.71 5.32
CA ILE E 180 -21.70 52.46 6.32
C ILE E 180 -21.85 51.06 6.89
N SER E 181 -23.00 50.43 6.67
CA SER E 181 -23.14 49.02 7.03
C SER E 181 -22.41 48.11 6.07
N GLY E 182 -22.04 48.61 4.89
CA GLY E 182 -21.33 47.81 3.90
C GLY E 182 -22.20 46.96 3.01
N GLU E 183 -23.53 47.10 3.09
CA GLU E 183 -24.45 46.26 2.35
C GLU E 183 -25.35 47.06 1.41
N GLY E 184 -24.95 48.27 1.04
CA GLY E 184 -25.80 49.12 0.20
C GLY E 184 -25.90 48.58 -1.22
N GLU E 185 -27.13 48.29 -1.68
CA GLU E 185 -27.39 47.88 -3.04
C GLU E 185 -27.51 49.11 -3.96
N PRO E 186 -27.08 49.00 -5.21
CA PRO E 186 -27.15 50.16 -6.11
C PRO E 186 -28.57 50.66 -6.29
N GLU E 187 -28.73 51.98 -6.29
CA GLU E 187 -30.04 52.60 -6.41
C GLU E 187 -29.88 54.01 -6.96
N GLY E 188 -30.98 54.55 -7.48
CA GLY E 188 -30.98 55.92 -7.93
C GLY E 188 -30.17 56.15 -9.20
N GLU E 189 -29.81 57.41 -9.42
CA GLU E 189 -29.05 57.84 -10.58
C GLU E 189 -27.63 58.18 -10.17
N VAL E 190 -26.67 57.75 -10.99
CA VAL E 190 -25.24 57.84 -10.67
C VAL E 190 -24.82 59.28 -10.41
N PHE E 191 -23.74 59.44 -9.65
CA PHE E 191 -23.25 60.76 -9.29
C PHE E 191 -21.73 60.90 -9.35
N ALA E 192 -20.97 59.80 -9.42
CA ALA E 192 -19.52 59.84 -9.47
C ALA E 192 -19.02 58.96 -10.60
N SER E 193 -17.82 59.26 -11.09
CA SER E 193 -17.26 58.55 -12.22
C SER E 193 -15.74 58.45 -12.06
N LEU E 194 -15.15 57.56 -12.85
CA LEU E 194 -13.70 57.40 -12.84
C LEU E 194 -13.01 58.66 -13.31
N ALA E 195 -11.98 59.08 -12.58
CA ALA E 195 -11.24 60.29 -12.94
C ALA E 195 -10.26 60.07 -14.08
N SER E 196 -9.69 58.87 -14.19
CA SER E 196 -8.65 58.64 -15.18
C SER E 196 -9.19 58.74 -16.61
N LEU E 197 -10.49 58.57 -16.78
CA LEU E 197 -11.10 58.63 -18.12
C LEU E 197 -11.05 60.03 -18.72
N GLU E 198 -10.75 61.06 -17.93
CA GLU E 198 -10.75 62.43 -18.42
C GLU E 198 -9.49 62.77 -19.23
N ILE E 199 -8.45 61.95 -19.18
CA ILE E 199 -7.16 62.27 -19.78
C ILE E 199 -6.71 61.09 -20.65
N LYS E 200 -5.61 61.26 -21.39
CA LYS E 200 -5.09 60.20 -22.26
C LYS E 200 -4.67 58.95 -21.51
N PRO E 201 -5.05 57.76 -22.02
CA PRO E 201 -4.63 56.49 -21.41
C PRO E 201 -3.11 56.37 -21.26
N GLU E 202 -2.66 55.85 -20.12
CA GLU E 202 -1.23 55.74 -19.87
C GLU E 202 -0.61 54.68 -20.77
N ALA E 203 0.50 55.05 -21.42
CA ALA E 203 1.16 54.13 -22.35
C ALA E 203 2.14 53.22 -21.62
N HIS E 204 2.34 52.03 -22.20
CA HIS E 204 3.37 51.09 -21.77
C HIS E 204 4.14 50.65 -23.00
N VAL E 205 5.47 50.58 -22.88
CA VAL E 205 6.34 50.19 -23.98
C VAL E 205 7.41 49.24 -23.45
N GLN E 206 7.71 48.20 -24.21
CA GLN E 206 8.75 47.25 -23.85
C GLN E 206 9.50 46.83 -25.10
N GLU E 207 10.82 46.69 -24.97
CA GLU E 207 11.68 46.29 -26.07
C GLU E 207 12.47 45.05 -25.70
N LEU E 208 12.60 44.13 -26.65
CA LEU E 208 13.30 42.87 -26.44
C LEU E 208 14.15 42.53 -27.65
N GLU E 209 15.25 41.81 -27.41
CA GLU E 209 16.12 41.30 -28.47
C GLU E 209 15.91 39.80 -28.56
N ILE E 210 15.60 39.32 -29.76
CA ILE E 210 15.27 37.91 -29.97
C ILE E 210 16.13 37.36 -31.10
N ARG E 211 16.56 36.10 -30.92
CA ARG E 211 17.44 35.44 -31.87
C ARG E 211 16.80 34.15 -32.34
N LEU E 212 16.81 33.93 -33.65
CA LEU E 212 16.19 32.75 -34.26
C LEU E 212 17.29 31.80 -34.70
N ASP E 213 17.60 30.84 -33.84
CA ASP E 213 18.57 29.81 -34.17
C ASP E 213 18.04 28.91 -35.29
N LYS E 214 18.89 27.99 -35.74
CA LYS E 214 18.52 27.08 -36.81
C LYS E 214 17.34 26.20 -36.40
N ASP E 215 17.35 25.69 -35.16
CA ASP E 215 16.32 24.79 -34.67
C ASP E 215 15.23 25.51 -33.89
N THR E 216 15.27 26.84 -33.79
CA THR E 216 14.32 27.61 -33.01
C THR E 216 13.77 28.76 -33.87
N ARG E 217 13.30 28.42 -35.06
CA ARG E 217 12.83 29.42 -36.02
C ARG E 217 11.43 29.93 -35.72
N TYR E 218 10.80 29.46 -34.64
CA TYR E 218 9.49 29.98 -34.25
C TYR E 218 9.54 30.52 -32.83
N LEU E 219 8.90 31.66 -32.59
CA LEU E 219 8.90 32.27 -31.26
C LEU E 219 7.53 32.86 -30.90
N THR E 220 7.02 32.50 -29.72
CA THR E 220 5.73 33.05 -29.28
C THR E 220 5.88 33.67 -27.91
N GLN E 221 5.10 34.72 -27.66
CA GLN E 221 5.08 35.42 -26.39
C GLN E 221 3.65 35.74 -26.00
N HIS E 222 3.35 35.63 -24.70
CA HIS E 222 2.02 35.91 -24.18
C HIS E 222 1.99 37.30 -23.54
N THR E 223 0.89 38.02 -23.76
CA THR E 223 0.71 39.36 -23.26
C THR E 223 -0.23 39.39 -22.07
N ARG E 224 -0.15 40.45 -21.28
CA ARG E 224 -1.09 40.67 -20.20
C ARG E 224 -2.48 41.00 -20.76
N ASN E 225 -3.49 40.87 -19.90
CA ASN E 225 -4.86 41.10 -20.34
C ASN E 225 -5.09 42.57 -20.69
N LEU E 226 -5.93 42.79 -21.70
CA LEU E 226 -6.28 44.12 -22.15
C LEU E 226 -7.74 44.42 -21.84
N GLN E 227 -8.00 45.64 -21.39
CA GLN E 227 -9.35 46.10 -21.12
C GLN E 227 -10.02 46.58 -22.41
N PRO E 228 -11.35 46.54 -22.47
CA PRO E 228 -12.04 46.97 -23.69
C PRO E 228 -11.75 48.43 -24.02
N GLY E 229 -11.57 48.70 -25.31
CA GLY E 229 -11.21 50.01 -25.78
C GLY E 229 -9.72 50.27 -25.90
N ASP E 230 -8.88 49.36 -25.40
CA ASP E 230 -7.44 49.54 -25.51
C ASP E 230 -6.97 49.26 -26.93
N THR E 231 -5.72 49.61 -27.20
CA THR E 231 -5.12 49.41 -28.51
C THR E 231 -3.75 48.77 -28.35
N PHE E 232 -3.33 48.04 -29.39
CA PHE E 232 -2.09 47.28 -29.37
C PHE E 232 -1.27 47.62 -30.60
N HIS E 233 0.04 47.76 -30.42
CA HIS E 233 0.96 48.04 -31.51
C HIS E 233 2.22 47.20 -31.35
N ALA E 234 2.84 46.85 -32.47
CA ALA E 234 4.07 46.07 -32.46
C ALA E 234 4.84 46.31 -33.75
N LEU E 235 6.17 46.20 -33.66
CA LEU E 235 7.03 46.33 -34.82
C LEU E 235 8.32 45.54 -34.59
N VAL E 236 8.93 45.11 -35.68
CA VAL E 236 10.18 44.35 -35.64
C VAL E 236 11.15 44.94 -36.65
N GLU E 237 12.42 45.04 -36.26
CA GLU E 237 13.47 45.56 -37.12
C GLU E 237 14.73 44.72 -36.92
N PRO E 238 15.35 44.25 -37.99
CA PRO E 238 16.54 43.41 -37.85
C PRO E 238 17.75 44.19 -37.36
N ILE E 239 18.62 43.48 -36.62
CA ILE E 239 19.87 44.07 -36.17
C ILE E 239 20.81 44.32 -37.35
N GLY E 240 20.91 43.36 -38.26
CA GLY E 240 21.81 43.48 -39.39
C GLY E 240 21.17 43.10 -40.72
N GLU E 241 21.85 42.24 -41.47
CA GLU E 241 21.39 41.84 -42.80
C GLU E 241 20.38 40.70 -42.77
N ALA E 242 19.86 40.35 -41.59
CA ALA E 242 18.91 39.25 -41.49
C ALA E 242 17.63 39.60 -42.26
N PRO E 243 17.04 38.63 -42.95
CA PRO E 243 15.81 38.91 -43.71
C PRO E 243 14.63 39.18 -42.78
N LEU E 244 13.67 39.95 -43.28
CA LEU E 244 12.51 40.31 -42.49
C LEU E 244 11.64 39.08 -42.22
N PRO E 245 11.34 38.77 -40.96
CA PRO E 245 10.48 37.64 -40.65
C PRO E 245 9.00 38.01 -40.75
N ARG E 246 8.15 36.99 -40.63
CA ARG E 246 6.72 37.20 -40.63
C ARG E 246 6.20 37.41 -39.22
N LEU E 247 5.17 38.25 -39.09
CA LEU E 247 4.62 38.62 -37.80
C LEU E 247 3.11 38.53 -37.86
N ARG E 248 2.50 38.00 -36.79
CA ARG E 248 1.05 37.91 -36.70
C ARG E 248 0.64 37.90 -35.24
N LEU E 249 -0.64 38.18 -35.00
CA LEU E 249 -1.20 38.28 -33.66
C LEU E 249 -2.42 37.37 -33.55
N THR E 250 -2.45 36.55 -32.51
CA THR E 250 -3.56 35.64 -32.25
C THR E 250 -3.93 35.68 -30.78
N ASP E 251 -5.16 35.25 -30.49
CA ASP E 251 -5.59 35.12 -29.10
C ASP E 251 -5.03 33.82 -28.51
N SER E 252 -5.47 33.50 -27.29
CA SER E 252 -4.96 32.34 -26.58
C SER E 252 -5.44 31.01 -27.19
N GLY E 253 -6.44 31.03 -28.05
CA GLY E 253 -6.90 29.81 -28.68
C GLY E 253 -6.30 29.59 -30.05
N GLY E 254 -5.64 30.60 -30.59
CA GLY E 254 -5.05 30.54 -31.91
C GLY E 254 -5.81 31.25 -33.00
N LYS E 255 -6.91 31.91 -32.68
CA LYS E 255 -7.68 32.62 -33.70
C LYS E 255 -6.90 33.84 -34.18
N PRO E 256 -6.64 33.96 -35.49
CA PRO E 256 -5.88 35.12 -35.98
C PRO E 256 -6.65 36.42 -35.78
N LEU E 257 -5.92 37.48 -35.51
CA LEU E 257 -6.51 38.80 -35.27
C LEU E 257 -5.90 39.88 -36.14
N ALA E 258 -4.62 39.79 -36.47
CA ALA E 258 -3.97 40.78 -37.32
C ALA E 258 -2.75 40.17 -37.97
N PHE E 259 -2.31 40.78 -39.06
CA PHE E 259 -1.15 40.32 -39.82
C PHE E 259 -0.23 41.50 -40.10
N GLY E 260 1.07 41.22 -40.11
CA GLY E 260 2.05 42.30 -40.24
C GLY E 260 2.15 42.81 -41.68
N LEU E 261 2.34 44.12 -41.80
CA LEU E 261 2.45 44.77 -43.09
C LEU E 261 3.87 45.32 -43.26
N ILE E 262 4.49 45.00 -44.40
CA ILE E 262 5.83 45.49 -44.69
C ILE E 262 5.74 46.94 -45.13
N ASP E 263 6.56 47.80 -44.53
CA ASP E 263 6.54 49.22 -44.84
C ASP E 263 7.16 49.47 -46.22
N GLN E 264 6.82 50.63 -46.79
CA GLN E 264 7.38 51.00 -48.09
C GLN E 264 8.91 51.08 -48.07
N PRO E 265 9.55 51.72 -47.07
CA PRO E 265 10.99 51.49 -46.90
C PRO E 265 11.23 50.14 -46.26
N GLY E 266 11.28 49.09 -47.07
CA GLY E 266 11.08 47.75 -46.58
C GLY E 266 12.19 47.23 -45.68
N GLU E 267 12.28 47.82 -44.49
CA GLU E 267 13.20 47.36 -43.46
C GLU E 267 12.52 46.94 -42.16
N SER E 268 11.19 47.02 -42.07
CA SER E 268 10.49 46.72 -40.83
C SER E 268 9.09 46.20 -41.14
N VAL E 269 8.50 45.52 -40.17
CA VAL E 269 7.14 45.02 -40.24
C VAL E 269 6.36 45.52 -39.03
N GLU E 270 5.11 45.93 -39.23
CA GLU E 270 4.32 46.56 -38.19
C GLU E 270 2.93 45.95 -38.14
N LEU E 271 2.28 46.07 -36.99
CA LEU E 271 0.98 45.47 -36.74
C LEU E 271 0.19 46.37 -35.81
N ASN E 272 -1.14 46.28 -35.90
CA ASN E 272 -2.04 47.11 -35.11
C ASN E 272 -3.32 46.34 -34.81
N TYR E 273 -3.89 46.57 -33.62
CA TYR E 273 -5.12 45.88 -33.22
C TYR E 273 -5.83 46.72 -32.17
N THR E 274 -7.14 46.48 -32.03
CA THR E 274 -7.97 47.15 -31.05
C THR E 274 -8.90 46.14 -30.39
N CYS E 275 -9.23 46.37 -29.13
CA CYS E 275 -9.87 45.37 -28.28
C CYS E 275 -11.38 45.54 -28.27
N ASP E 276 -12.11 44.45 -28.53
CA ASP E 276 -13.57 44.46 -28.54
C ASP E 276 -14.18 43.69 -27.37
N GLN E 277 -13.56 42.59 -26.94
CA GLN E 277 -14.14 41.76 -25.90
C GLN E 277 -13.89 42.35 -24.52
N ASP E 278 -14.57 41.78 -23.52
CA ASP E 278 -14.41 42.25 -22.14
C ASP E 278 -12.99 42.00 -21.64
N ILE E 279 -12.44 40.82 -21.91
CA ILE E 279 -11.06 40.50 -21.56
C ILE E 279 -10.39 39.87 -22.77
N CYS E 280 -9.22 40.40 -23.14
CA CYS E 280 -8.47 39.91 -24.29
C CYS E 280 -7.08 39.48 -23.84
N GLU E 281 -6.71 38.25 -24.21
CA GLU E 281 -5.37 37.71 -23.98
C GLU E 281 -4.75 37.47 -25.35
N LEU E 282 -3.59 38.07 -25.60
CA LEU E 282 -2.99 38.10 -26.93
C LEU E 282 -1.69 37.31 -26.95
N VAL E 283 -1.36 36.77 -28.12
CA VAL E 283 -0.12 36.06 -28.37
C VAL E 283 0.53 36.65 -29.62
N VAL E 284 1.81 37.00 -29.53
CA VAL E 284 2.56 37.54 -30.64
C VAL E 284 3.40 36.43 -31.25
N HIS E 285 3.26 36.23 -32.55
CA HIS E 285 3.99 35.19 -33.28
C HIS E 285 5.02 35.84 -34.20
N VAL E 286 6.27 35.42 -34.07
CA VAL E 286 7.32 35.84 -34.99
C VAL E 286 8.03 34.59 -35.48
N ASP E 287 8.11 34.42 -36.80
CA ASP E 287 8.66 33.20 -37.37
C ASP E 287 9.52 33.53 -38.58
N GLY E 288 10.58 32.74 -38.76
CA GLY E 288 11.41 32.85 -39.94
C GLY E 288 11.54 31.53 -40.66
N THR E 289 10.52 30.69 -40.56
CA THR E 289 10.51 29.38 -41.21
C THR E 289 9.90 29.46 -42.62
N ASP E 290 10.46 30.35 -43.43
CA ASP E 290 10.01 30.45 -44.82
C ASP E 290 10.36 29.19 -45.60
N GLU E 297 22.65 32.63 -37.14
CA GLU E 297 22.42 33.40 -35.93
C GLU E 297 21.72 34.73 -36.20
N ALA E 298 20.64 34.71 -36.99
CA ALA E 298 19.89 35.92 -37.25
C ALA E 298 19.31 36.47 -35.95
N VAL E 299 19.33 37.80 -35.83
CA VAL E 299 18.89 38.47 -34.61
C VAL E 299 18.05 39.68 -34.99
N TYR E 300 16.97 39.90 -34.25
CA TYR E 300 16.02 40.97 -34.53
C TYR E 300 15.68 41.70 -33.23
N ARG E 301 15.18 42.93 -33.40
CA ARG E 301 14.68 43.72 -32.29
C ARG E 301 13.16 43.76 -32.35
N LEU E 302 12.52 43.42 -31.23
CA LEU E 302 11.07 43.42 -31.13
C LEU E 302 10.64 44.57 -30.22
N LEU E 303 9.81 45.46 -30.74
CA LEU E 303 9.30 46.60 -29.99
C LEU E 303 7.79 46.50 -29.91
N VAL E 304 7.25 46.66 -28.71
CA VAL E 304 5.82 46.46 -28.47
C VAL E 304 5.32 47.54 -27.52
N GLY E 305 4.06 47.91 -27.68
CA GLY E 305 3.47 48.92 -26.83
C GLY E 305 1.96 48.79 -26.73
N ILE E 306 1.44 49.20 -25.59
CA ILE E 306 0.00 49.25 -25.33
C ILE E 306 -0.37 50.71 -25.14
N ASN E 307 -1.37 51.18 -25.90
CA ASN E 307 -1.78 52.59 -25.89
C ASN E 307 -0.60 53.51 -26.20
N ALA E 308 0.26 53.06 -27.10
CA ALA E 308 1.48 53.78 -27.46
C ALA E 308 1.62 53.83 -28.97
N PRO E 309 0.90 54.74 -29.64
CA PRO E 309 1.00 54.84 -31.10
C PRO E 309 2.32 55.42 -31.59
N ASN E 310 3.17 55.91 -30.69
CA ASN E 310 4.43 56.55 -31.06
C ASN E 310 5.61 55.59 -31.03
N LEU E 311 5.38 54.29 -31.25
CA LEU E 311 6.47 53.32 -31.21
C LEU E 311 7.52 53.57 -32.29
N ARG E 312 7.15 54.25 -33.38
CA ARG E 312 8.14 54.56 -34.41
C ARG E 312 9.27 55.41 -33.86
N SER E 322 5.77 45.78 -17.54
CA SER E 322 6.12 44.95 -18.68
C SER E 322 4.86 44.58 -19.47
N VAL E 323 4.99 44.63 -20.80
CA VAL E 323 3.89 44.23 -21.68
C VAL E 323 3.74 42.72 -21.73
N PHE E 324 4.86 42.02 -21.86
CA PHE E 324 4.86 40.56 -21.92
C PHE E 324 4.90 39.96 -20.52
N LEU E 325 4.23 38.82 -20.36
CA LEU E 325 4.26 38.10 -19.09
C LEU E 325 5.67 37.61 -18.79
N GLU E 326 5.98 37.54 -17.50
CA GLU E 326 7.30 37.12 -17.03
C GLU E 326 7.19 35.81 -16.26
N SER E 327 8.23 34.97 -16.41
CA SER E 327 8.29 33.72 -15.66
C SER E 327 8.68 33.99 -14.21
N ASP E 328 8.17 33.17 -13.31
CA ASP E 328 8.48 33.29 -11.89
C ASP E 328 9.86 32.70 -11.60
N LEU E 329 10.63 33.40 -10.77
CA LEU E 329 12.01 33.03 -10.48
C LEU E 329 12.08 32.18 -9.22
N VAL E 330 12.78 31.05 -9.28
CA VAL E 330 12.87 30.10 -8.18
C VAL E 330 14.33 30.02 -7.72
N THR E 331 14.54 30.04 -6.41
CA THR E 331 15.85 29.86 -5.79
C THR E 331 15.95 28.46 -5.21
N VAL E 332 17.05 27.76 -5.50
CA VAL E 332 17.20 26.35 -5.16
C VAL E 332 18.53 26.13 -4.45
N GLY E 333 18.57 25.11 -3.60
CA GLY E 333 19.80 24.71 -2.95
C GLY E 333 19.71 23.27 -2.50
N LEU E 334 20.87 22.60 -2.43
CA LEU E 334 20.94 21.20 -2.05
C LEU E 334 22.22 20.94 -1.27
N ALA E 335 22.15 20.04 -0.29
CA ALA E 335 23.31 19.66 0.52
C ALA E 335 23.35 18.14 0.66
N VAL E 336 24.55 17.58 0.65
CA VAL E 336 24.76 16.14 0.77
C VAL E 336 25.31 15.84 2.16
N ASP E 337 24.68 14.90 2.86
CA ASP E 337 25.11 14.50 4.19
C ASP E 337 25.98 13.25 4.16
N GLN E 338 25.53 12.20 3.47
CA GLN E 338 26.24 10.93 3.49
C GLN E 338 25.94 10.13 2.24
N ILE E 339 26.97 9.49 1.69
CA ILE E 339 26.81 8.48 0.64
C ILE E 339 26.67 7.12 1.33
N VAL E 340 25.52 6.47 1.16
CA VAL E 340 25.18 5.30 1.96
C VAL E 340 25.31 3.97 1.21
N GLY E 341 25.69 4.00 -0.07
CA GLY E 341 25.91 2.75 -0.77
C GLY E 341 26.21 2.99 -2.24
N VAL E 342 26.98 2.06 -2.80
CA VAL E 342 27.29 2.02 -4.22
C VAL E 342 27.17 0.59 -4.70
N ASP E 343 26.43 0.38 -5.79
CA ASP E 343 26.22 -0.94 -6.38
C ASP E 343 26.96 -0.99 -7.71
N GLN E 344 28.05 -1.77 -7.75
CA GLN E 344 28.93 -1.76 -8.91
C GLN E 344 28.44 -2.66 -10.04
N ARG E 345 27.52 -3.58 -9.78
CA ARG E 345 26.98 -4.43 -10.83
C ARG E 345 25.76 -3.79 -11.51
N SER E 346 24.86 -3.20 -10.74
CA SER E 346 23.69 -2.53 -11.28
C SER E 346 23.94 -1.05 -11.56
N GLU E 347 25.08 -0.51 -11.14
CA GLU E 347 25.50 0.86 -11.43
C GLU E 347 24.49 1.88 -10.91
N ASN E 348 24.33 1.90 -9.59
CA ASN E 348 23.51 2.90 -8.91
C ASN E 348 24.13 3.21 -7.56
N PHE E 349 23.77 4.36 -7.00
CA PHE E 349 24.25 4.77 -5.69
C PHE E 349 23.12 5.43 -4.91
N SER E 350 23.28 5.49 -3.60
CA SER E 350 22.28 6.04 -2.69
C SER E 350 22.88 7.15 -1.84
N VAL E 351 22.10 8.20 -1.58
CA VAL E 351 22.59 9.40 -0.92
C VAL E 351 21.51 9.94 0.01
N VAL E 352 21.97 10.59 1.09
CA VAL E 352 21.09 11.26 2.07
C VAL E 352 21.43 12.75 2.05
N GLY E 353 20.40 13.59 2.00
CA GLY E 353 20.65 15.01 1.91
C GLY E 353 19.40 15.84 2.16
N THR E 354 19.50 17.13 1.82
CA THR E 354 18.45 18.10 2.06
C THR E 354 18.23 18.95 0.80
N LEU E 355 16.98 19.35 0.57
CA LEU E 355 16.61 20.17 -0.59
C LEU E 355 15.78 21.37 -0.14
N LYS E 356 15.97 22.51 -0.79
CA LYS E 356 15.28 23.74 -0.45
C LYS E 356 14.89 24.50 -1.70
N LEU E 357 13.64 25.00 -1.74
CA LEU E 357 13.13 25.82 -2.84
C LEU E 357 12.47 27.07 -2.26
N SER E 358 12.54 28.17 -3.00
CA SER E 358 11.93 29.44 -2.59
C SER E 358 11.53 30.24 -3.81
N TRP E 359 10.36 30.87 -3.75
CA TRP E 359 9.86 31.70 -4.84
C TRP E 359 8.83 32.68 -4.30
N HIS E 360 8.40 33.60 -5.17
CA HIS E 360 7.45 34.65 -4.81
C HIS E 360 6.28 34.63 -5.79
N ASP E 361 5.06 34.60 -5.25
CA ASP E 361 3.86 34.60 -6.08
C ASP E 361 2.75 35.40 -5.41
N PRO E 362 2.33 36.53 -6.01
CA PRO E 362 1.27 37.33 -5.38
C PRO E 362 -0.08 36.62 -5.31
N LYS E 363 -0.32 35.60 -6.13
CA LYS E 363 -1.60 34.89 -6.07
C LYS E 363 -1.75 34.06 -4.80
N LEU E 364 -0.65 33.77 -4.10
CA LEU E 364 -0.73 33.04 -2.85
C LEU E 364 -0.96 33.93 -1.64
N GLY E 365 -0.95 35.25 -1.83
CA GLY E 365 -1.11 36.15 -0.70
C GLY E 365 -2.49 36.05 -0.09
N PHE E 366 -2.58 36.37 1.20
CA PHE E 366 -3.84 36.34 1.93
C PHE E 366 -3.90 37.52 2.88
N SER E 367 -5.02 37.64 3.58
CA SER E 367 -5.26 38.72 4.54
C SER E 367 -5.13 38.19 5.95
N PRO E 368 -4.23 38.74 6.77
CA PRO E 368 -4.01 38.20 8.12
C PRO E 368 -5.25 38.20 8.99
N ASP E 369 -6.11 39.20 8.81
CA ASP E 369 -7.29 39.37 9.66
C ASP E 369 -8.33 38.29 9.44
N GLN E 370 -8.10 37.40 8.48
CA GLN E 370 -9.03 36.32 8.18
C GLN E 370 -8.60 35.00 8.83
N CYS E 371 -7.40 34.96 9.42
CA CYS E 371 -6.92 33.76 10.08
C CYS E 371 -6.24 34.10 11.41
N GLY E 372 -5.91 35.38 11.59
CA GLY E 372 -5.19 35.80 12.77
C GLY E 372 -3.77 35.25 12.86
N CYS E 373 -3.14 35.00 11.72
CA CYS E 373 -1.82 34.40 11.68
C CYS E 373 -0.96 35.11 10.64
N THR E 374 0.35 34.93 10.76
CA THR E 374 1.31 35.44 9.80
C THR E 374 1.86 34.36 8.90
N VAL E 375 1.71 33.09 9.25
CA VAL E 375 2.26 31.98 8.47
C VAL E 375 1.18 30.92 8.27
N LYS E 376 1.00 30.50 7.03
CA LYS E 376 0.14 29.38 6.68
C LYS E 376 1.01 28.23 6.18
N SER E 377 0.74 27.02 6.66
CA SER E 377 1.65 25.90 6.42
C SER E 377 0.88 24.67 5.96
N PHE E 378 1.58 23.85 5.18
CA PHE E 378 1.12 22.53 4.76
C PHE E 378 2.22 21.53 5.09
N GLU E 379 1.83 20.38 5.65
CA GLU E 379 2.79 19.41 6.16
C GLU E 379 2.56 18.04 5.55
N ASP E 380 3.65 17.32 5.33
CA ASP E 380 3.64 15.93 4.86
C ASP E 380 2.90 15.79 3.53
N ALA E 381 3.08 16.75 2.63
CA ALA E 381 2.44 16.72 1.33
C ALA E 381 3.44 17.12 0.26
N SER E 382 3.30 16.51 -0.92
CA SER E 382 4.12 16.91 -2.06
C SER E 382 3.59 18.22 -2.65
N ILE E 383 4.43 18.84 -3.49
CA ILE E 383 4.03 20.09 -4.13
C ILE E 383 2.85 19.85 -5.07
N ARG E 384 2.81 18.68 -5.72
CA ARG E 384 1.69 18.35 -6.60
C ARG E 384 0.38 18.29 -5.82
N ALA E 385 0.40 17.67 -4.64
CA ALA E 385 -0.81 17.55 -3.84
C ALA E 385 -1.32 18.91 -3.38
N VAL E 386 -0.40 19.78 -2.94
CA VAL E 386 -0.79 21.11 -2.51
C VAL E 386 -1.34 21.91 -3.70
N ALA E 387 -0.71 21.78 -4.86
CA ALA E 387 -1.21 22.46 -6.06
C ALA E 387 -2.61 21.99 -6.42
N GLY E 388 -2.87 20.69 -6.31
CA GLY E 388 -4.21 20.18 -6.56
C GLY E 388 -5.23 20.59 -5.53
N GLU E 389 -4.80 20.81 -4.28
CA GLU E 389 -5.71 21.24 -3.23
C GLU E 389 -6.06 22.72 -3.32
N ILE E 390 -5.09 23.58 -3.65
CA ILE E 390 -5.36 25.01 -3.71
C ILE E 390 -5.65 25.50 -5.12
N ASN E 391 -5.58 24.63 -6.12
CA ASN E 391 -5.94 24.95 -7.50
C ASN E 391 -5.15 26.13 -8.05
N LEU E 392 -3.86 26.16 -7.75
CA LEU E 392 -2.94 27.13 -8.34
C LEU E 392 -1.69 26.41 -8.82
N PRO E 393 -1.09 26.88 -9.91
CA PRO E 393 0.15 26.25 -10.39
C PRO E 393 1.31 26.49 -9.45
N LEU E 394 2.05 25.43 -9.16
CA LEU E 394 3.19 25.45 -8.26
C LEU E 394 4.37 24.76 -8.93
N PRO E 395 5.60 25.12 -8.54
CA PRO E 395 6.80 24.54 -9.19
C PRO E 395 7.15 23.15 -8.68
N SER E 396 6.49 22.13 -9.23
CA SER E 396 6.79 20.75 -8.89
C SER E 396 8.12 20.32 -9.50
N PHE E 397 8.71 19.27 -8.93
CA PHE E 397 10.02 18.80 -9.33
C PHE E 397 10.10 17.29 -9.21
N SER E 398 11.14 16.70 -9.80
CA SER E 398 11.41 15.28 -9.68
C SER E 398 12.92 15.03 -9.80
N PHE E 399 13.35 13.88 -9.28
CA PHE E 399 14.72 13.41 -9.49
C PHE E 399 14.76 12.64 -10.80
N TYR E 400 15.72 13.00 -11.67
CA TYR E 400 15.70 12.47 -13.04
C TYR E 400 15.96 10.96 -13.07
N ASN E 401 16.90 10.47 -12.26
CA ASN E 401 17.30 9.08 -12.29
C ASN E 401 16.83 8.31 -11.05
N GLN E 402 15.68 8.66 -10.50
CA GLN E 402 15.20 8.01 -9.29
C GLN E 402 14.84 6.55 -9.54
N GLN E 403 15.33 5.67 -8.68
CA GLN E 403 15.05 4.24 -8.73
C GLN E 403 14.14 3.89 -7.56
N GLY E 404 12.91 3.48 -7.86
CA GLY E 404 11.97 3.13 -6.81
C GLY E 404 11.44 4.34 -6.06
N ASN E 405 10.83 4.06 -4.92
CA ASN E 405 10.23 5.11 -4.10
C ASN E 405 11.31 5.89 -3.33
N ARG E 406 10.95 7.11 -2.94
CA ARG E 406 11.83 7.99 -2.20
C ARG E 406 11.30 8.18 -0.78
N TRP E 407 12.19 8.07 0.20
CA TRP E 407 11.84 8.31 1.59
C TRP E 407 12.07 9.78 1.94
N SER E 408 11.05 10.43 2.48
CA SER E 408 11.09 11.87 2.74
C SER E 408 10.68 12.14 4.19
N GLN E 409 11.39 13.08 4.82
CA GLN E 409 11.10 13.49 6.19
C GLN E 409 11.07 15.01 6.28
N ASN E 410 10.31 15.50 7.27
CA ASN E 410 10.21 16.92 7.58
C ASN E 410 9.73 17.75 6.39
N GLN E 411 8.83 17.18 5.60
CA GLN E 411 8.32 17.86 4.41
C GLN E 411 7.29 18.91 4.81
N VAL E 412 7.54 20.16 4.44
CA VAL E 412 6.66 21.26 4.84
C VAL E 412 6.70 22.37 3.79
N ILE E 413 5.56 23.02 3.58
CA ILE E 413 5.43 24.20 2.74
C ILE E 413 4.75 25.28 3.59
N PHE E 414 5.35 26.48 3.62
CA PHE E 414 4.75 27.58 4.35
C PHE E 414 4.84 28.86 3.54
N VAL E 415 3.82 29.71 3.69
CA VAL E 415 3.62 30.90 2.86
C VAL E 415 3.35 32.10 3.76
N THR E 416 3.91 33.24 3.38
CA THR E 416 3.73 34.51 4.07
C THR E 416 2.64 35.34 3.40
N PRO E 417 2.07 36.31 4.11
CA PRO E 417 0.99 37.12 3.49
C PRO E 417 1.42 37.87 2.26
N ASP E 418 2.68 38.29 2.17
CA ASP E 418 3.16 38.97 0.96
C ASP E 418 3.18 38.04 -0.24
N GLY E 419 3.16 36.73 0.00
CA GLY E 419 3.21 35.76 -1.07
C GLY E 419 4.51 35.02 -1.23
N ARG E 420 5.44 35.17 -0.29
CA ARG E 420 6.71 34.45 -0.36
C ARG E 420 6.52 33.04 0.18
N ALA E 421 6.88 32.04 -0.64
CA ALA E 421 6.70 30.63 -0.31
C ALA E 421 8.04 29.92 -0.32
N SER E 422 8.13 28.84 0.47
CA SER E 422 9.35 28.06 0.56
C SER E 422 9.02 26.62 0.87
N TYR E 423 9.88 25.71 0.40
CA TYR E 423 9.71 24.28 0.55
C TYR E 423 10.97 23.67 1.16
N PHE E 424 10.79 22.65 2.00
CA PHE E 424 11.88 21.98 2.69
C PHE E 424 11.64 20.48 2.71
N GLU E 425 12.71 19.70 2.56
CA GLU E 425 12.61 18.25 2.54
C GLU E 425 13.95 17.62 2.90
N ARG E 426 13.89 16.54 3.68
CA ARG E 426 15.03 15.66 3.92
C ARG E 426 14.76 14.32 3.25
N PHE E 427 15.67 13.87 2.39
CA PHE E 427 15.42 12.75 1.50
C PHE E 427 16.49 11.68 1.61
N THR E 428 16.09 10.45 1.32
CA THR E 428 17.00 9.34 1.07
C THR E 428 16.56 8.68 -0.23
N VAL E 429 17.44 8.66 -1.23
CA VAL E 429 17.07 8.27 -2.59
C VAL E 429 18.18 7.44 -3.23
N THR E 430 17.78 6.54 -4.13
CA THR E 430 18.69 5.74 -4.94
C THR E 430 18.63 6.22 -6.38
N LEU E 431 19.80 6.49 -6.97
CA LEU E 431 19.88 7.08 -8.30
C LEU E 431 20.67 6.18 -9.23
N GLN E 432 20.14 5.95 -10.42
CA GLN E 432 20.83 5.17 -11.44
C GLN E 432 22.00 5.96 -12.03
N ALA E 433 23.08 5.24 -12.36
CA ALA E 433 24.29 5.89 -12.88
C ALA E 433 24.98 5.01 -13.92
N PRO E 434 24.46 4.94 -15.14
CA PRO E 434 25.14 4.14 -16.18
C PRO E 434 26.46 4.73 -16.64
N ASP E 435 26.83 5.92 -16.18
CA ASP E 435 28.08 6.55 -16.59
C ASP E 435 29.31 5.96 -15.88
N PHE E 436 29.12 5.07 -14.91
CA PHE E 436 30.25 4.46 -14.22
C PHE E 436 31.16 3.70 -15.19
N ASP E 437 32.46 3.73 -14.92
CA ASP E 437 33.44 3.01 -15.73
C ASP E 437 34.51 2.46 -14.79
N PHE E 438 34.51 1.14 -14.61
CA PHE E 438 35.42 0.49 -13.67
C PHE E 438 36.59 -0.22 -14.37
N LEU E 439 36.95 0.21 -15.58
CA LEU E 439 38.03 -0.45 -16.31
C LEU E 439 39.36 -0.33 -15.56
N ALA E 440 39.64 0.84 -14.99
CA ALA E 440 40.90 1.10 -14.31
C ALA E 440 40.89 0.71 -12.83
N TYR E 441 39.99 -0.18 -12.42
CA TYR E 441 39.90 -0.58 -11.02
C TYR E 441 41.22 -1.19 -10.55
N PRO E 442 41.71 -0.83 -9.35
CA PRO E 442 41.10 0.06 -8.36
C PRO E 442 41.52 1.53 -8.46
N PHE E 443 42.23 1.90 -9.52
CA PHE E 443 42.69 3.28 -9.68
C PHE E 443 41.67 4.17 -10.40
N ASP E 444 40.41 3.75 -10.46
CA ASP E 444 39.39 4.49 -11.19
C ASP E 444 38.91 5.71 -10.43
N ARG E 445 38.37 6.69 -11.17
CA ARG E 445 37.73 7.87 -10.61
C ARG E 445 36.33 7.99 -11.21
N GLN E 446 35.37 8.35 -10.37
CA GLN E 446 33.96 8.34 -10.77
C GLN E 446 33.33 9.70 -10.47
N LYS E 447 32.16 9.92 -11.08
CA LYS E 447 31.35 11.11 -10.85
C LYS E 447 29.99 10.70 -10.32
N PHE E 448 29.55 11.35 -9.24
CA PHE E 448 28.20 11.18 -8.70
C PHE E 448 27.41 12.44 -9.04
N SER E 449 26.39 12.31 -9.88
CA SER E 449 25.61 13.44 -10.35
C SER E 449 24.19 13.35 -9.82
N ILE E 450 23.69 14.46 -9.29
CA ILE E 450 22.32 14.56 -8.79
C ILE E 450 21.62 15.65 -9.58
N LYS E 451 20.53 15.29 -10.27
CA LYS E 451 19.82 16.19 -11.17
C LYS E 451 18.41 16.40 -10.67
N VAL E 452 18.03 17.67 -10.52
CA VAL E 452 16.67 18.06 -10.13
C VAL E 452 16.05 18.82 -11.30
N ASP E 453 14.93 18.32 -11.80
CA ASP E 453 14.25 18.90 -12.96
C ASP E 453 12.88 19.43 -12.55
N LEU E 454 12.57 20.66 -12.97
CA LEU E 454 11.22 21.17 -12.81
C LEU E 454 10.28 20.48 -13.78
N ALA E 455 9.08 20.14 -13.30
CA ALA E 455 8.06 19.49 -14.11
C ALA E 455 7.13 20.50 -14.79
N VAL E 456 7.59 21.72 -15.04
CA VAL E 456 6.77 22.75 -15.67
C VAL E 456 7.56 23.41 -16.78
N PRO E 457 6.85 23.97 -17.76
CA PRO E 457 7.55 24.67 -18.86
C PRO E 457 8.30 25.89 -18.36
N THR E 458 9.36 26.25 -19.08
CA THR E 458 10.22 27.35 -18.67
C THR E 458 9.50 28.69 -18.69
N ASN E 459 8.41 28.81 -19.45
CA ASN E 459 7.66 30.05 -19.46
C ASN E 459 6.83 30.26 -18.20
N MET E 460 6.69 29.22 -17.38
CA MET E 460 5.98 29.34 -16.11
C MET E 460 6.95 29.54 -14.94
N PHE E 461 7.90 28.61 -14.77
CA PHE E 461 8.86 28.67 -13.69
C PHE E 461 10.25 28.37 -14.23
N ILE E 462 11.27 29.01 -13.64
CA ILE E 462 12.65 28.82 -14.07
C ILE E 462 13.56 28.99 -12.86
N PHE E 463 14.62 28.17 -12.78
CA PHE E 463 15.64 28.35 -11.77
C PHE E 463 16.50 29.57 -12.09
N ASN E 464 16.75 30.40 -11.08
CA ASN E 464 17.42 31.67 -11.28
C ASN E 464 18.65 31.88 -10.42
N GLU E 465 18.66 31.39 -9.18
CA GLU E 465 19.79 31.58 -8.28
C GLU E 465 20.03 30.30 -7.48
N ILE E 466 21.25 30.17 -6.97
CA ILE E 466 21.67 29.02 -6.17
C ILE E 466 21.95 29.49 -4.75
N GLU E 467 21.36 28.81 -3.77
CA GLU E 467 21.50 29.16 -2.37
C GLU E 467 22.36 28.12 -1.66
N ARG E 468 23.35 28.58 -0.90
CA ARG E 468 24.21 27.70 -0.10
C ARG E 468 23.81 27.84 1.37
N PHE E 469 22.79 27.08 1.76
CA PHE E 469 22.32 27.12 3.14
C PHE E 469 23.21 26.32 4.09
N GLN E 470 23.97 25.35 3.57
CA GLN E 470 24.91 24.57 4.35
C GLN E 470 26.13 24.27 3.49
N GLN E 471 27.09 23.56 4.07
CA GLN E 471 28.16 22.98 3.26
C GLN E 471 27.57 21.97 2.29
N VAL E 472 28.00 22.02 1.04
CA VAL E 472 27.46 21.10 0.03
C VAL E 472 27.82 19.67 0.38
N VAL E 473 29.04 19.42 0.82
CA VAL E 473 29.49 18.09 1.24
C VAL E 473 29.83 18.17 2.72
N GLY E 474 29.10 17.42 3.54
CA GLY E 474 29.30 17.48 4.98
C GLY E 474 30.36 16.51 5.46
N ASP E 475 31.06 16.91 6.52
CA ASP E 475 32.08 16.06 7.13
C ASP E 475 31.46 15.14 8.17
N GLN E 476 32.00 13.92 8.25
CA GLN E 476 31.54 12.92 9.20
C GLN E 476 32.74 12.30 9.90
N LEU E 477 32.54 11.89 11.15
CA LEU E 477 33.61 11.26 11.92
C LEU E 477 33.97 9.91 11.31
N GLY E 478 35.26 9.57 11.35
CA GLY E 478 35.74 8.32 10.79
C GLY E 478 36.08 8.45 9.32
N GLU E 479 36.56 7.34 8.77
CA GLU E 479 36.92 7.28 7.36
C GLU E 479 35.74 6.83 6.51
N GLU E 480 35.83 7.10 5.21
CA GLU E 480 34.83 6.69 4.25
C GLU E 480 35.49 5.93 3.11
N GLU E 481 34.70 5.08 2.44
CA GLU E 481 35.22 4.31 1.32
C GLU E 481 35.54 5.20 0.12
N TRP E 482 34.71 6.20 -0.14
CA TRP E 482 34.90 7.14 -1.24
C TRP E 482 35.26 8.51 -0.69
N VAL E 483 36.31 9.11 -1.24
CA VAL E 483 36.81 10.41 -0.80
C VAL E 483 36.42 11.45 -1.84
N VAL E 484 35.75 12.52 -1.40
CA VAL E 484 35.32 13.59 -2.29
C VAL E 484 36.48 14.54 -2.52
N THR E 485 36.82 14.77 -3.79
CA THR E 485 37.92 15.66 -4.15
C THR E 485 37.44 17.08 -4.47
N SER E 486 36.31 17.22 -5.17
CA SER E 486 35.78 18.52 -5.52
C SER E 486 34.30 18.38 -5.87
N TYR E 487 33.62 19.52 -5.97
CA TYR E 487 32.20 19.55 -6.30
C TYR E 487 31.88 20.80 -7.10
N SER E 488 30.73 20.78 -7.77
CA SER E 488 30.24 21.93 -8.51
C SER E 488 28.73 21.86 -8.62
N GLN E 489 28.11 23.02 -8.86
CA GLN E 489 26.68 23.14 -9.03
C GLN E 489 26.38 24.07 -10.20
N GLU E 490 25.38 23.72 -11.00
CA GLU E 490 25.11 24.44 -12.25
C GLU E 490 23.63 24.34 -12.61
N ILE E 491 23.15 25.36 -13.32
CA ILE E 491 21.77 25.41 -13.82
C ILE E 491 21.82 25.42 -15.34
N THR E 492 21.02 24.55 -15.97
CA THR E 492 20.95 24.45 -17.42
C THR E 492 19.50 24.25 -17.84
N GLU E 493 19.30 24.10 -19.16
CA GLU E 493 17.98 23.90 -19.74
C GLU E 493 17.99 22.69 -20.66
N VAL E 494 16.91 21.90 -20.61
CA VAL E 494 16.83 20.65 -21.37
C VAL E 494 15.45 20.53 -22.01
N PRO E 495 15.37 19.80 -23.12
CA PRO E 495 14.08 19.65 -23.81
C PRO E 495 13.05 18.94 -22.94
N PHE E 496 11.79 19.32 -23.14
CA PHE E 496 10.68 18.89 -22.29
C PHE E 496 9.59 18.25 -23.13
N GLU E 497 8.81 17.37 -22.50
CA GLU E 497 7.67 16.76 -23.16
C GLU E 497 6.63 17.82 -23.49
N ARG E 498 5.92 17.62 -24.61
CA ARG E 498 5.05 18.65 -25.18
C ARG E 498 5.86 19.91 -25.48
N GLY E 499 7.03 19.71 -26.09
CA GLY E 499 7.84 20.82 -26.54
C GLY E 499 8.38 21.66 -25.39
N SER E 500 8.74 22.90 -25.76
CA SER E 500 9.25 23.91 -24.83
C SER E 500 10.51 23.38 -24.16
N THR E 501 10.77 23.82 -22.93
CA THR E 501 12.02 23.54 -22.23
C THR E 501 11.76 23.60 -20.74
N ASN E 502 12.56 22.86 -19.97
CA ASN E 502 12.48 22.86 -18.52
C ASN E 502 13.87 23.03 -17.92
N SER E 503 13.92 23.61 -16.72
CA SER E 503 15.18 23.88 -16.06
C SER E 503 15.68 22.66 -15.31
N ARG E 504 17.01 22.54 -15.22
CA ARG E 504 17.67 21.45 -14.52
C ARG E 504 18.73 22.00 -13.59
N PHE E 505 18.77 21.47 -12.36
CA PHE E 505 19.77 21.83 -11.36
C PHE E 505 20.62 20.59 -11.07
N THR E 506 21.92 20.69 -11.29
CA THR E 506 22.82 19.55 -11.23
C THR E 506 23.91 19.77 -10.17
N THR E 507 24.16 18.75 -9.36
CA THR E 507 25.28 18.72 -8.42
C THR E 507 26.16 17.53 -8.74
N THR E 508 27.47 17.76 -8.83
CA THR E 508 28.42 16.73 -9.24
C THR E 508 29.53 16.62 -8.21
N LEU E 509 29.83 15.39 -7.79
CA LEU E 509 30.91 15.11 -6.86
C LEU E 509 31.95 14.24 -7.54
N LEU E 510 33.22 14.63 -7.42
CA LEU E 510 34.33 13.84 -7.94
C LEU E 510 34.95 13.03 -6.80
N VAL E 511 35.02 11.71 -6.97
CA VAL E 511 35.39 10.81 -5.88
C VAL E 511 36.46 9.83 -6.34
N LYS E 512 37.20 9.29 -5.38
CA LYS E 512 38.21 8.26 -5.61
C LYS E 512 38.23 7.30 -4.43
N ARG E 513 38.89 6.16 -4.64
CA ARG E 513 39.01 5.14 -3.60
C ARG E 513 40.22 5.40 -2.72
N ASN E 514 40.32 4.63 -1.64
CA ASN E 514 41.46 4.70 -0.72
C ASN E 514 42.57 3.80 -1.25
N LEU E 515 43.70 4.40 -1.62
CA LEU E 515 44.75 3.67 -2.33
C LEU E 515 45.65 2.87 -1.38
N GLU E 516 45.90 3.38 -0.19
CA GLU E 516 46.74 2.67 0.78
C GLU E 516 46.18 1.30 1.10
N TYR E 517 44.85 1.22 1.23
CA TYR E 517 44.19 -0.05 1.55
C TYR E 517 44.55 -1.12 0.52
N TYR E 518 44.33 -0.82 -0.76
CA TYR E 518 44.60 -1.79 -1.82
C TYR E 518 46.09 -2.09 -1.92
N ILE E 519 46.93 -1.05 -1.87
CA ILE E 519 48.38 -1.27 -2.02
C ILE E 519 48.89 -2.21 -0.94
N LEU E 520 48.63 -1.87 0.33
CA LEU E 520 49.17 -2.67 1.44
C LEU E 520 48.51 -4.04 1.51
N ARG E 521 47.23 -4.15 1.13
CA ARG E 521 46.55 -5.42 1.30
C ARG E 521 46.87 -6.41 0.18
N ILE E 522 47.16 -5.93 -1.03
CA ILE E 522 47.32 -6.80 -2.19
C ILE E 522 48.76 -6.81 -2.71
N PHE E 523 49.31 -5.63 -3.03
CA PHE E 523 50.47 -5.61 -3.92
C PHE E 523 51.75 -6.03 -3.21
N VAL E 524 51.93 -5.63 -1.95
CA VAL E 524 53.15 -6.04 -1.22
C VAL E 524 53.22 -7.54 -1.02
N PRO E 525 52.18 -8.23 -0.51
CA PRO E 525 52.27 -9.69 -0.42
C PRO E 525 52.49 -10.38 -1.76
N LEU E 526 51.87 -9.87 -2.82
CA LEU E 526 52.08 -10.43 -4.14
C LEU E 526 53.53 -10.28 -4.59
N PHE E 527 54.11 -9.12 -4.29
CA PHE E 527 55.52 -8.89 -4.60
C PHE E 527 56.42 -9.87 -3.87
N LEU E 528 56.15 -10.10 -2.58
CA LEU E 528 56.95 -11.07 -1.82
C LEU E 528 56.82 -12.47 -2.38
N ILE E 529 55.59 -12.87 -2.76
CA ILE E 529 55.37 -14.19 -3.32
C ILE E 529 56.13 -14.35 -4.64
N ILE E 530 56.10 -13.34 -5.50
CA ILE E 530 56.85 -13.38 -6.74
C ILE E 530 58.35 -13.46 -6.48
N SER E 531 58.83 -12.69 -5.50
CA SER E 531 60.25 -12.70 -5.16
C SER E 531 60.70 -14.08 -4.69
N VAL E 532 59.84 -14.81 -3.99
CA VAL E 532 60.19 -16.17 -3.56
C VAL E 532 60.48 -17.04 -4.77
N SER E 533 59.63 -16.97 -5.80
CA SER E 533 59.84 -17.76 -7.00
C SER E 533 61.03 -17.26 -7.81
N TRP E 534 61.41 -16.00 -7.67
CA TRP E 534 62.59 -15.50 -8.36
C TRP E 534 63.89 -15.95 -7.69
N VAL E 535 63.93 -15.97 -6.36
CA VAL E 535 65.20 -16.15 -5.66
C VAL E 535 65.70 -17.59 -5.72
N ILE E 536 64.81 -18.56 -5.96
CA ILE E 536 65.19 -19.97 -5.87
C ILE E 536 66.15 -20.38 -6.98
N PHE E 537 66.32 -19.56 -8.01
CA PHE E 537 67.20 -19.93 -9.11
C PHE E 537 68.69 -19.78 -8.76
N PHE E 538 69.02 -19.25 -7.59
CA PHE E 538 70.41 -19.24 -7.15
C PHE E 538 70.87 -20.62 -6.71
N LEU E 539 69.95 -21.49 -6.33
CA LEU E 539 70.30 -22.84 -5.90
C LEU E 539 70.85 -23.66 -7.07
N LYS E 540 71.77 -24.56 -6.76
CA LYS E 540 72.29 -25.52 -7.72
C LYS E 540 71.79 -26.93 -7.49
N ASP E 541 70.98 -27.15 -6.46
CA ASP E 541 70.28 -28.42 -6.25
C ASP E 541 68.89 -28.28 -6.84
N TYR E 542 68.68 -28.86 -8.02
CA TYR E 542 67.46 -28.60 -8.77
C TYR E 542 66.23 -29.30 -8.20
N GLY E 543 66.42 -30.35 -7.40
CA GLY E 543 65.28 -30.94 -6.72
C GLY E 543 64.65 -30.00 -5.70
N ARG E 544 65.49 -29.32 -4.91
CA ARG E 544 64.99 -28.33 -3.98
C ARG E 544 64.29 -27.20 -4.70
N GLN E 545 64.86 -26.74 -5.82
CA GLN E 545 64.23 -25.67 -6.59
C GLN E 545 62.87 -26.10 -7.11
N LEU E 546 62.77 -27.33 -7.62
CA LEU E 546 61.48 -27.83 -8.11
C LEU E 546 60.46 -27.91 -6.99
N GLU E 547 60.85 -28.43 -5.83
CA GLU E 547 59.92 -28.55 -4.71
C GLU E 547 59.44 -27.19 -4.23
N VAL E 548 60.35 -26.23 -4.12
CA VAL E 548 59.97 -24.90 -3.64
C VAL E 548 59.06 -24.20 -4.66
N ALA E 549 59.34 -24.36 -5.95
CA ALA E 549 58.48 -23.77 -6.97
C ALA E 549 57.08 -24.37 -6.90
N SER E 550 57.00 -25.69 -6.74
CA SER E 550 55.69 -26.34 -6.64
C SER E 550 54.92 -25.83 -5.44
N GLY E 551 55.60 -25.66 -4.30
CA GLY E 551 54.92 -25.12 -3.13
C GLY E 551 54.49 -23.67 -3.30
N ASN E 552 55.32 -22.88 -3.97
CA ASN E 552 55.02 -21.46 -4.13
C ASN E 552 53.84 -21.24 -5.07
N LEU E 553 53.66 -22.11 -6.06
CA LEU E 553 52.46 -22.02 -6.90
C LEU E 553 51.19 -22.20 -6.07
N LEU E 554 51.18 -23.19 -5.18
CA LEU E 554 50.03 -23.42 -4.32
C LEU E 554 49.80 -22.25 -3.38
N VAL E 555 50.89 -21.68 -2.84
CA VAL E 555 50.78 -20.50 -1.98
C VAL E 555 50.14 -19.34 -2.76
N PHE E 556 50.54 -19.17 -4.02
CA PHE E 556 49.98 -18.12 -4.86
C PHE E 556 48.47 -18.31 -5.05
N VAL E 557 48.05 -19.54 -5.36
CA VAL E 557 46.64 -19.80 -5.54
C VAL E 557 45.86 -19.53 -4.25
N ALA E 558 46.42 -19.96 -3.12
CA ALA E 558 45.76 -19.74 -1.84
C ALA E 558 45.60 -18.24 -1.54
N PHE E 559 46.64 -17.46 -1.79
CA PHE E 559 46.52 -16.02 -1.57
C PHE E 559 45.50 -15.39 -2.51
N ASN E 560 45.47 -15.85 -3.77
CA ASN E 560 44.52 -15.30 -4.71
C ASN E 560 43.08 -15.51 -4.25
N PHE E 561 42.73 -16.72 -3.83
CA PHE E 561 41.35 -16.85 -3.37
C PHE E 561 41.15 -16.18 -2.00
N THR E 562 42.21 -16.04 -1.21
CA THR E 562 42.03 -15.33 0.05
C THR E 562 41.66 -13.87 -0.19
N ILE E 563 42.19 -13.25 -1.24
CA ILE E 563 41.84 -11.87 -1.57
C ILE E 563 40.70 -11.80 -2.57
N SER E 564 40.16 -12.95 -2.99
CA SER E 564 38.99 -12.96 -3.88
C SER E 564 37.85 -12.08 -3.37
N GLY E 565 37.80 -11.80 -2.06
CA GLY E 565 36.75 -10.95 -1.53
C GLY E 565 36.81 -9.51 -2.00
N ASP E 566 37.99 -9.01 -2.35
CA ASP E 566 38.16 -7.67 -2.89
C ASP E 566 38.21 -7.66 -4.42
N LEU E 567 37.61 -8.66 -5.06
CA LEU E 567 37.67 -8.81 -6.51
C LEU E 567 36.24 -8.83 -7.06
N PRO E 568 35.72 -7.68 -7.46
CA PRO E 568 34.33 -7.63 -7.94
C PRO E 568 34.14 -8.46 -9.20
N ARG E 569 32.98 -9.11 -9.28
CA ARG E 569 32.62 -9.93 -10.44
C ARG E 569 31.70 -9.09 -11.32
N LEU E 570 32.29 -8.44 -12.33
CA LEU E 570 31.56 -7.53 -13.20
C LEU E 570 31.29 -8.12 -14.58
N GLY E 571 31.94 -9.22 -14.95
CA GLY E 571 31.80 -9.79 -16.26
C GLY E 571 32.80 -9.30 -17.29
N TYR E 572 33.76 -8.47 -16.89
CA TYR E 572 34.81 -8.00 -17.79
C TYR E 572 36.07 -7.73 -16.98
N LEU E 573 37.20 -7.71 -17.67
CA LEU E 573 38.50 -7.68 -17.02
C LEU E 573 38.89 -6.27 -16.59
N THR E 574 39.48 -6.16 -15.40
CA THR E 574 40.09 -4.93 -14.92
C THR E 574 41.61 -5.07 -14.91
N VAL E 575 42.28 -4.02 -14.43
CA VAL E 575 43.74 -4.01 -14.35
C VAL E 575 44.24 -5.09 -13.40
N LEU E 576 43.60 -5.20 -12.24
CA LEU E 576 44.03 -6.15 -11.22
C LEU E 576 43.92 -7.59 -11.72
N ASP E 577 42.83 -7.91 -12.45
CA ASP E 577 42.67 -9.25 -12.98
C ASP E 577 43.78 -9.60 -13.97
N ARG E 578 44.12 -8.66 -14.85
CA ARG E 578 45.19 -8.89 -15.81
C ARG E 578 46.52 -9.12 -15.10
N PHE E 579 46.82 -8.31 -14.08
CA PHE E 579 48.06 -8.51 -13.35
C PHE E 579 48.11 -9.87 -12.66
N MET E 580 46.99 -10.28 -12.05
CA MET E 580 46.93 -11.58 -11.40
C MET E 580 47.15 -12.72 -12.40
N ILE E 581 46.53 -12.62 -13.58
CA ILE E 581 46.70 -13.66 -14.59
C ILE E 581 48.14 -13.76 -15.05
N VAL E 582 48.79 -12.61 -15.32
CA VAL E 582 50.19 -12.63 -15.76
C VAL E 582 51.07 -13.24 -14.69
N SER E 583 50.84 -12.86 -13.42
CA SER E 583 51.66 -13.39 -12.34
C SER E 583 51.49 -14.90 -12.20
N PHE E 584 50.26 -15.41 -12.31
CA PHE E 584 50.04 -16.85 -12.23
C PHE E 584 50.75 -17.56 -13.37
N CYS E 585 50.67 -17.01 -14.59
CA CYS E 585 51.31 -17.67 -15.73
C CYS E 585 52.81 -17.75 -15.54
N LEU E 586 53.43 -16.65 -15.09
CA LEU E 586 54.88 -16.68 -14.87
C LEU E 586 55.25 -17.66 -13.76
N THR E 587 54.44 -17.74 -12.70
CA THR E 587 54.71 -18.67 -11.62
C THR E 587 54.67 -20.12 -12.10
N ALA E 588 53.72 -20.45 -12.97
CA ALA E 588 53.67 -21.81 -13.52
C ALA E 588 54.85 -22.09 -14.47
N ILE E 589 55.24 -21.10 -15.26
CA ILE E 589 56.38 -21.28 -16.15
C ILE E 589 57.65 -21.54 -15.35
N VAL E 590 57.74 -20.98 -14.14
CA VAL E 590 58.87 -21.28 -13.27
C VAL E 590 58.96 -22.77 -12.98
N VAL E 591 57.82 -23.40 -12.67
CA VAL E 591 57.81 -24.84 -12.38
C VAL E 591 58.23 -25.63 -13.61
N LEU E 592 57.71 -25.24 -14.79
CA LEU E 592 58.09 -25.94 -16.02
C LEU E 592 59.59 -25.87 -16.26
N ILE E 593 60.17 -24.67 -16.09
CA ILE E 593 61.61 -24.50 -16.30
C ILE E 593 62.40 -25.31 -15.27
N SER E 594 61.90 -25.39 -14.05
CA SER E 594 62.57 -26.19 -13.02
C SER E 594 62.61 -27.66 -13.41
N VAL E 595 61.51 -28.19 -13.94
CA VAL E 595 61.49 -29.57 -14.39
C VAL E 595 62.51 -29.79 -15.50
N CYS E 596 62.55 -28.86 -16.46
CA CYS E 596 63.51 -28.98 -17.56
C CYS E 596 64.95 -28.98 -17.05
N GLN E 597 65.26 -28.09 -16.10
CA GLN E 597 66.60 -28.02 -15.54
C GLN E 597 66.96 -29.29 -14.78
N LYS E 598 65.99 -29.85 -14.04
CA LYS E 598 66.24 -31.10 -13.33
C LYS E 598 66.59 -32.22 -14.32
N ARG E 599 65.86 -32.30 -15.43
CA ARG E 599 66.17 -33.33 -16.42
C ARG E 599 67.55 -33.10 -17.02
N LEU E 600 67.88 -31.85 -17.37
CA LEU E 600 69.19 -31.56 -17.95
C LEU E 600 70.31 -31.93 -16.99
N GLY E 601 70.13 -31.64 -15.70
CA GLY E 601 71.11 -32.07 -14.73
C GLY E 601 71.23 -33.58 -14.62
N ALA E 602 70.09 -34.28 -14.78
CA ALA E 602 70.15 -35.74 -14.77
C ALA E 602 70.94 -36.28 -15.95
N VAL E 603 70.82 -35.68 -17.13
CA VAL E 603 71.52 -36.20 -18.31
C VAL E 603 72.98 -35.78 -18.35
N GLY E 604 73.43 -34.91 -17.44
CA GLY E 604 74.83 -34.54 -17.41
C GLY E 604 75.19 -33.27 -18.15
N LYS E 605 74.28 -32.32 -18.23
CA LYS E 605 74.49 -31.05 -18.92
C LYS E 605 74.36 -29.86 -17.96
N GLN E 606 75.03 -29.94 -16.80
CA GLN E 606 74.88 -28.94 -15.75
C GLN E 606 75.22 -27.53 -16.23
N ALA E 607 76.11 -27.39 -17.21
CA ALA E 607 76.47 -26.08 -17.72
C ALA E 607 75.28 -25.38 -18.37
N VAL E 608 74.49 -26.13 -19.15
CA VAL E 608 73.29 -25.56 -19.76
C VAL E 608 72.30 -25.14 -18.70
N ALA E 609 72.17 -25.94 -17.64
CA ALA E 609 71.25 -25.58 -16.55
C ALA E 609 71.70 -24.29 -15.87
N ALA E 610 73.00 -24.12 -15.63
CA ALA E 610 73.50 -22.89 -15.04
C ALA E 610 73.25 -21.69 -15.95
N GLN E 611 73.45 -21.86 -17.25
CA GLN E 611 73.16 -20.78 -18.19
C GLN E 611 71.69 -20.40 -18.17
N ILE E 612 70.79 -21.40 -18.10
CA ILE E 612 69.37 -21.11 -18.00
C ILE E 612 69.06 -20.36 -16.71
N ASP E 613 69.72 -20.74 -15.62
CA ASP E 613 69.51 -20.04 -14.35
C ASP E 613 69.86 -18.56 -14.48
N THR E 614 71.02 -18.27 -15.07
CA THR E 614 71.42 -16.87 -15.25
C THR E 614 70.43 -16.12 -16.15
N TRP E 615 70.00 -16.76 -17.24
CA TRP E 615 69.05 -16.12 -18.15
C TRP E 615 67.74 -15.78 -17.45
N VAL E 616 67.21 -16.72 -16.66
CA VAL E 616 65.95 -16.46 -15.95
C VAL E 616 66.13 -15.33 -14.94
N LEU E 617 67.22 -15.39 -14.16
CA LEU E 617 67.48 -14.37 -13.16
C LEU E 617 67.55 -12.97 -13.77
N VAL E 618 68.04 -12.87 -15.00
CA VAL E 618 68.08 -11.56 -15.63
C VAL E 618 66.74 -11.19 -16.25
N ILE E 619 66.07 -12.14 -16.90
CA ILE E 619 64.92 -11.82 -17.73
C ILE E 619 63.69 -11.47 -16.89
N TYR E 620 63.33 -12.32 -15.93
CA TYR E 620 62.06 -12.15 -15.18
C TYR E 620 61.68 -10.73 -14.67
N PRO E 621 62.56 -10.06 -13.90
CA PRO E 621 62.19 -8.70 -13.48
C PRO E 621 62.02 -7.73 -14.64
N LEU E 622 62.80 -7.90 -15.71
CA LEU E 622 62.63 -7.06 -16.90
C LEU E 622 61.25 -7.25 -17.51
N VAL E 623 60.79 -8.50 -17.58
CA VAL E 623 59.46 -8.78 -18.12
C VAL E 623 58.39 -8.12 -17.26
N TYR E 624 58.52 -8.23 -15.94
CA TYR E 624 57.54 -7.59 -15.06
C TYR E 624 57.51 -6.08 -15.25
N SER E 625 58.69 -5.45 -15.32
CA SER E 625 58.74 -4.00 -15.48
C SER E 625 58.15 -3.56 -16.82
N LEU E 626 58.45 -4.31 -17.89
CA LEU E 626 57.90 -3.97 -19.20
C LEU E 626 56.38 -4.11 -19.21
N TYR E 627 55.85 -5.15 -18.57
CA TYR E 627 54.40 -5.29 -18.50
C TYR E 627 53.76 -4.13 -17.73
N ILE E 628 54.39 -3.70 -16.64
CA ILE E 628 53.84 -2.59 -15.87
C ILE E 628 53.84 -1.30 -16.71
N ILE E 629 54.93 -1.05 -17.44
CA ILE E 629 55.00 0.13 -18.30
C ILE E 629 53.92 0.07 -19.38
N TRP E 630 53.73 -1.11 -19.97
CA TRP E 630 52.72 -1.27 -21.02
C TRP E 630 51.33 -1.00 -20.47
N VAL E 631 51.01 -1.53 -19.29
CA VAL E 631 49.70 -1.30 -18.69
C VAL E 631 49.49 0.19 -18.44
N TYR E 632 50.51 0.87 -17.91
CA TYR E 632 50.40 2.30 -17.68
C TYR E 632 50.12 3.04 -18.97
N LEU E 633 50.83 2.69 -20.05
CA LEU E 633 50.61 3.36 -21.33
C LEU E 633 49.22 3.10 -21.88
N ARG E 634 48.72 1.87 -21.76
CA ARG E 634 47.47 1.51 -22.42
C ARG E 634 46.22 1.84 -21.61
N PHE E 635 46.33 2.16 -20.32
CA PHE E 635 45.14 2.44 -19.53
C PHE E 635 45.10 3.83 -18.89
N PHE E 636 46.21 4.55 -18.83
CA PHE E 636 46.25 5.81 -18.12
C PHE E 636 46.75 6.98 -18.96
N THR E 637 46.78 6.85 -20.28
CA THR E 637 47.14 7.95 -21.17
C THR E 637 46.65 7.70 -22.58
CA CA F . -17.12 31.45 -35.57
CA CA G . 14.66 -22.21 -20.25
CA CA H . -40.50 -9.25 -28.33
CA CA I . 8.76 -32.24 5.45
CA CA J . -44.70 -14.24 17.81
CA CA K . 19.14 -13.93 24.32
CA CA L . -24.38 20.03 39.86
CA CA M . 31.44 7.35 10.24
CA CA N . 28.54 2.06 -17.50
CA CA O . -7.49 49.52 6.63
#